data_6TIR
#
_entry.id   6TIR
#
loop_
_entity.id
_entity.type
_entity.pdbx_description
1 polymer 'Voltage-dependent anion-selective channel protein 1'
2 non-polymer '1,4-DIHYDRONICOTINAMIDE ADENINE DINUCLEOTIDE'
#
_entity_poly.entity_id   1
_entity_poly.type   'polypeptide(L)'
_entity_poly.pdbx_seq_one_letter_code
;MAVPPTYADLGKSARDVFTKGYGFGLIKLDLKTKSENGLEFTSSGSANTETTKVTGSLETKYRWTEYGLTFTEKWNTDNT
LGTEITVEDQLARGLKLTFDSSFSPNTGKKNAKIKTGYKREHINLGCDMDFDIAGPSIRGALVLGYEGWLAGYQMNFETA
KSRVTQSNFAVGYKTDEFQLHTNVNDGTEFGGSIYQKVNKKLETAVNLAWTAGNSNTRFGIAAKYQIDPDACFSAKVNNS
SLIGLGYTQTLKPGIKLTLSALLDGKNVNAGGHKLGLGLEFQALEHHHHHH
;
_entity_poly.pdbx_strand_id   A
#
# COMPACT_ATOMS: atom_id res chain seq x y z
N MET A 1 2.51 11.04 18.61
CA MET A 1 3.31 11.75 19.60
C MET A 1 4.56 10.95 19.95
N ALA A 2 4.40 9.64 20.12
CA ALA A 2 5.52 8.77 20.45
C ALA A 2 5.66 7.64 19.44
N VAL A 3 6.90 7.34 19.06
CA VAL A 3 7.17 6.27 18.09
C VAL A 3 6.49 6.56 16.76
N PRO A 4 7.14 7.38 15.93
CA PRO A 4 6.62 7.76 14.61
C PRO A 4 6.64 6.59 13.63
N PRO A 5 5.96 6.76 12.49
CA PRO A 5 5.89 5.72 11.44
C PRO A 5 7.22 5.53 10.73
N THR A 6 7.79 4.34 10.86
CA THR A 6 9.07 4.03 10.23
C THR A 6 8.88 3.06 9.06
N TYR A 7 7.99 2.10 9.23
CA TYR A 7 7.72 1.12 8.18
C TYR A 7 7.03 1.77 6.99
N ALA A 8 6.18 2.76 7.27
CA ALA A 8 5.47 3.46 6.21
C ALA A 8 6.40 4.39 5.44
N ASP A 9 7.49 4.79 6.09
CA ASP A 9 8.46 5.69 5.47
C ASP A 9 9.53 4.89 4.72
N LEU A 10 9.26 3.61 4.51
CA LEU A 10 10.20 2.74 3.81
C LEU A 10 10.22 3.04 2.32
N GLY A 11 9.04 3.40 1.79
CA GLY A 11 8.95 3.70 0.37
C GLY A 11 7.51 3.92 -0.07
N LYS A 12 6.73 4.61 0.76
CA LYS A 12 5.34 4.89 0.44
C LYS A 12 5.23 5.86 -0.73
N SER A 13 6.01 6.94 -0.68
CA SER A 13 6.00 7.94 -1.74
C SER A 13 6.48 7.34 -3.06
N ALA A 14 7.49 6.49 -2.97
CA ALA A 14 8.05 5.86 -4.17
C ALA A 14 7.07 4.85 -4.76
N ARG A 15 6.55 3.97 -3.92
CA ARG A 15 5.59 2.95 -4.35
C ARG A 15 4.28 3.60 -4.80
N ASP A 16 3.93 4.70 -4.16
CA ASP A 16 2.69 5.42 -4.49
C ASP A 16 2.70 5.85 -5.96
N VAL A 17 3.79 6.46 -6.38
CA VAL A 17 3.92 6.93 -7.75
C VAL A 17 4.33 5.79 -8.68
N PHE A 18 5.09 4.83 -8.16
CA PHE A 18 5.54 3.70 -8.94
C PHE A 18 4.36 2.81 -9.35
N THR A 19 3.43 2.62 -8.43
CA THR A 19 2.25 1.80 -8.69
C THR A 19 1.27 2.52 -9.59
N LYS A 20 1.58 2.57 -10.89
CA LYS A 20 0.71 3.24 -11.86
C LYS A 20 -0.70 2.66 -11.81
N GLY A 21 -1.68 3.53 -11.61
CA GLY A 21 -3.06 3.10 -11.55
C GLY A 21 -3.47 2.29 -12.76
N TYR A 22 -3.88 1.05 -12.53
CA TYR A 22 -4.29 0.16 -13.62
C TYR A 22 -5.47 0.77 -14.38
N GLY A 23 -5.17 1.40 -15.50
CA GLY A 23 -6.21 2.01 -16.32
C GLY A 23 -6.96 0.99 -17.15
N PHE A 24 -8.02 0.42 -16.57
CA PHE A 24 -8.83 -0.58 -17.27
C PHE A 24 -10.10 0.04 -17.82
N GLY A 25 -10.16 1.37 -17.83
CA GLY A 25 -11.33 2.06 -18.32
C GLY A 25 -12.50 2.00 -17.36
N LEU A 26 -12.22 1.58 -16.13
CA LEU A 26 -13.26 1.46 -15.11
C LEU A 26 -13.21 2.63 -14.15
N ILE A 27 -14.18 2.70 -13.23
CA ILE A 27 -14.24 3.77 -12.25
C ILE A 27 -14.09 3.23 -10.84
N LYS A 28 -13.10 3.74 -10.11
CA LYS A 28 -12.86 3.31 -8.74
C LYS A 28 -13.41 4.33 -7.74
N LEU A 29 -13.72 3.86 -6.54
CA LEU A 29 -14.26 4.73 -5.50
C LEU A 29 -13.78 4.27 -4.12
N ASP A 30 -13.39 5.23 -3.30
CA ASP A 30 -12.91 4.94 -1.95
C ASP A 30 -13.13 6.14 -1.02
N LEU A 31 -13.82 5.90 0.09
CA LEU A 31 -14.10 6.95 1.05
C LEU A 31 -13.91 6.45 2.48
N LYS A 32 -13.11 7.18 3.25
CA LYS A 32 -12.85 6.81 4.64
C LYS A 32 -13.29 7.92 5.59
N THR A 33 -13.98 7.53 6.67
CA THR A 33 -14.45 8.49 7.66
C THR A 33 -14.25 7.97 9.07
N LYS A 34 -13.48 8.71 9.87
CA LYS A 34 -13.21 8.33 11.25
C LYS A 34 -13.57 9.46 12.20
N SER A 35 -14.01 9.09 13.40
CA SER A 35 -14.39 10.07 14.41
C SER A 35 -13.91 9.64 15.80
N GLU A 36 -13.97 10.56 16.75
CA GLU A 36 -13.54 10.29 18.11
C GLU A 36 -14.70 9.76 18.95
N ASN A 37 -15.40 8.76 18.41
CA ASN A 37 -16.53 8.16 19.12
C ASN A 37 -16.50 6.65 19.00
N GLY A 38 -15.43 6.12 18.40
CA GLY A 38 -15.30 4.68 18.25
C GLY A 38 -15.92 4.18 16.96
N LEU A 39 -16.61 5.07 16.25
CA LEU A 39 -17.26 4.71 14.99
C LEU A 39 -16.40 5.13 13.81
N GLU A 40 -16.18 4.19 12.89
CA GLU A 40 -15.38 4.46 11.70
C GLU A 40 -15.97 3.76 10.48
N PHE A 41 -16.38 4.53 9.48
CA PHE A 41 -16.95 3.99 8.26
C PHE A 41 -15.93 3.99 7.13
N THR A 42 -15.67 2.80 6.58
CA THR A 42 -14.71 2.66 5.50
C THR A 42 -15.34 1.96 4.30
N SER A 43 -15.44 2.67 3.18
CA SER A 43 -16.03 2.11 1.97
C SER A 43 -14.99 2.05 0.85
N SER A 44 -14.95 0.91 0.16
CA SER A 44 -14.00 0.71 -0.93
C SER A 44 -14.58 -0.22 -1.98
N GLY A 45 -14.58 0.23 -3.24
CA GLY A 45 -15.10 -0.58 -4.32
C GLY A 45 -14.88 0.05 -5.68
N SER A 46 -15.09 -0.73 -6.73
CA SER A 46 -14.89 -0.25 -8.10
C SER A 46 -16.03 -0.71 -9.00
N ALA A 47 -16.22 0.01 -10.11
CA ALA A 47 -17.27 -0.35 -11.06
C ALA A 47 -16.78 -0.16 -12.50
N ASN A 48 -16.97 -1.18 -13.32
CA ASN A 48 -16.55 -1.13 -14.72
C ASN A 48 -17.73 -0.76 -15.62
N THR A 49 -17.54 0.25 -16.45
CA THR A 49 -18.58 0.70 -17.37
C THR A 49 -18.48 -0.02 -18.71
N GLU A 50 -17.28 0.03 -19.31
CA GLU A 50 -17.06 -0.62 -20.60
C GLU A 50 -17.52 -2.07 -20.57
N THR A 51 -17.28 -2.74 -19.44
CA THR A 51 -17.67 -4.13 -19.28
C THR A 51 -18.36 -4.37 -17.94
N THR A 52 -19.08 -5.48 -17.84
CA THR A 52 -19.79 -5.81 -16.62
C THR A 52 -18.84 -6.32 -15.54
N LYS A 53 -18.14 -5.39 -14.90
CA LYS A 53 -17.19 -5.74 -13.84
C LYS A 53 -17.22 -4.71 -12.73
N VAL A 54 -18.22 -4.81 -11.85
CA VAL A 54 -18.35 -3.89 -10.74
C VAL A 54 -18.52 -4.63 -9.43
N THR A 55 -17.61 -4.38 -8.50
CA THR A 55 -17.64 -5.04 -7.18
C THR A 55 -17.34 -4.05 -6.07
N GLY A 56 -18.23 -3.99 -5.09
CA GLY A 56 -18.05 -3.09 -3.96
C GLY A 56 -17.77 -3.82 -2.66
N SER A 57 -17.09 -3.13 -1.75
CA SER A 57 -16.75 -3.73 -0.46
C SER A 57 -16.98 -2.73 0.67
N LEU A 58 -17.44 -3.24 1.81
CA LEU A 58 -17.69 -2.40 2.98
C LEU A 58 -16.87 -2.84 4.17
N GLU A 59 -16.12 -1.90 4.75
CA GLU A 59 -15.28 -2.20 5.91
C GLU A 59 -15.66 -1.33 7.09
N THR A 60 -15.93 -1.97 8.23
CA THR A 60 -16.31 -1.25 9.44
C THR A 60 -15.15 -1.19 10.43
N LYS A 61 -14.72 0.02 10.78
CA LYS A 61 -13.63 0.21 11.71
C LYS A 61 -14.09 1.01 12.93
N TYR A 62 -13.35 0.88 14.02
CA TYR A 62 -13.67 1.58 15.25
C TYR A 62 -12.44 2.25 15.86
N ARG A 63 -12.63 3.45 16.39
CA ARG A 63 -11.53 4.20 16.99
C ARG A 63 -11.92 4.72 18.37
N TRP A 64 -11.43 4.07 19.41
CA TRP A 64 -11.73 4.48 20.77
C TRP A 64 -10.46 4.91 21.50
N THR A 65 -10.46 6.16 21.98
CA THR A 65 -9.31 6.70 22.69
C THR A 65 -8.10 6.84 21.77
N GLU A 66 -7.42 7.97 21.86
CA GLU A 66 -6.25 8.24 21.04
C GLU A 66 -5.13 7.23 21.34
N TYR A 67 -4.93 6.29 20.43
CA TYR A 67 -3.90 5.27 20.60
C TYR A 67 -4.24 4.35 21.78
N GLY A 68 -5.38 3.69 21.69
CA GLY A 68 -5.80 2.79 22.75
C GLY A 68 -6.46 1.54 22.21
N LEU A 69 -7.62 1.70 21.58
CA LEU A 69 -8.35 0.57 21.02
C LEU A 69 -8.76 0.85 19.58
N THR A 70 -8.46 -0.09 18.68
CA THR A 70 -8.79 0.06 17.28
C THR A 70 -9.32 -1.25 16.69
N PHE A 71 -10.43 -1.18 15.96
CA PHE A 71 -11.03 -2.36 15.36
C PHE A 71 -11.16 -2.18 13.85
N THR A 72 -10.78 -3.22 13.11
CA THR A 72 -10.86 -3.18 11.65
C THR A 72 -11.63 -4.38 11.11
N GLU A 73 -12.73 -4.10 10.43
CA GLU A 73 -13.56 -5.17 9.86
C GLU A 73 -13.70 -4.99 8.35
N LYS A 74 -13.45 -6.06 7.61
CA LYS A 74 -13.54 -6.04 6.16
C LYS A 74 -14.53 -7.08 5.65
N TRP A 75 -15.72 -6.62 5.24
CA TRP A 75 -16.75 -7.52 4.74
C TRP A 75 -17.16 -7.14 3.32
N ASN A 76 -17.10 -8.09 2.41
CA ASN A 76 -17.46 -7.86 1.01
C ASN A 76 -18.84 -8.42 0.72
N THR A 77 -19.64 -7.66 -0.02
CA THR A 77 -20.99 -8.09 -0.38
C THR A 77 -20.95 -9.28 -1.33
N ASP A 78 -19.94 -9.31 -2.20
CA ASP A 78 -19.80 -10.40 -3.15
C ASP A 78 -18.59 -11.26 -2.81
N ASN A 79 -17.54 -10.62 -2.29
CA ASN A 79 -16.33 -11.33 -1.91
C ASN A 79 -16.47 -12.00 -0.56
N THR A 80 -15.34 -12.33 0.06
CA THR A 80 -15.35 -12.97 1.36
C THR A 80 -15.56 -11.96 2.48
N LEU A 81 -16.10 -12.42 3.61
CA LEU A 81 -16.35 -11.55 4.75
C LEU A 81 -15.43 -11.90 5.92
N GLY A 82 -14.89 -10.89 6.56
CA GLY A 82 -13.99 -11.11 7.69
C GLY A 82 -13.87 -9.89 8.58
N THR A 83 -13.37 -10.09 9.80
CA THR A 83 -13.22 -9.01 10.76
C THR A 83 -11.90 -9.13 11.50
N GLU A 84 -11.47 -8.04 12.14
CA GLU A 84 -10.23 -8.02 12.90
C GLU A 84 -10.30 -7.01 14.04
N ILE A 85 -9.64 -7.35 15.15
CA ILE A 85 -9.63 -6.48 16.32
C ILE A 85 -8.21 -6.18 16.76
N THR A 86 -7.95 -4.92 17.12
CA THR A 86 -6.64 -4.50 17.56
C THR A 86 -6.70 -3.79 18.91
N VAL A 87 -5.87 -4.23 19.85
CA VAL A 87 -5.84 -3.65 21.18
C VAL A 87 -4.42 -3.26 21.58
N GLU A 88 -4.28 -2.08 22.18
CA GLU A 88 -2.97 -1.59 22.61
C GLU A 88 -2.80 -1.76 24.11
N ASP A 89 -1.81 -2.56 24.50
CA ASP A 89 -1.53 -2.81 25.92
C ASP A 89 -1.43 -1.49 26.68
N GLN A 90 -2.19 -1.40 27.78
CA GLN A 90 -2.19 -0.19 28.60
C GLN A 90 -0.97 -0.17 29.52
N LEU A 91 -0.82 -1.21 30.33
CA LEU A 91 0.31 -1.30 31.26
C LEU A 91 1.61 -1.58 30.51
N ALA A 92 1.54 -2.46 29.52
CA ALA A 92 2.71 -2.82 28.73
C ALA A 92 2.80 -1.96 27.46
N ARG A 93 3.12 -0.68 27.63
CA ARG A 93 3.23 0.23 26.51
C ARG A 93 4.12 -0.35 25.42
N GLY A 94 3.68 -0.24 24.17
CA GLY A 94 4.45 -0.75 23.06
C GLY A 94 3.91 -2.08 22.55
N LEU A 95 3.20 -2.79 23.41
CA LEU A 95 2.63 -4.09 23.04
C LEU A 95 1.35 -3.91 22.24
N LYS A 96 1.35 -4.41 21.01
CA LYS A 96 0.18 -4.32 20.15
C LYS A 96 -0.29 -5.69 19.71
N LEU A 97 -1.58 -5.97 19.96
CA LEU A 97 -2.16 -7.26 19.60
C LEU A 97 -3.29 -7.07 18.59
N THR A 98 -3.21 -7.80 17.48
CA THR A 98 -4.23 -7.72 16.44
C THR A 98 -4.68 -9.11 16.00
N PHE A 99 -5.95 -9.39 16.17
CA PHE A 99 -6.52 -10.68 15.79
C PHE A 99 -7.52 -10.53 14.65
N ASP A 100 -7.26 -11.22 13.55
CA ASP A 100 -8.14 -11.16 12.39
C ASP A 100 -8.70 -12.55 12.05
N SER A 101 -9.90 -12.58 11.49
CA SER A 101 -10.55 -13.84 11.14
C SER A 101 -11.30 -13.70 9.82
N SER A 102 -10.99 -14.57 8.87
CA SER A 102 -11.64 -14.55 7.57
C SER A 102 -12.74 -15.61 7.49
N PHE A 103 -13.80 -15.31 6.74
CA PHE A 103 -14.91 -16.23 6.59
C PHE A 103 -15.48 -16.15 5.18
N SER A 104 -15.81 -17.32 4.62
CA SER A 104 -16.35 -17.40 3.27
C SER A 104 -17.87 -17.53 3.31
N PRO A 105 -18.56 -16.78 2.43
CA PRO A 105 -20.02 -16.80 2.34
C PRO A 105 -20.55 -18.13 1.78
N ASN A 106 -21.45 -18.75 2.53
CA ASN A 106 -22.04 -20.03 2.11
C ASN A 106 -20.95 -21.02 1.74
N THR A 107 -19.95 -21.16 2.60
CA THR A 107 -18.85 -22.09 2.36
C THR A 107 -18.49 -22.87 3.63
N GLY A 108 -18.48 -22.17 4.76
CA GLY A 108 -18.16 -22.81 6.01
C GLY A 108 -16.68 -22.71 6.35
N LYS A 109 -15.87 -22.43 5.34
CA LYS A 109 -14.42 -22.31 5.53
C LYS A 109 -14.09 -21.12 6.42
N LYS A 110 -13.50 -21.40 7.58
CA LYS A 110 -13.12 -20.35 8.53
C LYS A 110 -11.61 -20.30 8.70
N ASN A 111 -11.05 -19.10 8.60
CA ASN A 111 -9.61 -18.92 8.75
C ASN A 111 -9.30 -17.96 9.89
N ALA A 112 -8.51 -18.41 10.85
CA ALA A 112 -8.13 -17.58 12.00
C ALA A 112 -6.66 -17.20 11.94
N LYS A 113 -6.37 -15.94 12.23
CA LYS A 113 -5.00 -15.44 12.21
C LYS A 113 -4.74 -14.52 13.40
N ILE A 114 -3.58 -14.69 14.02
CA ILE A 114 -3.20 -13.87 15.18
C ILE A 114 -1.92 -13.08 14.90
N LYS A 115 -1.96 -11.78 15.17
CA LYS A 115 -0.81 -10.93 14.96
C LYS A 115 -0.36 -10.27 16.27
N THR A 116 0.87 -10.54 16.68
CA THR A 116 1.41 -9.98 17.91
C THR A 116 2.77 -9.34 17.67
N GLY A 117 2.87 -8.04 17.97
CA GLY A 117 4.12 -7.33 17.78
C GLY A 117 4.30 -6.19 18.77
N TYR A 118 5.49 -5.61 18.79
CA TYR A 118 5.79 -4.51 19.70
C TYR A 118 6.37 -3.32 18.93
N LYS A 119 5.89 -2.12 19.26
CA LYS A 119 6.36 -0.91 18.61
C LYS A 119 7.16 -0.05 19.59
N ARG A 120 8.44 0.17 19.27
CA ARG A 120 9.32 0.97 20.11
C ARG A 120 9.68 2.27 19.43
N GLU A 121 9.79 3.34 20.21
CA GLU A 121 10.13 4.65 19.67
C GLU A 121 11.41 4.58 18.84
N HIS A 122 12.28 3.64 19.18
CA HIS A 122 13.54 3.45 18.45
C HIS A 122 13.34 2.54 17.25
N ILE A 123 12.56 1.48 17.43
CA ILE A 123 12.30 0.53 16.36
C ILE A 123 10.91 -0.08 16.49
N ASN A 124 10.34 -0.50 15.38
CA ASN A 124 9.02 -1.10 15.36
C ASN A 124 9.03 -2.45 14.66
N LEU A 125 8.76 -3.51 15.41
CA LEU A 125 8.76 -4.86 14.86
C LEU A 125 7.51 -5.63 15.32
N GLY A 126 6.96 -6.43 14.42
CA GLY A 126 5.77 -7.22 14.75
C GLY A 126 5.74 -8.54 14.03
N CYS A 127 5.27 -9.58 14.72
CA CYS A 127 5.18 -10.92 14.14
C CYS A 127 3.72 -11.34 13.97
N ASP A 128 3.38 -11.83 12.78
CA ASP A 128 2.02 -12.27 12.50
C ASP A 128 2.00 -13.75 12.12
N MET A 129 0.90 -14.42 12.43
CA MET A 129 0.75 -15.84 12.12
C MET A 129 -0.64 -16.14 11.57
N ASP A 130 -0.70 -16.65 10.34
CA ASP A 130 -1.97 -16.97 9.71
C ASP A 130 -2.23 -18.47 9.75
N PHE A 131 -3.34 -18.86 10.38
CA PHE A 131 -3.70 -20.27 10.50
C PHE A 131 -4.66 -20.68 9.38
N ASP A 132 -4.21 -21.60 8.53
CA ASP A 132 -5.02 -22.07 7.42
C ASP A 132 -5.46 -23.52 7.65
N ILE A 133 -6.32 -24.02 6.77
CA ILE A 133 -6.81 -25.38 6.88
C ILE A 133 -5.96 -26.35 6.05
N ALA A 134 -5.45 -25.86 4.93
CA ALA A 134 -4.61 -26.66 4.05
C ALA A 134 -3.13 -26.50 4.39
N GLY A 135 -2.81 -25.40 5.08
CA GLY A 135 -1.43 -25.14 5.46
C GLY A 135 -1.23 -23.74 6.00
N PRO A 136 -1.04 -23.63 7.31
CA PRO A 136 -0.83 -22.34 7.98
C PRO A 136 0.52 -21.72 7.63
N SER A 137 0.54 -20.39 7.53
CA SER A 137 1.77 -19.68 7.20
C SER A 137 2.03 -18.56 8.20
N ILE A 138 3.30 -18.21 8.37
CA ILE A 138 3.68 -17.16 9.30
C ILE A 138 4.25 -15.95 8.56
N ARG A 139 3.81 -14.76 8.96
CA ARG A 139 4.27 -13.53 8.33
C ARG A 139 4.93 -12.61 9.35
N GLY A 140 6.24 -12.42 9.22
CA GLY A 140 6.97 -11.57 10.14
C GLY A 140 7.47 -10.29 9.47
N ALA A 141 7.32 -9.17 10.17
CA ALA A 141 7.75 -7.89 9.63
C ALA A 141 8.42 -7.04 10.72
N LEU A 142 9.70 -6.77 10.54
CA LEU A 142 10.45 -5.97 11.50
C LEU A 142 11.09 -4.75 10.84
N VAL A 143 10.79 -3.58 11.37
CA VAL A 143 11.33 -2.33 10.82
C VAL A 143 12.27 -1.66 11.82
N LEU A 144 13.46 -1.30 11.35
CA LEU A 144 14.45 -0.64 12.20
C LEU A 144 14.56 0.84 11.86
N GLY A 145 14.67 1.67 12.90
CA GLY A 145 14.78 3.10 12.69
C GLY A 145 16.12 3.66 13.17
N TYR A 146 16.72 4.53 12.37
CA TYR A 146 18.00 5.13 12.72
C TYR A 146 18.03 6.60 12.33
N GLU A 147 18.74 7.40 13.13
CA GLU A 147 18.85 8.84 12.87
C GLU A 147 19.27 9.09 11.43
N GLY A 148 18.28 9.35 10.57
CA GLY A 148 18.57 9.60 9.17
C GLY A 148 18.56 8.34 8.33
N TRP A 149 18.84 7.22 8.96
CA TRP A 149 18.87 5.93 8.26
C TRP A 149 17.63 5.10 8.60
N LEU A 150 17.03 4.50 7.58
CA LEU A 150 15.84 3.68 7.76
C LEU A 150 16.02 2.30 7.16
N ALA A 151 15.53 1.28 7.86
CA ALA A 151 15.64 -0.09 7.39
C ALA A 151 14.37 -0.87 7.66
N GLY A 152 14.03 -1.78 6.75
CA GLY A 152 12.83 -2.58 6.90
C GLY A 152 12.98 -3.97 6.33
N TYR A 153 12.57 -4.98 7.10
CA TYR A 153 12.66 -6.37 6.67
C TYR A 153 11.37 -7.12 6.98
N GLN A 154 10.74 -7.64 5.94
CA GLN A 154 9.50 -8.39 6.09
C GLN A 154 9.53 -9.69 5.28
N MET A 155 9.35 -10.82 5.97
CA MET A 155 9.36 -12.11 5.32
C MET A 155 8.38 -13.07 5.99
N ASN A 156 7.92 -14.06 5.23
CA ASN A 156 6.98 -15.05 5.76
C ASN A 156 7.62 -16.43 5.86
N PHE A 157 7.50 -17.05 7.03
CA PHE A 157 8.07 -18.38 7.25
C PHE A 157 7.06 -19.46 6.88
N GLU A 158 7.53 -20.46 6.14
CA GLU A 158 6.67 -21.57 5.73
C GLU A 158 6.47 -22.56 6.86
N THR A 159 5.31 -22.48 7.51
CA THR A 159 4.99 -23.37 8.62
C THR A 159 4.90 -24.82 8.15
N ALA A 160 4.17 -25.04 7.06
CA ALA A 160 4.00 -26.38 6.52
C ALA A 160 5.35 -27.10 6.39
N LYS A 161 6.42 -26.32 6.26
CA LYS A 161 7.76 -26.88 6.14
C LYS A 161 8.70 -26.28 7.19
N SER A 162 9.99 -26.52 7.01
CA SER A 162 10.99 -26.00 7.94
C SER A 162 11.85 -24.93 7.27
N ARG A 163 11.21 -24.07 6.49
CA ARG A 163 11.93 -23.00 5.79
C ARG A 163 10.99 -21.84 5.49
N VAL A 164 11.54 -20.77 4.93
CA VAL A 164 10.76 -19.59 4.60
C VAL A 164 10.05 -19.76 3.26
N THR A 165 8.81 -19.26 3.19
CA THR A 165 8.03 -19.36 1.96
C THR A 165 8.24 -18.14 1.07
N GLN A 166 8.44 -16.99 1.69
CA GLN A 166 8.65 -15.74 0.95
C GLN A 166 9.49 -14.76 1.76
N SER A 167 10.43 -14.10 1.10
CA SER A 167 11.29 -13.14 1.77
C SER A 167 11.23 -11.78 1.07
N ASN A 168 11.04 -10.73 1.87
CA ASN A 168 10.95 -9.37 1.33
C ASN A 168 11.84 -8.42 2.13
N PHE A 169 12.58 -7.58 1.41
CA PHE A 169 13.48 -6.61 2.04
C PHE A 169 13.26 -5.21 1.48
N ALA A 170 13.46 -4.21 2.32
CA ALA A 170 13.29 -2.82 1.90
C ALA A 170 14.16 -1.89 2.73
N VAL A 171 14.78 -0.92 2.07
CA VAL A 171 15.65 0.05 2.75
C VAL A 171 15.14 1.47 2.55
N GLY A 172 15.12 2.24 3.64
CA GLY A 172 14.66 3.61 3.56
C GLY A 172 15.76 4.61 3.89
N TYR A 173 15.91 5.62 3.04
CA TYR A 173 16.92 6.64 3.25
C TYR A 173 16.32 8.04 3.13
N LYS A 174 16.44 8.82 4.21
CA LYS A 174 15.92 10.18 4.23
C LYS A 174 17.05 11.20 4.21
N THR A 175 16.92 12.20 3.34
CA THR A 175 17.93 13.24 3.23
C THR A 175 17.29 14.62 3.23
N ASP A 176 18.12 15.65 3.41
CA ASP A 176 17.64 17.02 3.44
C ASP A 176 16.55 17.24 2.39
N GLU A 177 16.97 17.31 1.13
CA GLU A 177 16.03 17.52 0.03
C GLU A 177 16.02 16.31 -0.91
N PHE A 178 16.59 15.21 -0.45
CA PHE A 178 16.64 13.99 -1.26
C PHE A 178 16.06 12.81 -0.50
N GLN A 179 15.35 11.93 -1.21
CA GLN A 179 14.74 10.76 -0.61
C GLN A 179 14.95 9.53 -1.48
N LEU A 180 15.51 8.48 -0.88
CA LEU A 180 15.76 7.24 -1.60
C LEU A 180 15.08 6.06 -0.91
N HIS A 181 14.33 5.28 -1.68
CA HIS A 181 13.63 4.12 -1.14
C HIS A 181 13.90 2.88 -2.00
N THR A 182 14.52 1.87 -1.38
CA THR A 182 14.84 0.64 -2.08
C THR A 182 13.96 -0.51 -1.59
N ASN A 183 13.79 -1.52 -2.44
CA ASN A 183 12.98 -2.68 -2.08
C ASN A 183 13.28 -3.85 -3.01
N VAL A 184 13.34 -5.05 -2.44
CA VAL A 184 13.61 -6.25 -3.21
C VAL A 184 12.64 -7.38 -2.85
N ASN A 185 12.18 -8.10 -3.87
CA ASN A 185 11.26 -9.20 -3.66
C ASN A 185 11.99 -10.54 -3.63
N ASP A 186 12.44 -10.93 -2.44
CA ASP A 186 13.15 -12.19 -2.28
C ASP A 186 14.55 -12.10 -2.88
N GLY A 187 15.28 -13.22 -2.85
CA GLY A 187 16.63 -13.24 -3.38
C GLY A 187 16.65 -13.35 -4.89
N THR A 188 15.46 -13.34 -5.50
CA THR A 188 15.35 -13.44 -6.96
C THR A 188 14.94 -12.11 -7.57
N GLU A 189 14.32 -11.25 -6.76
CA GLU A 189 13.87 -9.95 -7.22
C GLU A 189 14.53 -8.83 -6.42
N PHE A 190 15.20 -7.92 -7.12
CA PHE A 190 15.87 -6.80 -6.46
C PHE A 190 15.65 -5.51 -7.24
N GLY A 191 15.13 -4.49 -6.55
CA GLY A 191 14.88 -3.21 -7.19
C GLY A 191 15.11 -2.05 -6.24
N GLY A 192 15.07 -0.83 -6.80
CA GLY A 192 15.28 0.36 -5.99
C GLY A 192 14.55 1.56 -6.54
N SER A 193 14.40 2.59 -5.72
CA SER A 193 13.72 3.82 -6.12
C SER A 193 14.44 5.05 -5.60
N ILE A 194 14.48 6.10 -6.41
CA ILE A 194 15.13 7.34 -6.02
C ILE A 194 14.24 8.54 -6.31
N TYR A 195 13.86 9.25 -5.25
CA TYR A 195 13.01 10.42 -5.37
C TYR A 195 13.79 11.70 -5.10
N GLN A 196 13.81 12.60 -6.07
CA GLN A 196 14.52 13.87 -5.93
C GLN A 196 13.59 15.04 -6.18
N LYS A 197 13.49 15.93 -5.19
CA LYS A 197 12.63 17.10 -5.29
C LYS A 197 13.45 18.35 -5.63
N VAL A 198 13.04 19.06 -6.67
CA VAL A 198 13.73 20.27 -7.10
C VAL A 198 13.29 21.47 -6.28
N ASN A 199 14.15 22.49 -6.21
CA ASN A 199 13.83 23.69 -5.45
C ASN A 199 12.46 24.24 -5.84
N LYS A 200 12.24 24.39 -7.14
CA LYS A 200 10.97 24.90 -7.65
C LYS A 200 9.85 23.90 -7.42
N LYS A 201 8.69 24.16 -8.02
CA LYS A 201 7.54 23.28 -7.88
C LYS A 201 7.64 22.11 -8.86
N LEU A 202 8.74 21.37 -8.78
CA LEU A 202 8.96 20.22 -9.65
C LEU A 202 9.51 19.04 -8.86
N GLU A 203 8.73 17.96 -8.81
CA GLU A 203 9.13 16.76 -8.09
C GLU A 203 9.52 15.65 -9.06
N THR A 204 10.58 14.92 -8.73
CA THR A 204 11.05 13.82 -9.57
C THR A 204 11.13 12.52 -8.79
N ALA A 205 10.70 11.43 -9.42
CA ALA A 205 10.73 10.12 -8.78
C ALA A 205 11.22 9.05 -9.74
N VAL A 206 11.98 8.09 -9.22
CA VAL A 206 12.52 7.01 -10.03
C VAL A 206 12.29 5.65 -9.37
N ASN A 207 11.89 4.66 -10.17
CA ASN A 207 11.64 3.32 -9.66
C ASN A 207 11.96 2.27 -10.72
N LEU A 208 12.80 1.32 -10.36
CA LEU A 208 13.18 0.24 -11.28
C LEU A 208 13.43 -1.07 -10.53
N ALA A 209 13.19 -2.18 -11.20
CA ALA A 209 13.38 -3.49 -10.59
C ALA A 209 14.12 -4.43 -11.54
N TRP A 210 14.89 -5.35 -10.97
CA TRP A 210 15.65 -6.31 -11.77
C TRP A 210 15.44 -7.72 -11.28
N THR A 211 15.16 -8.64 -12.21
CA THR A 211 14.92 -10.03 -11.85
C THR A 211 16.20 -10.86 -12.02
N ALA A 212 16.78 -11.26 -10.89
CA ALA A 212 18.00 -12.05 -10.91
C ALA A 212 17.84 -13.28 -11.80
N GLY A 213 18.94 -13.68 -12.45
CA GLY A 213 18.90 -14.84 -13.33
C GLY A 213 18.90 -14.45 -14.79
N ASN A 214 18.19 -13.38 -15.12
CA ASN A 214 18.11 -12.90 -16.51
C ASN A 214 18.62 -11.47 -16.61
N SER A 215 18.84 -11.02 -17.85
CA SER A 215 19.33 -9.67 -18.10
C SER A 215 18.19 -8.73 -18.44
N ASN A 216 17.05 -8.94 -17.80
CA ASN A 216 15.87 -8.12 -18.04
C ASN A 216 15.69 -7.08 -16.93
N THR A 217 15.88 -5.81 -17.27
CA THR A 217 15.74 -4.73 -16.30
C THR A 217 14.59 -3.81 -16.67
N ARG A 218 13.82 -3.40 -15.67
CA ARG A 218 12.68 -2.51 -15.89
C ARG A 218 12.77 -1.27 -14.99
N PHE A 219 12.74 -0.10 -15.61
CA PHE A 219 12.82 1.15 -14.87
C PHE A 219 11.75 2.13 -15.33
N GLY A 220 11.38 3.07 -14.47
CA GLY A 220 10.37 4.05 -14.81
C GLY A 220 10.59 5.38 -14.11
N ILE A 221 10.21 6.46 -14.78
CA ILE A 221 10.36 7.80 -14.21
C ILE A 221 9.02 8.51 -14.09
N ALA A 222 8.77 9.09 -12.92
CA ALA A 222 7.52 9.80 -12.68
C ALA A 222 7.77 11.11 -11.92
N ALA A 223 7.20 12.19 -12.43
CA ALA A 223 7.36 13.50 -11.80
C ALA A 223 6.01 14.12 -11.47
N LYS A 224 6.00 15.05 -10.52
CA LYS A 224 4.77 15.73 -10.12
C LYS A 224 4.91 17.24 -10.25
N TYR A 225 3.86 17.87 -10.78
CA TYR A 225 3.87 19.32 -10.96
C TYR A 225 2.58 19.95 -10.43
N GLN A 226 2.72 20.81 -9.43
CA GLN A 226 1.57 21.47 -8.82
C GLN A 226 1.26 22.78 -9.54
N ILE A 227 0.00 22.98 -9.91
CA ILE A 227 -0.42 24.19 -10.59
C ILE A 227 -0.64 25.33 -9.60
N ASP A 228 -1.54 25.09 -8.65
CA ASP A 228 -1.86 26.10 -7.64
C ASP A 228 -3.07 25.67 -6.80
N PRO A 229 -4.20 25.43 -7.49
CA PRO A 229 -5.44 25.01 -6.84
C PRO A 229 -5.35 23.60 -6.28
N ASP A 230 -6.50 22.96 -6.11
CA ASP A 230 -6.56 21.60 -5.57
C ASP A 230 -6.37 20.57 -6.68
N ALA A 231 -5.83 21.02 -7.82
CA ALA A 231 -5.60 20.14 -8.95
C ALA A 231 -4.12 20.11 -9.32
N CYS A 232 -3.54 18.91 -9.30
CA CYS A 232 -2.12 18.75 -9.63
C CYS A 232 -1.95 17.80 -10.82
N PHE A 233 -0.99 18.11 -11.67
CA PHE A 233 -0.72 17.30 -12.85
C PHE A 233 0.59 16.53 -12.69
N SER A 234 0.53 15.22 -12.91
CA SER A 234 1.71 14.37 -12.79
C SER A 234 1.99 13.63 -14.10
N ALA A 235 3.24 13.27 -14.31
CA ALA A 235 3.63 12.56 -15.52
C ALA A 235 4.54 11.37 -15.19
N LYS A 236 4.45 10.32 -16.02
CA LYS A 236 5.26 9.13 -15.81
C LYS A 236 5.66 8.51 -17.15
N VAL A 237 6.65 7.61 -17.10
CA VAL A 237 7.12 6.96 -18.31
C VAL A 237 7.79 5.63 -17.98
N ASN A 238 7.60 4.63 -18.84
CA ASN A 238 8.18 3.32 -18.64
C ASN A 238 9.34 3.08 -19.60
N ASN A 239 10.33 2.32 -19.15
CA ASN A 239 11.50 2.01 -19.96
C ASN A 239 11.09 1.46 -21.33
N SER A 240 9.88 0.92 -21.39
CA SER A 240 9.37 0.36 -22.64
C SER A 240 8.82 1.45 -23.55
N SER A 241 9.33 2.67 -23.38
CA SER A 241 8.88 3.80 -24.18
C SER A 241 7.39 4.03 -24.01
N LEU A 242 6.90 3.86 -22.79
CA LEU A 242 5.48 4.04 -22.50
C LEU A 242 5.23 5.42 -21.89
N ILE A 243 4.26 6.13 -22.45
CA ILE A 243 3.91 7.47 -21.96
C ILE A 243 2.79 7.39 -20.94
N GLY A 244 3.07 7.82 -19.72
CA GLY A 244 2.07 7.81 -18.67
C GLY A 244 1.75 9.19 -18.15
N LEU A 245 0.50 9.42 -17.81
CA LEU A 245 0.06 10.71 -17.29
C LEU A 245 -1.04 10.54 -16.24
N GLY A 246 -0.84 11.17 -15.09
CA GLY A 246 -1.82 11.08 -14.02
C GLY A 246 -2.19 12.44 -13.46
N TYR A 247 -3.47 12.76 -13.50
CA TYR A 247 -3.96 14.04 -13.00
C TYR A 247 -4.79 13.85 -11.73
N THR A 248 -4.29 14.39 -10.63
CA THR A 248 -4.99 14.28 -9.35
C THR A 248 -5.54 15.63 -8.90
N GLN A 249 -6.87 15.72 -8.83
CA GLN A 249 -7.52 16.95 -8.43
C GLN A 249 -8.76 16.66 -7.59
N THR A 250 -8.96 17.44 -6.53
CA THR A 250 -10.11 17.26 -5.65
C THR A 250 -11.37 17.85 -6.27
N LEU A 251 -12.51 17.23 -5.98
CA LEU A 251 -13.79 17.69 -6.50
C LEU A 251 -14.66 18.26 -5.40
N LYS A 252 -15.22 17.38 -4.58
CA LYS A 252 -16.08 17.79 -3.47
C LYS A 252 -15.29 17.84 -2.16
N PRO A 253 -15.85 18.52 -1.15
CA PRO A 253 -15.22 18.66 0.15
C PRO A 253 -15.21 17.34 0.94
N GLY A 254 -14.45 16.37 0.44
CA GLY A 254 -14.37 15.08 1.09
C GLY A 254 -13.92 13.98 0.15
N ILE A 255 -14.04 14.23 -1.14
CA ILE A 255 -13.64 13.25 -2.15
C ILE A 255 -12.71 13.87 -3.18
N LYS A 256 -11.71 13.11 -3.61
CA LYS A 256 -10.75 13.57 -4.61
C LYS A 256 -10.82 12.73 -5.87
N LEU A 257 -10.75 13.38 -7.03
CA LEU A 257 -10.81 12.69 -8.30
C LEU A 257 -9.40 12.44 -8.84
N THR A 258 -9.13 11.19 -9.20
CA THR A 258 -7.83 10.81 -9.73
C THR A 258 -7.95 10.24 -11.15
N LEU A 259 -7.25 10.87 -12.10
CA LEU A 259 -7.28 10.43 -13.48
C LEU A 259 -5.94 9.82 -13.89
N SER A 260 -6.00 8.72 -14.65
CA SER A 260 -4.79 8.04 -15.10
C SER A 260 -4.91 7.64 -16.56
N ALA A 261 -3.82 7.78 -17.30
CA ALA A 261 -3.81 7.43 -18.72
C ALA A 261 -2.44 6.89 -19.13
N LEU A 262 -2.44 5.74 -19.79
CA LEU A 262 -1.20 5.12 -20.24
C LEU A 262 -1.21 4.91 -21.76
N LEU A 263 -0.16 5.35 -22.42
CA LEU A 263 -0.04 5.21 -23.86
C LEU A 263 1.23 4.46 -24.25
N ASP A 264 1.08 3.24 -24.74
CA ASP A 264 2.21 2.42 -25.15
C ASP A 264 2.61 2.72 -26.59
N GLY A 265 3.62 3.56 -26.76
CA GLY A 265 4.08 3.91 -28.09
C GLY A 265 4.39 2.70 -28.94
N LYS A 266 4.43 1.53 -28.31
CA LYS A 266 4.72 0.29 -29.01
C LYS A 266 3.61 -0.04 -30.01
N ASN A 267 2.42 0.47 -29.74
CA ASN A 267 1.28 0.24 -30.62
C ASN A 267 0.12 1.15 -30.25
N VAL A 268 0.42 2.24 -29.55
CA VAL A 268 -0.60 3.18 -29.14
C VAL A 268 -1.17 3.94 -30.33
N ASN A 269 -0.36 4.07 -31.39
CA ASN A 269 -0.78 4.77 -32.60
C ASN A 269 -1.69 3.88 -33.45
N ALA A 270 -1.30 2.62 -33.61
CA ALA A 270 -2.08 1.67 -34.39
C ALA A 270 -2.99 0.84 -33.50
N GLY A 271 -3.13 1.27 -32.25
CA GLY A 271 -3.98 0.54 -31.31
C GLY A 271 -4.95 1.46 -30.59
N GLY A 272 -4.67 1.75 -29.32
CA GLY A 272 -5.54 2.62 -28.55
C GLY A 272 -4.87 3.14 -27.30
N HIS A 273 -5.54 4.06 -26.61
CA HIS A 273 -5.00 4.63 -25.38
C HIS A 273 -5.72 4.07 -24.16
N LYS A 274 -4.99 3.94 -23.06
CA LYS A 274 -5.56 3.40 -21.82
C LYS A 274 -5.99 4.54 -20.90
N LEU A 275 -7.17 4.40 -20.31
CA LEU A 275 -7.70 5.41 -19.40
C LEU A 275 -8.26 4.77 -18.13
N GLY A 276 -8.00 5.39 -16.99
CA GLY A 276 -8.49 4.87 -15.73
C GLY A 276 -8.98 5.96 -14.80
N LEU A 277 -10.18 5.79 -14.26
CA LEU A 277 -10.76 6.76 -13.35
C LEU A 277 -10.96 6.16 -11.96
N GLY A 278 -10.65 6.95 -10.93
CA GLY A 278 -10.80 6.49 -9.57
C GLY A 278 -10.83 7.63 -8.57
N LEU A 279 -11.83 7.63 -7.70
CA LEU A 279 -11.97 8.67 -6.68
C LEU A 279 -11.67 8.12 -5.29
N GLU A 280 -10.77 8.81 -4.58
CA GLU A 280 -10.39 8.38 -3.24
C GLU A 280 -10.21 9.59 -2.33
N PHE A 281 -10.53 9.41 -1.05
CA PHE A 281 -10.41 10.49 -0.07
C PHE A 281 -11.09 10.11 1.24
N GLN A 282 -11.45 11.12 2.03
CA GLN A 282 -12.12 10.89 3.31
C GLN A 282 -13.27 11.86 3.50
N ALA A 283 -14.36 11.38 4.10
CA ALA A 283 -15.54 12.20 4.35
C ALA A 283 -15.45 12.89 5.71
N LEU A 284 -15.31 14.20 5.70
CA LEU A 284 -15.23 14.98 6.93
C LEU A 284 -16.06 16.25 6.85
N GLU A 285 -16.08 17.03 7.92
CA GLU A 285 -16.85 18.26 7.96
C GLU A 285 -16.07 19.41 7.32
N MET A 1 10.49 9.53 23.27
CA MET A 1 9.07 9.40 23.60
C MET A 1 8.22 9.37 22.34
N ALA A 2 8.73 8.72 21.29
CA ALA A 2 8.01 8.62 20.03
C ALA A 2 8.54 7.45 19.20
N VAL A 3 7.61 6.66 18.65
CA VAL A 3 7.96 5.51 17.84
C VAL A 3 7.04 5.38 16.64
N PRO A 4 7.34 6.14 15.58
CA PRO A 4 6.54 6.13 14.34
C PRO A 4 6.70 4.83 13.57
N PRO A 5 5.84 4.63 12.56
CA PRO A 5 5.86 3.42 11.73
C PRO A 5 7.08 3.37 10.81
N THR A 6 8.12 2.67 11.27
CA THR A 6 9.35 2.55 10.49
C THR A 6 9.20 1.49 9.40
N TYR A 7 8.70 0.33 9.77
CA TYR A 7 8.51 -0.77 8.82
C TYR A 7 7.71 -0.31 7.61
N ALA A 8 6.68 0.51 7.86
CA ALA A 8 5.84 1.02 6.79
C ALA A 8 6.55 2.14 6.03
N ASP A 9 7.55 2.73 6.65
CA ASP A 9 8.31 3.81 6.03
C ASP A 9 9.47 3.25 5.21
N LEU A 10 9.49 1.94 5.01
CA LEU A 10 10.55 1.29 4.26
C LEU A 10 10.52 1.73 2.81
N GLY A 11 9.32 1.98 2.29
CA GLY A 11 9.19 2.42 0.90
C GLY A 11 7.96 3.28 0.68
N LYS A 12 7.92 4.43 1.33
CA LYS A 12 6.79 5.35 1.20
C LYS A 12 6.74 5.96 -0.19
N SER A 13 7.85 6.58 -0.60
CA SER A 13 7.92 7.20 -1.91
C SER A 13 7.79 6.17 -3.03
N ALA A 14 8.41 5.01 -2.82
CA ALA A 14 8.36 3.93 -3.80
C ALA A 14 6.92 3.53 -4.10
N ARG A 15 6.08 3.54 -3.07
CA ARG A 15 4.68 3.17 -3.22
C ARG A 15 3.97 4.12 -4.18
N ASP A 16 4.34 5.40 -4.10
CA ASP A 16 3.74 6.42 -4.97
C ASP A 16 4.12 6.20 -6.42
N VAL A 17 5.38 5.79 -6.65
CA VAL A 17 5.87 5.55 -7.99
C VAL A 17 5.33 4.24 -8.55
N PHE A 18 5.17 3.25 -7.68
CA PHE A 18 4.66 1.95 -8.09
C PHE A 18 3.25 2.07 -8.65
N THR A 19 2.43 2.90 -8.02
CA THR A 19 1.05 3.12 -8.46
C THR A 19 0.32 1.79 -8.62
N LYS A 20 -0.11 1.22 -7.50
CA LYS A 20 -0.82 -0.06 -7.52
C LYS A 20 -2.18 0.09 -8.21
N GLY A 21 -2.36 -0.66 -9.30
CA GLY A 21 -3.61 -0.60 -10.03
C GLY A 21 -3.57 0.42 -11.16
N TYR A 22 -3.29 -0.03 -12.36
CA TYR A 22 -3.23 0.84 -13.52
C TYR A 22 -4.61 1.04 -14.15
N GLY A 23 -4.65 1.76 -15.27
CA GLY A 23 -5.91 2.00 -15.94
C GLY A 23 -6.47 0.76 -16.60
N PHE A 24 -7.61 0.28 -16.11
CA PHE A 24 -8.24 -0.91 -16.67
C PHE A 24 -9.43 -0.55 -17.53
N GLY A 25 -9.55 0.74 -17.86
CA GLY A 25 -10.65 1.20 -18.68
C GLY A 25 -11.97 1.21 -17.93
N LEU A 26 -11.90 1.10 -16.61
CA LEU A 26 -13.09 1.09 -15.77
C LEU A 26 -13.13 2.31 -14.87
N ILE A 27 -14.18 2.42 -14.07
CA ILE A 27 -14.33 3.54 -13.14
C ILE A 27 -14.15 3.09 -11.70
N LYS A 28 -13.24 3.76 -10.99
CA LYS A 28 -12.97 3.43 -9.59
C LYS A 28 -13.63 4.44 -8.67
N LEU A 29 -14.00 4.00 -7.47
CA LEU A 29 -14.64 4.86 -6.49
C LEU A 29 -14.26 4.46 -5.07
N ASP A 30 -13.83 5.43 -4.27
CA ASP A 30 -13.43 5.17 -2.89
C ASP A 30 -13.77 6.36 -2.00
N LEU A 31 -14.50 6.10 -0.92
CA LEU A 31 -14.88 7.15 0.02
C LEU A 31 -14.68 6.70 1.45
N LYS A 32 -13.93 7.50 2.21
CA LYS A 32 -13.65 7.19 3.60
C LYS A 32 -14.14 8.30 4.52
N THR A 33 -14.57 7.93 5.72
CA THR A 33 -15.07 8.89 6.69
C THR A 33 -14.55 8.59 8.09
N LYS A 34 -13.83 9.56 8.66
CA LYS A 34 -13.27 9.39 10.01
C LYS A 34 -13.90 10.39 10.97
N SER A 35 -14.36 9.88 12.12
CA SER A 35 -14.99 10.73 13.13
C SER A 35 -14.29 10.55 14.48
N GLU A 36 -14.09 11.66 15.19
CA GLU A 36 -13.44 11.62 16.49
C GLU A 36 -14.41 11.14 17.56
N ASN A 37 -14.91 9.92 17.40
CA ASN A 37 -15.85 9.34 18.35
C ASN A 37 -15.88 7.82 18.23
N GLY A 38 -14.79 7.25 17.71
CA GLY A 38 -14.72 5.81 17.55
C GLY A 38 -15.46 5.32 16.33
N LEU A 39 -16.14 6.23 15.65
CA LEU A 39 -16.92 5.89 14.45
C LEU A 39 -16.11 6.16 13.19
N GLU A 40 -15.95 5.15 12.36
CA GLU A 40 -15.21 5.28 11.11
C GLU A 40 -15.81 4.41 10.01
N PHE A 41 -16.29 5.06 8.94
CA PHE A 41 -16.89 4.34 7.83
C PHE A 41 -16.02 4.43 6.59
N THR A 42 -15.64 3.28 6.04
CA THR A 42 -14.80 3.23 4.85
C THR A 42 -15.45 2.36 3.77
N SER A 43 -15.70 2.97 2.61
CA SER A 43 -16.31 2.26 1.49
C SER A 43 -15.40 2.29 0.27
N SER A 44 -15.37 1.20 -0.47
CA SER A 44 -14.54 1.09 -1.67
C SER A 44 -15.19 0.19 -2.71
N GLY A 45 -15.17 0.64 -3.97
CA GLY A 45 -15.77 -0.14 -5.04
C GLY A 45 -15.48 0.44 -6.40
N SER A 46 -15.59 -0.39 -7.43
CA SER A 46 -15.34 0.05 -8.80
C SER A 46 -16.38 -0.53 -9.76
N ALA A 47 -16.66 0.20 -10.84
CA ALA A 47 -17.63 -0.24 -11.82
C ALA A 47 -17.00 -0.35 -13.21
N ASN A 48 -17.21 -1.49 -13.86
CA ASN A 48 -16.65 -1.73 -15.19
C ASN A 48 -17.37 -0.88 -16.23
N THR A 49 -16.61 -0.01 -16.90
CA THR A 49 -17.18 0.86 -17.92
C THR A 49 -17.81 0.05 -19.04
N GLU A 50 -18.84 0.61 -19.67
CA GLU A 50 -19.55 -0.07 -20.76
C GLU A 50 -19.70 -1.55 -20.45
N THR A 51 -20.01 -1.87 -19.21
CA THR A 51 -20.19 -3.25 -18.79
C THR A 51 -20.96 -3.34 -17.47
N THR A 52 -22.03 -4.12 -17.47
CA THR A 52 -22.85 -4.29 -16.29
C THR A 52 -22.19 -5.21 -15.28
N LYS A 53 -21.07 -4.76 -14.71
CA LYS A 53 -20.33 -5.54 -13.73
C LYS A 53 -19.48 -4.64 -12.84
N VAL A 54 -19.95 -4.43 -11.61
CA VAL A 54 -19.23 -3.58 -10.66
C VAL A 54 -18.98 -4.32 -9.35
N THR A 55 -17.88 -3.99 -8.69
CA THR A 55 -17.53 -4.63 -7.43
C THR A 55 -17.50 -3.60 -6.29
N GLY A 56 -18.24 -3.90 -5.23
CA GLY A 56 -18.29 -3.01 -4.09
C GLY A 56 -17.98 -3.70 -2.78
N SER A 57 -17.42 -2.96 -1.84
CA SER A 57 -17.07 -3.52 -0.53
C SER A 57 -17.25 -2.48 0.57
N LEU A 58 -17.72 -2.93 1.73
CA LEU A 58 -17.94 -2.04 2.86
C LEU A 58 -17.14 -2.50 4.07
N GLU A 59 -16.32 -1.60 4.62
CA GLU A 59 -15.51 -1.92 5.79
C GLU A 59 -15.76 -0.93 6.92
N THR A 60 -16.03 -1.46 8.11
CA THR A 60 -16.30 -0.62 9.28
C THR A 60 -15.06 -0.50 10.16
N LYS A 61 -14.70 0.74 10.49
CA LYS A 61 -13.54 1.00 11.33
C LYS A 61 -13.91 1.88 12.52
N TYR A 62 -13.14 1.76 13.59
CA TYR A 62 -13.39 2.56 14.80
C TYR A 62 -12.11 3.23 15.27
N ARG A 63 -12.25 4.48 15.72
CA ARG A 63 -11.11 5.23 16.22
C ARG A 63 -11.28 5.59 17.69
N TRP A 64 -10.56 4.89 18.56
CA TRP A 64 -10.64 5.13 19.99
C TRP A 64 -9.39 5.84 20.50
N THR A 65 -9.56 7.07 20.96
CA THR A 65 -8.43 7.85 21.47
C THR A 65 -8.30 7.71 22.98
N GLU A 66 -7.48 8.56 23.58
CA GLU A 66 -7.27 8.53 25.02
C GLU A 66 -6.72 7.18 25.46
N TYR A 67 -5.96 6.54 24.58
CA TYR A 67 -5.38 5.24 24.87
C TYR A 67 -4.57 4.73 23.69
N GLY A 68 -5.20 4.69 22.52
CA GLY A 68 -4.52 4.21 21.32
C GLY A 68 -5.05 2.88 20.84
N LEU A 69 -6.31 2.86 20.43
CA LEU A 69 -6.94 1.63 19.94
C LEU A 69 -7.72 1.89 18.66
N THR A 70 -7.51 1.04 17.66
CA THR A 70 -8.19 1.17 16.39
C THR A 70 -8.69 -0.18 15.88
N PHE A 71 -9.93 -0.20 15.40
CA PHE A 71 -10.53 -1.43 14.89
C PHE A 71 -10.87 -1.30 13.42
N THR A 72 -10.46 -2.29 12.63
CA THR A 72 -10.71 -2.30 11.20
C THR A 72 -11.36 -3.59 10.74
N GLU A 73 -12.55 -3.49 10.16
CA GLU A 73 -13.28 -4.66 9.68
C GLU A 73 -13.66 -4.51 8.22
N LYS A 74 -13.36 -5.52 7.42
CA LYS A 74 -13.67 -5.51 6.00
C LYS A 74 -14.74 -6.56 5.66
N TRP A 75 -15.94 -6.08 5.32
CA TRP A 75 -17.03 -6.98 4.97
C TRP A 75 -17.44 -6.80 3.51
N ASN A 76 -17.47 -7.90 2.77
CA ASN A 76 -17.85 -7.87 1.36
C ASN A 76 -19.07 -8.75 1.10
N THR A 77 -20.00 -8.22 0.31
CA THR A 77 -21.23 -8.96 -0.01
C THR A 77 -20.92 -10.13 -0.94
N ASP A 78 -19.98 -9.93 -1.85
CA ASP A 78 -19.60 -10.97 -2.80
C ASP A 78 -18.18 -11.48 -2.52
N ASN A 79 -17.32 -10.57 -2.08
CA ASN A 79 -15.94 -10.93 -1.77
C ASN A 79 -15.84 -11.60 -0.41
N THR A 80 -14.67 -11.49 0.21
CA THR A 80 -14.45 -12.09 1.53
C THR A 80 -15.06 -11.24 2.63
N LEU A 81 -15.49 -11.89 3.71
CA LEU A 81 -16.08 -11.18 4.84
C LEU A 81 -15.34 -11.51 6.13
N GLY A 82 -14.76 -10.48 6.74
CA GLY A 82 -14.03 -10.67 7.98
C GLY A 82 -13.78 -9.37 8.71
N THR A 83 -13.30 -9.47 9.95
CA THR A 83 -13.02 -8.28 10.76
C THR A 83 -11.65 -8.37 11.39
N GLU A 84 -11.11 -7.21 11.78
CA GLU A 84 -9.79 -7.15 12.41
C GLU A 84 -9.76 -6.11 13.52
N ILE A 85 -9.00 -6.40 14.58
CA ILE A 85 -8.89 -5.50 15.71
C ILE A 85 -7.44 -5.09 15.95
N THR A 86 -7.22 -3.82 16.25
CA THR A 86 -5.89 -3.30 16.50
C THR A 86 -5.82 -2.55 17.82
N VAL A 87 -4.87 -2.93 18.67
CA VAL A 87 -4.70 -2.28 19.96
C VAL A 87 -3.26 -1.83 20.17
N GLU A 88 -3.10 -0.62 20.72
CA GLU A 88 -1.77 -0.07 20.98
C GLU A 88 -1.55 0.16 22.47
N ASP A 89 -0.45 -0.36 22.99
CA ASP A 89 -0.12 -0.19 24.41
C ASP A 89 -1.24 -0.74 25.28
N GLN A 90 -1.81 -1.87 24.88
CA GLN A 90 -2.90 -2.49 25.62
C GLN A 90 -2.40 -3.00 26.97
N LEU A 91 -1.17 -3.49 27.00
CA LEU A 91 -0.58 -4.02 28.22
C LEU A 91 0.72 -3.27 28.55
N ALA A 92 1.48 -2.93 27.53
CA ALA A 92 2.74 -2.21 27.72
C ALA A 92 3.00 -1.26 26.57
N ARG A 93 3.48 -0.06 26.89
CA ARG A 93 3.78 0.95 25.88
C ARG A 93 4.82 0.44 24.89
N GLY A 94 4.57 0.65 23.60
CA GLY A 94 5.49 0.20 22.57
C GLY A 94 5.04 -1.09 21.92
N LEU A 95 4.23 -1.86 22.63
CA LEU A 95 3.73 -3.13 22.10
C LEU A 95 2.36 -2.96 21.46
N LYS A 96 2.21 -3.45 20.25
CA LYS A 96 0.95 -3.35 19.52
C LYS A 96 0.45 -4.73 19.11
N LEU A 97 -0.82 -5.00 19.40
CA LEU A 97 -1.43 -6.29 19.05
C LEU A 97 -2.56 -6.11 18.05
N THR A 98 -2.49 -6.86 16.95
CA THR A 98 -3.50 -6.79 15.91
C THR A 98 -4.01 -8.17 15.53
N PHE A 99 -5.32 -8.37 15.65
CA PHE A 99 -5.93 -9.66 15.33
C PHE A 99 -6.77 -9.55 14.05
N ASP A 100 -6.43 -10.37 13.06
CA ASP A 100 -7.15 -10.37 11.79
C ASP A 100 -7.96 -11.66 11.63
N SER A 101 -9.26 -11.51 11.40
CA SER A 101 -10.14 -12.66 11.23
C SER A 101 -10.89 -12.57 9.90
N SER A 102 -10.71 -13.59 9.06
CA SER A 102 -11.36 -13.64 7.77
C SER A 102 -12.35 -14.80 7.69
N PHE A 103 -13.44 -14.58 6.96
CA PHE A 103 -14.47 -15.60 6.82
C PHE A 103 -14.91 -15.72 5.36
N SER A 104 -15.08 -16.96 4.90
CA SER A 104 -15.50 -17.20 3.52
C SER A 104 -16.70 -18.15 3.48
N PRO A 105 -17.67 -17.84 2.59
CA PRO A 105 -18.88 -18.65 2.44
C PRO A 105 -18.59 -20.01 1.81
N ASN A 106 -17.49 -20.09 1.07
CA ASN A 106 -17.10 -21.34 0.40
C ASN A 106 -16.98 -22.47 1.42
N THR A 107 -18.02 -23.29 1.51
CA THR A 107 -18.04 -24.42 2.43
C THR A 107 -17.71 -23.96 3.86
N GLY A 108 -18.02 -22.70 4.15
CA GLY A 108 -17.77 -22.16 5.48
C GLY A 108 -16.29 -22.05 5.77
N LYS A 109 -15.48 -21.94 4.73
CA LYS A 109 -14.03 -21.83 4.88
C LYS A 109 -13.66 -20.52 5.56
N LYS A 110 -13.04 -20.63 6.73
CA LYS A 110 -12.63 -19.46 7.50
C LYS A 110 -11.13 -19.48 7.76
N ASN A 111 -10.54 -18.29 7.89
CA ASN A 111 -9.10 -18.17 8.13
C ASN A 111 -8.84 -17.29 9.35
N ALA A 112 -7.91 -17.73 10.20
CA ALA A 112 -7.56 -16.97 11.41
C ALA A 112 -6.12 -16.50 11.36
N LYS A 113 -5.91 -15.22 11.63
CA LYS A 113 -4.56 -14.64 11.61
C LYS A 113 -4.36 -13.70 12.80
N ILE A 114 -3.19 -13.77 13.41
CA ILE A 114 -2.88 -12.92 14.56
C ILE A 114 -1.48 -12.31 14.42
N LYS A 115 -1.42 -10.99 14.54
CA LYS A 115 -0.14 -10.28 14.43
C LYS A 115 0.17 -9.53 15.72
N THR A 116 1.28 -9.89 16.35
CA THR A 116 1.70 -9.25 17.60
C THR A 116 3.16 -8.80 17.53
N GLY A 117 3.38 -7.50 17.68
CA GLY A 117 4.72 -6.96 17.63
C GLY A 117 4.87 -5.69 18.42
N TYR A 118 6.11 -5.24 18.62
CA TYR A 118 6.38 -4.02 19.37
C TYR A 118 7.39 -3.15 18.64
N LYS A 119 7.07 -1.86 18.52
CA LYS A 119 7.94 -0.92 17.84
C LYS A 119 8.61 0.02 18.85
N ARG A 120 9.93 0.00 18.90
CA ARG A 120 10.69 0.85 19.81
C ARG A 120 11.44 1.94 19.05
N GLU A 121 11.52 3.12 19.64
CA GLU A 121 12.21 4.25 19.02
C GLU A 121 13.62 3.84 18.58
N HIS A 122 14.19 2.86 19.28
CA HIS A 122 15.53 2.39 18.97
C HIS A 122 15.48 1.25 17.95
N ILE A 123 14.50 0.37 18.10
CA ILE A 123 14.34 -0.76 17.20
C ILE A 123 12.88 -1.16 17.06
N ASN A 124 12.45 -1.46 15.84
CA ASN A 124 11.08 -1.86 15.57
C ASN A 124 10.98 -3.35 15.33
N LEU A 125 10.24 -4.04 16.18
CA LEU A 125 10.06 -5.49 16.06
C LEU A 125 8.60 -5.84 15.78
N GLY A 126 8.38 -6.82 14.91
CA GLY A 126 7.04 -7.23 14.57
C GLY A 126 6.93 -8.73 14.35
N CYS A 127 6.07 -9.38 15.14
CA CYS A 127 5.87 -10.81 15.03
C CYS A 127 4.48 -11.14 14.51
N ASP A 128 4.40 -11.59 13.27
CA ASP A 128 3.12 -11.93 12.64
C ASP A 128 2.95 -13.45 12.56
N MET A 129 1.71 -13.90 12.73
CA MET A 129 1.41 -15.33 12.68
C MET A 129 0.12 -15.58 11.91
N ASP A 130 0.14 -16.59 11.04
CA ASP A 130 -1.03 -16.93 10.24
C ASP A 130 -1.35 -18.42 10.37
N PHE A 131 -2.63 -18.73 10.54
CA PHE A 131 -3.08 -20.11 10.68
C PHE A 131 -3.54 -20.67 9.33
N ASP A 132 -2.69 -21.48 8.72
CA ASP A 132 -3.02 -22.08 7.43
C ASP A 132 -3.55 -23.50 7.61
N ILE A 133 -4.42 -23.92 6.70
CA ILE A 133 -5.00 -25.26 6.76
C ILE A 133 -3.91 -26.32 6.87
N ALA A 134 -2.86 -26.18 6.07
CA ALA A 134 -1.75 -27.13 6.08
C ALA A 134 -0.90 -26.95 7.33
N GLY A 135 -1.01 -25.79 7.97
CA GLY A 135 -0.24 -25.52 9.17
C GLY A 135 -0.04 -24.04 9.40
N PRO A 136 0.08 -23.65 10.68
CA PRO A 136 0.27 -22.26 11.07
C PRO A 136 1.65 -21.73 10.68
N SER A 137 1.68 -20.80 9.74
CA SER A 137 2.94 -20.22 9.27
C SER A 137 3.41 -19.11 10.21
N ILE A 138 4.73 -18.98 10.34
CA ILE A 138 5.31 -17.96 11.19
C ILE A 138 5.91 -16.82 10.38
N ARG A 139 5.38 -15.61 10.57
CA ARG A 139 5.87 -14.44 9.86
C ARG A 139 6.68 -13.53 10.79
N GLY A 140 7.94 -13.30 10.42
CA GLY A 140 8.80 -12.45 11.23
C GLY A 140 9.11 -11.13 10.55
N ALA A 141 9.00 -10.04 11.29
CA ALA A 141 9.28 -8.71 10.76
C ALA A 141 10.20 -7.93 11.69
N LEU A 142 11.34 -7.49 11.16
CA LEU A 142 12.31 -6.73 11.94
C LEU A 142 12.91 -5.60 11.11
N VAL A 143 12.77 -4.37 11.59
CA VAL A 143 13.30 -3.20 10.88
C VAL A 143 14.04 -2.29 11.85
N LEU A 144 15.11 -1.66 11.36
CA LEU A 144 15.91 -0.75 12.18
C LEU A 144 15.68 0.70 11.74
N GLY A 145 15.60 1.60 12.73
CA GLY A 145 15.39 3.00 12.42
C GLY A 145 16.61 3.84 12.74
N TYR A 146 17.15 4.49 11.71
CA TYR A 146 18.33 5.33 11.88
C TYR A 146 18.06 6.75 11.40
N GLU A 147 18.69 7.73 12.07
CA GLU A 147 18.50 9.13 11.71
C GLU A 147 18.72 9.34 10.21
N GLY A 148 17.63 9.35 9.46
CA GLY A 148 17.73 9.55 8.02
C GLY A 148 17.78 8.24 7.25
N TRP A 149 18.31 7.21 7.90
CA TRP A 149 18.43 5.90 7.27
C TRP A 149 17.35 4.95 7.79
N LEU A 150 16.80 4.13 6.91
CA LEU A 150 15.76 3.18 7.28
C LEU A 150 16.04 1.81 6.68
N ALA A 151 15.84 0.76 7.47
CA ALA A 151 16.07 -0.60 7.02
C ALA A 151 15.04 -1.55 7.61
N GLY A 152 14.63 -2.53 6.82
CA GLY A 152 13.65 -3.50 7.28
C GLY A 152 13.77 -4.84 6.58
N TYR A 153 13.52 -5.92 7.32
CA TYR A 153 13.61 -7.26 6.76
C TYR A 153 12.56 -8.19 7.38
N GLN A 154 11.68 -8.70 6.54
CA GLN A 154 10.62 -9.60 7.00
C GLN A 154 10.74 -10.97 6.35
N MET A 155 10.84 -12.01 7.17
CA MET A 155 10.96 -13.37 6.68
C MET A 155 9.87 -14.26 7.26
N ASN A 156 9.24 -15.06 6.40
CA ASN A 156 8.18 -15.96 6.82
C ASN A 156 8.62 -17.42 6.72
N PHE A 157 8.55 -18.14 7.84
CA PHE A 157 8.94 -19.54 7.87
C PHE A 157 7.74 -20.45 7.66
N GLU A 158 7.83 -21.34 6.67
CA GLU A 158 6.74 -22.27 6.38
C GLU A 158 6.74 -23.44 7.36
N THR A 159 5.82 -23.39 8.32
CA THR A 159 5.71 -24.44 9.32
C THR A 159 5.30 -25.77 8.69
N ALA A 160 4.26 -25.71 7.85
CA ALA A 160 3.76 -26.91 7.18
C ALA A 160 4.90 -27.69 6.54
N LYS A 161 5.98 -26.99 6.21
CA LYS A 161 7.14 -27.61 5.59
C LYS A 161 8.41 -27.31 6.38
N SER A 162 9.56 -27.63 5.79
CA SER A 162 10.85 -27.39 6.43
C SER A 162 11.62 -26.28 5.72
N ARG A 163 10.90 -25.24 5.32
CA ARG A 163 11.51 -24.12 4.63
C ARG A 163 10.66 -22.86 4.77
N VAL A 164 11.17 -21.74 4.26
CA VAL A 164 10.46 -20.47 4.33
C VAL A 164 9.30 -20.44 3.34
N THR A 165 8.19 -19.82 3.76
CA THR A 165 7.02 -19.72 2.91
C THR A 165 7.04 -18.43 2.08
N GLN A 166 7.59 -17.38 2.66
CA GLN A 166 7.68 -16.09 1.97
C GLN A 166 8.84 -15.27 2.51
N SER A 167 9.61 -14.66 1.60
CA SER A 167 10.75 -13.83 1.99
C SER A 167 10.61 -12.42 1.45
N ASN A 168 10.73 -11.44 2.33
CA ASN A 168 10.63 -10.04 1.93
C ASN A 168 11.73 -9.20 2.59
N PHE A 169 12.23 -8.22 1.84
CA PHE A 169 13.30 -7.36 2.35
C PHE A 169 13.19 -5.96 1.73
N ALA A 170 13.43 -4.94 2.55
CA ALA A 170 13.37 -3.56 2.08
C ALA A 170 14.35 -2.68 2.84
N VAL A 171 15.16 -1.93 2.10
CA VAL A 171 16.15 -1.04 2.70
C VAL A 171 16.38 0.19 1.84
N GLY A 172 16.51 1.34 2.49
CA GLY A 172 16.72 2.59 1.78
C GLY A 172 17.20 3.71 2.68
N TYR A 173 17.73 4.76 2.08
CA TYR A 173 18.23 5.91 2.84
C TYR A 173 17.48 7.18 2.47
N LYS A 174 16.91 7.84 3.47
CA LYS A 174 16.17 9.07 3.26
C LYS A 174 17.00 10.29 3.64
N THR A 175 17.12 11.23 2.70
CA THR A 175 17.90 12.44 2.93
C THR A 175 17.11 13.68 2.53
N ASP A 176 17.58 14.84 2.96
CA ASP A 176 16.92 16.10 2.65
C ASP A 176 17.25 16.55 1.23
N GLU A 177 18.18 15.84 0.60
CA GLU A 177 18.60 16.16 -0.77
C GLU A 177 18.30 15.01 -1.72
N PHE A 178 18.36 13.79 -1.20
CA PHE A 178 18.10 12.59 -2.00
C PHE A 178 17.39 11.53 -1.17
N GLN A 179 16.57 10.72 -1.83
CA GLN A 179 15.85 9.65 -1.15
C GLN A 179 15.89 8.36 -1.97
N LEU A 180 16.38 7.29 -1.34
CA LEU A 180 16.48 6.00 -2.01
C LEU A 180 15.76 4.92 -1.21
N HIS A 181 14.88 4.19 -1.87
CA HIS A 181 14.12 3.12 -1.23
C HIS A 181 14.18 1.84 -2.05
N THR A 182 14.80 0.81 -1.48
CA THR A 182 14.93 -0.48 -2.15
C THR A 182 13.91 -1.47 -1.64
N ASN A 183 13.27 -2.20 -2.56
CA ASN A 183 12.27 -3.19 -2.18
C ASN A 183 12.57 -4.54 -2.83
N VAL A 184 12.39 -5.61 -2.08
CA VAL A 184 12.63 -6.97 -2.57
C VAL A 184 11.50 -7.91 -2.21
N ASN A 185 10.73 -8.32 -3.21
CA ASN A 185 9.61 -9.22 -3.00
C ASN A 185 9.98 -10.65 -3.38
N ASP A 186 10.51 -11.40 -2.41
CA ASP A 186 10.90 -12.78 -2.64
C ASP A 186 12.07 -12.85 -3.64
N GLY A 187 12.53 -14.07 -3.92
CA GLY A 187 13.63 -14.26 -4.84
C GLY A 187 13.22 -14.01 -6.28
N THR A 188 11.94 -13.75 -6.50
CA THR A 188 11.42 -13.50 -7.84
C THR A 188 11.35 -12.01 -8.13
N GLU A 189 11.23 -11.21 -7.07
CA GLU A 189 11.15 -9.76 -7.22
C GLU A 189 12.28 -9.07 -6.45
N PHE A 190 13.20 -8.45 -7.18
CA PHE A 190 14.32 -7.76 -6.56
C PHE A 190 14.61 -6.45 -7.28
N GLY A 191 14.59 -5.35 -6.52
CA GLY A 191 14.84 -4.04 -7.10
C GLY A 191 14.63 -2.92 -6.10
N GLY A 192 14.33 -1.72 -6.60
CA GLY A 192 14.11 -0.59 -5.73
C GLY A 192 13.70 0.65 -6.51
N SER A 193 13.81 1.81 -5.86
CA SER A 193 13.45 3.08 -6.49
C SER A 193 14.31 4.21 -5.97
N ILE A 194 14.45 5.26 -6.77
CA ILE A 194 15.26 6.43 -6.39
C ILE A 194 14.49 7.72 -6.62
N TYR A 195 14.29 8.48 -5.56
CA TYR A 195 13.57 9.75 -5.64
C TYR A 195 14.53 10.93 -5.46
N GLN A 196 14.59 11.79 -6.46
CA GLN A 196 15.46 12.96 -6.42
C GLN A 196 14.67 14.25 -6.67
N LYS A 197 14.87 15.24 -5.81
CA LYS A 197 14.18 16.51 -5.94
C LYS A 197 15.05 17.53 -6.68
N VAL A 198 14.49 18.13 -7.72
CA VAL A 198 15.20 19.13 -8.51
C VAL A 198 15.09 20.51 -7.89
N ASN A 199 16.22 21.08 -7.49
CA ASN A 199 16.24 22.40 -6.88
C ASN A 199 15.47 23.40 -7.73
N LYS A 200 14.62 24.18 -7.08
CA LYS A 200 13.81 25.18 -7.77
C LYS A 200 13.08 24.57 -8.96
N LYS A 201 12.68 23.31 -8.82
CA LYS A 201 11.98 22.61 -9.88
C LYS A 201 11.10 21.50 -9.31
N LEU A 202 10.61 20.63 -10.19
CA LEU A 202 9.77 19.52 -9.77
C LEU A 202 10.60 18.38 -9.19
N GLU A 203 9.97 17.22 -8.99
CA GLU A 203 10.65 16.06 -8.44
C GLU A 203 10.71 14.93 -9.47
N THR A 204 11.87 14.30 -9.58
CA THR A 204 12.06 13.20 -10.52
C THR A 204 12.55 11.94 -9.81
N ALA A 205 12.00 10.79 -10.22
CA ALA A 205 12.37 9.52 -9.62
C ALA A 205 12.35 8.41 -10.66
N VAL A 206 13.00 7.28 -10.33
CA VAL A 206 13.06 6.15 -11.23
C VAL A 206 12.74 4.85 -10.49
N ASN A 207 12.16 3.89 -11.21
CA ASN A 207 11.80 2.61 -10.62
C ASN A 207 12.62 1.48 -11.25
N LEU A 208 13.19 0.64 -10.40
CA LEU A 208 14.01 -0.48 -10.87
C LEU A 208 13.43 -1.81 -10.41
N ALA A 209 13.27 -2.74 -11.34
CA ALA A 209 12.72 -4.05 -11.03
C ALA A 209 13.48 -5.16 -11.77
N TRP A 210 13.88 -6.18 -11.02
CA TRP A 210 14.62 -7.30 -11.60
C TRP A 210 13.99 -8.63 -11.21
N THR A 211 13.62 -9.43 -12.21
CA THR A 211 13.02 -10.73 -11.96
C THR A 211 13.94 -11.86 -12.39
N ALA A 212 14.46 -12.59 -11.42
CA ALA A 212 15.35 -13.71 -11.70
C ALA A 212 14.75 -14.66 -12.72
N GLY A 213 15.52 -14.95 -13.77
CA GLY A 213 15.03 -15.85 -14.81
C GLY A 213 15.85 -15.76 -16.08
N ASN A 214 15.68 -14.67 -16.81
CA ASN A 214 16.42 -14.46 -18.06
C ASN A 214 17.15 -13.13 -18.05
N SER A 215 17.61 -12.73 -16.87
CA SER A 215 18.34 -11.46 -16.72
C SER A 215 17.54 -10.31 -17.33
N ASN A 216 16.29 -10.18 -16.92
CA ASN A 216 15.42 -9.13 -17.44
C ASN A 216 15.44 -7.91 -16.51
N THR A 217 16.01 -6.81 -16.98
CA THR A 217 16.09 -5.59 -16.20
C THR A 217 14.93 -4.66 -16.51
N ARG A 218 14.34 -4.09 -15.46
CA ARG A 218 13.22 -3.18 -15.62
C ARG A 218 13.56 -1.78 -15.11
N PHE A 219 13.52 -0.81 -16.00
CA PHE A 219 13.83 0.57 -15.64
C PHE A 219 12.66 1.51 -15.95
N GLY A 220 12.38 2.42 -15.04
CA GLY A 220 11.27 3.35 -15.24
C GLY A 220 11.57 4.71 -14.64
N ILE A 221 10.85 5.73 -15.12
CA ILE A 221 11.03 7.09 -14.63
C ILE A 221 9.69 7.79 -14.43
N ALA A 222 9.51 8.39 -13.26
CA ALA A 222 8.27 9.10 -12.95
C ALA A 222 8.56 10.54 -12.54
N ALA A 223 7.69 11.45 -12.96
CA ALA A 223 7.85 12.86 -12.64
C ALA A 223 6.69 13.35 -11.78
N LYS A 224 7.00 14.10 -10.74
CA LYS A 224 5.98 14.64 -9.84
C LYS A 224 6.04 16.17 -9.80
N TYR A 225 4.98 16.81 -10.27
CA TYR A 225 4.91 18.26 -10.30
C TYR A 225 3.60 18.75 -9.70
N GLN A 226 3.69 19.68 -8.75
CA GLN A 226 2.51 20.23 -8.09
C GLN A 226 2.32 21.70 -8.47
N ILE A 227 1.21 21.99 -9.16
CA ILE A 227 0.92 23.35 -9.58
C ILE A 227 -0.15 23.98 -8.68
N ASP A 228 -1.09 23.16 -8.24
CA ASP A 228 -2.17 23.64 -7.37
C ASP A 228 -2.33 22.73 -6.16
N PRO A 229 -2.97 23.26 -5.10
CA PRO A 229 -3.20 22.52 -3.86
C PRO A 229 -4.19 21.38 -4.03
N ASP A 230 -5.17 21.58 -4.92
CA ASP A 230 -6.18 20.56 -5.17
C ASP A 230 -5.95 19.90 -6.53
N ALA A 231 -4.80 20.18 -7.14
CA ALA A 231 -4.47 19.62 -8.43
C ALA A 231 -2.99 19.24 -8.51
N CYS A 232 -2.71 18.00 -8.89
CA CYS A 232 -1.34 17.52 -8.98
C CYS A 232 -1.13 16.74 -10.29
N PHE A 233 0.04 16.92 -10.90
CA PHE A 233 0.36 16.24 -12.14
C PHE A 233 1.48 15.22 -11.93
N SER A 234 1.25 14.00 -12.41
CA SER A 234 2.22 12.92 -12.27
C SER A 234 2.48 12.26 -13.62
N ALA A 235 3.75 11.92 -13.86
CA ALA A 235 4.13 11.27 -15.11
C ALA A 235 4.92 9.98 -14.85
N LYS A 236 4.96 9.11 -15.83
CA LYS A 236 5.67 7.84 -15.71
C LYS A 236 6.05 7.29 -17.08
N VAL A 237 7.18 6.59 -17.14
CA VAL A 237 7.66 6.01 -18.39
C VAL A 237 8.35 4.68 -18.15
N ASN A 238 8.15 3.74 -19.06
CA ASN A 238 8.75 2.41 -18.94
C ASN A 238 9.89 2.25 -19.95
N ASN A 239 10.91 1.48 -19.56
CA ASN A 239 12.06 1.24 -20.41
C ASN A 239 11.62 0.71 -21.78
N SER A 240 10.42 0.14 -21.83
CA SER A 240 9.89 -0.42 -23.06
C SER A 240 9.28 0.68 -23.94
N SER A 241 9.78 1.90 -23.77
CA SER A 241 9.29 3.03 -24.54
C SER A 241 7.80 3.26 -24.29
N LEU A 242 7.38 3.08 -23.04
CA LEU A 242 5.99 3.27 -22.67
C LEU A 242 5.76 4.64 -22.05
N ILE A 243 4.82 5.40 -22.62
CA ILE A 243 4.51 6.73 -22.13
C ILE A 243 3.27 6.71 -21.25
N GLY A 244 3.42 7.09 -19.98
CA GLY A 244 2.30 7.12 -19.07
C GLY A 244 2.17 8.44 -18.34
N LEU A 245 0.95 8.92 -18.19
CA LEU A 245 0.69 10.18 -17.50
C LEU A 245 -0.63 10.14 -16.75
N GLY A 246 -0.77 11.02 -15.76
CA GLY A 246 -1.99 11.06 -14.97
C GLY A 246 -2.14 12.35 -14.20
N TYR A 247 -3.37 12.82 -14.08
CA TYR A 247 -3.65 14.07 -13.37
C TYR A 247 -4.73 13.86 -12.31
N THR A 248 -4.48 14.34 -11.10
CA THR A 248 -5.43 14.22 -10.01
C THR A 248 -5.93 15.59 -9.55
N GLN A 249 -7.23 15.81 -9.69
CA GLN A 249 -7.83 17.07 -9.30
C GLN A 249 -9.05 16.84 -8.40
N THR A 250 -9.10 17.56 -7.28
CA THR A 250 -10.20 17.43 -6.34
C THR A 250 -11.53 17.77 -7.00
N LEU A 251 -12.59 17.12 -6.54
CA LEU A 251 -13.93 17.35 -7.09
C LEU A 251 -14.52 18.64 -6.52
N LYS A 252 -14.94 18.59 -5.25
CA LYS A 252 -15.52 19.75 -4.60
C LYS A 252 -15.91 19.42 -3.16
N PRO A 253 -16.82 18.44 -3.00
CA PRO A 253 -17.29 18.01 -1.68
C PRO A 253 -16.22 17.28 -0.90
N GLY A 254 -16.12 15.97 -1.12
CA GLY A 254 -15.13 15.17 -0.42
C GLY A 254 -14.61 14.03 -1.27
N ILE A 255 -14.51 14.26 -2.58
CA ILE A 255 -14.01 13.24 -3.50
C ILE A 255 -12.93 13.81 -4.41
N LYS A 256 -11.96 12.98 -4.75
CA LYS A 256 -10.86 13.40 -5.63
C LYS A 256 -10.93 12.65 -6.96
N LEU A 257 -10.74 13.38 -8.05
CA LEU A 257 -10.77 12.79 -9.39
C LEU A 257 -9.36 12.49 -9.88
N THR A 258 -9.13 11.23 -10.24
CA THR A 258 -7.82 10.81 -10.73
C THR A 258 -7.93 10.16 -12.10
N LEU A 259 -7.22 10.71 -13.08
CA LEU A 259 -7.23 10.19 -14.44
C LEU A 259 -5.85 9.68 -14.84
N SER A 260 -5.79 8.44 -15.30
CA SER A 260 -4.54 7.83 -15.72
C SER A 260 -4.64 7.30 -17.15
N ALA A 261 -3.53 7.38 -17.87
CA ALA A 261 -3.49 6.91 -19.25
C ALA A 261 -2.11 6.38 -19.61
N LEU A 262 -2.08 5.23 -20.27
CA LEU A 262 -0.82 4.61 -20.68
C LEU A 262 -0.80 4.33 -22.18
N LEU A 263 0.19 4.89 -22.87
CA LEU A 263 0.32 4.71 -24.30
C LEU A 263 1.65 4.05 -24.65
N ASP A 264 1.59 2.80 -25.09
CA ASP A 264 2.80 2.07 -25.46
C ASP A 264 3.23 2.40 -26.88
N GLY A 265 4.41 2.99 -27.01
CA GLY A 265 4.93 3.36 -28.32
C GLY A 265 4.94 2.18 -29.28
N LYS A 266 4.94 0.97 -28.74
CA LYS A 266 4.96 -0.23 -29.55
C LYS A 266 3.54 -0.68 -29.89
N ASN A 267 2.59 -0.34 -29.03
CA ASN A 267 1.20 -0.70 -29.24
C ASN A 267 0.43 0.43 -29.93
N VAL A 268 0.43 1.60 -29.30
CA VAL A 268 -0.26 2.76 -29.85
C VAL A 268 0.15 3.01 -31.30
N ASN A 269 1.37 2.63 -31.63
CA ASN A 269 1.89 2.81 -32.99
C ASN A 269 0.94 2.21 -34.01
N ALA A 270 0.33 1.08 -33.65
CA ALA A 270 -0.60 0.40 -34.55
C ALA A 270 -2.04 0.64 -34.11
N GLY A 271 -2.23 1.08 -32.87
CA GLY A 271 -3.56 1.34 -32.36
C GLY A 271 -3.85 0.58 -31.08
N GLY A 272 -3.75 1.27 -29.95
CA GLY A 272 -4.01 0.63 -28.68
C GLY A 272 -3.57 1.48 -27.49
N HIS A 273 -4.49 2.27 -26.97
CA HIS A 273 -4.19 3.15 -25.84
C HIS A 273 -4.94 2.68 -24.59
N LYS A 274 -4.29 2.83 -23.43
CA LYS A 274 -4.89 2.44 -22.17
C LYS A 274 -5.42 3.65 -21.41
N LEU A 275 -6.61 3.51 -20.83
CA LEU A 275 -7.23 4.59 -20.07
C LEU A 275 -7.83 4.08 -18.77
N GLY A 276 -7.74 4.89 -17.72
CA GLY A 276 -8.28 4.50 -16.44
C GLY A 276 -8.82 5.67 -15.65
N LEU A 277 -10.01 5.53 -15.09
CA LEU A 277 -10.63 6.59 -14.30
C LEU A 277 -11.02 6.08 -12.92
N GLY A 278 -10.72 6.88 -11.90
CA GLY A 278 -11.05 6.50 -10.53
C GLY A 278 -11.05 7.68 -9.58
N LEU A 279 -12.01 7.71 -8.67
CA LEU A 279 -12.12 8.79 -7.70
C LEU A 279 -12.00 8.26 -6.27
N GLU A 280 -11.13 8.88 -5.49
CA GLU A 280 -10.92 8.46 -4.10
C GLU A 280 -10.71 9.68 -3.20
N PHE A 281 -11.18 9.58 -1.96
CA PHE A 281 -11.04 10.66 -1.00
C PHE A 281 -11.83 10.38 0.27
N GLN A 282 -12.29 11.43 0.93
CA GLN A 282 -13.06 11.28 2.16
C GLN A 282 -14.23 12.26 2.19
N ALA A 283 -15.34 11.83 2.77
CA ALA A 283 -16.54 12.66 2.86
C ALA A 283 -16.83 13.03 4.30
N LEU A 284 -16.70 14.31 4.63
CA LEU A 284 -16.96 14.79 5.98
C LEU A 284 -17.87 16.01 5.96
N GLU A 285 -18.20 16.52 7.14
CA GLU A 285 -19.06 17.68 7.26
C GLU A 285 -18.44 18.74 8.17
N MET A 1 1.95 5.90 22.81
CA MET A 1 2.42 7.26 23.04
C MET A 1 3.30 7.74 21.88
N ALA A 2 4.53 7.24 21.84
CA ALA A 2 5.47 7.61 20.79
C ALA A 2 5.73 6.45 19.84
N VAL A 3 6.69 6.62 18.95
CA VAL A 3 7.03 5.58 17.98
C VAL A 3 5.86 5.26 17.07
N PRO A 4 5.58 6.15 16.12
CA PRO A 4 4.47 5.98 15.16
C PRO A 4 4.73 4.85 14.17
N PRO A 5 3.67 4.46 13.44
CA PRO A 5 3.76 3.38 12.44
C PRO A 5 4.59 3.78 11.23
N THR A 6 5.78 3.20 11.11
CA THR A 6 6.66 3.50 9.99
C THR A 6 6.71 2.34 9.00
N TYR A 7 6.49 1.12 9.50
CA TYR A 7 6.51 -0.06 8.67
C TYR A 7 5.52 0.07 7.50
N ALA A 8 4.45 0.80 7.74
CA ALA A 8 3.44 1.02 6.71
C ALA A 8 3.94 1.96 5.62
N ASP A 9 4.98 2.72 5.94
CA ASP A 9 5.55 3.65 4.98
C ASP A 9 6.75 3.03 4.26
N LEU A 10 6.89 1.72 4.41
CA LEU A 10 7.99 1.00 3.77
C LEU A 10 7.91 1.13 2.25
N GLY A 11 6.69 1.20 1.73
CA GLY A 11 6.50 1.33 0.30
C GLY A 11 5.46 2.37 -0.06
N LYS A 12 5.33 3.40 0.77
CA LYS A 12 4.36 4.46 0.55
C LYS A 12 4.75 5.30 -0.67
N SER A 13 5.97 5.83 -0.64
CA SER A 13 6.46 6.66 -1.73
C SER A 13 6.47 5.89 -3.05
N ALA A 14 6.86 4.61 -2.97
CA ALA A 14 6.92 3.76 -4.14
C ALA A 14 5.55 3.66 -4.82
N ARG A 15 4.50 3.61 -4.01
CA ARG A 15 3.14 3.52 -4.52
C ARG A 15 2.81 4.73 -5.39
N ASP A 16 3.38 5.88 -5.05
CA ASP A 16 3.13 7.11 -5.79
C ASP A 16 3.54 6.95 -7.26
N VAL A 17 4.74 6.42 -7.47
CA VAL A 17 5.26 6.21 -8.82
C VAL A 17 4.68 4.94 -9.44
N PHE A 18 4.50 3.91 -8.61
CA PHE A 18 3.96 2.64 -9.07
C PHE A 18 2.54 2.81 -9.57
N THR A 19 1.78 3.70 -8.93
CA THR A 19 0.41 3.96 -9.30
C THR A 19 -0.46 2.73 -9.07
N LYS A 20 -0.87 2.53 -7.82
CA LYS A 20 -1.71 1.40 -7.47
C LYS A 20 -3.01 1.40 -8.27
N GLY A 21 -3.52 2.59 -8.56
CA GLY A 21 -4.74 2.71 -9.32
C GLY A 21 -4.71 1.91 -10.61
N TYR A 22 -5.44 0.80 -10.64
CA TYR A 22 -5.48 -0.05 -11.82
C TYR A 22 -5.97 0.73 -13.03
N GLY A 23 -5.53 0.30 -14.22
CA GLY A 23 -5.94 0.96 -15.44
C GLY A 23 -6.36 -0.01 -16.52
N PHE A 24 -7.49 -0.67 -16.31
CA PHE A 24 -8.00 -1.64 -17.27
C PHE A 24 -8.96 -0.98 -18.26
N GLY A 25 -8.95 0.35 -18.28
CA GLY A 25 -9.82 1.08 -19.17
C GLY A 25 -11.19 1.33 -18.59
N LEU A 26 -11.31 1.15 -17.27
CA LEU A 26 -12.58 1.34 -16.59
C LEU A 26 -12.46 2.44 -15.53
N ILE A 27 -13.55 2.70 -14.82
CA ILE A 27 -13.55 3.72 -13.77
C ILE A 27 -13.67 3.08 -12.39
N LYS A 28 -12.80 3.52 -11.47
CA LYS A 28 -12.80 2.99 -10.11
C LYS A 28 -13.16 4.09 -9.11
N LEU A 29 -13.99 3.74 -8.13
CA LEU A 29 -14.40 4.69 -7.10
C LEU A 29 -14.06 4.16 -5.71
N ASP A 30 -13.54 5.05 -4.87
CA ASP A 30 -13.18 4.68 -3.51
C ASP A 30 -13.82 5.63 -2.50
N LEU A 31 -14.51 5.05 -1.52
CA LEU A 31 -15.19 5.85 -0.49
C LEU A 31 -14.58 5.58 0.89
N LYS A 32 -14.14 6.65 1.55
CA LYS A 32 -13.54 6.53 2.87
C LYS A 32 -14.28 7.39 3.89
N THR A 33 -14.74 6.77 4.97
CA THR A 33 -15.47 7.49 6.01
C THR A 33 -14.98 7.08 7.40
N LYS A 34 -14.49 8.07 8.16
CA LYS A 34 -13.99 7.81 9.50
C LYS A 34 -14.52 8.85 10.48
N SER A 35 -15.15 8.38 11.56
CA SER A 35 -15.71 9.27 12.57
C SER A 35 -15.20 8.90 13.96
N GLU A 36 -14.97 9.91 14.79
CA GLU A 36 -14.49 9.69 16.15
C GLU A 36 -15.62 9.20 17.06
N ASN A 37 -16.22 8.06 16.68
CA ASN A 37 -17.31 7.49 17.47
C ASN A 37 -17.30 5.97 17.37
N GLY A 38 -16.17 5.42 16.94
CA GLY A 38 -16.05 3.98 16.83
C GLY A 38 -16.62 3.46 15.52
N LEU A 39 -17.24 4.34 14.76
CA LEU A 39 -17.84 3.96 13.48
C LEU A 39 -16.94 4.36 12.31
N GLU A 40 -16.63 3.38 11.46
CA GLU A 40 -15.77 3.63 10.30
C GLU A 40 -16.29 2.89 9.07
N PHE A 41 -16.66 3.64 8.05
CA PHE A 41 -17.17 3.06 6.82
C PHE A 41 -16.15 3.16 5.70
N THR A 42 -15.76 2.02 5.14
CA THR A 42 -14.79 1.98 4.07
C THR A 42 -15.31 1.18 2.88
N SER A 43 -15.51 1.85 1.75
CA SER A 43 -16.01 1.20 0.54
C SER A 43 -15.04 1.38 -0.61
N SER A 44 -14.89 0.33 -1.42
CA SER A 44 -13.98 0.37 -2.56
C SER A 44 -14.47 -0.55 -3.68
N GLY A 45 -14.61 0.01 -4.88
CA GLY A 45 -15.07 -0.78 -6.00
C GLY A 45 -14.85 -0.08 -7.34
N SER A 46 -14.97 -0.82 -8.42
CA SER A 46 -14.77 -0.26 -9.76
C SER A 46 -15.82 -0.78 -10.72
N ALA A 47 -15.89 -0.17 -11.90
CA ALA A 47 -16.86 -0.57 -12.92
C ALA A 47 -16.42 -0.12 -14.31
N ASN A 48 -16.64 -0.98 -15.31
CA ASN A 48 -16.25 -0.67 -16.67
C ASN A 48 -17.47 -0.23 -17.48
N THR A 49 -17.26 0.75 -18.36
CA THR A 49 -18.34 1.26 -19.20
C THR A 49 -18.38 0.54 -20.54
N GLU A 50 -17.21 0.18 -21.05
CA GLU A 50 -17.12 -0.51 -22.34
C GLU A 50 -17.78 -1.88 -22.26
N THR A 51 -17.24 -2.76 -21.41
CA THR A 51 -17.78 -4.10 -21.24
C THR A 51 -18.36 -4.28 -19.85
N THR A 52 -19.38 -5.14 -19.76
CA THR A 52 -20.04 -5.40 -18.48
C THR A 52 -19.05 -5.94 -17.46
N LYS A 53 -18.74 -5.13 -16.45
CA LYS A 53 -17.82 -5.53 -15.40
C LYS A 53 -17.90 -4.58 -14.20
N VAL A 54 -18.62 -5.01 -13.17
CA VAL A 54 -18.77 -4.20 -11.96
C VAL A 54 -18.29 -4.95 -10.73
N THR A 55 -17.50 -4.27 -9.90
CA THR A 55 -16.97 -4.87 -8.69
C THR A 55 -17.08 -3.91 -7.50
N GLY A 56 -17.54 -4.44 -6.37
CA GLY A 56 -17.69 -3.61 -5.18
C GLY A 56 -17.34 -4.36 -3.91
N SER A 57 -16.68 -3.67 -2.99
CA SER A 57 -16.27 -4.29 -1.72
C SER A 57 -16.61 -3.36 -0.55
N LEU A 58 -16.99 -3.97 0.57
CA LEU A 58 -17.35 -3.22 1.77
C LEU A 58 -16.45 -3.61 2.94
N GLU A 59 -15.95 -2.61 3.66
CA GLU A 59 -15.09 -2.85 4.80
C GLU A 59 -15.51 -1.99 5.99
N THR A 60 -15.80 -2.64 7.12
CA THR A 60 -16.22 -1.94 8.32
C THR A 60 -15.12 -1.94 9.37
N LYS A 61 -14.88 -0.78 9.97
CA LYS A 61 -13.85 -0.65 10.99
C LYS A 61 -14.37 0.12 12.20
N TYR A 62 -13.71 -0.05 13.34
CA TYR A 62 -14.11 0.63 14.57
C TYR A 62 -12.98 1.51 15.09
N ARG A 63 -13.31 2.77 15.39
CA ARG A 63 -12.32 3.71 15.90
C ARG A 63 -12.64 4.10 17.35
N TRP A 64 -11.89 3.52 18.28
CA TRP A 64 -12.09 3.80 19.70
C TRP A 64 -10.89 4.56 20.28
N THR A 65 -11.03 5.87 20.39
CA THR A 65 -9.97 6.72 20.92
C THR A 65 -8.71 6.60 20.08
N GLU A 66 -7.79 7.56 20.25
CA GLU A 66 -6.54 7.57 19.51
C GLU A 66 -5.55 6.58 20.10
N TYR A 67 -4.75 5.95 19.24
CA TYR A 67 -3.76 4.98 19.67
C TYR A 67 -4.29 4.13 20.82
N GLY A 68 -5.55 3.69 20.68
CA GLY A 68 -6.16 2.87 21.72
C GLY A 68 -6.68 1.56 21.17
N LEU A 69 -7.84 1.60 20.54
CA LEU A 69 -8.44 0.39 19.97
C LEU A 69 -8.96 0.65 18.56
N THR A 70 -8.56 -0.21 17.63
CA THR A 70 -8.98 -0.08 16.24
C THR A 70 -9.34 -1.44 15.64
N PHE A 71 -10.61 -1.61 15.29
CA PHE A 71 -11.08 -2.86 14.71
C PHE A 71 -11.18 -2.74 13.19
N THR A 72 -10.66 -3.74 12.49
CA THR A 72 -10.69 -3.76 11.03
C THR A 72 -11.36 -5.02 10.51
N GLU A 73 -12.45 -4.84 9.77
CA GLU A 73 -13.19 -5.96 9.20
C GLU A 73 -13.47 -5.76 7.72
N LYS A 74 -13.01 -6.68 6.89
CA LYS A 74 -13.21 -6.60 5.45
C LYS A 74 -14.27 -7.60 4.99
N TRP A 75 -15.15 -7.16 4.09
CA TRP A 75 -16.21 -8.01 3.57
C TRP A 75 -16.32 -7.87 2.06
N ASN A 76 -16.30 -9.00 1.36
CA ASN A 76 -16.41 -9.01 -0.09
C ASN A 76 -17.67 -9.74 -0.54
N THR A 77 -18.15 -9.39 -1.74
CA THR A 77 -19.35 -10.00 -2.29
C THR A 77 -19.17 -11.51 -2.45
N ASP A 78 -17.92 -11.97 -2.43
CA ASP A 78 -17.62 -13.38 -2.57
C ASP A 78 -17.94 -14.14 -1.29
N ASN A 79 -18.44 -13.41 -0.29
CA ASN A 79 -18.79 -14.01 1.00
C ASN A 79 -17.54 -14.28 1.83
N THR A 80 -16.58 -13.35 1.77
CA THR A 80 -15.33 -13.49 2.51
C THR A 80 -15.21 -12.40 3.57
N LEU A 81 -14.99 -12.81 4.81
CA LEU A 81 -14.85 -11.87 5.92
C LEU A 81 -13.44 -11.92 6.50
N GLY A 82 -12.81 -10.76 6.59
CA GLY A 82 -11.45 -10.69 7.13
C GLY A 82 -11.40 -9.94 8.44
N THR A 83 -11.19 -10.68 9.54
CA THR A 83 -11.11 -10.08 10.85
C THR A 83 -9.69 -9.64 11.18
N GLU A 84 -9.56 -8.40 11.66
CA GLU A 84 -8.25 -7.85 12.00
C GLU A 84 -8.40 -6.67 12.96
N ILE A 85 -8.25 -6.94 14.25
CA ILE A 85 -8.36 -5.91 15.27
C ILE A 85 -7.01 -5.63 15.92
N THR A 86 -6.71 -4.35 16.16
CA THR A 86 -5.46 -3.96 16.77
C THR A 86 -5.69 -3.24 18.10
N VAL A 87 -4.86 -3.55 19.09
CA VAL A 87 -4.99 -2.93 20.40
C VAL A 87 -3.65 -2.36 20.87
N GLU A 88 -3.70 -1.19 21.50
CA GLU A 88 -2.50 -0.54 21.99
C GLU A 88 -2.30 -0.81 23.48
N ASP A 89 -1.11 -1.25 23.84
CA ASP A 89 -0.80 -1.54 25.24
C ASP A 89 -1.18 -0.38 26.14
N GLN A 90 -1.15 -0.61 27.46
CA GLN A 90 -1.50 0.42 28.41
C GLN A 90 -0.36 0.63 29.41
N LEU A 91 0.32 -0.45 29.77
CA LEU A 91 1.43 -0.38 30.71
C LEU A 91 2.77 -0.31 29.97
N ALA A 92 3.15 -1.41 29.33
CA ALA A 92 4.40 -1.47 28.60
C ALA A 92 4.31 -0.68 27.29
N ARG A 93 4.41 0.64 27.41
CA ARG A 93 4.34 1.52 26.25
C ARG A 93 5.27 1.03 25.14
N GLY A 94 4.76 1.02 23.91
CA GLY A 94 5.54 0.56 22.77
C GLY A 94 5.21 -0.85 22.35
N LEU A 95 4.13 -1.39 22.92
CA LEU A 95 3.69 -2.74 22.59
C LEU A 95 2.34 -2.72 21.90
N LYS A 96 2.25 -3.40 20.76
CA LYS A 96 1.00 -3.47 20.00
C LYS A 96 0.58 -4.92 19.76
N LEU A 97 -0.70 -5.19 19.95
CA LEU A 97 -1.22 -6.54 19.74
C LEU A 97 -2.38 -6.54 18.75
N THR A 98 -2.27 -7.38 17.73
CA THR A 98 -3.30 -7.47 16.70
C THR A 98 -3.80 -8.90 16.54
N PHE A 99 -5.10 -9.06 16.37
CA PHE A 99 -5.70 -10.39 16.20
C PHE A 99 -6.34 -10.53 14.83
N ASP A 100 -5.89 -11.53 14.08
CA ASP A 100 -6.42 -11.78 12.74
C ASP A 100 -7.17 -13.10 12.69
N SER A 101 -8.39 -13.06 12.15
CA SER A 101 -9.21 -14.26 12.04
C SER A 101 -9.99 -14.27 10.73
N SER A 102 -9.99 -15.41 10.05
CA SER A 102 -10.69 -15.55 8.78
C SER A 102 -12.08 -16.15 8.99
N PHE A 103 -13.10 -15.47 8.48
CA PHE A 103 -14.47 -15.93 8.61
C PHE A 103 -15.09 -16.19 7.24
N SER A 104 -15.49 -17.43 7.01
CA SER A 104 -16.10 -17.81 5.75
C SER A 104 -17.43 -18.55 5.96
N PRO A 105 -18.54 -17.81 5.78
CA PRO A 105 -19.88 -18.37 5.96
C PRO A 105 -20.24 -19.38 4.87
N ASN A 106 -19.73 -19.15 3.66
CA ASN A 106 -19.99 -20.04 2.54
C ASN A 106 -19.70 -21.49 2.91
N THR A 107 -18.42 -21.82 2.99
CA THR A 107 -18.00 -23.17 3.34
C THR A 107 -18.14 -23.43 4.83
N GLY A 108 -17.92 -22.39 5.63
CA GLY A 108 -18.04 -22.52 7.07
C GLY A 108 -16.70 -22.76 7.74
N LYS A 109 -15.63 -22.34 7.07
CA LYS A 109 -14.28 -22.52 7.61
C LYS A 109 -13.83 -21.27 8.36
N LYS A 110 -13.03 -21.46 9.40
CA LYS A 110 -12.52 -20.36 10.21
C LYS A 110 -11.03 -20.50 10.45
N ASN A 111 -10.32 -19.38 10.41
CA ASN A 111 -8.88 -19.38 10.63
C ASN A 111 -8.51 -18.49 11.82
N ALA A 112 -7.61 -18.98 12.67
CA ALA A 112 -7.17 -18.24 13.84
C ALA A 112 -5.72 -17.79 13.69
N LYS A 113 -5.50 -16.49 13.84
CA LYS A 113 -4.15 -15.93 13.72
C LYS A 113 -3.91 -14.86 14.78
N ILE A 114 -2.73 -14.89 15.37
CA ILE A 114 -2.37 -13.92 16.41
C ILE A 114 -1.12 -13.13 16.01
N LYS A 115 -1.13 -11.83 16.31
CA LYS A 115 0.00 -10.97 15.98
C LYS A 115 0.41 -10.15 17.20
N THR A 116 1.65 -10.34 17.65
CA THR A 116 2.17 -9.61 18.81
C THR A 116 3.53 -9.00 18.50
N GLY A 117 3.60 -7.67 18.58
CA GLY A 117 4.86 -6.99 18.31
C GLY A 117 4.96 -5.66 19.03
N TYR A 118 6.18 -5.17 19.20
CA TYR A 118 6.41 -3.91 19.89
C TYR A 118 7.31 -2.99 19.06
N LYS A 119 6.97 -1.71 19.02
CA LYS A 119 7.74 -0.74 18.27
C LYS A 119 8.47 0.22 19.21
N ARG A 120 9.79 0.25 19.09
CA ARG A 120 10.62 1.12 19.93
C ARG A 120 11.21 2.25 19.11
N GLU A 121 11.31 3.43 19.73
CA GLU A 121 11.86 4.60 19.06
C GLU A 121 13.20 4.28 18.41
N HIS A 122 13.92 3.31 18.98
CA HIS A 122 15.22 2.91 18.46
C HIS A 122 15.07 1.82 17.41
N ILE A 123 14.18 0.87 17.67
CA ILE A 123 13.94 -0.23 16.75
C ILE A 123 12.51 -0.76 16.87
N ASN A 124 11.93 -1.17 15.75
CA ASN A 124 10.57 -1.71 15.74
C ASN A 124 10.57 -3.19 15.38
N LEU A 125 10.14 -4.02 16.32
CA LEU A 125 10.09 -5.46 16.10
C LEU A 125 8.66 -5.98 16.23
N GLY A 126 8.29 -6.93 15.37
CA GLY A 126 6.95 -7.48 15.40
C GLY A 126 6.93 -8.96 15.03
N CYS A 127 6.36 -9.78 15.90
CA CYS A 127 6.28 -11.22 15.66
C CYS A 127 4.82 -11.66 15.49
N ASP A 128 4.51 -12.21 14.32
CA ASP A 128 3.17 -12.67 14.03
C ASP A 128 3.15 -14.17 13.75
N MET A 129 2.07 -14.83 14.14
CA MET A 129 1.93 -16.27 13.93
C MET A 129 0.53 -16.62 13.43
N ASP A 130 0.47 -17.50 12.44
CA ASP A 130 -0.80 -17.92 11.87
C ASP A 130 -1.11 -19.37 12.21
N PHE A 131 -2.27 -19.60 12.82
CA PHE A 131 -2.68 -20.95 13.21
C PHE A 131 -3.56 -21.57 12.14
N ASP A 132 -2.96 -22.41 11.29
CA ASP A 132 -3.69 -23.07 10.22
C ASP A 132 -3.95 -24.54 10.57
N ILE A 133 -4.78 -25.19 9.77
CA ILE A 133 -5.11 -26.59 9.99
C ILE A 133 -3.95 -27.50 9.57
N ALA A 134 -3.26 -27.11 8.50
CA ALA A 134 -2.13 -27.89 8.00
C ALA A 134 -0.89 -27.67 8.86
N GLY A 135 -0.88 -26.57 9.61
CA GLY A 135 0.26 -26.28 10.47
C GLY A 135 0.40 -24.79 10.74
N PRO A 136 0.94 -24.45 11.92
CA PRO A 136 1.13 -23.06 12.33
C PRO A 136 2.23 -22.37 11.52
N SER A 137 1.85 -21.38 10.74
CA SER A 137 2.79 -20.63 9.92
C SER A 137 3.53 -19.59 10.75
N ILE A 138 4.78 -19.31 10.37
CA ILE A 138 5.59 -18.33 11.07
C ILE A 138 5.74 -17.05 10.26
N ARG A 139 5.33 -15.93 10.85
CA ARG A 139 5.42 -14.64 10.18
C ARG A 139 6.26 -13.66 10.98
N GLY A 140 7.40 -13.27 10.41
CA GLY A 140 8.29 -12.35 11.09
C GLY A 140 8.33 -10.99 10.42
N ALA A 141 8.23 -9.93 11.23
CA ALA A 141 8.26 -8.57 10.70
C ALA A 141 9.21 -7.69 11.50
N LEU A 142 10.27 -7.21 10.85
CA LEU A 142 11.25 -6.35 11.51
C LEU A 142 11.37 -5.01 10.80
N VAL A 143 11.19 -3.93 11.55
CA VAL A 143 11.28 -2.59 10.99
C VAL A 143 12.18 -1.70 11.83
N LEU A 144 13.21 -1.14 11.21
CA LEU A 144 14.15 -0.26 11.91
C LEU A 144 14.11 1.15 11.34
N GLY A 145 14.51 2.13 12.15
CA GLY A 145 14.51 3.50 11.71
C GLY A 145 15.91 4.03 11.43
N TYR A 146 16.08 4.68 10.29
CA TYR A 146 17.38 5.23 9.92
C TYR A 146 17.26 6.70 9.54
N GLU A 147 18.32 7.46 9.81
CA GLU A 147 18.34 8.89 9.50
C GLU A 147 18.08 9.13 8.01
N GLY A 148 16.84 9.43 7.66
CA GLY A 148 16.49 9.67 6.28
C GLY A 148 16.15 8.39 5.54
N TRP A 149 16.52 7.25 6.11
CA TRP A 149 16.26 5.97 5.50
C TRP A 149 15.46 5.07 6.44
N LEU A 150 14.60 4.23 5.87
CA LEU A 150 13.78 3.32 6.66
C LEU A 150 14.25 1.88 6.49
N ALA A 151 13.94 1.04 7.48
CA ALA A 151 14.33 -0.36 7.43
C ALA A 151 13.12 -1.27 7.67
N GLY A 152 12.97 -2.27 6.80
CA GLY A 152 11.84 -3.19 6.93
C GLY A 152 12.13 -4.54 6.29
N TYR A 153 11.83 -5.61 7.01
CA TYR A 153 12.06 -6.96 6.51
C TYR A 153 10.98 -7.92 7.01
N GLN A 154 10.23 -8.50 6.08
CA GLN A 154 9.17 -9.43 6.42
C GLN A 154 9.40 -10.78 5.75
N MET A 155 9.46 -11.84 6.55
CA MET A 155 9.68 -13.19 6.04
C MET A 155 8.71 -14.17 6.69
N ASN A 156 8.11 -15.02 5.86
CA ASN A 156 7.15 -16.02 6.35
C ASN A 156 7.72 -17.43 6.20
N PHE A 157 7.90 -18.11 7.33
CA PHE A 157 8.43 -19.47 7.33
C PHE A 157 7.31 -20.49 7.15
N GLU A 158 7.46 -21.35 6.15
CA GLU A 158 6.46 -22.38 5.88
C GLU A 158 6.65 -23.59 6.78
N THR A 159 5.75 -23.76 7.75
CA THR A 159 5.82 -24.87 8.68
C THR A 159 5.60 -26.20 7.98
N ALA A 160 4.57 -26.26 7.14
CA ALA A 160 4.26 -27.48 6.39
C ALA A 160 5.49 -28.01 5.68
N LYS A 161 6.42 -27.11 5.37
CA LYS A 161 7.65 -27.50 4.68
C LYS A 161 8.88 -27.14 5.51
N SER A 162 10.05 -27.20 4.89
CA SER A 162 11.30 -26.89 5.57
C SER A 162 11.93 -25.62 5.00
N ARG A 163 11.08 -24.63 4.68
CA ARG A 163 11.55 -23.37 4.13
C ARG A 163 10.46 -22.31 4.19
N VAL A 164 10.81 -21.09 3.81
CA VAL A 164 9.85 -19.99 3.82
C VAL A 164 8.92 -20.05 2.61
N THR A 165 7.68 -19.62 2.80
CA THR A 165 6.69 -19.64 1.73
C THR A 165 6.73 -18.34 0.93
N GLN A 166 7.03 -17.24 1.62
CA GLN A 166 7.11 -15.93 0.98
C GLN A 166 8.05 -15.01 1.73
N SER A 167 8.94 -14.34 0.99
CA SER A 167 9.91 -13.43 1.59
C SER A 167 9.83 -12.06 0.93
N ASN A 168 9.65 -11.03 1.75
CA ASN A 168 9.55 -9.65 1.26
C ASN A 168 10.39 -8.70 2.11
N PHE A 169 11.11 -7.80 1.46
CA PHE A 169 11.94 -6.84 2.17
C PHE A 169 11.71 -5.43 1.64
N ALA A 170 11.89 -4.43 2.51
CA ALA A 170 11.70 -3.05 2.13
C ALA A 170 12.60 -2.12 2.95
N VAL A 171 13.32 -1.25 2.26
CA VAL A 171 14.23 -0.32 2.93
C VAL A 171 14.28 1.02 2.18
N GLY A 172 14.28 2.10 2.94
CA GLY A 172 14.33 3.43 2.33
C GLY A 172 13.37 4.40 2.98
N TYR A 173 13.76 5.67 3.04
CA TYR A 173 12.93 6.70 3.64
C TYR A 173 13.20 8.06 3.01
N LYS A 174 12.45 9.07 3.45
CA LYS A 174 12.61 10.42 2.93
C LYS A 174 13.51 11.26 3.84
N THR A 175 14.42 12.01 3.23
CA THR A 175 15.34 12.85 3.99
C THR A 175 15.22 14.31 3.54
N ASP A 176 15.78 15.20 4.35
CA ASP A 176 15.75 16.63 4.05
C ASP A 176 15.22 16.88 2.64
N GLU A 177 16.14 16.84 1.66
CA GLU A 177 15.76 17.06 0.27
C GLU A 177 16.11 15.84 -0.58
N PHE A 178 16.42 14.73 0.08
CA PHE A 178 16.78 13.50 -0.61
C PHE A 178 15.99 12.32 -0.08
N GLN A 179 15.16 11.73 -0.94
CA GLN A 179 14.34 10.59 -0.54
C GLN A 179 14.76 9.33 -1.29
N LEU A 180 15.09 8.29 -0.54
CA LEU A 180 15.51 7.01 -1.14
C LEU A 180 14.61 5.87 -0.68
N HIS A 181 13.98 5.22 -1.65
CA HIS A 181 13.09 4.09 -1.35
C HIS A 181 13.52 2.84 -2.10
N THR A 182 13.33 1.68 -1.47
CA THR A 182 13.71 0.41 -2.07
C THR A 182 12.74 -0.70 -1.64
N ASN A 183 12.35 -1.53 -2.61
CA ASN A 183 11.44 -2.63 -2.35
C ASN A 183 11.96 -3.93 -2.96
N VAL A 184 11.80 -5.03 -2.22
CA VAL A 184 12.25 -6.33 -2.70
C VAL A 184 11.17 -7.39 -2.50
N ASN A 185 10.59 -7.85 -3.61
CA ASN A 185 9.55 -8.87 -3.56
C ASN A 185 10.12 -10.26 -3.83
N ASP A 186 10.54 -10.94 -2.79
CA ASP A 186 11.10 -12.28 -2.92
C ASP A 186 12.42 -12.24 -3.67
N GLY A 187 13.06 -13.40 -3.81
CA GLY A 187 14.33 -13.46 -4.52
C GLY A 187 14.17 -13.34 -6.02
N THR A 188 12.92 -13.22 -6.46
CA THR A 188 12.63 -13.09 -7.88
C THR A 188 12.40 -11.63 -8.27
N GLU A 189 11.98 -10.83 -7.29
CA GLU A 189 11.74 -9.41 -7.53
C GLU A 189 12.59 -8.54 -6.62
N PHE A 190 13.50 -7.77 -7.22
CA PHE A 190 14.39 -6.91 -6.45
C PHE A 190 14.59 -5.58 -7.16
N GLY A 191 14.29 -4.48 -6.47
CA GLY A 191 14.45 -3.16 -7.05
C GLY A 191 14.17 -2.05 -6.06
N GLY A 192 13.91 -0.85 -6.57
CA GLY A 192 13.62 0.28 -5.72
C GLY A 192 13.25 1.52 -6.49
N SER A 193 13.14 2.65 -5.79
CA SER A 193 12.77 3.91 -6.42
C SER A 193 13.43 5.08 -5.71
N ILE A 194 13.74 6.13 -6.47
CA ILE A 194 14.38 7.32 -5.92
C ILE A 194 13.52 8.55 -6.12
N TYR A 195 13.32 9.32 -5.05
CA TYR A 195 12.51 10.52 -5.11
C TYR A 195 13.33 11.75 -4.74
N GLN A 196 13.33 12.75 -5.62
CA GLN A 196 14.08 13.98 -5.39
C GLN A 196 13.16 15.20 -5.48
N LYS A 197 13.24 16.07 -4.49
CA LYS A 197 12.43 17.28 -4.45
C LYS A 197 13.24 18.50 -4.90
N VAL A 198 12.70 19.22 -5.88
CA VAL A 198 13.37 20.41 -6.40
C VAL A 198 13.14 21.61 -5.49
N ASN A 199 14.09 22.55 -5.51
CA ASN A 199 13.99 23.75 -4.69
C ASN A 199 12.65 24.42 -4.88
N LYS A 200 12.15 24.43 -6.12
CA LYS A 200 10.87 25.04 -6.42
C LYS A 200 9.73 24.03 -6.29
N LYS A 201 8.55 24.43 -6.75
CA LYS A 201 7.38 23.56 -6.68
C LYS A 201 7.43 22.49 -7.77
N LEU A 202 8.42 21.61 -7.69
CA LEU A 202 8.59 20.53 -8.66
C LEU A 202 9.13 19.28 -8.00
N GLU A 203 8.45 18.15 -8.23
CA GLU A 203 8.87 16.89 -7.65
C GLU A 203 9.17 15.86 -8.75
N THR A 204 10.32 15.22 -8.66
CA THR A 204 10.73 14.22 -9.64
C THR A 204 11.24 12.96 -8.97
N ALA A 205 10.84 11.81 -9.50
CA ALA A 205 11.26 10.53 -8.95
C ALA A 205 11.35 9.46 -10.04
N VAL A 206 12.16 8.43 -9.79
CA VAL A 206 12.32 7.34 -10.75
C VAL A 206 12.05 6.00 -10.11
N ASN A 207 11.52 5.06 -10.89
CA ASN A 207 11.20 3.73 -10.40
C ASN A 207 12.02 2.67 -11.14
N LEU A 208 12.69 1.82 -10.38
CA LEU A 208 13.50 0.75 -10.96
C LEU A 208 13.11 -0.61 -10.40
N ALA A 209 13.22 -1.64 -11.23
CA ALA A 209 12.87 -2.99 -10.82
C ALA A 209 13.58 -4.03 -11.68
N TRP A 210 14.20 -5.01 -11.04
CA TRP A 210 14.91 -6.06 -11.75
C TRP A 210 14.49 -7.44 -11.25
N THR A 211 14.22 -8.34 -12.19
CA THR A 211 13.81 -9.70 -11.85
C THR A 211 14.97 -10.68 -11.97
N ALA A 212 15.53 -11.07 -10.83
CA ALA A 212 16.64 -12.01 -10.82
C ALA A 212 16.32 -13.28 -11.61
N GLY A 213 17.30 -13.79 -12.34
CA GLY A 213 17.09 -14.99 -13.13
C GLY A 213 17.65 -14.87 -14.53
N ASN A 214 16.99 -14.08 -15.36
CA ASN A 214 17.43 -13.89 -16.74
C ASN A 214 16.61 -12.79 -17.42
N SER A 215 16.26 -11.76 -16.66
CA SER A 215 15.48 -10.65 -17.18
C SER A 215 16.32 -9.38 -17.24
N ASN A 216 15.83 -8.38 -17.97
CA ASN A 216 16.52 -7.11 -18.10
C ASN A 216 16.13 -6.15 -16.98
N THR A 217 16.94 -5.11 -16.78
CA THR A 217 16.68 -4.12 -15.74
C THR A 217 15.61 -3.15 -16.18
N ARG A 218 14.69 -2.82 -15.26
CA ARG A 218 13.62 -1.89 -15.56
C ARG A 218 13.91 -0.51 -14.96
N PHE A 219 13.79 0.53 -15.77
CA PHE A 219 14.03 1.89 -15.33
C PHE A 219 12.94 2.84 -15.81
N GLY A 220 12.44 3.66 -14.91
CA GLY A 220 11.39 4.60 -15.27
C GLY A 220 11.54 5.93 -14.55
N ILE A 221 11.16 7.01 -15.23
CA ILE A 221 11.26 8.35 -14.65
C ILE A 221 9.90 9.03 -14.64
N ALA A 222 9.60 9.72 -13.54
CA ALA A 222 8.32 10.42 -13.41
C ALA A 222 8.52 11.79 -12.77
N ALA A 223 7.63 12.72 -13.07
CA ALA A 223 7.70 14.07 -12.52
C ALA A 223 6.32 14.65 -12.27
N LYS A 224 6.23 15.63 -11.38
CA LYS A 224 4.96 16.27 -11.07
C LYS A 224 5.15 17.76 -10.83
N TYR A 225 4.40 18.57 -11.58
CA TYR A 225 4.49 20.02 -11.44
C TYR A 225 3.09 20.64 -11.38
N GLN A 226 2.91 21.56 -10.43
CA GLN A 226 1.62 22.23 -10.26
C GLN A 226 1.45 23.34 -11.29
N ILE A 227 0.30 23.34 -11.96
CA ILE A 227 0.00 24.35 -12.97
C ILE A 227 -0.39 25.67 -12.33
N ASP A 228 -1.15 25.59 -11.24
CA ASP A 228 -1.59 26.79 -10.53
C ASP A 228 -2.60 26.42 -9.43
N PRO A 229 -3.73 25.83 -9.83
CA PRO A 229 -4.79 25.43 -8.91
C PRO A 229 -4.37 24.25 -8.04
N ASP A 230 -5.36 23.53 -7.51
CA ASP A 230 -5.10 22.38 -6.66
C ASP A 230 -4.87 21.12 -7.50
N ALA A 231 -4.64 21.31 -8.80
CA ALA A 231 -4.40 20.20 -9.71
C ALA A 231 -3.04 20.30 -10.37
N CYS A 232 -2.21 19.28 -10.19
CA CYS A 232 -0.87 19.26 -10.76
C CYS A 232 -0.77 18.18 -11.84
N PHE A 233 0.01 18.47 -12.89
CA PHE A 233 0.20 17.53 -13.98
C PHE A 233 1.49 16.74 -13.80
N SER A 234 1.38 15.42 -13.86
CA SER A 234 2.54 14.54 -13.70
C SER A 234 2.79 13.73 -14.97
N ALA A 235 4.05 13.64 -15.36
CA ALA A 235 4.43 12.89 -16.55
C ALA A 235 5.58 11.92 -16.26
N LYS A 236 5.51 10.73 -16.86
CA LYS A 236 6.53 9.72 -16.66
C LYS A 236 6.77 8.92 -17.94
N VAL A 237 7.87 8.20 -17.99
CA VAL A 237 8.21 7.38 -19.16
C VAL A 237 9.11 6.22 -18.77
N ASN A 238 8.95 5.09 -19.46
CA ASN A 238 9.75 3.91 -19.20
C ASN A 238 10.81 3.71 -20.28
N ASN A 239 11.95 3.16 -19.89
CA ASN A 239 13.04 2.92 -20.83
C ASN A 239 12.56 2.12 -22.03
N SER A 240 11.46 1.39 -21.85
CA SER A 240 10.90 0.58 -22.91
C SER A 240 10.03 1.41 -23.85
N SER A 241 10.34 2.71 -23.93
CA SER A 241 9.60 3.63 -24.77
C SER A 241 8.13 3.66 -24.37
N LEU A 242 7.88 3.59 -23.07
CA LEU A 242 6.51 3.61 -22.56
C LEU A 242 6.13 5.01 -22.09
N ILE A 243 5.08 5.56 -22.68
CA ILE A 243 4.61 6.89 -22.32
C ILE A 243 3.63 6.84 -21.14
N GLY A 244 3.96 7.55 -20.08
CA GLY A 244 3.11 7.57 -18.90
C GLY A 244 2.52 8.95 -18.63
N LEU A 245 1.22 8.99 -18.36
CA LEU A 245 0.55 10.25 -18.08
C LEU A 245 -0.28 10.15 -16.79
N GLY A 246 -0.10 11.12 -15.90
CA GLY A 246 -0.85 11.12 -14.66
C GLY A 246 -1.29 12.51 -14.25
N TYR A 247 -2.60 12.68 -14.09
CA TYR A 247 -3.16 13.98 -13.71
C TYR A 247 -3.74 13.92 -12.30
N THR A 248 -3.24 14.77 -11.42
CA THR A 248 -3.71 14.82 -10.04
C THR A 248 -4.49 16.10 -9.78
N GLN A 249 -5.75 15.95 -9.37
CA GLN A 249 -6.61 17.09 -9.08
C GLN A 249 -7.25 16.95 -7.71
N THR A 250 -7.02 17.94 -6.85
CA THR A 250 -7.57 17.94 -5.51
C THR A 250 -8.65 19.00 -5.34
N LEU A 251 -9.89 18.55 -5.19
CA LEU A 251 -11.02 19.48 -5.03
C LEU A 251 -11.51 19.48 -3.58
N LYS A 252 -10.92 20.35 -2.77
CA LYS A 252 -11.29 20.46 -1.36
C LYS A 252 -11.03 19.15 -0.62
N PRO A 253 -10.96 19.24 0.72
CA PRO A 253 -10.71 18.07 1.57
C PRO A 253 -11.89 17.10 1.59
N GLY A 254 -12.02 16.32 0.52
CA GLY A 254 -13.11 15.37 0.42
C GLY A 254 -13.24 14.76 -0.96
N ILE A 255 -12.92 15.56 -1.98
CA ILE A 255 -13.01 15.10 -3.35
C ILE A 255 -11.63 15.11 -4.03
N LYS A 256 -11.21 13.95 -4.52
CA LYS A 256 -9.92 13.83 -5.19
C LYS A 256 -10.07 13.10 -6.52
N LEU A 257 -9.47 13.65 -7.57
CA LEU A 257 -9.52 13.04 -8.89
C LEU A 257 -8.15 12.57 -9.34
N THR A 258 -8.06 11.31 -9.73
CA THR A 258 -6.80 10.74 -10.19
C THR A 258 -6.95 10.10 -11.56
N LEU A 259 -6.22 10.63 -12.54
CA LEU A 259 -6.27 10.11 -13.90
C LEU A 259 -4.95 9.45 -14.29
N SER A 260 -5.03 8.25 -14.82
CA SER A 260 -3.83 7.51 -15.23
C SER A 260 -3.95 7.04 -16.68
N ALA A 261 -2.85 7.12 -17.42
CA ALA A 261 -2.83 6.70 -18.81
C ALA A 261 -1.44 6.24 -19.22
N LEU A 262 -1.37 5.05 -19.81
CA LEU A 262 -0.09 4.48 -20.26
C LEU A 262 -0.14 4.12 -21.73
N LEU A 263 0.66 4.80 -22.54
CA LEU A 263 0.71 4.54 -23.97
C LEU A 263 2.05 3.92 -24.37
N ASP A 264 2.03 2.65 -24.73
CA ASP A 264 3.24 1.95 -25.14
C ASP A 264 3.55 2.21 -26.61
N GLY A 265 4.68 2.85 -26.88
CA GLY A 265 5.06 3.14 -28.25
C GLY A 265 5.16 1.89 -29.11
N LYS A 266 5.23 0.74 -28.46
CA LYS A 266 5.32 -0.53 -29.16
C LYS A 266 3.93 -1.06 -29.53
N ASN A 267 2.92 -0.59 -28.82
CA ASN A 267 1.54 -1.01 -29.06
C ASN A 267 0.74 0.13 -29.69
N VAL A 268 0.75 1.28 -29.04
CA VAL A 268 0.01 2.45 -29.54
C VAL A 268 0.35 2.72 -31.00
N ASN A 269 1.57 2.38 -31.40
CA ASN A 269 2.01 2.58 -32.77
C ASN A 269 1.03 1.96 -33.75
N ALA A 270 0.53 0.78 -33.43
CA ALA A 270 -0.42 0.08 -34.29
C ALA A 270 -1.83 0.18 -33.73
N GLY A 271 -1.94 0.53 -32.46
CA GLY A 271 -3.23 0.65 -31.82
C GLY A 271 -3.34 -0.13 -30.53
N GLY A 272 -3.07 0.53 -29.41
CA GLY A 272 -3.14 -0.14 -28.12
C GLY A 272 -2.70 0.77 -26.99
N HIS A 273 -3.60 1.66 -26.56
CA HIS A 273 -3.30 2.59 -25.47
C HIS A 273 -4.01 2.16 -24.19
N LYS A 274 -3.34 2.38 -23.06
CA LYS A 274 -3.90 2.01 -21.77
C LYS A 274 -4.50 3.23 -21.08
N LEU A 275 -5.69 3.07 -20.50
CA LEU A 275 -6.36 4.15 -19.80
C LEU A 275 -6.96 3.67 -18.48
N GLY A 276 -6.94 4.53 -17.47
CA GLY A 276 -7.49 4.18 -16.18
C GLY A 276 -7.96 5.38 -15.39
N LEU A 277 -9.18 5.31 -14.87
CA LEU A 277 -9.74 6.41 -14.09
C LEU A 277 -9.93 6.01 -12.63
N GLY A 278 -9.64 6.93 -11.73
CA GLY A 278 -9.79 6.64 -10.31
C GLY A 278 -10.19 7.88 -9.51
N LEU A 279 -11.27 7.75 -8.75
CA LEU A 279 -11.75 8.86 -7.93
C LEU A 279 -11.80 8.48 -6.45
N GLU A 280 -11.28 9.36 -5.61
CA GLU A 280 -11.27 9.12 -4.17
C GLU A 280 -12.15 10.12 -3.43
N PHE A 281 -12.97 9.62 -2.52
CA PHE A 281 -13.88 10.47 -1.75
C PHE A 281 -13.69 10.23 -0.25
N GLN A 282 -13.33 11.30 0.47
CA GLN A 282 -13.12 11.20 1.91
C GLN A 282 -14.15 12.02 2.66
N ALA A 283 -14.97 11.35 3.46
CA ALA A 283 -16.01 12.02 4.25
C ALA A 283 -15.55 12.23 5.68
N LEU A 284 -15.36 13.49 6.05
CA LEU A 284 -14.93 13.84 7.40
C LEU A 284 -15.55 15.15 7.86
N GLU A 285 -15.08 15.66 9.00
CA GLU A 285 -15.61 16.91 9.54
C GLU A 285 -14.64 17.49 10.57
N MET A 1 4.83 7.29 22.08
CA MET A 1 4.64 8.31 21.06
C MET A 1 5.94 8.59 20.32
N ALA A 2 5.88 9.50 19.37
CA ALA A 2 7.06 9.87 18.59
C ALA A 2 7.59 8.67 17.81
N VAL A 3 6.68 7.92 17.19
CA VAL A 3 7.05 6.74 16.42
C VAL A 3 6.20 6.62 15.16
N PRO A 4 6.48 7.46 14.16
CA PRO A 4 5.76 7.46 12.89
C PRO A 4 6.03 6.22 12.05
N PRO A 5 5.24 6.03 11.00
CA PRO A 5 5.38 4.88 10.11
C PRO A 5 6.64 4.97 9.24
N THR A 6 7.67 4.23 9.64
CA THR A 6 8.93 4.23 8.91
C THR A 6 8.86 3.32 7.68
N TYR A 7 8.11 2.23 7.81
CA TYR A 7 7.95 1.28 6.71
C TYR A 7 7.48 1.99 5.44
N ALA A 8 6.71 3.06 5.62
CA ALA A 8 6.19 3.82 4.50
C ALA A 8 7.25 4.78 3.96
N ASP A 9 8.18 5.18 4.82
CA ASP A 9 9.24 6.10 4.43
C ASP A 9 10.29 5.39 3.56
N LEU A 10 10.17 4.07 3.48
CA LEU A 10 11.11 3.27 2.70
C LEU A 10 11.13 3.74 1.24
N GLY A 11 9.97 4.17 0.76
CA GLY A 11 9.89 4.65 -0.62
C GLY A 11 8.49 4.47 -1.20
N LYS A 12 7.52 5.16 -0.63
CA LYS A 12 6.14 5.09 -1.09
C LYS A 12 6.02 5.58 -2.54
N SER A 13 6.53 6.78 -2.79
CA SER A 13 6.48 7.37 -4.11
C SER A 13 7.27 6.53 -5.12
N ALA A 14 8.51 6.19 -4.74
CA ALA A 14 9.37 5.39 -5.61
C ALA A 14 8.74 4.04 -5.90
N ARG A 15 8.07 3.47 -4.90
CA ARG A 15 7.42 2.17 -5.05
C ARG A 15 6.28 2.25 -6.05
N ASP A 16 5.59 3.39 -6.08
CA ASP A 16 4.47 3.59 -6.99
C ASP A 16 4.92 3.46 -8.43
N VAL A 17 6.04 4.09 -8.77
CA VAL A 17 6.58 4.05 -10.12
C VAL A 17 7.36 2.76 -10.37
N PHE A 18 8.03 2.28 -9.31
CA PHE A 18 8.81 1.06 -9.40
C PHE A 18 7.91 -0.16 -9.63
N THR A 19 6.78 -0.19 -8.94
CA THR A 19 5.84 -1.29 -9.07
C THR A 19 4.52 -0.81 -9.68
N LYS A 20 3.54 -1.72 -9.74
CA LYS A 20 2.24 -1.39 -10.30
C LYS A 20 1.26 -0.98 -9.20
N GLY A 21 -0.01 -0.90 -9.56
CA GLY A 21 -1.03 -0.52 -8.59
C GLY A 21 -1.43 0.95 -8.72
N TYR A 22 -1.73 1.37 -9.94
CA TYR A 22 -2.13 2.75 -10.20
C TYR A 22 -3.49 2.81 -10.87
N GLY A 23 -3.76 1.84 -11.73
CA GLY A 23 -5.03 1.79 -12.42
C GLY A 23 -5.52 0.38 -12.66
N PHE A 24 -6.83 0.17 -12.48
CA PHE A 24 -7.41 -1.15 -12.66
C PHE A 24 -8.18 -1.22 -13.98
N GLY A 25 -8.30 -0.07 -14.65
CA GLY A 25 -9.00 -0.03 -15.92
C GLY A 25 -10.47 0.34 -15.75
N LEU A 26 -10.83 0.82 -14.56
CA LEU A 26 -12.19 1.22 -14.27
C LEU A 26 -12.23 2.32 -13.22
N ILE A 27 -13.44 2.66 -12.78
CA ILE A 27 -13.61 3.70 -11.78
C ILE A 27 -13.64 3.12 -10.37
N LYS A 28 -12.89 3.72 -9.46
CA LYS A 28 -12.83 3.26 -8.08
C LYS A 28 -13.46 4.28 -7.13
N LEU A 29 -13.95 3.80 -5.99
CA LEU A 29 -14.57 4.67 -5.00
C LEU A 29 -14.32 4.15 -3.59
N ASP A 30 -14.01 5.06 -2.68
CA ASP A 30 -13.74 4.70 -1.29
C ASP A 30 -14.07 5.87 -0.36
N LEU A 31 -14.93 5.61 0.61
CA LEU A 31 -15.34 6.64 1.58
C LEU A 31 -15.11 6.16 3.00
N LYS A 32 -14.43 6.99 3.80
CA LYS A 32 -14.14 6.64 5.19
C LYS A 32 -14.90 7.57 6.14
N THR A 33 -15.63 6.97 7.09
CA THR A 33 -16.40 7.74 8.05
C THR A 33 -16.25 7.16 9.45
N LYS A 34 -15.76 7.98 10.37
CA LYS A 34 -15.58 7.56 11.75
C LYS A 34 -15.94 8.67 12.73
N SER A 35 -16.56 8.29 13.84
CA SER A 35 -16.97 9.27 14.86
C SER A 35 -16.71 8.73 16.26
N GLU A 36 -16.49 9.65 17.20
CA GLU A 36 -16.22 9.27 18.58
C GLU A 36 -17.50 8.84 19.29
N ASN A 37 -18.12 7.78 18.78
CA ASN A 37 -19.36 7.26 19.35
C ASN A 37 -19.51 5.78 19.07
N GLY A 38 -18.39 5.12 18.77
CA GLY A 38 -18.43 3.69 18.48
C GLY A 38 -18.98 3.39 17.11
N LEU A 39 -19.41 4.44 16.40
CA LEU A 39 -19.97 4.28 15.06
C LEU A 39 -18.92 4.60 14.00
N GLU A 40 -18.68 3.65 13.10
CA GLU A 40 -17.72 3.83 12.03
C GLU A 40 -18.20 3.18 10.74
N PHE A 41 -18.39 3.99 9.70
CA PHE A 41 -18.84 3.49 8.41
C PHE A 41 -17.73 3.58 7.37
N THR A 42 -17.41 2.44 6.76
CA THR A 42 -16.37 2.38 5.75
C THR A 42 -16.88 1.71 4.47
N SER A 43 -16.89 2.49 3.38
CA SER A 43 -17.36 1.97 2.10
C SER A 43 -16.22 1.95 1.08
N SER A 44 -16.13 0.86 0.33
CA SER A 44 -15.09 0.71 -0.67
C SER A 44 -15.57 -0.17 -1.82
N GLY A 45 -15.14 0.16 -3.04
CA GLY A 45 -15.54 -0.61 -4.20
C GLY A 45 -15.26 0.12 -5.51
N SER A 46 -15.38 -0.60 -6.61
CA SER A 46 -15.14 -0.01 -7.92
C SER A 46 -16.19 -0.48 -8.93
N ALA A 47 -16.19 0.15 -10.10
CA ALA A 47 -17.15 -0.20 -11.14
C ALA A 47 -16.54 0.00 -12.53
N ASN A 48 -16.61 -1.04 -13.35
CA ASN A 48 -16.06 -0.98 -14.70
C ASN A 48 -17.16 -0.61 -15.72
N THR A 49 -16.78 0.19 -16.71
CA THR A 49 -17.72 0.60 -17.74
C THR A 49 -17.65 -0.31 -18.96
N GLU A 50 -17.86 -1.61 -18.72
CA GLU A 50 -17.83 -2.59 -19.80
C GLU A 50 -19.11 -3.42 -19.82
N THR A 51 -19.22 -4.34 -18.87
CA THR A 51 -20.40 -5.20 -18.79
C THR A 51 -20.97 -5.22 -17.37
N THR A 52 -21.46 -4.06 -16.93
CA THR A 52 -22.04 -3.95 -15.59
C THR A 52 -21.25 -4.78 -14.59
N LYS A 53 -19.93 -4.71 -14.67
CA LYS A 53 -19.06 -5.46 -13.77
C LYS A 53 -18.43 -4.54 -12.72
N VAL A 54 -19.07 -4.46 -11.55
CA VAL A 54 -18.57 -3.61 -10.48
C VAL A 54 -18.41 -4.40 -9.18
N THR A 55 -17.44 -4.02 -8.37
CA THR A 55 -17.18 -4.70 -7.10
C THR A 55 -17.48 -3.78 -5.93
N GLY A 56 -18.31 -4.26 -5.00
CA GLY A 56 -18.67 -3.47 -3.83
C GLY A 56 -18.25 -4.13 -2.54
N SER A 57 -17.90 -3.33 -1.55
CA SER A 57 -17.48 -3.85 -0.25
C SER A 57 -17.92 -2.92 0.87
N LEU A 58 -18.49 -3.50 1.93
CA LEU A 58 -18.95 -2.72 3.07
C LEU A 58 -18.29 -3.20 4.36
N GLU A 59 -17.74 -2.27 5.13
CA GLU A 59 -17.08 -2.60 6.38
C GLU A 59 -17.50 -1.63 7.49
N THR A 60 -18.09 -2.18 8.56
CA THR A 60 -18.54 -1.38 9.68
C THR A 60 -17.60 -1.53 10.88
N LYS A 61 -16.99 -0.42 11.28
CA LYS A 61 -16.06 -0.43 12.41
C LYS A 61 -16.69 0.24 13.63
N TYR A 62 -16.19 -0.09 14.81
CA TYR A 62 -16.70 0.48 16.04
C TYR A 62 -15.60 1.20 16.82
N ARG A 63 -15.80 2.49 17.06
CA ARG A 63 -14.82 3.29 17.79
C ARG A 63 -15.07 3.22 19.30
N TRP A 64 -14.29 2.42 19.99
CA TRP A 64 -14.42 2.26 21.43
C TRP A 64 -13.18 2.75 22.15
N THR A 65 -13.37 3.49 23.23
CA THR A 65 -12.26 4.02 24.01
C THR A 65 -11.70 2.96 24.95
N GLU A 66 -10.82 3.39 25.86
CA GLU A 66 -10.20 2.48 26.83
C GLU A 66 -9.30 1.47 26.12
N TYR A 67 -7.99 1.72 26.18
CA TYR A 67 -7.02 0.84 25.55
C TYR A 67 -7.18 0.85 24.04
N GLY A 68 -7.93 1.84 23.53
CA GLY A 68 -8.14 1.94 22.10
C GLY A 68 -8.59 0.63 21.48
N LEU A 69 -9.90 0.43 21.41
CA LEU A 69 -10.46 -0.79 20.83
C LEU A 69 -11.31 -0.47 19.61
N THR A 70 -11.21 -1.33 18.60
CA THR A 70 -11.98 -1.15 17.36
C THR A 70 -12.59 -2.46 16.91
N PHE A 71 -13.91 -2.47 16.77
CA PHE A 71 -14.63 -3.67 16.33
C PHE A 71 -14.99 -3.58 14.86
N THR A 72 -14.49 -4.52 14.07
CA THR A 72 -14.76 -4.54 12.63
C THR A 72 -15.64 -5.73 12.26
N GLU A 73 -16.83 -5.43 11.77
CA GLU A 73 -17.77 -6.48 11.37
C GLU A 73 -18.49 -6.11 10.07
N LYS A 74 -18.44 -7.00 9.09
CA LYS A 74 -19.09 -6.76 7.81
C LYS A 74 -18.59 -7.76 6.77
N TRP A 75 -18.72 -7.39 5.50
CA TRP A 75 -18.28 -8.24 4.40
C TRP A 75 -17.48 -7.46 3.38
N ASN A 76 -16.38 -8.04 2.92
CA ASN A 76 -15.51 -7.40 1.95
C ASN A 76 -15.64 -8.07 0.58
N THR A 77 -15.34 -7.32 -0.48
CA THR A 77 -15.41 -7.84 -1.84
C THR A 77 -14.34 -8.89 -2.08
N ASP A 78 -13.43 -9.04 -1.13
CA ASP A 78 -12.35 -10.02 -1.25
C ASP A 78 -12.88 -11.43 -1.03
N ASN A 79 -14.19 -11.56 -0.86
CA ASN A 79 -14.82 -12.85 -0.65
C ASN A 79 -14.68 -13.28 0.81
N THR A 80 -14.33 -12.34 1.67
CA THR A 80 -14.16 -12.63 3.09
C THR A 80 -15.18 -11.86 3.93
N LEU A 81 -16.06 -12.60 4.61
CA LEU A 81 -17.08 -12.00 5.45
C LEU A 81 -16.98 -12.51 6.88
N GLY A 82 -16.93 -11.58 7.83
CA GLY A 82 -16.84 -11.94 9.23
C GLY A 82 -16.74 -10.75 10.15
N THR A 83 -15.80 -10.80 11.09
CA THR A 83 -15.61 -9.70 12.02
C THR A 83 -14.45 -9.99 12.98
N GLU A 84 -14.20 -9.08 13.91
CA GLU A 84 -13.13 -9.24 14.88
C GLU A 84 -12.92 -7.95 15.68
N ILE A 85 -11.80 -7.89 16.39
CA ILE A 85 -11.48 -6.71 17.20
C ILE A 85 -10.01 -6.32 17.04
N THR A 86 -9.74 -5.02 17.09
CA THR A 86 -8.39 -4.52 16.96
C THR A 86 -8.05 -3.56 18.09
N VAL A 87 -6.97 -3.87 18.82
CA VAL A 87 -6.54 -3.04 19.93
C VAL A 87 -5.20 -2.37 19.62
N GLU A 88 -5.08 -1.10 19.99
CA GLU A 88 -3.84 -0.35 19.76
C GLU A 88 -3.31 0.22 21.06
N ASP A 89 -2.10 -0.19 21.42
CA ASP A 89 -1.46 0.29 22.65
C ASP A 89 -2.25 -0.17 23.88
N GLN A 90 -2.10 -1.43 24.24
CA GLN A 90 -2.80 -1.99 25.40
C GLN A 90 -1.83 -2.26 26.54
N LEU A 91 -0.96 -3.25 26.36
CA LEU A 91 0.01 -3.61 27.37
C LEU A 91 1.01 -2.47 27.59
N ALA A 92 1.93 -2.30 26.64
CA ALA A 92 2.93 -1.26 26.73
C ALA A 92 2.85 -0.31 25.53
N ARG A 93 3.07 0.97 25.78
CA ARG A 93 3.02 1.97 24.73
C ARG A 93 3.89 1.57 23.54
N GLY A 94 3.33 1.70 22.33
CA GLY A 94 4.06 1.34 21.13
C GLY A 94 3.65 -0.02 20.59
N LEU A 95 3.08 -0.85 21.46
CA LEU A 95 2.63 -2.18 21.07
C LEU A 95 1.21 -2.15 20.53
N LYS A 96 1.02 -2.65 19.31
CA LYS A 96 -0.30 -2.68 18.69
C LYS A 96 -0.67 -4.10 18.28
N LEU A 97 -1.87 -4.52 18.68
CA LEU A 97 -2.35 -5.87 18.35
C LEU A 97 -3.66 -5.80 17.58
N THR A 98 -3.67 -6.40 16.38
CA THR A 98 -4.86 -6.40 15.54
C THR A 98 -5.28 -7.82 15.18
N PHE A 99 -6.48 -8.21 15.60
CA PHE A 99 -6.99 -9.54 15.33
C PHE A 99 -8.21 -9.49 14.42
N ASP A 100 -8.09 -10.07 13.24
CA ASP A 100 -9.18 -10.09 12.27
C ASP A 100 -9.57 -11.52 11.90
N SER A 101 -10.88 -11.76 11.79
CA SER A 101 -11.38 -13.08 11.45
C SER A 101 -12.39 -13.01 10.31
N SER A 102 -12.09 -13.71 9.22
CA SER A 102 -12.96 -13.72 8.05
C SER A 102 -13.50 -15.12 7.79
N PHE A 103 -14.67 -15.19 7.16
CA PHE A 103 -15.31 -16.47 6.86
C PHE A 103 -15.58 -16.60 5.36
N SER A 104 -15.33 -17.77 4.81
CA SER A 104 -15.54 -18.02 3.39
C SER A 104 -16.61 -19.10 3.19
N PRO A 105 -17.80 -18.67 2.74
CA PRO A 105 -18.93 -19.57 2.49
C PRO A 105 -18.70 -20.47 1.28
N ASN A 106 -17.98 -19.95 0.30
CA ASN A 106 -17.68 -20.70 -0.91
C ASN A 106 -16.96 -22.01 -0.58
N THR A 107 -16.10 -21.96 0.43
CA THR A 107 -15.35 -23.13 0.85
C THR A 107 -15.99 -23.80 2.06
N GLY A 108 -16.61 -22.99 2.91
CA GLY A 108 -17.26 -23.53 4.09
C GLY A 108 -16.39 -23.43 5.33
N LYS A 109 -15.09 -23.27 5.11
CA LYS A 109 -14.14 -23.17 6.22
C LYS A 109 -13.88 -21.71 6.58
N LYS A 110 -13.63 -21.45 7.87
CA LYS A 110 -13.36 -20.11 8.34
C LYS A 110 -11.86 -19.82 8.35
N ASN A 111 -11.50 -18.55 8.17
CA ASN A 111 -10.10 -18.14 8.17
C ASN A 111 -9.83 -17.11 9.26
N ALA A 112 -8.84 -17.39 10.09
CA ALA A 112 -8.48 -16.49 11.18
C ALA A 112 -7.09 -15.90 10.96
N LYS A 113 -6.94 -14.61 11.25
CA LYS A 113 -5.66 -13.93 11.09
C LYS A 113 -5.38 -13.00 12.27
N ILE A 114 -4.14 -13.00 12.74
CA ILE A 114 -3.75 -12.16 13.86
C ILE A 114 -2.42 -11.46 13.59
N LYS A 115 -2.38 -10.16 13.86
CA LYS A 115 -1.17 -9.37 13.65
C LYS A 115 -0.76 -8.65 14.93
N THR A 116 0.46 -8.93 15.39
CA THR A 116 0.98 -8.31 16.60
C THR A 116 2.35 -7.69 16.36
N GLY A 117 2.44 -6.38 16.54
CA GLY A 117 3.69 -5.68 16.34
C GLY A 117 3.80 -4.43 17.17
N TYR A 118 5.03 -4.01 17.45
CA TYR A 118 5.27 -2.81 18.25
C TYR A 118 6.30 -1.90 17.58
N LYS A 119 5.96 -0.63 17.47
CA LYS A 119 6.85 0.36 16.85
C LYS A 119 7.46 1.27 17.90
N ARG A 120 8.79 1.24 18.01
CA ARG A 120 9.50 2.07 18.97
C ARG A 120 10.31 3.15 18.27
N GLU A 121 10.36 4.33 18.88
CA GLU A 121 11.10 5.45 18.31
C GLU A 121 12.54 5.05 17.97
N HIS A 122 13.05 4.07 18.71
CA HIS A 122 14.41 3.58 18.49
C HIS A 122 14.42 2.44 17.49
N ILE A 123 13.42 1.58 17.56
CA ILE A 123 13.33 0.44 16.65
C ILE A 123 11.86 0.10 16.34
N ASN A 124 11.60 -0.24 15.10
CA ASN A 124 10.24 -0.60 14.68
C ASN A 124 10.14 -2.08 14.35
N LEU A 125 9.34 -2.80 15.11
CA LEU A 125 9.16 -4.24 14.91
C LEU A 125 7.69 -4.57 14.69
N GLY A 126 7.43 -5.48 13.75
CA GLY A 126 6.05 -5.88 13.47
C GLY A 126 5.94 -7.33 13.07
N CYS A 127 5.16 -8.10 13.82
CA CYS A 127 4.97 -9.52 13.54
C CYS A 127 3.54 -9.80 13.10
N ASP A 128 3.39 -10.58 12.04
CA ASP A 128 2.07 -10.92 11.51
C ASP A 128 1.92 -12.43 11.38
N MET A 129 0.70 -12.93 11.59
CA MET A 129 0.42 -14.36 11.49
C MET A 129 -0.90 -14.60 10.79
N ASP A 130 -0.88 -15.44 9.75
CA ASP A 130 -2.09 -15.75 9.00
C ASP A 130 -2.40 -17.25 9.09
N PHE A 131 -3.60 -17.55 9.61
CA PHE A 131 -4.03 -18.94 9.76
C PHE A 131 -4.86 -19.38 8.56
N ASP A 132 -4.39 -20.40 7.86
CA ASP A 132 -5.09 -20.93 6.70
C ASP A 132 -5.28 -22.43 6.81
N ILE A 133 -6.54 -22.87 6.78
CA ILE A 133 -6.86 -24.29 6.88
C ILE A 133 -6.08 -25.10 5.85
N ALA A 134 -6.02 -24.60 4.62
CA ALA A 134 -5.30 -25.26 3.56
C ALA A 134 -3.79 -25.13 3.73
N GLY A 135 -3.38 -24.15 4.54
CA GLY A 135 -1.97 -23.94 4.78
C GLY A 135 -1.69 -22.55 5.34
N PRO A 136 -1.41 -22.48 6.66
CA PRO A 136 -1.12 -21.23 7.34
C PRO A 136 0.23 -20.64 6.93
N SER A 137 0.32 -19.32 6.93
CA SER A 137 1.55 -18.64 6.56
C SER A 137 1.95 -17.62 7.62
N ILE A 138 3.25 -17.38 7.75
CA ILE A 138 3.77 -16.43 8.72
C ILE A 138 4.28 -15.17 8.04
N ARG A 139 3.88 -14.01 8.57
CA ARG A 139 4.30 -12.73 8.02
C ARG A 139 5.22 -12.00 8.98
N GLY A 140 6.36 -11.52 8.46
CA GLY A 140 7.31 -10.80 9.29
C GLY A 140 7.67 -9.44 8.72
N ALA A 141 7.67 -8.43 9.58
CA ALA A 141 7.99 -7.07 9.15
C ALA A 141 8.87 -6.37 10.19
N LEU A 142 10.09 -6.02 9.79
CA LEU A 142 11.02 -5.34 10.69
C LEU A 142 11.55 -4.06 10.05
N VAL A 143 11.38 -2.94 10.74
CA VAL A 143 11.85 -1.65 10.25
C VAL A 143 12.80 -1.00 11.24
N LEU A 144 13.91 -0.48 10.72
CA LEU A 144 14.91 0.19 11.57
C LEU A 144 14.92 1.69 11.33
N GLY A 145 15.12 2.45 12.40
CA GLY A 145 15.15 3.90 12.29
C GLY A 145 16.46 4.49 12.75
N TYR A 146 17.14 5.20 11.84
CA TYR A 146 18.43 5.82 12.17
C TYR A 146 18.43 7.29 11.78
N GLU A 147 19.12 8.11 12.57
CA GLU A 147 19.20 9.54 12.31
C GLU A 147 19.62 9.80 10.86
N GLY A 148 18.63 10.05 10.01
CA GLY A 148 18.91 10.32 8.61
C GLY A 148 18.85 9.07 7.75
N TRP A 149 19.19 7.93 8.35
CA TRP A 149 19.18 6.66 7.64
C TRP A 149 17.97 5.82 8.05
N LEU A 150 17.37 5.14 7.08
CA LEU A 150 16.21 4.29 7.33
C LEU A 150 16.39 2.91 6.72
N ALA A 151 15.95 1.89 7.45
CA ALA A 151 16.06 0.51 6.97
C ALA A 151 14.73 -0.23 7.12
N GLY A 152 14.48 -1.16 6.21
CA GLY A 152 13.25 -1.93 6.26
C GLY A 152 13.40 -3.31 5.67
N TYR A 153 12.82 -4.30 6.34
CA TYR A 153 12.90 -5.69 5.88
C TYR A 153 11.61 -6.44 6.17
N GLN A 154 10.97 -6.92 5.12
CA GLN A 154 9.71 -7.66 5.26
C GLN A 154 9.79 -9.01 4.56
N MET A 155 9.57 -10.08 5.32
CA MET A 155 9.61 -11.43 4.78
C MET A 155 8.61 -12.34 5.49
N ASN A 156 8.11 -13.33 4.76
CA ASN A 156 7.14 -14.27 5.31
C ASN A 156 7.73 -15.66 5.45
N PHE A 157 7.44 -16.33 6.56
CA PHE A 157 7.96 -17.66 6.81
C PHE A 157 6.98 -18.72 6.32
N GLU A 158 7.49 -19.71 5.59
CA GLU A 158 6.66 -20.77 5.06
C GLU A 158 6.33 -21.80 6.15
N THR A 159 5.13 -21.68 6.71
CA THR A 159 4.69 -22.60 7.75
C THR A 159 4.55 -24.02 7.23
N ALA A 160 3.90 -24.16 6.08
CA ALA A 160 3.69 -25.47 5.47
C ALA A 160 5.00 -26.26 5.42
N LYS A 161 6.12 -25.54 5.41
CA LYS A 161 7.43 -26.17 5.37
C LYS A 161 8.33 -25.65 6.49
N SER A 162 9.62 -25.94 6.39
CA SER A 162 10.58 -25.50 7.39
C SER A 162 11.52 -24.44 6.82
N ARG A 163 10.96 -23.54 6.02
CA ARG A 163 11.75 -22.48 5.41
C ARG A 163 10.88 -21.25 5.11
N VAL A 164 11.51 -20.18 4.63
CA VAL A 164 10.79 -18.96 4.31
C VAL A 164 10.05 -19.09 2.99
N THR A 165 8.85 -18.52 2.93
CA THR A 165 8.04 -18.56 1.72
C THR A 165 8.32 -17.36 0.81
N GLN A 166 8.61 -16.23 1.43
CA GLN A 166 8.90 -15.00 0.69
C GLN A 166 9.85 -14.10 1.47
N SER A 167 10.85 -13.56 0.78
CA SER A 167 11.83 -12.69 1.41
C SER A 167 11.91 -11.35 0.67
N ASN A 168 11.60 -10.28 1.38
CA ASN A 168 11.64 -8.94 0.80
C ASN A 168 12.43 -7.98 1.69
N PHE A 169 13.18 -7.08 1.06
CA PHE A 169 13.98 -6.11 1.80
C PHE A 169 13.89 -4.73 1.14
N ALA A 170 14.18 -3.69 1.92
CA ALA A 170 14.14 -2.33 1.42
C ALA A 170 15.07 -1.42 2.22
N VAL A 171 15.78 -0.54 1.51
CA VAL A 171 16.70 0.39 2.16
C VAL A 171 16.31 1.83 1.88
N GLY A 172 16.33 2.66 2.92
CA GLY A 172 15.98 4.06 2.78
C GLY A 172 17.14 4.99 3.10
N TYR A 173 17.65 5.67 2.09
CA TYR A 173 18.76 6.60 2.28
C TYR A 173 18.34 8.04 2.01
N LYS A 174 18.49 8.89 3.03
CA LYS A 174 18.12 10.29 2.90
C LYS A 174 19.36 11.17 2.74
N THR A 175 19.30 12.10 1.79
CA THR A 175 20.41 13.00 1.54
C THR A 175 19.94 14.46 1.50
N ASP A 176 20.90 15.38 1.58
CA ASP A 176 20.59 16.81 1.56
C ASP A 176 19.49 17.11 0.52
N GLU A 177 19.87 17.08 -0.74
CA GLU A 177 18.93 17.35 -1.83
C GLU A 177 18.75 16.13 -2.71
N PHE A 178 19.18 14.98 -2.21
CA PHE A 178 19.06 13.72 -2.96
C PHE A 178 18.37 12.65 -2.11
N GLN A 179 17.66 11.75 -2.78
CA GLN A 179 16.96 10.68 -2.10
C GLN A 179 17.17 9.34 -2.81
N LEU A 180 17.67 8.35 -2.07
CA LEU A 180 17.93 7.03 -2.63
C LEU A 180 17.20 5.95 -1.83
N HIS A 181 16.35 5.20 -2.51
CA HIS A 181 15.60 4.13 -1.87
C HIS A 181 15.72 2.82 -2.65
N THR A 182 16.33 1.82 -2.03
CA THR A 182 16.51 0.52 -2.67
C THR A 182 15.39 -0.44 -2.30
N ASN A 183 15.11 -1.39 -3.18
CA ASN A 183 14.06 -2.38 -2.94
C ASN A 183 14.42 -3.72 -3.56
N VAL A 184 14.14 -4.80 -2.82
CA VAL A 184 14.44 -6.15 -3.30
C VAL A 184 13.27 -7.08 -3.05
N ASN A 185 12.63 -7.51 -4.13
CA ASN A 185 11.49 -8.42 -4.04
C ASN A 185 11.90 -9.86 -4.32
N ASP A 186 12.30 -10.56 -3.28
CA ASP A 186 12.74 -11.95 -3.42
C ASP A 186 14.00 -12.05 -4.26
N GLY A 187 14.49 -13.28 -4.44
CA GLY A 187 15.69 -13.48 -5.22
C GLY A 187 15.46 -13.31 -6.71
N THR A 188 14.20 -13.09 -7.08
CA THR A 188 13.85 -12.90 -8.49
C THR A 188 13.79 -11.42 -8.85
N GLU A 189 13.53 -10.58 -7.85
CA GLU A 189 13.46 -9.14 -8.08
C GLU A 189 14.45 -8.40 -7.18
N PHE A 190 15.45 -7.76 -7.81
CA PHE A 190 16.46 -7.02 -7.07
C PHE A 190 16.80 -5.72 -7.80
N GLY A 191 16.67 -4.61 -7.07
CA GLY A 191 16.97 -3.32 -7.66
C GLY A 191 16.72 -2.17 -6.69
N GLY A 192 16.38 -1.00 -7.22
CA GLY A 192 16.13 0.16 -6.38
C GLY A 192 15.67 1.36 -7.18
N SER A 193 15.23 2.40 -6.48
CA SER A 193 14.76 3.61 -7.13
C SER A 193 15.57 4.82 -6.68
N ILE A 194 15.75 5.78 -7.57
CA ILE A 194 16.50 6.99 -7.27
C ILE A 194 15.63 8.23 -7.42
N TYR A 195 15.53 9.01 -6.36
CA TYR A 195 14.75 10.24 -6.37
C TYR A 195 15.63 11.47 -6.37
N GLN A 196 15.47 12.31 -7.39
CA GLN A 196 16.27 13.53 -7.50
C GLN A 196 15.38 14.75 -7.62
N LYS A 197 15.64 15.77 -6.80
CA LYS A 197 14.86 16.99 -6.82
C LYS A 197 15.65 18.14 -7.46
N VAL A 198 15.03 18.78 -8.45
CA VAL A 198 15.68 19.89 -9.15
C VAL A 198 15.59 21.18 -8.34
N ASN A 199 16.55 22.07 -8.55
CA ASN A 199 16.58 23.35 -7.84
C ASN A 199 15.31 24.15 -8.10
N LYS A 200 14.36 24.07 -7.17
CA LYS A 200 13.09 24.79 -7.30
C LYS A 200 12.63 24.80 -8.75
N LYS A 201 12.35 23.63 -9.30
CA LYS A 201 11.89 23.51 -10.67
C LYS A 201 10.89 22.35 -10.82
N LEU A 202 11.31 21.16 -10.42
CA LEU A 202 10.45 19.98 -10.50
C LEU A 202 11.12 18.77 -9.85
N GLU A 203 10.38 17.68 -9.73
CA GLU A 203 10.90 16.46 -9.12
C GLU A 203 10.92 15.32 -10.13
N THR A 204 11.93 14.47 -10.02
CA THR A 204 12.07 13.33 -10.92
C THR A 204 12.69 12.14 -10.20
N ALA A 205 12.17 10.95 -10.50
CA ALA A 205 12.66 9.72 -9.88
C ALA A 205 12.59 8.55 -10.85
N VAL A 206 13.65 7.75 -10.89
CA VAL A 206 13.71 6.59 -11.78
C VAL A 206 13.73 5.30 -10.98
N ASN A 207 13.17 4.24 -11.58
CA ASN A 207 13.12 2.94 -10.92
C ASN A 207 13.99 1.92 -11.67
N LEU A 208 14.74 1.13 -10.91
CA LEU A 208 15.61 0.12 -11.50
C LEU A 208 15.24 -1.28 -11.01
N ALA A 209 15.08 -2.20 -11.95
CA ALA A 209 14.72 -3.57 -11.61
C ALA A 209 15.65 -4.57 -12.30
N TRP A 210 16.19 -5.50 -11.51
CA TRP A 210 17.10 -6.51 -12.05
C TRP A 210 16.67 -7.91 -11.62
N THR A 211 16.54 -8.81 -12.60
CA THR A 211 16.14 -10.18 -12.32
C THR A 211 17.35 -11.11 -12.28
N ALA A 212 17.68 -11.58 -11.08
CA ALA A 212 18.82 -12.48 -10.91
C ALA A 212 18.69 -13.70 -11.81
N GLY A 213 19.83 -14.25 -12.21
CA GLY A 213 19.83 -15.42 -13.07
C GLY A 213 19.95 -15.06 -14.55
N ASN A 214 19.32 -13.96 -14.93
CA ASN A 214 19.36 -13.51 -16.32
C ASN A 214 19.96 -12.11 -16.42
N SER A 215 20.04 -11.59 -17.64
CA SER A 215 20.60 -10.26 -17.88
C SER A 215 19.51 -9.29 -18.34
N ASN A 216 18.32 -9.42 -17.76
CA ASN A 216 17.20 -8.56 -18.12
C ASN A 216 16.98 -7.49 -17.06
N THR A 217 17.23 -6.24 -17.44
CA THR A 217 17.07 -5.11 -16.53
C THR A 217 15.96 -4.18 -17.00
N ARG A 218 15.15 -3.71 -16.05
CA ARG A 218 14.04 -2.81 -16.37
C ARG A 218 14.33 -1.40 -15.88
N PHE A 219 14.12 -0.42 -16.75
CA PHE A 219 14.36 0.98 -16.39
C PHE A 219 13.08 1.79 -16.46
N GLY A 220 12.87 2.64 -15.47
CA GLY A 220 11.67 3.45 -15.43
C GLY A 220 11.95 4.89 -15.01
N ILE A 221 11.28 5.83 -15.65
CA ILE A 221 11.47 7.25 -15.35
C ILE A 221 10.14 7.91 -14.97
N ALA A 222 10.15 8.63 -13.86
CA ALA A 222 8.95 9.32 -13.39
C ALA A 222 9.23 10.79 -13.12
N ALA A 223 8.21 11.62 -13.25
CA ALA A 223 8.34 13.05 -13.02
C ALA A 223 7.16 13.60 -12.23
N LYS A 224 7.45 14.33 -11.16
CA LYS A 224 6.42 14.91 -10.31
C LYS A 224 6.46 16.43 -10.38
N TYR A 225 5.31 17.04 -10.65
CA TYR A 225 5.21 18.50 -10.73
C TYR A 225 4.02 19.01 -9.93
N GLN A 226 4.27 20.02 -9.11
CA GLN A 226 3.22 20.62 -8.29
C GLN A 226 2.73 21.93 -8.88
N ILE A 227 1.49 21.94 -9.36
CA ILE A 227 0.90 23.13 -9.95
C ILE A 227 -0.06 23.82 -8.97
N ASP A 228 -0.83 23.02 -8.25
CA ASP A 228 -1.79 23.54 -7.29
C ASP A 228 -1.55 22.94 -5.90
N PRO A 229 -2.07 23.61 -4.87
CA PRO A 229 -1.93 23.18 -3.48
C PRO A 229 -2.72 21.91 -3.19
N ASP A 230 -3.85 21.77 -3.86
CA ASP A 230 -4.71 20.60 -3.67
C ASP A 230 -4.68 19.69 -4.89
N ALA A 231 -3.74 19.97 -5.80
CA ALA A 231 -3.59 19.17 -7.02
C ALA A 231 -2.12 18.88 -7.30
N CYS A 232 -1.85 17.66 -7.75
CA CYS A 232 -0.49 17.25 -8.07
C CYS A 232 -0.45 16.43 -9.35
N PHE A 233 0.54 16.72 -10.20
CA PHE A 233 0.68 16.01 -11.46
C PHE A 233 1.92 15.12 -11.45
N SER A 234 1.76 13.88 -11.89
CA SER A 234 2.85 12.92 -11.91
C SER A 234 2.85 12.13 -13.22
N ALA A 235 4.03 11.72 -13.66
CA ALA A 235 4.16 10.96 -14.90
C ALA A 235 5.15 9.79 -14.72
N LYS A 236 4.98 8.77 -15.54
CA LYS A 236 5.85 7.59 -15.48
C LYS A 236 6.05 6.98 -16.86
N VAL A 237 7.24 6.44 -17.10
CA VAL A 237 7.54 5.81 -18.39
C VAL A 237 8.43 4.59 -18.20
N ASN A 238 8.19 3.57 -19.02
CA ASN A 238 8.97 2.34 -18.95
C ASN A 238 9.84 2.17 -20.20
N ASN A 239 10.99 1.54 -20.02
CA ASN A 239 11.92 1.32 -21.12
C ASN A 239 11.25 0.54 -22.25
N SER A 240 10.14 -0.11 -21.93
CA SER A 240 9.40 -0.88 -22.92
C SER A 240 8.51 0.02 -23.77
N SER A 241 8.91 1.29 -23.88
CA SER A 241 8.15 2.26 -24.66
C SER A 241 6.75 2.45 -24.08
N LEU A 242 6.65 2.38 -22.76
CA LEU A 242 5.38 2.55 -22.07
C LEU A 242 5.23 3.97 -21.53
N ILE A 243 4.21 4.67 -22.01
CA ILE A 243 3.96 6.04 -21.57
C ILE A 243 2.73 6.10 -20.68
N GLY A 244 2.94 6.52 -19.43
CA GLY A 244 1.83 6.64 -18.50
C GLY A 244 1.89 7.91 -17.68
N LEU A 245 0.72 8.42 -17.29
CA LEU A 245 0.64 9.63 -16.49
C LEU A 245 -0.52 9.57 -15.52
N GLY A 246 -0.46 10.39 -14.47
CA GLY A 246 -1.52 10.42 -13.48
C GLY A 246 -1.46 11.65 -12.61
N TYR A 247 -2.63 12.25 -12.36
CA TYR A 247 -2.71 13.45 -11.53
C TYR A 247 -3.75 13.29 -10.43
N THR A 248 -3.36 13.65 -9.21
CA THR A 248 -4.26 13.55 -8.06
C THR A 248 -4.65 14.92 -7.54
N GLN A 249 -5.95 15.16 -7.44
CA GLN A 249 -6.46 16.43 -6.95
C GLN A 249 -7.71 16.24 -6.11
N THR A 250 -7.91 17.12 -5.13
CA THR A 250 -9.07 17.04 -4.25
C THR A 250 -10.25 17.82 -4.82
N LEU A 251 -11.45 17.32 -4.60
CA LEU A 251 -12.66 17.97 -5.09
C LEU A 251 -13.25 18.89 -4.03
N LYS A 252 -14.40 19.48 -4.34
CA LYS A 252 -15.08 20.39 -3.41
C LYS A 252 -15.22 19.73 -2.05
N PRO A 253 -15.95 18.60 -1.99
CA PRO A 253 -16.19 17.87 -0.75
C PRO A 253 -14.92 17.20 -0.23
N GLY A 254 -15.09 16.34 0.78
CA GLY A 254 -13.94 15.65 1.35
C GLY A 254 -13.59 14.38 0.59
N ILE A 255 -13.45 14.50 -0.72
CA ILE A 255 -13.11 13.36 -1.56
C ILE A 255 -11.92 13.67 -2.46
N LYS A 256 -10.99 12.73 -2.55
CA LYS A 256 -9.80 12.90 -3.37
C LYS A 256 -9.97 12.19 -4.71
N LEU A 257 -9.64 12.90 -5.79
CA LEU A 257 -9.76 12.33 -7.14
C LEU A 257 -8.40 11.87 -7.64
N THR A 258 -8.33 10.61 -8.05
CA THR A 258 -7.09 10.04 -8.58
C THR A 258 -7.23 9.64 -10.04
N LEU A 259 -6.54 10.36 -10.92
CA LEU A 259 -6.59 10.08 -12.34
C LEU A 259 -5.27 9.47 -12.83
N SER A 260 -5.37 8.36 -13.55
CA SER A 260 -4.18 7.69 -14.07
C SER A 260 -4.46 7.08 -15.44
N ALA A 261 -3.40 6.90 -16.23
CA ALA A 261 -3.53 6.33 -17.56
C ALA A 261 -2.21 5.74 -18.04
N LEU A 262 -2.24 4.49 -18.49
CA LEU A 262 -1.04 3.82 -18.97
C LEU A 262 -1.19 3.42 -20.43
N LEU A 263 -0.27 3.90 -21.26
CA LEU A 263 -0.29 3.60 -22.69
C LEU A 263 0.97 2.85 -23.11
N ASP A 264 0.80 1.57 -23.45
CA ASP A 264 1.92 0.74 -23.87
C ASP A 264 2.14 0.86 -25.38
N GLY A 265 3.11 1.67 -25.77
CA GLY A 265 3.40 1.85 -27.19
C GLY A 265 3.63 0.53 -27.91
N LYS A 266 3.76 -0.54 -27.13
CA LYS A 266 3.99 -1.87 -27.71
C LYS A 266 2.78 -2.31 -28.54
N ASN A 267 1.61 -1.76 -28.22
CA ASN A 267 0.39 -2.11 -28.94
C ASN A 267 -0.73 -1.12 -28.60
N VAL A 268 -0.35 0.02 -28.03
CA VAL A 268 -1.33 1.04 -27.65
C VAL A 268 -1.97 1.67 -28.89
N ASN A 269 -1.22 1.68 -29.99
CA ASN A 269 -1.71 2.26 -31.23
C ASN A 269 -2.74 1.34 -31.89
N ALA A 270 -2.49 0.03 -31.79
CA ALA A 270 -3.39 -0.95 -32.38
C ALA A 270 -4.53 -1.29 -31.42
N GLY A 271 -4.34 -0.97 -30.15
CA GLY A 271 -5.35 -1.25 -29.15
C GLY A 271 -4.79 -1.93 -27.92
N GLY A 272 -4.47 -1.14 -26.90
CA GLY A 272 -3.92 -1.70 -25.68
C GLY A 272 -3.60 -0.63 -24.65
N HIS A 273 -4.59 0.19 -24.32
CA HIS A 273 -4.41 1.27 -23.36
C HIS A 273 -5.23 0.99 -22.09
N LYS A 274 -4.68 1.37 -20.94
CA LYS A 274 -5.35 1.17 -19.67
C LYS A 274 -5.51 2.49 -18.93
N LEU A 275 -6.58 2.60 -18.13
CA LEU A 275 -6.83 3.81 -17.37
C LEU A 275 -7.08 3.47 -15.90
N GLY A 276 -6.70 4.40 -15.01
CA GLY A 276 -6.89 4.18 -13.59
C GLY A 276 -7.53 5.37 -12.91
N LEU A 277 -8.85 5.31 -12.72
CA LEU A 277 -9.58 6.39 -12.07
C LEU A 277 -10.26 5.90 -10.79
N GLY A 278 -10.05 6.63 -9.70
CA GLY A 278 -10.65 6.26 -8.43
C GLY A 278 -10.61 7.38 -7.42
N LEU A 279 -11.65 7.46 -6.59
CA LEU A 279 -11.73 8.50 -5.57
C LEU A 279 -11.75 7.89 -4.17
N GLU A 280 -10.90 8.41 -3.29
CA GLU A 280 -10.83 7.91 -1.92
C GLU A 280 -10.62 9.06 -0.94
N PHE A 281 -11.25 8.95 0.23
CA PHE A 281 -11.14 9.98 1.25
C PHE A 281 -12.09 9.69 2.42
N GLN A 282 -12.63 10.76 3.00
CA GLN A 282 -13.56 10.63 4.12
C GLN A 282 -14.74 11.57 3.96
N ALA A 283 -15.90 11.16 4.47
CA ALA A 283 -17.10 11.98 4.40
C ALA A 283 -17.37 12.69 5.71
N LEU A 284 -17.23 14.00 5.70
CA LEU A 284 -17.46 14.81 6.91
C LEU A 284 -17.92 16.22 6.54
N GLU A 285 -18.19 17.02 7.55
CA GLU A 285 -18.64 18.39 7.34
C GLU A 285 -17.82 19.37 8.17
N MET A 1 10.15 7.50 25.94
CA MET A 1 10.12 6.52 24.86
C MET A 1 9.47 7.08 23.61
N ALA A 2 10.10 6.84 22.47
CA ALA A 2 9.58 7.34 21.19
C ALA A 2 9.76 6.30 20.09
N VAL A 3 8.65 5.69 19.67
CA VAL A 3 8.68 4.68 18.64
C VAL A 3 7.94 5.15 17.39
N PRO A 4 8.60 6.01 16.59
CA PRO A 4 8.02 6.56 15.36
C PRO A 4 7.88 5.50 14.28
N PRO A 5 7.14 5.84 13.21
CA PRO A 5 6.91 4.93 12.08
C PRO A 5 8.17 4.71 11.25
N THR A 6 8.61 3.47 11.16
CA THR A 6 9.81 3.13 10.40
C THR A 6 9.45 2.40 9.11
N TYR A 7 8.61 1.38 9.23
CA TYR A 7 8.19 0.60 8.07
C TYR A 7 7.56 1.50 7.01
N ALA A 8 6.92 2.58 7.47
CA ALA A 8 6.27 3.52 6.56
C ALA A 8 7.29 4.47 5.93
N ASP A 9 8.43 4.64 6.60
CA ASP A 9 9.48 5.51 6.11
C ASP A 9 10.46 4.74 5.23
N LEU A 10 10.08 3.55 4.84
CA LEU A 10 10.92 2.71 4.00
C LEU A 10 11.01 3.28 2.58
N GLY A 11 9.93 3.89 2.12
CA GLY A 11 9.91 4.46 0.79
C GLY A 11 8.50 4.69 0.29
N LYS A 12 7.68 5.35 1.11
CA LYS A 12 6.29 5.63 0.73
C LYS A 12 6.24 6.50 -0.51
N SER A 13 7.02 7.58 -0.52
CA SER A 13 7.06 8.49 -1.65
C SER A 13 7.53 7.77 -2.92
N ALA A 14 8.63 7.04 -2.79
CA ALA A 14 9.19 6.30 -3.92
C ALA A 14 8.21 5.25 -4.43
N ARG A 15 7.51 4.61 -3.49
CA ARG A 15 6.55 3.57 -3.83
C ARG A 15 5.43 4.13 -4.71
N ASP A 16 5.08 5.39 -4.49
CA ASP A 16 4.04 6.04 -5.26
C ASP A 16 4.37 6.04 -6.75
N VAL A 17 5.61 6.38 -7.07
CA VAL A 17 6.06 6.41 -8.46
C VAL A 17 6.05 5.01 -9.06
N PHE A 18 6.51 4.04 -8.29
CA PHE A 18 6.56 2.65 -8.76
C PHE A 18 5.16 2.13 -9.05
N THR A 19 4.20 2.48 -8.19
CA THR A 19 2.82 2.04 -8.36
C THR A 19 2.01 3.10 -9.10
N LYS A 20 2.58 3.65 -10.16
CA LYS A 20 1.92 4.68 -10.95
C LYS A 20 1.97 4.33 -12.44
N GLY A 21 1.29 5.12 -13.26
CA GLY A 21 1.29 4.89 -14.69
C GLY A 21 0.37 3.75 -15.08
N TYR A 22 0.78 2.53 -14.78
CA TYR A 22 -0.01 1.34 -15.11
C TYR A 22 -1.29 1.30 -14.28
N GLY A 23 -2.34 1.95 -14.79
CA GLY A 23 -3.60 1.96 -14.09
C GLY A 23 -4.19 0.57 -13.91
N PHE A 24 -5.40 0.51 -13.35
CA PHE A 24 -6.06 -0.77 -13.10
C PHE A 24 -7.05 -1.07 -14.21
N GLY A 25 -7.22 -0.12 -15.13
CA GLY A 25 -8.15 -0.31 -16.24
C GLY A 25 -9.60 -0.23 -15.79
N LEU A 26 -9.82 0.26 -14.58
CA LEU A 26 -11.16 0.38 -14.04
C LEU A 26 -11.26 1.55 -13.07
N ILE A 27 -12.43 1.72 -12.46
CA ILE A 27 -12.64 2.81 -11.51
C ILE A 27 -12.99 2.26 -10.13
N LYS A 28 -12.17 2.62 -9.14
CA LYS A 28 -12.38 2.17 -7.77
C LYS A 28 -12.43 3.35 -6.81
N LEU A 29 -13.58 3.54 -6.17
CA LEU A 29 -13.76 4.63 -5.22
C LEU A 29 -13.92 4.11 -3.80
N ASP A 30 -13.26 4.77 -2.85
CA ASP A 30 -13.34 4.36 -1.45
C ASP A 30 -13.24 5.59 -0.53
N LEU A 31 -14.14 5.65 0.44
CA LEU A 31 -14.16 6.76 1.39
C LEU A 31 -14.21 6.25 2.82
N LYS A 32 -13.25 6.69 3.64
CA LYS A 32 -13.18 6.29 5.03
C LYS A 32 -13.26 7.49 5.95
N THR A 33 -14.21 7.46 6.88
CA THR A 33 -14.39 8.55 7.83
C THR A 33 -14.27 8.06 9.26
N LYS A 34 -13.32 8.63 10.01
CA LYS A 34 -13.11 8.25 11.40
C LYS A 34 -13.28 9.45 12.32
N SER A 35 -13.75 9.20 13.54
CA SER A 35 -13.96 10.27 14.51
C SER A 35 -13.53 9.81 15.90
N GLU A 36 -13.46 10.76 16.83
CA GLU A 36 -13.05 10.47 18.20
C GLU A 36 -14.23 9.95 19.02
N ASN A 37 -14.91 8.94 18.49
CA ASN A 37 -16.06 8.35 19.17
C ASN A 37 -16.07 6.82 19.02
N GLY A 38 -14.98 6.29 18.48
CA GLY A 38 -14.87 4.85 18.30
C GLY A 38 -15.63 4.37 17.07
N LEU A 39 -16.35 5.29 16.42
CA LEU A 39 -17.12 4.95 15.24
C LEU A 39 -16.36 5.33 13.97
N GLU A 40 -16.23 4.38 13.04
CA GLU A 40 -15.53 4.62 11.79
C GLU A 40 -16.26 3.96 10.63
N PHE A 41 -16.70 4.76 9.68
CA PHE A 41 -17.42 4.25 8.51
C PHE A 41 -16.50 4.23 7.29
N THR A 42 -16.42 3.07 6.65
CA THR A 42 -15.58 2.90 5.46
C THR A 42 -16.38 2.32 4.30
N SER A 43 -16.50 3.09 3.22
CA SER A 43 -17.23 2.65 2.05
C SER A 43 -16.28 2.23 0.93
N SER A 44 -16.55 1.09 0.31
CA SER A 44 -15.72 0.58 -0.77
C SER A 44 -16.56 0.27 -2.01
N GLY A 45 -16.15 0.83 -3.14
CA GLY A 45 -16.88 0.60 -4.38
C GLY A 45 -15.96 0.47 -5.58
N SER A 46 -16.16 -0.60 -6.36
CA SER A 46 -15.33 -0.84 -7.54
C SER A 46 -16.21 -1.09 -8.76
N ALA A 47 -15.83 -0.47 -9.88
CA ALA A 47 -16.57 -0.63 -11.12
C ALA A 47 -15.64 -0.87 -12.29
N ASN A 48 -15.93 -1.92 -13.08
CA ASN A 48 -15.10 -2.26 -14.23
C ASN A 48 -15.64 -1.58 -15.49
N THR A 49 -14.72 -1.03 -16.30
CA THR A 49 -15.10 -0.36 -17.53
C THR A 49 -14.97 -1.30 -18.72
N GLU A 50 -13.78 -1.86 -18.91
CA GLU A 50 -13.53 -2.77 -20.02
C GLU A 50 -14.60 -3.86 -20.07
N THR A 51 -15.07 -4.28 -18.90
CA THR A 51 -16.09 -5.32 -18.81
C THR A 51 -17.13 -4.99 -17.74
N THR A 52 -18.26 -5.69 -17.78
CA THR A 52 -19.32 -5.48 -16.81
C THR A 52 -19.00 -6.16 -15.48
N LYS A 53 -18.24 -5.47 -14.64
CA LYS A 53 -17.86 -6.00 -13.33
C LYS A 53 -17.78 -4.88 -12.29
N VAL A 54 -18.92 -4.50 -11.75
CA VAL A 54 -18.98 -3.45 -10.73
C VAL A 54 -19.71 -3.93 -9.48
N THR A 55 -19.00 -3.91 -8.36
CA THR A 55 -19.58 -4.34 -7.09
C THR A 55 -19.18 -3.40 -5.95
N GLY A 56 -19.94 -3.45 -4.86
CA GLY A 56 -19.64 -2.59 -3.73
C GLY A 56 -19.58 -3.37 -2.42
N SER A 57 -18.92 -2.80 -1.43
CA SER A 57 -18.78 -3.44 -0.12
C SER A 57 -18.75 -2.41 0.99
N LEU A 58 -19.02 -2.85 2.21
CA LEU A 58 -19.03 -1.97 3.37
C LEU A 58 -17.99 -2.42 4.40
N GLU A 59 -17.19 -1.47 4.87
CA GLU A 59 -16.15 -1.77 5.87
C GLU A 59 -16.43 -1.04 7.16
N THR A 60 -16.52 -1.79 8.26
CA THR A 60 -16.78 -1.21 9.58
C THR A 60 -15.51 -1.16 10.42
N LYS A 61 -15.16 0.02 10.92
CA LYS A 61 -13.98 0.19 11.74
C LYS A 61 -14.30 1.03 12.97
N TYR A 62 -13.45 0.92 14.00
CA TYR A 62 -13.64 1.67 15.23
C TYR A 62 -12.34 2.34 15.66
N ARG A 63 -12.45 3.56 16.17
CA ARG A 63 -11.28 4.31 16.62
C ARG A 63 -11.50 4.88 18.01
N TRP A 64 -10.91 4.24 19.01
CA TRP A 64 -11.04 4.68 20.40
C TRP A 64 -9.69 5.13 20.96
N THR A 65 -9.62 6.39 21.38
CA THR A 65 -8.40 6.94 21.94
C THR A 65 -7.29 6.99 20.89
N GLU A 66 -6.81 8.19 20.59
CA GLU A 66 -5.75 8.36 19.60
C GLU A 66 -4.57 7.44 19.91
N TYR A 67 -4.32 6.50 18.99
CA TYR A 67 -3.22 5.56 19.17
C TYR A 67 -3.46 4.64 20.37
N GLY A 68 -4.60 3.94 20.34
CA GLY A 68 -4.93 3.04 21.43
C GLY A 68 -5.65 1.80 20.95
N LEU A 69 -6.90 1.97 20.52
CA LEU A 69 -7.69 0.84 20.04
C LEU A 69 -8.22 1.12 18.63
N THR A 70 -8.00 0.17 17.73
CA THR A 70 -8.46 0.31 16.35
C THR A 70 -9.06 -1.00 15.83
N PHE A 71 -10.26 -0.91 15.28
CA PHE A 71 -10.94 -2.08 14.75
C PHE A 71 -11.11 -1.97 13.23
N THR A 72 -10.78 -3.06 12.53
CA THR A 72 -10.89 -3.10 11.09
C THR A 72 -11.73 -4.28 10.61
N GLU A 73 -12.87 -3.99 10.01
CA GLU A 73 -13.76 -5.03 9.52
C GLU A 73 -14.21 -4.74 8.09
N LYS A 74 -14.20 -5.77 7.25
CA LYS A 74 -14.59 -5.63 5.86
C LYS A 74 -15.73 -6.59 5.51
N TRP A 75 -16.95 -6.10 5.61
CA TRP A 75 -18.13 -6.92 5.31
C TRP A 75 -18.59 -6.71 3.87
N ASN A 76 -18.70 -7.81 3.12
CA ASN A 76 -19.13 -7.75 1.74
C ASN A 76 -20.63 -7.96 1.62
N THR A 77 -21.27 -7.15 0.77
CA THR A 77 -22.72 -7.25 0.56
C THR A 77 -23.09 -8.57 -0.08
N ASP A 78 -22.25 -9.04 -0.99
CA ASP A 78 -22.49 -10.30 -1.68
C ASP A 78 -21.47 -11.36 -1.27
N ASN A 79 -20.23 -10.92 -1.07
CA ASN A 79 -19.15 -11.83 -0.66
C ASN A 79 -19.25 -12.16 0.82
N THR A 80 -18.16 -12.67 1.38
CA THR A 80 -18.12 -13.04 2.80
C THR A 80 -17.89 -11.81 3.67
N LEU A 81 -18.28 -11.91 4.93
CA LEU A 81 -18.12 -10.81 5.88
C LEU A 81 -16.84 -10.99 6.71
N GLY A 82 -15.93 -10.04 6.60
CA GLY A 82 -14.69 -10.11 7.34
C GLY A 82 -14.66 -9.15 8.51
N THR A 83 -14.03 -9.57 9.61
CA THR A 83 -13.93 -8.74 10.80
C THR A 83 -12.60 -8.96 11.51
N GLU A 84 -11.87 -7.87 11.74
CA GLU A 84 -10.58 -7.94 12.41
C GLU A 84 -10.46 -6.85 13.47
N ILE A 85 -9.68 -7.12 14.50
CA ILE A 85 -9.47 -6.16 15.58
C ILE A 85 -7.98 -5.95 15.85
N THR A 86 -7.60 -4.70 16.09
CA THR A 86 -6.21 -4.38 16.37
C THR A 86 -6.09 -3.53 17.64
N VAL A 87 -5.34 -4.02 18.61
CA VAL A 87 -5.15 -3.32 19.87
C VAL A 87 -3.68 -2.99 20.10
N GLU A 88 -3.40 -1.76 20.50
CA GLU A 88 -2.04 -1.31 20.75
C GLU A 88 -1.77 -1.18 22.24
N ASP A 89 -0.69 -1.81 22.70
CA ASP A 89 -0.33 -1.77 24.12
C ASP A 89 -1.42 -2.38 24.98
N GLN A 90 -1.78 -3.62 24.69
CA GLN A 90 -2.81 -4.32 25.44
C GLN A 90 -2.39 -4.52 26.89
N LEU A 91 -1.37 -5.36 27.08
CA LEU A 91 -0.88 -5.65 28.42
C LEU A 91 0.47 -4.97 28.66
N ALA A 92 1.42 -5.22 27.77
CA ALA A 92 2.75 -4.64 27.87
C ALA A 92 2.95 -3.53 26.83
N ARG A 93 3.30 -2.34 27.30
CA ARG A 93 3.52 -1.21 26.41
C ARG A 93 4.48 -1.58 25.28
N GLY A 94 4.11 -1.21 24.06
CA GLY A 94 4.96 -1.51 22.91
C GLY A 94 4.48 -2.73 22.14
N LEU A 95 3.74 -3.60 22.82
CA LEU A 95 3.21 -4.81 22.20
C LEU A 95 1.84 -4.55 21.58
N LYS A 96 1.65 -5.04 20.36
CA LYS A 96 0.38 -4.87 19.66
C LYS A 96 -0.21 -6.22 19.27
N LEU A 97 -1.48 -6.42 19.58
CA LEU A 97 -2.17 -7.67 19.26
C LEU A 97 -3.31 -7.43 18.27
N THR A 98 -3.34 -8.22 17.22
CA THR A 98 -4.39 -8.10 16.20
C THR A 98 -5.04 -9.45 15.91
N PHE A 99 -6.36 -9.50 16.04
CA PHE A 99 -7.10 -10.74 15.79
C PHE A 99 -8.04 -10.57 14.59
N ASP A 100 -7.78 -11.35 13.54
CA ASP A 100 -8.60 -11.29 12.34
C ASP A 100 -9.44 -12.56 12.20
N SER A 101 -10.73 -12.38 11.90
CA SER A 101 -11.64 -13.49 11.74
C SER A 101 -12.64 -13.23 10.63
N SER A 102 -12.75 -14.18 9.71
CA SER A 102 -13.68 -14.05 8.57
C SER A 102 -14.87 -14.98 8.73
N PHE A 103 -16.00 -14.58 8.17
CA PHE A 103 -17.22 -15.38 8.25
C PHE A 103 -17.89 -15.49 6.88
N SER A 104 -18.26 -16.71 6.50
CA SER A 104 -18.91 -16.95 5.22
C SER A 104 -20.20 -17.74 5.40
N PRO A 105 -21.34 -17.07 5.19
CA PRO A 105 -22.66 -17.69 5.32
C PRO A 105 -22.93 -18.70 4.22
N ASN A 106 -22.14 -18.65 3.15
CA ASN A 106 -22.31 -19.57 2.04
C ASN A 106 -22.40 -21.01 2.53
N THR A 107 -21.28 -21.54 3.00
CA THR A 107 -21.24 -22.91 3.51
C THR A 107 -20.62 -22.97 4.90
N GLY A 108 -20.82 -21.91 5.68
CA GLY A 108 -20.28 -21.86 7.02
C GLY A 108 -18.76 -21.79 7.03
N LYS A 109 -18.19 -21.29 5.94
CA LYS A 109 -16.74 -21.16 5.83
C LYS A 109 -16.22 -20.04 6.71
N LYS A 110 -15.39 -20.40 7.70
CA LYS A 110 -14.82 -19.41 8.61
C LYS A 110 -13.30 -19.37 8.47
N ASN A 111 -12.73 -18.18 8.69
CA ASN A 111 -11.29 -18.00 8.58
C ASN A 111 -10.72 -17.51 9.90
N ALA A 112 -9.63 -18.14 10.34
CA ALA A 112 -8.97 -17.77 11.60
C ALA A 112 -7.58 -17.21 11.33
N LYS A 113 -7.35 -15.98 11.77
CA LYS A 113 -6.05 -15.34 11.59
C LYS A 113 -5.64 -14.58 12.84
N ILE A 114 -4.37 -14.68 13.21
CA ILE A 114 -3.85 -14.01 14.39
C ILE A 114 -2.53 -13.31 14.09
N LYS A 115 -2.48 -12.00 14.34
CA LYS A 115 -1.27 -11.22 14.10
C LYS A 115 -0.77 -10.60 15.38
N THR A 116 0.47 -10.92 15.76
CA THR A 116 1.07 -10.39 16.98
C THR A 116 2.43 -9.77 16.69
N GLY A 117 2.61 -8.52 17.07
CA GLY A 117 3.87 -7.84 16.85
C GLY A 117 4.16 -6.77 17.90
N TYR A 118 5.42 -6.44 18.06
CA TYR A 118 5.83 -5.43 19.04
C TYR A 118 6.79 -4.42 18.41
N LYS A 119 6.50 -3.14 18.61
CA LYS A 119 7.33 -2.07 18.08
C LYS A 119 8.12 -1.39 19.19
N ARG A 120 9.44 -1.47 19.11
CA ARG A 120 10.31 -0.85 20.11
C ARG A 120 11.06 0.34 19.51
N GLU A 121 11.24 1.38 20.32
CA GLU A 121 11.94 2.58 19.89
C GLU A 121 13.31 2.23 19.29
N HIS A 122 13.88 1.12 19.75
CA HIS A 122 15.18 0.67 19.27
C HIS A 122 15.02 -0.20 18.03
N ILE A 123 14.01 -1.06 18.04
CA ILE A 123 13.76 -1.96 16.93
C ILE A 123 12.26 -2.24 16.77
N ASN A 124 11.82 -2.37 15.52
CA ASN A 124 10.41 -2.64 15.24
C ASN A 124 10.23 -4.06 14.72
N LEU A 125 9.45 -4.85 15.45
CA LEU A 125 9.19 -6.24 15.07
C LEU A 125 7.69 -6.49 14.94
N GLY A 126 7.31 -7.26 13.92
CA GLY A 126 5.90 -7.56 13.70
C GLY A 126 5.70 -8.95 13.15
N CYS A 127 4.93 -9.78 13.87
CA CYS A 127 4.66 -11.14 13.44
C CYS A 127 3.19 -11.31 13.07
N ASP A 128 2.94 -11.96 11.93
CA ASP A 128 1.58 -12.19 11.47
C ASP A 128 1.37 -13.66 11.11
N MET A 129 0.25 -14.21 11.58
CA MET A 129 -0.08 -15.61 11.31
C MET A 129 -1.48 -15.75 10.73
N ASP A 130 -1.59 -16.46 9.61
CA ASP A 130 -2.88 -16.66 8.97
C ASP A 130 -3.18 -18.14 8.81
N PHE A 131 -4.28 -18.58 9.41
CA PHE A 131 -4.69 -19.98 9.35
C PHE A 131 -5.68 -20.21 8.20
N ASP A 132 -5.39 -21.18 7.36
CA ASP A 132 -6.25 -21.51 6.23
C ASP A 132 -6.46 -23.01 6.11
N ILE A 133 -7.71 -23.44 6.14
CA ILE A 133 -8.04 -24.86 6.05
C ILE A 133 -7.45 -25.47 4.77
N ALA A 134 -7.22 -24.63 3.77
CA ALA A 134 -6.65 -25.09 2.51
C ALA A 134 -5.13 -24.97 2.52
N GLY A 135 -4.61 -24.14 3.42
CA GLY A 135 -3.17 -23.95 3.51
C GLY A 135 -2.79 -22.71 4.30
N PRO A 136 -2.45 -22.90 5.58
CA PRO A 136 -2.07 -21.80 6.46
C PRO A 136 -0.72 -21.20 6.10
N SER A 137 -0.64 -19.87 6.14
CA SER A 137 0.60 -19.17 5.80
C SER A 137 1.00 -18.21 6.92
N ILE A 138 2.28 -17.84 6.94
CA ILE A 138 2.79 -16.92 7.95
C ILE A 138 3.44 -15.70 7.30
N ARG A 139 3.22 -14.53 7.90
CA ARG A 139 3.79 -13.29 7.39
C ARG A 139 4.67 -12.62 8.44
N GLY A 140 5.95 -12.43 8.10
CA GLY A 140 6.87 -11.81 9.03
C GLY A 140 7.33 -10.44 8.55
N ALA A 141 7.32 -9.47 9.46
CA ALA A 141 7.74 -8.11 9.13
C ALA A 141 8.66 -7.54 10.19
N LEU A 142 9.87 -7.17 9.79
CA LEU A 142 10.86 -6.62 10.71
C LEU A 142 11.47 -5.34 10.14
N VAL A 143 11.41 -4.27 10.91
CA VAL A 143 11.97 -2.99 10.49
C VAL A 143 12.92 -2.42 11.54
N LEU A 144 14.08 -1.96 11.11
CA LEU A 144 15.07 -1.39 12.01
C LEU A 144 15.19 0.12 11.81
N GLY A 145 15.30 0.85 12.92
CA GLY A 145 15.42 2.30 12.83
C GLY A 145 16.79 2.79 13.28
N TYR A 146 17.45 3.54 12.41
CA TYR A 146 18.77 4.07 12.72
C TYR A 146 18.87 5.54 12.33
N GLU A 147 19.62 6.30 13.13
CA GLU A 147 19.79 7.73 12.88
C GLU A 147 20.20 7.98 11.43
N GLY A 148 19.22 8.30 10.59
CA GLY A 148 19.50 8.56 9.20
C GLY A 148 19.42 7.31 8.35
N TRP A 149 19.66 6.16 8.97
CA TRP A 149 19.63 4.88 8.25
C TRP A 149 18.36 4.11 8.61
N LEU A 150 17.72 3.54 7.59
CA LEU A 150 16.50 2.77 7.79
C LEU A 150 16.59 1.41 7.10
N ALA A 151 16.13 0.38 7.79
CA ALA A 151 16.15 -0.98 7.24
C ALA A 151 14.78 -1.64 7.37
N GLY A 152 14.37 -2.33 6.32
CA GLY A 152 13.08 -3.02 6.34
C GLY A 152 13.15 -4.39 5.70
N TYR A 153 12.52 -5.37 6.35
CA TYR A 153 12.51 -6.73 5.83
C TYR A 153 11.14 -7.37 6.02
N GLN A 154 10.51 -7.76 4.91
CA GLN A 154 9.20 -8.38 4.95
C GLN A 154 9.17 -9.64 4.08
N MET A 155 8.83 -10.77 4.69
CA MET A 155 8.76 -12.04 3.98
C MET A 155 7.64 -12.92 4.54
N ASN A 156 7.18 -13.86 3.72
CA ASN A 156 6.11 -14.76 4.14
C ASN A 156 6.63 -16.19 4.26
N PHE A 157 6.50 -16.77 5.45
CA PHE A 157 6.96 -18.13 5.70
C PHE A 157 5.90 -19.15 5.28
N GLU A 158 6.30 -20.13 4.47
CA GLU A 158 5.39 -21.15 4.00
C GLU A 158 5.28 -22.29 5.01
N THR A 159 4.14 -22.36 5.68
CA THR A 159 3.91 -23.40 6.67
C THR A 159 3.85 -24.78 6.02
N ALA A 160 3.08 -24.91 4.95
CA ALA A 160 2.95 -26.16 4.24
C ALA A 160 4.32 -26.76 3.92
N LYS A 161 5.32 -25.90 3.82
CA LYS A 161 6.68 -26.35 3.52
C LYS A 161 7.62 -26.02 4.68
N SER A 162 8.93 -26.12 4.42
CA SER A 162 9.93 -25.83 5.43
C SER A 162 10.75 -24.61 5.06
N ARG A 163 10.09 -23.61 4.46
CA ARG A 163 10.76 -22.39 4.06
C ARG A 163 9.74 -21.32 3.67
N VAL A 164 10.23 -20.12 3.37
CA VAL A 164 9.37 -19.01 2.99
C VAL A 164 8.97 -19.12 1.52
N THR A 165 7.72 -18.76 1.23
CA THR A 165 7.21 -18.81 -0.14
C THR A 165 7.43 -17.48 -0.86
N GLN A 166 7.51 -16.40 -0.09
CA GLN A 166 7.72 -15.07 -0.65
C GLN A 166 8.70 -14.26 0.20
N SER A 167 9.66 -13.63 -0.46
CA SER A 167 10.66 -12.83 0.23
C SER A 167 10.70 -11.41 -0.32
N ASN A 168 10.66 -10.43 0.58
CA ASN A 168 10.68 -9.02 0.18
C ASN A 168 11.63 -8.22 1.07
N PHE A 169 12.40 -7.34 0.47
CA PHE A 169 13.35 -6.51 1.20
C PHE A 169 13.24 -5.05 0.78
N ALA A 170 13.43 -4.14 1.73
CA ALA A 170 13.36 -2.71 1.45
C ALA A 170 14.27 -1.92 2.39
N VAL A 171 14.98 -0.96 1.84
CA VAL A 171 15.89 -0.13 2.62
C VAL A 171 15.51 1.34 2.52
N GLY A 172 15.61 2.05 3.65
CA GLY A 172 15.28 3.46 3.68
C GLY A 172 16.48 4.34 3.97
N TYR A 173 16.73 5.31 3.11
CA TYR A 173 17.86 6.22 3.28
C TYR A 173 17.40 7.67 3.19
N LYS A 174 17.65 8.43 4.25
CA LYS A 174 17.28 9.84 4.29
C LYS A 174 18.49 10.74 4.08
N THR A 175 18.34 11.74 3.21
CA THR A 175 19.42 12.66 2.91
C THR A 175 18.97 14.11 3.09
N ASP A 176 19.93 15.03 3.15
CA ASP A 176 19.63 16.44 3.31
C ASP A 176 18.40 16.83 2.51
N GLU A 177 18.57 16.97 1.20
CA GLU A 177 17.47 17.35 0.32
C GLU A 177 17.17 16.23 -0.68
N PHE A 178 17.71 15.06 -0.43
CA PHE A 178 17.51 13.91 -1.31
C PHE A 178 16.96 12.71 -0.53
N GLN A 179 16.19 11.88 -1.21
CA GLN A 179 15.59 10.70 -0.59
C GLN A 179 15.87 9.45 -1.42
N LEU A 180 16.45 8.44 -0.79
CA LEU A 180 16.77 7.19 -1.47
C LEU A 180 16.11 6.01 -0.77
N HIS A 181 15.32 5.24 -1.52
CA HIS A 181 14.64 4.07 -0.96
C HIS A 181 14.86 2.85 -1.84
N THR A 182 15.52 1.84 -1.29
CA THR A 182 15.79 0.61 -2.02
C THR A 182 14.74 -0.45 -1.74
N ASN A 183 14.55 -1.36 -2.69
CA ASN A 183 13.57 -2.43 -2.54
C ASN A 183 13.84 -3.56 -3.53
N VAL A 184 13.68 -4.79 -3.08
CA VAL A 184 13.89 -5.95 -3.92
C VAL A 184 12.76 -6.97 -3.77
N ASN A 185 12.32 -7.53 -4.89
CA ASN A 185 11.24 -8.51 -4.89
C ASN A 185 11.80 -9.93 -4.93
N ASP A 186 12.07 -10.49 -3.74
CA ASP A 186 12.61 -11.83 -3.64
C ASP A 186 14.06 -11.88 -4.10
N GLY A 187 14.62 -13.08 -4.15
CA GLY A 187 16.00 -13.25 -4.58
C GLY A 187 16.15 -13.20 -6.09
N THR A 188 15.04 -12.97 -6.79
CA THR A 188 15.05 -12.90 -8.24
C THR A 188 14.91 -11.46 -8.73
N GLU A 189 14.34 -10.61 -7.88
CA GLU A 189 14.14 -9.21 -8.23
C GLU A 189 14.85 -8.29 -7.24
N PHE A 190 15.74 -7.45 -7.75
CA PHE A 190 16.49 -6.53 -6.90
C PHE A 190 16.60 -5.15 -7.57
N GLY A 191 16.17 -4.13 -6.85
CA GLY A 191 16.23 -2.77 -7.38
C GLY A 191 16.03 -1.72 -6.31
N GLY A 192 15.58 -0.54 -6.72
CA GLY A 192 15.37 0.54 -5.77
C GLY A 192 14.66 1.73 -6.39
N SER A 193 14.63 2.84 -5.67
CA SER A 193 13.98 4.06 -6.16
C SER A 193 14.68 5.31 -5.65
N ILE A 194 14.71 6.34 -6.48
CA ILE A 194 15.35 7.60 -6.10
C ILE A 194 14.36 8.75 -6.13
N TYR A 195 14.39 9.57 -5.08
CA TYR A 195 13.48 10.71 -4.99
C TYR A 195 14.27 12.02 -4.93
N GLN A 196 14.01 12.90 -5.90
CA GLN A 196 14.69 14.18 -5.97
C GLN A 196 13.70 15.33 -5.90
N LYS A 197 13.97 16.30 -5.04
CA LYS A 197 13.10 17.47 -4.88
C LYS A 197 13.60 18.64 -5.71
N VAL A 198 12.73 19.21 -6.53
CA VAL A 198 13.08 20.34 -7.38
C VAL A 198 14.13 19.95 -8.41
N ASN A 199 13.74 19.09 -9.34
CA ASN A 199 14.65 18.63 -10.39
C ASN A 199 14.21 19.14 -11.75
N LYS A 200 12.90 19.21 -11.96
CA LYS A 200 12.35 19.69 -13.22
C LYS A 200 11.48 20.92 -13.00
N LYS A 201 10.35 20.73 -12.34
CA LYS A 201 9.42 21.83 -12.05
C LYS A 201 9.03 21.85 -10.58
N LEU A 202 8.86 20.67 -10.00
CA LEU A 202 8.50 20.56 -8.59
C LEU A 202 9.13 19.32 -7.96
N GLU A 203 8.58 18.15 -8.29
CA GLU A 203 9.10 16.90 -7.75
C GLU A 203 9.46 15.93 -8.88
N THR A 204 10.54 15.19 -8.70
CA THR A 204 10.99 14.23 -9.69
C THR A 204 11.63 13.01 -9.04
N ALA A 205 11.32 11.83 -9.56
CA ALA A 205 11.85 10.59 -9.02
C ALA A 205 11.97 9.53 -10.12
N VAL A 206 12.76 8.50 -9.85
CA VAL A 206 12.96 7.41 -10.81
C VAL A 206 12.94 6.06 -10.12
N ASN A 207 12.48 5.04 -10.84
CA ASN A 207 12.42 3.68 -10.30
C ASN A 207 13.40 2.76 -11.01
N LEU A 208 14.10 1.95 -10.23
CA LEU A 208 15.07 1.01 -10.80
C LEU A 208 14.72 -0.42 -10.40
N ALA A 209 15.00 -1.36 -11.31
CA ALA A 209 14.71 -2.77 -11.07
C ALA A 209 15.65 -3.67 -11.87
N TRP A 210 16.14 -4.73 -11.24
CA TRP A 210 17.04 -5.66 -11.90
C TRP A 210 16.58 -7.10 -11.70
N THR A 211 16.60 -7.88 -12.78
CA THR A 211 16.18 -9.28 -12.72
C THR A 211 17.38 -10.20 -12.57
N ALA A 212 17.56 -10.73 -11.36
CA ALA A 212 18.67 -11.63 -11.08
C ALA A 212 18.73 -12.76 -12.10
N GLY A 213 19.92 -13.02 -12.63
CA GLY A 213 20.08 -14.08 -13.62
C GLY A 213 20.56 -13.57 -14.96
N ASN A 214 19.64 -12.93 -15.70
CA ASN A 214 19.98 -12.38 -17.01
C ASN A 214 18.76 -11.72 -17.64
N SER A 215 18.78 -10.38 -17.67
CA SER A 215 17.68 -9.63 -18.25
C SER A 215 18.01 -8.14 -18.30
N ASN A 216 17.29 -7.40 -19.13
CA ASN A 216 17.51 -5.97 -19.28
C ASN A 216 17.21 -5.24 -17.97
N THR A 217 17.84 -4.08 -17.79
CA THR A 217 17.64 -3.28 -16.58
C THR A 217 16.36 -2.47 -16.66
N ARG A 218 15.58 -2.49 -15.59
CA ARG A 218 14.32 -1.75 -15.54
C ARG A 218 14.54 -0.33 -15.00
N PHE A 219 14.24 0.65 -15.83
CA PHE A 219 14.41 2.05 -15.44
C PHE A 219 13.14 2.86 -15.73
N GLY A 220 12.76 3.72 -14.79
CA GLY A 220 11.58 4.53 -14.96
C GLY A 220 11.74 5.94 -14.42
N ILE A 221 11.20 6.91 -15.13
CA ILE A 221 11.31 8.30 -14.72
C ILE A 221 9.92 8.92 -14.52
N ALA A 222 9.73 9.58 -13.38
CA ALA A 222 8.46 10.21 -13.07
C ALA A 222 8.66 11.60 -12.46
N ALA A 223 7.70 12.48 -12.67
CA ALA A 223 7.77 13.84 -12.14
C ALA A 223 6.40 14.35 -11.75
N LYS A 224 6.30 14.87 -10.52
CA LYS A 224 5.03 15.40 -10.02
C LYS A 224 5.01 16.92 -10.07
N TYR A 225 4.00 17.48 -10.72
CA TYR A 225 3.87 18.92 -10.85
C TYR A 225 2.53 19.39 -10.32
N GLN A 226 2.56 20.22 -9.27
CA GLN A 226 1.34 20.75 -8.67
C GLN A 226 0.89 22.01 -9.38
N ILE A 227 -0.16 21.88 -10.20
CA ILE A 227 -0.69 23.02 -10.94
C ILE A 227 -1.64 23.84 -10.08
N ASP A 228 -2.33 23.17 -9.16
CA ASP A 228 -3.26 23.85 -8.26
C ASP A 228 -3.57 22.98 -7.05
N PRO A 229 -4.09 23.61 -5.99
CA PRO A 229 -4.44 22.92 -4.74
C PRO A 229 -5.64 22.00 -4.91
N ASP A 230 -6.28 22.06 -6.07
CA ASP A 230 -7.44 21.23 -6.35
C ASP A 230 -7.12 20.21 -7.44
N ALA A 231 -6.14 20.53 -8.28
CA ALA A 231 -5.75 19.63 -9.36
C ALA A 231 -4.24 19.58 -9.50
N CYS A 232 -3.72 18.40 -9.86
CA CYS A 232 -2.29 18.21 -10.01
C CYS A 232 -1.98 17.41 -11.27
N PHE A 233 -0.89 17.75 -11.95
CA PHE A 233 -0.49 17.07 -13.17
C PHE A 233 0.88 16.40 -12.99
N SER A 234 0.98 15.15 -13.43
CA SER A 234 2.22 14.39 -13.31
C SER A 234 2.53 13.65 -14.60
N ALA A 235 3.81 13.42 -14.86
CA ALA A 235 4.24 12.72 -16.07
C ALA A 235 5.38 11.75 -15.76
N LYS A 236 5.39 10.62 -16.48
CA LYS A 236 6.43 9.62 -16.28
C LYS A 236 6.54 8.71 -17.51
N VAL A 237 7.68 8.06 -17.65
CA VAL A 237 7.92 7.17 -18.78
C VAL A 237 8.71 5.93 -18.34
N ASN A 238 8.70 4.90 -19.18
CA ASN A 238 9.41 3.66 -18.89
C ASN A 238 10.57 3.46 -19.85
N ASN A 239 11.63 2.83 -19.36
CA ASN A 239 12.82 2.57 -20.18
C ASN A 239 12.42 1.95 -21.52
N SER A 240 11.25 1.33 -21.55
CA SER A 240 10.76 0.68 -22.76
C SER A 240 10.14 1.71 -23.71
N SER A 241 10.39 2.99 -23.43
CA SER A 241 9.85 4.06 -24.26
C SER A 241 8.34 4.19 -24.08
N LEU A 242 7.87 4.03 -22.85
CA LEU A 242 6.45 4.11 -22.55
C LEU A 242 6.08 5.50 -22.04
N ILE A 243 4.96 6.03 -22.51
CA ILE A 243 4.50 7.34 -22.10
C ILE A 243 3.30 7.24 -21.17
N GLY A 244 3.47 7.72 -19.93
CA GLY A 244 2.39 7.66 -18.96
C GLY A 244 2.30 8.93 -18.13
N LEU A 245 1.08 9.29 -17.73
CA LEU A 245 0.86 10.48 -16.93
C LEU A 245 -0.29 10.27 -15.96
N GLY A 246 -0.34 11.12 -14.92
CA GLY A 246 -1.40 11.02 -13.93
C GLY A 246 -1.99 12.36 -13.58
N TYR A 247 -3.29 12.37 -13.26
CA TYR A 247 -3.98 13.59 -12.91
C TYR A 247 -4.71 13.45 -11.57
N THR A 248 -4.30 14.25 -10.59
CA THR A 248 -4.91 14.21 -9.27
C THR A 248 -5.88 15.36 -9.08
N GLN A 249 -7.03 15.07 -8.48
CA GLN A 249 -8.05 16.09 -8.24
C GLN A 249 -8.64 15.94 -6.84
N THR A 250 -9.36 16.97 -6.40
CA THR A 250 -9.98 16.96 -5.08
C THR A 250 -8.93 16.93 -3.97
N LEU A 251 -8.75 15.78 -3.36
CA LEU A 251 -7.78 15.63 -2.28
C LEU A 251 -8.33 16.18 -0.97
N LYS A 252 -9.47 16.85 -1.05
CA LYS A 252 -10.11 17.42 0.14
C LYS A 252 -10.18 16.40 1.26
N PRO A 253 -10.59 16.86 2.46
CA PRO A 253 -10.70 16.00 3.64
C PRO A 253 -11.85 15.00 3.52
N GLY A 254 -11.80 14.18 2.48
CA GLY A 254 -12.84 13.19 2.27
C GLY A 254 -12.46 12.14 1.26
N ILE A 255 -12.22 12.56 0.02
CA ILE A 255 -11.84 11.65 -1.05
C ILE A 255 -10.79 12.27 -1.96
N LYS A 256 -9.79 11.47 -2.35
CA LYS A 256 -8.73 11.94 -3.22
C LYS A 256 -8.84 11.32 -4.61
N LEU A 257 -8.86 12.17 -5.63
CA LEU A 257 -8.96 11.70 -7.01
C LEU A 257 -7.57 11.42 -7.60
N THR A 258 -7.38 10.19 -8.05
CA THR A 258 -6.10 9.79 -8.64
C THR A 258 -6.30 9.18 -10.02
N LEU A 259 -5.87 9.90 -11.05
CA LEU A 259 -5.99 9.43 -12.43
C LEU A 259 -4.66 8.93 -12.96
N SER A 260 -4.68 7.77 -13.60
CA SER A 260 -3.47 7.17 -14.15
C SER A 260 -3.67 6.80 -15.62
N ALA A 261 -2.64 7.02 -16.42
CA ALA A 261 -2.70 6.70 -17.84
C ALA A 261 -1.34 6.27 -18.37
N LEU A 262 -1.29 5.09 -18.99
CA LEU A 262 -0.05 4.57 -19.54
C LEU A 262 -0.24 4.08 -20.98
N LEU A 263 0.54 4.63 -21.90
CA LEU A 263 0.45 4.26 -23.31
C LEU A 263 1.79 3.73 -23.81
N ASP A 264 1.85 2.43 -24.07
CA ASP A 264 3.07 1.80 -24.56
C ASP A 264 3.14 1.89 -26.09
N GLY A 265 4.06 2.71 -26.59
CA GLY A 265 4.22 2.87 -28.03
C GLY A 265 4.48 1.55 -28.73
N LYS A 266 4.95 0.56 -27.96
CA LYS A 266 5.24 -0.75 -28.52
C LYS A 266 4.06 -1.70 -28.34
N ASN A 267 3.01 -1.21 -27.67
CA ASN A 267 1.82 -2.02 -27.43
C ASN A 267 0.58 -1.31 -27.97
N VAL A 268 0.33 -0.10 -27.47
CA VAL A 268 -0.82 0.69 -27.91
C VAL A 268 -0.93 0.70 -29.43
N ASN A 269 0.20 0.58 -30.11
CA ASN A 269 0.23 0.58 -31.57
C ASN A 269 -0.73 -0.46 -32.13
N ALA A 270 -0.70 -1.66 -31.56
CA ALA A 270 -1.57 -2.74 -32.01
C ALA A 270 -2.70 -2.99 -30.99
N GLY A 271 -2.52 -2.48 -29.78
CA GLY A 271 -3.52 -2.66 -28.75
C GLY A 271 -4.27 -1.38 -28.44
N GLY A 272 -4.24 -0.97 -27.18
CA GLY A 272 -4.93 0.25 -26.78
C GLY A 272 -4.21 0.99 -25.66
N HIS A 273 -4.92 1.90 -25.01
CA HIS A 273 -4.34 2.67 -23.91
C HIS A 273 -4.85 2.17 -22.56
N LYS A 274 -3.99 2.24 -21.55
CA LYS A 274 -4.35 1.80 -20.20
C LYS A 274 -4.61 3.00 -19.30
N LEU A 275 -5.69 2.92 -18.52
CA LEU A 275 -6.05 3.99 -17.60
C LEU A 275 -6.49 3.43 -16.26
N GLY A 276 -6.22 4.18 -15.20
CA GLY A 276 -6.60 3.75 -13.86
C GLY A 276 -7.03 4.89 -12.97
N LEU A 277 -8.32 4.94 -12.65
CA LEU A 277 -8.86 6.00 -11.80
C LEU A 277 -9.42 5.42 -10.51
N GLY A 278 -9.17 6.11 -9.40
CA GLY A 278 -9.66 5.66 -8.11
C GLY A 278 -9.66 6.76 -7.07
N LEU A 279 -10.54 6.63 -6.08
CA LEU A 279 -10.64 7.63 -5.01
C LEU A 279 -10.05 7.09 -3.71
N GLU A 280 -9.34 7.96 -2.99
CA GLU A 280 -8.73 7.57 -1.73
C GLU A 280 -9.69 7.81 -0.57
N PHE A 281 -9.91 6.76 0.23
CA PHE A 281 -10.81 6.84 1.37
C PHE A 281 -10.16 7.61 2.51
N GLN A 282 -10.01 8.92 2.34
CA GLN A 282 -9.40 9.76 3.36
C GLN A 282 -10.33 10.91 3.75
N ALA A 283 -10.99 10.78 4.88
CA ALA A 283 -11.90 11.81 5.36
C ALA A 283 -11.54 12.26 6.76
N LEU A 284 -11.57 13.58 6.98
CA LEU A 284 -11.22 14.14 8.29
C LEU A 284 -9.80 13.81 8.68
N GLU A 285 -8.92 13.71 7.68
CA GLU A 285 -7.52 13.39 7.92
C GLU A 285 -6.62 14.58 7.60
N MET A 1 6.46 5.55 28.22
CA MET A 1 7.37 4.53 27.68
C MET A 1 6.79 3.93 26.40
N ALA A 2 6.38 4.78 25.47
CA ALA A 2 5.82 4.33 24.20
C ALA A 2 6.74 4.69 23.04
N VAL A 3 6.26 4.43 21.82
CA VAL A 3 7.03 4.72 20.63
C VAL A 3 6.15 4.71 19.38
N PRO A 4 6.31 5.74 18.53
CA PRO A 4 5.54 5.87 17.29
C PRO A 4 5.92 4.81 16.25
N PRO A 5 5.11 4.69 15.20
CA PRO A 5 5.34 3.74 14.12
C PRO A 5 6.55 4.11 13.26
N THR A 6 7.56 3.24 13.26
CA THR A 6 8.77 3.48 12.48
C THR A 6 8.67 2.85 11.09
N TYR A 7 7.97 1.73 11.01
CA TYR A 7 7.80 1.03 9.74
C TYR A 7 7.21 1.95 8.68
N ALA A 8 6.41 2.92 9.13
CA ALA A 8 5.77 3.87 8.22
C ALA A 8 6.80 4.87 7.69
N ASP A 9 7.90 5.04 8.41
CA ASP A 9 8.95 5.96 8.01
C ASP A 9 9.95 5.28 7.09
N LEU A 10 9.64 4.05 6.69
CA LEU A 10 10.51 3.29 5.81
C LEU A 10 10.54 3.89 4.40
N GLY A 11 9.42 4.50 4.01
CA GLY A 11 9.34 5.11 2.69
C GLY A 11 8.06 5.89 2.50
N LYS A 12 7.99 7.08 3.10
CA LYS A 12 6.82 7.93 2.99
C LYS A 12 6.67 8.48 1.57
N SER A 13 7.72 9.13 1.08
CA SER A 13 7.70 9.70 -0.27
C SER A 13 7.60 8.60 -1.32
N ALA A 14 8.31 7.50 -1.09
CA ALA A 14 8.29 6.38 -2.01
C ALA A 14 6.88 5.84 -2.20
N ARG A 15 6.10 5.83 -1.13
CA ARG A 15 4.73 5.34 -1.17
C ARG A 15 3.90 6.15 -2.17
N ASP A 16 4.23 7.42 -2.30
CA ASP A 16 3.51 8.30 -3.22
C ASP A 16 3.56 7.76 -4.64
N VAL A 17 4.75 7.39 -5.09
CA VAL A 17 4.92 6.85 -6.44
C VAL A 17 4.58 5.37 -6.49
N PHE A 18 4.83 4.67 -5.39
CA PHE A 18 4.55 3.24 -5.31
C PHE A 18 3.04 2.98 -5.41
N THR A 19 2.25 3.92 -4.89
CA THR A 19 0.81 3.80 -4.91
C THR A 19 0.30 3.42 -6.30
N LYS A 20 -0.28 2.23 -6.42
CA LYS A 20 -0.80 1.75 -7.69
C LYS A 20 -2.21 2.26 -7.93
N GLY A 21 -2.87 1.71 -8.94
CA GLY A 21 -4.23 2.12 -9.25
C GLY A 21 -4.28 3.11 -10.40
N TYR A 22 -3.35 2.98 -11.34
CA TYR A 22 -3.29 3.88 -12.49
C TYR A 22 -3.47 3.10 -13.79
N GLY A 23 -4.45 3.51 -14.59
CA GLY A 23 -4.70 2.84 -15.85
C GLY A 23 -5.10 1.39 -15.68
N PHE A 24 -6.27 1.17 -15.07
CA PHE A 24 -6.76 -0.18 -14.84
C PHE A 24 -7.85 -0.54 -15.85
N GLY A 25 -8.22 0.43 -16.68
CA GLY A 25 -9.24 0.19 -17.68
C GLY A 25 -10.63 0.08 -17.08
N LEU A 26 -10.76 0.48 -15.83
CA LEU A 26 -12.04 0.42 -15.13
C LEU A 26 -12.19 1.60 -14.17
N ILE A 27 -13.31 1.63 -13.46
CA ILE A 27 -13.58 2.71 -12.51
C ILE A 27 -13.76 2.16 -11.10
N LYS A 28 -12.92 2.64 -10.17
CA LYS A 28 -12.98 2.21 -8.79
C LYS A 28 -12.98 3.41 -7.84
N LEU A 29 -14.07 3.55 -7.08
CA LEU A 29 -14.20 4.65 -6.14
C LEU A 29 -14.24 4.14 -4.71
N ASP A 30 -13.66 4.90 -3.78
CA ASP A 30 -13.65 4.52 -2.37
C ASP A 30 -13.68 5.76 -1.48
N LEU A 31 -14.54 5.71 -0.46
CA LEU A 31 -14.67 6.83 0.47
C LEU A 31 -14.53 6.36 1.91
N LYS A 32 -13.64 7.01 2.65
CA LYS A 32 -13.41 6.65 4.05
C LYS A 32 -13.31 7.91 4.92
N THR A 33 -13.88 7.84 6.12
CA THR A 33 -13.85 8.97 7.04
C THR A 33 -13.51 8.51 8.46
N LYS A 34 -12.44 9.05 9.00
CA LYS A 34 -12.00 8.70 10.35
C LYS A 34 -12.33 9.83 11.34
N SER A 35 -13.05 9.47 12.40
CA SER A 35 -13.43 10.45 13.42
C SER A 35 -12.76 10.13 14.75
N GLU A 36 -12.37 11.19 15.47
CA GLU A 36 -11.70 11.03 16.76
C GLU A 36 -12.72 10.68 17.85
N ASN A 37 -13.43 9.58 17.65
CA ASN A 37 -14.43 9.14 18.62
C ASN A 37 -14.62 7.62 18.55
N GLY A 38 -13.63 6.94 17.99
CA GLY A 38 -13.70 5.49 17.88
C GLY A 38 -14.54 5.05 16.69
N LEU A 39 -15.14 6.00 16.01
CA LEU A 39 -15.98 5.71 14.85
C LEU A 39 -15.21 5.91 13.56
N GLU A 40 -15.21 4.90 12.69
CA GLU A 40 -14.51 4.97 11.42
C GLU A 40 -15.33 4.31 10.31
N PHE A 41 -15.71 5.11 9.31
CA PHE A 41 -16.50 4.61 8.19
C PHE A 41 -15.62 4.42 6.96
N THR A 42 -15.59 3.20 6.43
CA THR A 42 -14.79 2.89 5.25
C THR A 42 -15.65 2.24 4.16
N SER A 43 -15.61 2.81 2.96
CA SER A 43 -16.38 2.28 1.85
C SER A 43 -15.51 2.17 0.59
N SER A 44 -15.73 1.12 -0.17
CA SER A 44 -14.97 0.89 -1.40
C SER A 44 -15.80 0.15 -2.43
N GLY A 45 -15.74 0.62 -3.69
CA GLY A 45 -16.50 -0.01 -4.75
C GLY A 45 -15.79 0.07 -6.08
N SER A 46 -15.89 -1.00 -6.87
CA SER A 46 -15.26 -1.05 -8.18
C SER A 46 -16.26 -1.43 -9.26
N ALA A 47 -15.94 -1.07 -10.50
CA ALA A 47 -16.82 -1.36 -11.63
C ALA A 47 -16.04 -1.38 -12.94
N ASN A 48 -16.24 -2.43 -13.72
CA ASN A 48 -15.56 -2.56 -15.01
C ASN A 48 -16.48 -2.20 -16.16
N THR A 49 -15.92 -1.53 -17.17
CA THR A 49 -16.70 -1.12 -18.33
C THR A 49 -17.49 -2.28 -18.91
N GLU A 50 -16.91 -3.48 -18.84
CA GLU A 50 -17.56 -4.67 -19.36
C GLU A 50 -18.98 -4.80 -18.81
N THR A 51 -19.76 -5.71 -19.40
CA THR A 51 -21.13 -5.94 -18.97
C THR A 51 -21.18 -6.66 -17.62
N THR A 52 -22.06 -6.19 -16.74
CA THR A 52 -22.20 -6.79 -15.42
C THR A 52 -20.84 -7.01 -14.76
N LYS A 53 -20.20 -5.93 -14.35
CA LYS A 53 -18.90 -6.00 -13.70
C LYS A 53 -18.77 -4.96 -12.61
N VAL A 54 -19.88 -4.69 -11.92
CA VAL A 54 -19.90 -3.71 -10.83
C VAL A 54 -20.04 -4.40 -9.48
N THR A 55 -19.09 -4.12 -8.59
CA THR A 55 -19.11 -4.71 -7.25
C THR A 55 -18.78 -3.67 -6.19
N GLY A 56 -19.65 -3.55 -5.19
CA GLY A 56 -19.43 -2.59 -4.12
C GLY A 56 -19.51 -3.22 -2.74
N SER A 57 -18.65 -2.78 -1.84
CA SER A 57 -18.60 -3.31 -0.49
C SER A 57 -18.28 -2.22 0.52
N LEU A 58 -18.60 -2.46 1.78
CA LEU A 58 -18.35 -1.50 2.84
C LEU A 58 -17.68 -2.17 4.05
N GLU A 59 -16.87 -1.41 4.76
CA GLU A 59 -16.18 -1.94 5.94
C GLU A 59 -16.24 -0.94 7.10
N THR A 60 -16.52 -1.45 8.29
CA THR A 60 -16.61 -0.61 9.49
C THR A 60 -15.36 -0.74 10.34
N LYS A 61 -14.78 0.40 10.71
CA LYS A 61 -13.58 0.41 11.53
C LYS A 61 -13.74 1.35 12.72
N TYR A 62 -12.93 1.15 13.75
CA TYR A 62 -12.98 1.99 14.94
C TYR A 62 -11.59 2.49 15.33
N ARG A 63 -11.52 3.76 15.74
CA ARG A 63 -10.25 4.36 16.13
C ARG A 63 -10.41 5.13 17.44
N TRP A 64 -9.89 4.56 18.52
CA TRP A 64 -9.97 5.20 19.82
C TRP A 64 -8.58 5.56 20.34
N THR A 65 -8.22 6.83 20.22
CA THR A 65 -6.92 7.31 20.68
C THR A 65 -6.92 7.60 22.17
N GLU A 66 -8.08 8.03 22.68
CA GLU A 66 -8.21 8.34 24.09
C GLU A 66 -7.65 7.22 24.96
N TYR A 67 -7.80 5.99 24.49
CA TYR A 67 -7.30 4.83 25.21
C TYR A 67 -6.24 4.09 24.41
N GLY A 68 -6.60 3.65 23.21
CA GLY A 68 -5.67 2.94 22.36
C GLY A 68 -6.25 1.63 21.84
N LEU A 69 -7.37 1.72 21.14
CA LEU A 69 -8.02 0.54 20.59
C LEU A 69 -8.42 0.77 19.13
N THR A 70 -8.25 -0.26 18.31
CA THR A 70 -8.61 -0.17 16.89
C THR A 70 -9.37 -1.41 16.43
N PHE A 71 -10.49 -1.19 15.76
CA PHE A 71 -11.32 -2.29 15.27
C PHE A 71 -11.44 -2.24 13.75
N THR A 72 -11.27 -3.39 13.11
CA THR A 72 -11.36 -3.49 11.66
C THR A 72 -12.37 -4.55 11.24
N GLU A 73 -13.42 -4.12 10.54
CA GLU A 73 -14.45 -5.05 10.08
C GLU A 73 -14.77 -4.81 8.61
N LYS A 74 -14.80 -5.88 7.82
CA LYS A 74 -15.09 -5.79 6.40
C LYS A 74 -16.36 -6.56 6.06
N TRP A 75 -17.22 -5.95 5.25
CA TRP A 75 -18.47 -6.58 4.84
C TRP A 75 -18.70 -6.41 3.34
N ASN A 76 -18.98 -7.51 2.66
CA ASN A 76 -19.22 -7.47 1.22
C ASN A 76 -20.61 -8.02 0.90
N THR A 77 -21.12 -7.66 -0.28
CA THR A 77 -22.44 -8.12 -0.72
C THR A 77 -22.46 -9.62 -0.95
N ASP A 78 -21.28 -10.22 -1.00
CA ASP A 78 -21.16 -11.65 -1.22
C ASP A 78 -21.53 -12.42 0.05
N ASN A 79 -21.91 -11.69 1.09
CA ASN A 79 -22.29 -12.30 2.36
C ASN A 79 -21.06 -12.71 3.16
N THR A 80 -19.98 -11.94 3.02
CA THR A 80 -18.74 -12.21 3.73
C THR A 80 -18.42 -11.12 4.73
N LEU A 81 -18.26 -11.51 5.99
CA LEU A 81 -17.95 -10.55 7.05
C LEU A 81 -16.64 -10.92 7.75
N GLY A 82 -15.67 -10.01 7.70
CA GLY A 82 -14.39 -10.26 8.33
C GLY A 82 -14.21 -9.46 9.61
N THR A 83 -14.19 -10.16 10.74
CA THR A 83 -14.03 -9.51 12.04
C THR A 83 -12.56 -9.46 12.45
N GLU A 84 -12.05 -8.25 12.65
CA GLU A 84 -10.65 -8.07 13.04
C GLU A 84 -10.54 -7.07 14.19
N ILE A 85 -9.87 -7.49 15.27
CA ILE A 85 -9.70 -6.62 16.44
C ILE A 85 -8.22 -6.30 16.65
N THR A 86 -7.94 -5.04 16.99
CA THR A 86 -6.58 -4.59 17.23
C THR A 86 -6.46 -3.86 18.55
N VAL A 87 -5.39 -4.14 19.30
CA VAL A 87 -5.16 -3.51 20.58
C VAL A 87 -3.86 -2.70 20.58
N GLU A 88 -3.92 -1.51 21.16
CA GLU A 88 -2.75 -0.64 21.22
C GLU A 88 -2.28 -0.46 22.66
N ASP A 89 -1.05 -0.89 22.93
CA ASP A 89 -0.49 -0.78 24.27
C ASP A 89 -1.44 -1.35 25.32
N GLN A 90 -1.51 -2.68 25.37
CA GLN A 90 -2.39 -3.35 26.32
C GLN A 90 -1.61 -3.77 27.57
N LEU A 91 -0.83 -4.84 27.43
CA LEU A 91 -0.04 -5.34 28.54
C LEU A 91 1.36 -4.73 28.54
N ALA A 92 2.19 -5.15 27.59
CA ALA A 92 3.55 -4.64 27.47
C ALA A 92 3.56 -3.26 26.83
N ARG A 93 4.42 -2.39 27.35
CA ARG A 93 4.52 -1.02 26.83
C ARG A 93 4.93 -1.04 25.37
N GLY A 94 4.13 -0.38 24.52
CA GLY A 94 4.43 -0.34 23.10
C GLY A 94 4.04 -1.61 22.38
N LEU A 95 3.33 -2.49 23.08
CA LEU A 95 2.90 -3.75 22.51
C LEU A 95 1.67 -3.55 21.63
N LYS A 96 1.69 -4.15 20.44
CA LYS A 96 0.58 -4.05 19.51
C LYS A 96 0.02 -5.43 19.17
N LEU A 97 -1.30 -5.58 19.33
CA LEU A 97 -1.95 -6.85 19.04
C LEU A 97 -2.93 -6.70 17.87
N THR A 98 -2.80 -7.59 16.89
CA THR A 98 -3.67 -7.56 15.72
C THR A 98 -4.28 -8.93 15.45
N PHE A 99 -5.61 -9.00 15.48
CA PHE A 99 -6.31 -10.25 15.24
C PHE A 99 -7.27 -10.12 14.06
N ASP A 100 -7.18 -11.04 13.12
CA ASP A 100 -8.04 -11.03 11.95
C ASP A 100 -8.73 -12.39 11.75
N SER A 101 -10.05 -12.36 11.56
CA SER A 101 -10.81 -13.58 11.37
C SER A 101 -11.92 -13.37 10.34
N SER A 102 -11.94 -14.22 9.33
CA SER A 102 -12.94 -14.13 8.28
C SER A 102 -14.09 -15.11 8.53
N PHE A 103 -15.32 -14.61 8.42
CA PHE A 103 -16.50 -15.43 8.65
C PHE A 103 -17.50 -15.28 7.49
N SER A 104 -17.78 -16.40 6.82
CA SER A 104 -18.70 -16.39 5.69
C SER A 104 -19.77 -17.46 5.86
N PRO A 105 -20.98 -17.05 6.29
CA PRO A 105 -22.10 -17.95 6.50
C PRO A 105 -22.65 -18.52 5.19
N ASN A 106 -22.68 -17.68 4.15
CA ASN A 106 -23.18 -18.08 2.86
C ASN A 106 -22.33 -19.22 2.28
N THR A 107 -21.14 -18.89 1.81
CA THR A 107 -20.24 -19.88 1.24
C THR A 107 -19.80 -20.90 2.28
N GLY A 108 -19.56 -20.42 3.51
CA GLY A 108 -19.15 -21.31 4.58
C GLY A 108 -17.65 -21.34 4.76
N LYS A 109 -16.99 -20.27 4.33
CA LYS A 109 -15.53 -20.17 4.45
C LYS A 109 -15.14 -19.45 5.74
N LYS A 110 -14.00 -19.84 6.30
CA LYS A 110 -13.50 -19.22 7.52
C LYS A 110 -11.99 -19.03 7.47
N ASN A 111 -11.53 -17.86 7.89
CA ASN A 111 -10.10 -17.56 7.88
C ASN A 111 -9.62 -17.20 9.29
N ALA A 112 -8.42 -17.67 9.63
CA ALA A 112 -7.84 -17.41 10.94
C ALA A 112 -6.44 -16.83 10.82
N LYS A 113 -6.26 -15.61 11.31
CA LYS A 113 -4.97 -14.94 11.25
C LYS A 113 -4.68 -14.20 12.56
N ILE A 114 -3.44 -14.32 13.03
CA ILE A 114 -3.04 -13.66 14.27
C ILE A 114 -1.69 -12.97 14.11
N LYS A 115 -1.65 -11.68 14.45
CA LYS A 115 -0.42 -10.91 14.34
C LYS A 115 -0.10 -10.21 15.66
N THR A 116 1.06 -10.52 16.23
CA THR A 116 1.48 -9.91 17.49
C THR A 116 2.88 -9.34 17.38
N GLY A 117 3.03 -8.07 17.77
CA GLY A 117 4.34 -7.42 17.71
C GLY A 117 4.49 -6.36 18.77
N TYR A 118 5.74 -5.97 19.03
CA TYR A 118 6.02 -4.95 20.03
C TYR A 118 6.89 -3.84 19.45
N LYS A 119 6.61 -2.60 19.84
CA LYS A 119 7.37 -1.45 19.37
C LYS A 119 8.22 -0.86 20.48
N ARG A 120 9.52 -0.79 20.25
CA ARG A 120 10.45 -0.23 21.24
C ARG A 120 10.92 1.16 20.81
N GLU A 121 11.13 2.03 21.79
CA GLU A 121 11.60 3.38 21.53
C GLU A 121 12.80 3.37 20.60
N HIS A 122 13.58 2.29 20.66
CA HIS A 122 14.77 2.15 19.82
C HIS A 122 14.42 1.55 18.47
N ILE A 123 13.60 0.50 18.49
CA ILE A 123 13.19 -0.17 17.26
C ILE A 123 11.83 -0.84 17.43
N ASN A 124 11.11 -1.00 16.33
CA ASN A 124 9.80 -1.62 16.34
C ASN A 124 9.79 -2.90 15.52
N LEU A 125 9.56 -4.03 16.18
CA LEU A 125 9.52 -5.32 15.50
C LEU A 125 8.27 -6.11 15.90
N GLY A 126 7.69 -6.82 14.93
CA GLY A 126 6.50 -7.60 15.21
C GLY A 126 6.42 -8.86 14.34
N CYS A 127 5.82 -9.90 14.89
CA CYS A 127 5.68 -11.16 14.17
C CYS A 127 4.22 -11.44 13.83
N ASP A 128 3.97 -11.85 12.59
CA ASP A 128 2.62 -12.16 12.14
C ASP A 128 2.49 -13.63 11.76
N MET A 129 1.28 -14.17 11.92
CA MET A 129 1.03 -15.57 11.58
C MET A 129 -0.28 -15.71 10.82
N ASP A 130 -0.27 -16.52 9.76
CA ASP A 130 -1.46 -16.74 8.94
C ASP A 130 -1.80 -18.23 8.90
N PHE A 131 -3.05 -18.55 9.20
CA PHE A 131 -3.52 -19.94 9.19
C PHE A 131 -4.18 -20.27 7.86
N ASP A 132 -3.43 -20.89 6.97
CA ASP A 132 -3.95 -21.27 5.66
C ASP A 132 -4.51 -22.70 5.68
N ILE A 133 -5.09 -23.12 4.57
CA ILE A 133 -5.66 -24.45 4.47
C ILE A 133 -4.57 -25.50 4.36
N ALA A 134 -3.50 -25.18 3.63
CA ALA A 134 -2.38 -26.09 3.44
C ALA A 134 -1.49 -26.11 4.68
N GLY A 135 -1.57 -25.07 5.49
CA GLY A 135 -0.77 -24.99 6.69
C GLY A 135 -0.54 -23.56 7.15
N PRO A 136 -0.37 -23.38 8.46
CA PRO A 136 -0.14 -22.06 9.05
C PRO A 136 1.22 -21.48 8.70
N SER A 137 1.23 -20.47 7.83
CA SER A 137 2.48 -19.85 7.41
C SER A 137 2.98 -18.85 8.46
N ILE A 138 4.29 -18.65 8.49
CA ILE A 138 4.89 -17.73 9.45
C ILE A 138 5.34 -16.44 8.76
N ARG A 139 4.98 -15.31 9.37
CA ARG A 139 5.34 -14.01 8.82
C ARG A 139 6.14 -13.19 9.83
N GLY A 140 7.24 -12.60 9.37
CA GLY A 140 8.07 -11.80 10.26
C GLY A 140 8.33 -10.41 9.70
N ALA A 141 8.18 -9.40 10.55
CA ALA A 141 8.40 -8.02 10.14
C ALA A 141 9.09 -7.22 11.24
N LEU A 142 10.32 -6.77 10.96
CA LEU A 142 11.08 -6.00 11.93
C LEU A 142 11.60 -4.71 11.31
N VAL A 143 11.44 -3.60 12.03
CA VAL A 143 11.89 -2.30 11.55
C VAL A 143 12.77 -1.60 12.59
N LEU A 144 14.00 -1.30 12.20
CA LEU A 144 14.93 -0.62 13.11
C LEU A 144 15.27 0.77 12.60
N GLY A 145 15.37 1.72 13.51
CA GLY A 145 15.69 3.09 13.13
C GLY A 145 16.83 3.67 13.96
N TYR A 146 17.87 4.13 13.29
CA TYR A 146 19.02 4.71 13.97
C TYR A 146 19.62 5.85 13.16
N GLU A 147 20.14 6.85 13.87
CA GLU A 147 20.74 8.02 13.22
C GLU A 147 19.80 8.59 12.17
N GLY A 148 18.50 8.46 12.41
CA GLY A 148 17.51 8.98 11.48
C GLY A 148 17.19 8.00 10.37
N TRP A 149 18.17 7.16 10.03
CA TRP A 149 17.98 6.17 8.97
C TRP A 149 17.00 5.09 9.41
N LEU A 150 16.07 4.73 8.53
CA LEU A 150 15.07 3.71 8.81
C LEU A 150 15.36 2.44 8.02
N ALA A 151 15.21 1.29 8.68
CA ALA A 151 15.45 0.00 8.03
C ALA A 151 14.35 -0.99 8.39
N GLY A 152 13.73 -1.58 7.38
CA GLY A 152 12.67 -2.54 7.61
C GLY A 152 12.84 -3.80 6.78
N TYR A 153 12.44 -4.93 7.34
CA TYR A 153 12.55 -6.21 6.65
C TYR A 153 11.36 -7.11 6.96
N GLN A 154 10.62 -7.47 5.91
CA GLN A 154 9.45 -8.33 6.07
C GLN A 154 9.58 -9.59 5.23
N MET A 155 9.54 -10.75 5.88
CA MET A 155 9.66 -12.03 5.19
C MET A 155 8.85 -13.11 5.91
N ASN A 156 8.25 -14.00 5.14
CA ASN A 156 7.45 -15.08 5.70
C ASN A 156 8.10 -16.43 5.43
N PHE A 157 8.21 -17.25 6.47
CA PHE A 157 8.82 -18.58 6.35
C PHE A 157 7.75 -19.63 6.09
N GLU A 158 8.06 -20.56 5.19
CA GLU A 158 7.13 -21.64 4.84
C GLU A 158 7.10 -22.70 5.93
N THR A 159 5.93 -22.86 6.55
CA THR A 159 5.76 -23.85 7.61
C THR A 159 5.89 -25.27 7.08
N ALA A 160 5.47 -25.46 5.83
CA ALA A 160 5.54 -26.77 5.19
C ALA A 160 6.92 -27.41 5.41
N LYS A 161 7.92 -26.57 5.64
CA LYS A 161 9.28 -27.06 5.85
C LYS A 161 10.16 -25.97 6.46
N SER A 162 11.47 -26.10 6.28
CA SER A 162 12.41 -25.12 6.81
C SER A 162 12.86 -24.15 5.72
N ARG A 163 11.91 -23.73 4.89
CA ARG A 163 12.21 -22.80 3.81
C ARG A 163 11.38 -21.52 3.95
N VAL A 164 11.67 -20.54 3.09
CA VAL A 164 10.95 -19.27 3.12
C VAL A 164 9.97 -19.16 1.96
N THR A 165 8.80 -18.59 2.23
CA THR A 165 7.77 -18.43 1.20
C THR A 165 7.95 -17.11 0.46
N GLN A 166 8.35 -16.08 1.18
CA GLN A 166 8.56 -14.76 0.59
C GLN A 166 9.53 -13.93 1.41
N SER A 167 10.51 -13.34 0.74
CA SER A 167 11.52 -12.52 1.41
C SER A 167 11.61 -11.14 0.77
N ASN A 168 11.15 -10.12 1.49
CA ASN A 168 11.18 -8.75 0.99
C ASN A 168 11.78 -7.81 2.04
N PHE A 169 12.55 -6.83 1.57
CA PHE A 169 13.18 -5.87 2.46
C PHE A 169 12.97 -4.45 1.94
N ALA A 170 13.06 -3.48 2.85
CA ALA A 170 12.88 -2.08 2.49
C ALA A 170 13.60 -1.16 3.48
N VAL A 171 14.40 -0.24 2.96
CA VAL A 171 15.14 0.70 3.80
C VAL A 171 14.88 2.13 3.38
N GLY A 172 14.62 3.00 4.36
CA GLY A 172 14.36 4.40 4.07
C GLY A 172 15.51 5.30 4.48
N TYR A 173 16.02 6.08 3.53
CA TYR A 173 17.13 6.98 3.79
C TYR A 173 16.69 8.44 3.66
N LYS A 174 16.85 9.21 4.72
CA LYS A 174 16.48 10.61 4.72
C LYS A 174 17.71 11.51 4.58
N THR A 175 17.62 12.49 3.69
CA THR A 175 18.72 13.41 3.46
C THR A 175 18.26 14.86 3.55
N ASP A 176 19.22 15.78 3.66
CA ASP A 176 18.90 17.20 3.76
C ASP A 176 17.76 17.56 2.81
N GLU A 177 18.07 17.66 1.53
CA GLU A 177 17.07 18.00 0.53
C GLU A 177 16.86 16.85 -0.45
N PHE A 178 17.34 15.67 -0.08
CA PHE A 178 17.20 14.49 -0.93
C PHE A 178 16.56 13.34 -0.16
N GLN A 179 15.82 12.49 -0.88
CA GLN A 179 15.15 11.35 -0.26
C GLN A 179 15.39 10.08 -1.06
N LEU A 180 15.91 9.05 -0.40
CA LEU A 180 16.19 7.78 -1.05
C LEU A 180 15.48 6.64 -0.34
N HIS A 181 14.70 5.86 -1.10
CA HIS A 181 13.96 4.73 -0.54
C HIS A 181 14.18 3.48 -1.38
N THR A 182 14.82 2.48 -0.77
CA THR A 182 15.10 1.23 -1.46
C THR A 182 14.20 0.11 -0.96
N ASN A 183 13.91 -0.85 -1.82
CA ASN A 183 13.06 -1.98 -1.45
C ASN A 183 13.23 -3.13 -2.44
N VAL A 184 13.31 -4.35 -1.91
CA VAL A 184 13.47 -5.54 -2.74
C VAL A 184 12.36 -6.54 -2.48
N ASN A 185 11.71 -6.99 -3.56
CA ASN A 185 10.62 -7.95 -3.43
C ASN A 185 10.92 -9.21 -4.23
N ASP A 186 11.69 -10.11 -3.63
CA ASP A 186 12.07 -11.37 -4.29
C ASP A 186 10.84 -12.05 -4.89
N GLY A 187 9.66 -11.67 -4.41
CA GLY A 187 8.43 -12.25 -4.91
C GLY A 187 8.06 -11.71 -6.29
N THR A 188 8.38 -10.45 -6.53
CA THR A 188 8.08 -9.83 -7.82
C THR A 188 9.33 -9.27 -8.47
N GLU A 189 10.06 -8.42 -7.75
CA GLU A 189 11.29 -7.83 -8.27
C GLU A 189 12.09 -7.18 -7.14
N PHE A 190 13.41 -7.10 -7.33
CA PHE A 190 14.29 -6.51 -6.33
C PHE A 190 14.93 -5.24 -6.86
N GLY A 191 14.77 -4.14 -6.13
CA GLY A 191 15.34 -2.88 -6.55
C GLY A 191 15.14 -1.78 -5.52
N GLY A 192 14.69 -0.62 -5.99
CA GLY A 192 14.45 0.50 -5.10
C GLY A 192 13.86 1.70 -5.80
N SER A 193 13.88 2.84 -5.14
CA SER A 193 13.33 4.07 -5.72
C SER A 193 14.09 5.30 -5.21
N ILE A 194 14.14 6.34 -6.03
CA ILE A 194 14.83 7.57 -5.66
C ILE A 194 13.88 8.76 -5.68
N TYR A 195 14.06 9.67 -4.73
CA TYR A 195 13.22 10.86 -4.64
C TYR A 195 14.06 12.13 -4.58
N GLN A 196 13.85 13.01 -5.55
CA GLN A 196 14.59 14.27 -5.61
C GLN A 196 13.64 15.47 -5.65
N LYS A 197 13.89 16.44 -4.78
CA LYS A 197 13.07 17.64 -4.71
C LYS A 197 13.80 18.84 -5.29
N VAL A 198 13.14 19.53 -6.22
CA VAL A 198 13.73 20.70 -6.85
C VAL A 198 13.72 21.90 -5.91
N ASN A 199 12.55 22.49 -5.72
CA ASN A 199 12.41 23.64 -4.84
C ASN A 199 10.94 23.98 -4.60
N LYS A 200 10.23 23.07 -3.95
CA LYS A 200 8.81 23.27 -3.67
C LYS A 200 8.06 23.72 -4.92
N LYS A 201 8.49 23.23 -6.07
CA LYS A 201 7.86 23.58 -7.34
C LYS A 201 7.80 22.36 -8.27
N LEU A 202 8.90 21.62 -8.33
CA LEU A 202 8.96 20.44 -9.18
C LEU A 202 9.51 19.24 -8.40
N GLU A 203 8.78 18.13 -8.46
CA GLU A 203 9.19 16.92 -7.76
C GLU A 203 9.51 15.80 -8.74
N THR A 204 10.67 15.16 -8.56
CA THR A 204 11.09 14.08 -9.43
C THR A 204 11.37 12.81 -8.63
N ALA A 205 10.94 11.67 -9.17
CA ALA A 205 11.16 10.39 -8.52
C ALA A 205 11.49 9.30 -9.53
N VAL A 206 12.47 8.45 -9.19
CA VAL A 206 12.88 7.37 -10.07
C VAL A 206 12.53 6.01 -9.47
N ASN A 207 12.08 5.10 -10.32
CA ASN A 207 11.71 3.76 -9.88
C ASN A 207 12.64 2.71 -10.47
N LEU A 208 13.10 1.78 -9.64
CA LEU A 208 14.00 0.73 -10.08
C LEU A 208 13.55 -0.63 -9.54
N ALA A 209 13.47 -1.62 -10.43
CA ALA A 209 13.07 -2.96 -10.03
C ALA A 209 13.58 -4.00 -11.02
N TRP A 210 14.17 -5.07 -10.49
CA TRP A 210 14.72 -6.14 -11.32
C TRP A 210 13.89 -7.41 -11.18
N THR A 211 13.59 -8.05 -12.30
CA THR A 211 12.80 -9.27 -12.30
C THR A 211 13.71 -10.50 -12.28
N ALA A 212 13.70 -11.22 -11.16
CA ALA A 212 14.51 -12.42 -11.01
C ALA A 212 14.32 -13.37 -12.19
N GLY A 213 15.42 -13.93 -12.69
CA GLY A 213 15.34 -14.84 -13.81
C GLY A 213 16.08 -14.33 -15.04
N ASN A 214 15.40 -13.49 -15.81
CA ASN A 214 15.99 -12.93 -17.02
C ASN A 214 16.92 -11.77 -16.69
N SER A 215 17.54 -11.19 -17.71
CA SER A 215 18.45 -10.07 -17.51
C SER A 215 17.78 -8.75 -17.91
N ASN A 216 16.49 -8.64 -17.62
CA ASN A 216 15.73 -7.43 -17.93
C ASN A 216 15.53 -6.57 -16.68
N THR A 217 15.94 -5.31 -16.77
CA THR A 217 15.81 -4.39 -15.65
C THR A 217 14.68 -3.40 -15.89
N ARG A 218 13.89 -3.14 -14.85
CA ARG A 218 12.77 -2.22 -14.95
C ARG A 218 13.16 -0.83 -14.42
N PHE A 219 13.12 0.16 -15.30
CA PHE A 219 13.47 1.53 -14.93
C PHE A 219 12.37 2.50 -15.34
N GLY A 220 11.98 3.37 -14.40
CA GLY A 220 10.95 4.35 -14.69
C GLY A 220 11.18 5.67 -13.98
N ILE A 221 10.53 6.72 -14.47
CA ILE A 221 10.67 8.04 -13.88
C ILE A 221 9.33 8.76 -13.81
N ALA A 222 9.01 9.30 -12.64
CA ALA A 222 7.76 10.02 -12.45
C ALA A 222 8.00 11.41 -11.87
N ALA A 223 7.40 12.42 -12.47
CA ALA A 223 7.55 13.79 -12.02
C ALA A 223 6.21 14.38 -11.61
N LYS A 224 6.18 15.00 -10.43
CA LYS A 224 4.95 15.61 -9.92
C LYS A 224 5.04 17.13 -9.98
N TYR A 225 4.02 17.75 -10.58
CA TYR A 225 3.98 19.20 -10.71
C TYR A 225 2.68 19.76 -10.17
N GLN A 226 2.78 20.58 -9.12
CA GLN A 226 1.60 21.19 -8.52
C GLN A 226 1.18 22.46 -9.26
N ILE A 227 -0.06 22.49 -9.71
CA ILE A 227 -0.58 23.64 -10.44
C ILE A 227 -1.59 24.42 -9.60
N ASP A 228 -2.34 23.69 -8.76
CA ASP A 228 -3.33 24.31 -7.90
C ASP A 228 -3.41 23.60 -6.55
N PRO A 229 -3.97 24.28 -5.55
CA PRO A 229 -4.11 23.75 -4.20
C PRO A 229 -5.13 22.60 -4.12
N ASP A 230 -6.00 22.53 -5.12
CA ASP A 230 -7.01 21.49 -5.18
C ASP A 230 -6.71 20.49 -6.30
N ALA A 231 -6.01 20.95 -7.33
CA ALA A 231 -5.66 20.10 -8.45
C ALA A 231 -4.14 20.11 -8.68
N CYS A 232 -3.61 18.94 -9.04
CA CYS A 232 -2.18 18.81 -9.29
C CYS A 232 -1.92 17.92 -10.51
N PHE A 233 -0.91 18.28 -11.30
CA PHE A 233 -0.56 17.52 -12.49
C PHE A 233 0.61 16.58 -12.21
N SER A 234 0.47 15.33 -12.65
CA SER A 234 1.51 14.33 -12.44
C SER A 234 1.75 13.53 -13.71
N ALA A 235 3.01 13.45 -14.12
CA ALA A 235 3.37 12.70 -15.33
C ALA A 235 4.50 11.73 -15.04
N LYS A 236 4.63 10.71 -15.90
CA LYS A 236 5.67 9.69 -15.74
C LYS A 236 5.93 8.98 -17.06
N VAL A 237 7.07 8.29 -17.13
CA VAL A 237 7.43 7.55 -18.34
C VAL A 237 8.37 6.39 -18.01
N ASN A 238 8.20 5.29 -18.73
CA ASN A 238 9.02 4.10 -18.51
C ASN A 238 10.09 3.98 -19.60
N ASN A 239 11.24 3.42 -19.23
CA ASN A 239 12.34 3.25 -20.17
C ASN A 239 11.88 2.49 -21.42
N SER A 240 10.77 1.75 -21.27
CA SER A 240 10.23 0.99 -22.40
C SER A 240 9.40 1.88 -23.31
N SER A 241 9.73 3.16 -23.33
CA SER A 241 9.01 4.12 -24.16
C SER A 241 7.52 4.15 -23.81
N LEU A 242 7.22 4.05 -22.52
CA LEU A 242 5.84 4.06 -22.06
C LEU A 242 5.44 5.44 -21.55
N ILE A 243 4.45 6.05 -22.20
CA ILE A 243 3.98 7.37 -21.81
C ILE A 243 2.95 7.28 -20.69
N GLY A 244 3.20 8.00 -19.61
CA GLY A 244 2.28 7.99 -18.47
C GLY A 244 1.88 9.38 -18.04
N LEU A 245 0.59 9.59 -17.84
CA LEU A 245 0.07 10.89 -17.42
C LEU A 245 -1.14 10.72 -16.50
N GLY A 246 -1.21 11.57 -15.48
CA GLY A 246 -2.32 11.50 -14.54
C GLY A 246 -2.60 12.84 -13.88
N TYR A 247 -3.86 13.07 -13.53
CA TYR A 247 -4.26 14.32 -12.89
C TYR A 247 -5.04 14.05 -11.60
N THR A 248 -4.66 14.74 -10.53
CA THR A 248 -5.33 14.58 -9.25
C THR A 248 -6.05 15.86 -8.84
N GLN A 249 -7.34 15.75 -8.58
CA GLN A 249 -8.14 16.90 -8.17
C GLN A 249 -9.18 16.51 -7.13
N THR A 250 -9.23 17.25 -6.03
CA THR A 250 -10.18 16.96 -4.96
C THR A 250 -11.56 17.53 -5.30
N LEU A 251 -12.60 16.79 -4.92
CA LEU A 251 -13.97 17.22 -5.18
C LEU A 251 -14.37 18.36 -4.25
N LYS A 252 -14.54 18.05 -2.97
CA LYS A 252 -14.90 19.06 -1.98
C LYS A 252 -15.07 18.44 -0.60
N PRO A 253 -15.99 17.47 -0.50
CA PRO A 253 -16.27 16.77 0.77
C PRO A 253 -15.12 15.85 1.18
N GLY A 254 -15.13 14.63 0.68
CA GLY A 254 -14.09 13.67 1.01
C GLY A 254 -13.76 12.75 -0.15
N ILE A 255 -14.19 13.12 -1.35
CA ILE A 255 -13.94 12.31 -2.53
C ILE A 255 -12.85 12.94 -3.40
N LYS A 256 -11.75 12.20 -3.57
CA LYS A 256 -10.64 12.68 -4.39
C LYS A 256 -10.68 12.08 -5.78
N LEU A 257 -10.47 12.92 -6.79
CA LEU A 257 -10.48 12.46 -8.18
C LEU A 257 -9.08 12.12 -8.65
N THR A 258 -8.90 10.89 -9.13
CA THR A 258 -7.61 10.43 -9.62
C THR A 258 -7.72 9.83 -11.02
N LEU A 259 -7.15 10.53 -12.00
CA LEU A 259 -7.18 10.07 -13.39
C LEU A 259 -5.80 9.61 -13.84
N SER A 260 -5.74 8.39 -14.35
CA SER A 260 -4.48 7.82 -14.83
C SER A 260 -4.62 7.33 -16.27
N ALA A 261 -3.57 7.55 -17.06
CA ALA A 261 -3.57 7.12 -18.46
C ALA A 261 -2.19 6.66 -18.89
N LEU A 262 -2.11 5.46 -19.46
CA LEU A 262 -0.84 4.91 -19.92
C LEU A 262 -0.89 4.60 -21.42
N LEU A 263 0.00 5.23 -22.17
CA LEU A 263 0.05 5.02 -23.62
C LEU A 263 1.41 4.47 -24.03
N ASP A 264 1.44 3.21 -24.44
CA ASP A 264 2.67 2.56 -24.86
C ASP A 264 2.88 2.73 -26.36
N GLY A 265 3.94 3.44 -26.73
CA GLY A 265 4.24 3.66 -28.14
C GLY A 265 4.35 2.36 -28.92
N LYS A 266 4.55 1.26 -28.21
CA LYS A 266 4.68 -0.05 -28.84
C LYS A 266 3.30 -0.61 -29.22
N ASN A 267 2.27 -0.17 -28.50
CA ASN A 267 0.91 -0.62 -28.75
C ASN A 267 0.07 0.50 -29.35
N VAL A 268 0.03 1.63 -28.67
CA VAL A 268 -0.73 2.79 -29.13
C VAL A 268 -0.40 3.12 -30.58
N ASN A 269 0.83 2.80 -30.99
CA ASN A 269 1.28 3.07 -32.34
C ASN A 269 0.30 2.49 -33.37
N ALA A 270 -0.28 1.35 -33.03
CA ALA A 270 -1.23 0.68 -33.91
C ALA A 270 -2.66 0.89 -33.42
N GLY A 271 -2.80 1.28 -32.16
CA GLY A 271 -4.12 1.50 -31.60
C GLY A 271 -4.35 0.71 -30.33
N GLY A 272 -4.17 1.36 -29.19
CA GLY A 272 -4.36 0.70 -27.90
C GLY A 272 -3.85 1.52 -26.74
N HIS A 273 -4.74 2.30 -26.14
CA HIS A 273 -4.37 3.14 -25.00
C HIS A 273 -5.07 2.67 -23.73
N LYS A 274 -4.37 2.78 -22.60
CA LYS A 274 -4.92 2.37 -21.31
C LYS A 274 -5.41 3.58 -20.52
N LEU A 275 -6.58 3.44 -19.91
CA LEU A 275 -7.16 4.52 -19.11
C LEU A 275 -7.72 3.98 -17.80
N GLY A 276 -7.48 4.73 -16.72
CA GLY A 276 -7.96 4.31 -15.42
C GLY A 276 -8.49 5.47 -14.60
N LEU A 277 -9.63 5.28 -13.95
CA LEU A 277 -10.23 6.32 -13.13
C LEU A 277 -10.66 5.77 -11.77
N GLY A 278 -10.40 6.54 -10.72
CA GLY A 278 -10.76 6.12 -9.39
C GLY A 278 -10.84 7.28 -8.40
N LEU A 279 -11.52 7.06 -7.29
CA LEU A 279 -11.67 8.09 -6.26
C LEU A 279 -10.95 7.69 -4.98
N GLU A 280 -10.35 8.68 -4.31
CA GLU A 280 -9.63 8.43 -3.07
C GLU A 280 -10.56 8.60 -1.87
N PHE A 281 -10.54 7.60 -0.98
CA PHE A 281 -11.39 7.64 0.21
C PHE A 281 -10.80 8.58 1.26
N GLN A 282 -10.67 9.85 0.90
CA GLN A 282 -10.11 10.85 1.80
C GLN A 282 -11.20 11.82 2.27
N ALA A 283 -11.74 11.57 3.45
CA ALA A 283 -12.79 12.41 4.02
C ALA A 283 -12.44 12.84 5.43
N LEU A 284 -12.16 14.13 5.61
CA LEU A 284 -11.81 14.67 6.92
C LEU A 284 -12.19 16.15 7.01
N GLU A 285 -11.95 16.74 8.18
CA GLU A 285 -12.27 18.15 8.40
C GLU A 285 -11.41 19.04 7.52
N MET A 1 3.24 6.08 20.06
CA MET A 1 3.85 6.87 21.12
C MET A 1 5.31 6.44 21.35
N ALA A 2 5.56 5.14 21.22
CA ALA A 2 6.90 4.60 21.42
C ALA A 2 7.88 5.17 20.39
N VAL A 3 7.62 4.87 19.12
CA VAL A 3 8.48 5.35 18.04
C VAL A 3 7.65 5.91 16.88
N PRO A 4 8.27 6.76 16.06
CA PRO A 4 7.61 7.37 14.90
C PRO A 4 7.33 6.36 13.80
N PRO A 5 6.56 6.78 12.78
CA PRO A 5 6.20 5.92 11.65
C PRO A 5 7.39 5.64 10.74
N THR A 6 8.25 4.73 11.17
CA THR A 6 9.43 4.36 10.39
C THR A 6 9.05 3.58 9.15
N TYR A 7 8.16 2.61 9.30
CA TYR A 7 7.71 1.79 8.19
C TYR A 7 7.22 2.66 7.04
N ALA A 8 6.64 3.81 7.38
CA ALA A 8 6.14 4.73 6.37
C ALA A 8 7.26 5.60 5.80
N ASP A 9 8.31 5.80 6.60
CA ASP A 9 9.44 6.61 6.17
C ASP A 9 10.30 5.85 5.16
N LEU A 10 10.05 4.55 5.04
CA LEU A 10 10.80 3.71 4.12
C LEU A 10 10.71 4.25 2.70
N GLY A 11 9.56 4.83 2.36
CA GLY A 11 9.36 5.37 1.03
C GLY A 11 7.95 5.15 0.51
N LYS A 12 6.98 5.75 1.18
CA LYS A 12 5.58 5.62 0.78
C LYS A 12 5.31 6.33 -0.55
N SER A 13 5.89 7.53 -0.70
CA SER A 13 5.72 8.31 -1.91
C SER A 13 6.32 7.59 -3.12
N ALA A 14 7.47 6.96 -2.89
CA ALA A 14 8.15 6.24 -3.97
C ALA A 14 7.26 5.15 -4.55
N ARG A 15 6.48 4.50 -3.69
CA ARG A 15 5.57 3.44 -4.13
C ARG A 15 4.55 3.98 -5.12
N ASP A 16 4.16 5.23 -4.94
CA ASP A 16 3.19 5.86 -5.82
C ASP A 16 3.67 5.86 -7.26
N VAL A 17 4.96 6.11 -7.45
CA VAL A 17 5.55 6.12 -8.79
C VAL A 17 5.36 4.78 -9.49
N PHE A 18 5.50 3.70 -8.74
CA PHE A 18 5.35 2.37 -9.29
C PHE A 18 3.94 2.17 -9.86
N THR A 19 2.95 2.68 -9.14
CA THR A 19 1.56 2.56 -9.58
C THR A 19 1.23 1.14 -10.01
N LYS A 20 1.21 0.21 -9.05
CA LYS A 20 0.91 -1.18 -9.34
C LYS A 20 -0.55 -1.36 -9.75
N GLY A 21 -0.77 -1.72 -11.01
CA GLY A 21 -2.11 -1.91 -11.50
C GLY A 21 -2.94 -0.63 -11.47
N TYR A 22 -3.05 0.03 -12.62
CA TYR A 22 -3.80 1.27 -12.71
C TYR A 22 -3.92 1.72 -14.17
N GLY A 23 -5.14 2.02 -14.60
CA GLY A 23 -5.37 2.46 -15.95
C GLY A 23 -5.86 1.34 -16.85
N PHE A 24 -6.76 0.51 -16.33
CA PHE A 24 -7.31 -0.59 -17.09
C PHE A 24 -8.73 -0.28 -17.58
N GLY A 25 -9.11 0.99 -17.49
CA GLY A 25 -10.42 1.41 -17.92
C GLY A 25 -11.49 1.12 -16.88
N LEU A 26 -11.06 0.85 -15.66
CA LEU A 26 -11.99 0.55 -14.57
C LEU A 26 -12.09 1.73 -13.60
N ILE A 27 -13.07 1.68 -12.72
CA ILE A 27 -13.27 2.74 -11.73
C ILE A 27 -13.17 2.20 -10.31
N LYS A 28 -12.27 2.79 -9.53
CA LYS A 28 -12.06 2.38 -8.15
C LYS A 28 -12.44 3.50 -7.19
N LEU A 29 -13.43 3.22 -6.35
CA LEU A 29 -13.89 4.20 -5.37
C LEU A 29 -13.61 3.73 -3.94
N ASP A 30 -13.26 4.67 -3.08
CA ASP A 30 -12.97 4.34 -1.68
C ASP A 30 -13.35 5.51 -0.76
N LEU A 31 -14.12 5.20 0.27
CA LEU A 31 -14.56 6.22 1.22
C LEU A 31 -14.23 5.80 2.65
N LYS A 32 -13.58 6.70 3.38
CA LYS A 32 -13.20 6.43 4.77
C LYS A 32 -13.75 7.51 5.70
N THR A 33 -14.49 7.09 6.72
CA THR A 33 -15.07 8.03 7.68
C THR A 33 -14.88 7.53 9.11
N LYS A 34 -14.20 8.32 9.92
CA LYS A 34 -13.95 7.97 11.31
C LYS A 34 -14.58 8.99 12.26
N SER A 35 -15.34 8.49 13.24
CA SER A 35 -16.00 9.36 14.20
C SER A 35 -15.47 9.12 15.61
N GLU A 36 -15.25 10.20 16.36
CA GLU A 36 -14.74 10.11 17.72
C GLU A 36 -15.84 9.67 18.68
N ASN A 37 -16.42 8.51 18.43
CA ASN A 37 -17.49 7.99 19.28
C ASN A 37 -17.65 6.49 19.09
N GLY A 38 -16.57 5.82 18.67
CA GLY A 38 -16.62 4.40 18.45
C GLY A 38 -17.26 4.03 17.13
N LEU A 39 -17.76 5.03 16.41
CA LEU A 39 -18.41 4.81 15.13
C LEU A 39 -17.44 5.08 13.98
N GLU A 40 -17.29 4.08 13.10
CA GLU A 40 -16.40 4.22 11.96
C GLU A 40 -17.01 3.56 10.71
N PHE A 41 -17.24 4.36 9.68
CA PHE A 41 -17.81 3.85 8.44
C PHE A 41 -16.74 3.73 7.36
N THR A 42 -16.61 2.52 6.81
CA THR A 42 -15.63 2.26 5.77
C THR A 42 -16.27 1.63 4.54
N SER A 43 -16.24 2.35 3.42
CA SER A 43 -16.84 1.86 2.19
C SER A 43 -15.78 1.74 1.09
N SER A 44 -15.83 0.65 0.32
CA SER A 44 -14.89 0.42 -0.76
C SER A 44 -15.52 -0.40 -1.87
N GLY A 45 -15.43 0.12 -3.09
CA GLY A 45 -16.01 -0.58 -4.23
C GLY A 45 -15.49 -0.06 -5.56
N SER A 46 -15.74 -0.80 -6.63
CA SER A 46 -15.30 -0.41 -7.96
C SER A 46 -16.38 -0.67 -9.00
N ALA A 47 -16.18 -0.14 -10.20
CA ALA A 47 -17.15 -0.32 -11.28
C ALA A 47 -16.43 -0.69 -12.58
N ASN A 48 -17.03 -1.62 -13.32
CA ASN A 48 -16.45 -2.06 -14.59
C ASN A 48 -17.35 -1.66 -15.76
N THR A 49 -16.73 -1.25 -16.86
CA THR A 49 -17.46 -0.85 -18.05
C THR A 49 -18.29 0.40 -17.78
N GLU A 50 -18.84 1.00 -18.83
CA GLU A 50 -19.65 2.19 -18.71
C GLU A 50 -21.03 1.86 -18.14
N THR A 51 -21.16 1.98 -16.82
CA THR A 51 -22.42 1.70 -16.15
C THR A 51 -23.02 0.38 -16.65
N THR A 52 -22.55 -0.72 -16.06
CA THR A 52 -23.05 -2.05 -16.44
C THR A 52 -22.96 -3.02 -15.28
N LYS A 53 -21.75 -3.23 -14.76
CA LYS A 53 -21.52 -4.13 -13.65
C LYS A 53 -20.46 -3.58 -12.71
N VAL A 54 -20.88 -3.24 -11.49
CA VAL A 54 -19.96 -2.70 -10.49
C VAL A 54 -20.02 -3.51 -9.20
N THR A 55 -18.89 -3.60 -8.51
CA THR A 55 -18.81 -4.34 -7.26
C THR A 55 -18.62 -3.40 -6.07
N GLY A 56 -19.50 -3.53 -5.08
CA GLY A 56 -19.40 -2.68 -3.90
C GLY A 56 -19.17 -3.48 -2.63
N SER A 57 -18.37 -2.93 -1.73
CA SER A 57 -18.07 -3.60 -0.46
C SER A 57 -18.31 -2.66 0.72
N LEU A 58 -18.82 -3.21 1.82
CA LEU A 58 -19.09 -2.42 3.02
C LEU A 58 -18.31 -2.97 4.20
N GLU A 59 -17.66 -2.07 4.95
CA GLU A 59 -16.88 -2.46 6.11
C GLU A 59 -17.18 -1.54 7.29
N THR A 60 -17.58 -2.14 8.42
CA THR A 60 -17.89 -1.38 9.61
C THR A 60 -16.78 -1.50 10.65
N LYS A 61 -16.35 -0.36 11.17
CA LYS A 61 -15.28 -0.34 12.18
C LYS A 61 -15.67 0.55 13.36
N TYR A 62 -15.06 0.30 14.51
CA TYR A 62 -15.33 1.09 15.70
C TYR A 62 -14.04 1.59 16.34
N ARG A 63 -14.07 2.82 16.83
CA ARG A 63 -12.90 3.42 17.46
C ARG A 63 -13.26 3.98 18.83
N TRP A 64 -12.83 3.28 19.88
CA TRP A 64 -13.09 3.70 21.25
C TRP A 64 -11.80 4.09 21.96
N THR A 65 -11.84 5.23 22.66
CA THR A 65 -10.68 5.72 23.38
C THR A 65 -10.37 4.84 24.58
N GLU A 66 -11.40 4.19 25.12
CA GLU A 66 -11.23 3.32 26.27
C GLU A 66 -10.13 2.29 26.03
N TYR A 67 -8.96 2.53 26.62
CA TYR A 67 -7.83 1.63 26.47
C TYR A 67 -7.34 1.62 25.02
N GLY A 68 -7.87 2.53 24.21
CA GLY A 68 -7.48 2.60 22.81
C GLY A 68 -7.72 1.29 22.08
N LEU A 69 -9.00 0.97 21.86
CA LEU A 69 -9.35 -0.26 21.17
C LEU A 69 -10.13 0.05 19.89
N THR A 70 -9.80 -0.67 18.82
CA THR A 70 -10.47 -0.48 17.53
C THR A 70 -10.79 -1.81 16.88
N PHE A 71 -12.05 -1.98 16.49
CA PHE A 71 -12.50 -3.21 15.85
C PHE A 71 -13.08 -2.93 14.47
N THR A 72 -12.51 -3.54 13.44
CA THR A 72 -12.97 -3.36 12.07
C THR A 72 -13.41 -4.68 11.45
N GLU A 73 -14.55 -4.65 10.77
CA GLU A 73 -15.08 -5.85 10.13
C GLU A 73 -15.45 -5.57 8.67
N LYS A 74 -14.87 -6.33 7.77
CA LYS A 74 -15.14 -6.17 6.34
C LYS A 74 -16.22 -7.14 5.88
N TRP A 75 -17.15 -6.65 5.08
CA TRP A 75 -18.24 -7.48 4.56
C TRP A 75 -18.46 -7.24 3.07
N ASN A 76 -18.48 -8.31 2.30
CA ASN A 76 -18.69 -8.21 0.86
C ASN A 76 -19.97 -8.92 0.43
N THR A 77 -20.53 -8.49 -0.69
CA THR A 77 -21.75 -9.09 -1.20
C THR A 77 -21.55 -10.56 -1.55
N ASP A 78 -20.30 -10.96 -1.66
CA ASP A 78 -19.97 -12.36 -1.98
C ASP A 78 -20.19 -13.26 -0.77
N ASN A 79 -20.65 -12.67 0.33
CA ASN A 79 -20.90 -13.42 1.56
C ASN A 79 -19.60 -13.71 2.30
N THR A 80 -18.69 -12.74 2.28
CA THR A 80 -17.41 -12.88 2.95
C THR A 80 -17.28 -11.90 4.11
N LEU A 81 -17.07 -12.45 5.31
CA LEU A 81 -16.93 -11.62 6.51
C LEU A 81 -15.50 -11.66 7.03
N GLY A 82 -14.95 -10.50 7.35
CA GLY A 82 -13.59 -10.42 7.86
C GLY A 82 -13.52 -9.72 9.20
N THR A 83 -13.59 -10.50 10.27
CA THR A 83 -13.54 -9.95 11.63
C THR A 83 -12.10 -9.62 12.03
N GLU A 84 -11.78 -8.34 12.04
CA GLU A 84 -10.43 -7.90 12.42
C GLU A 84 -10.48 -6.89 13.57
N ILE A 85 -10.07 -7.34 14.75
CA ILE A 85 -10.07 -6.49 15.93
C ILE A 85 -8.65 -6.17 16.38
N THR A 86 -8.37 -4.89 16.61
CA THR A 86 -7.05 -4.45 17.04
C THR A 86 -7.13 -3.70 18.37
N VAL A 87 -6.39 -4.20 19.36
CA VAL A 87 -6.37 -3.58 20.68
C VAL A 87 -4.99 -3.02 21.00
N GLU A 88 -4.97 -1.84 21.62
CA GLU A 88 -3.71 -1.19 21.98
C GLU A 88 -3.27 -1.61 23.39
N ASP A 89 -2.03 -2.05 23.50
CA ASP A 89 -1.48 -2.48 24.78
C ASP A 89 -1.34 -1.29 25.74
N GLN A 90 -0.86 -1.57 26.94
CA GLN A 90 -0.67 -0.52 27.94
C GLN A 90 0.76 -0.55 28.49
N LEU A 91 1.09 -1.62 29.19
CA LEU A 91 2.42 -1.77 29.78
C LEU A 91 3.50 -1.52 28.73
N ALA A 92 3.70 -2.49 27.85
CA ALA A 92 4.71 -2.37 26.79
C ALA A 92 4.25 -1.40 25.71
N ARG A 93 4.33 -0.10 26.01
CA ARG A 93 3.93 0.92 25.07
C ARG A 93 4.54 0.67 23.69
N GLY A 94 3.72 0.78 22.65
CA GLY A 94 4.20 0.56 21.30
C GLY A 94 3.83 -0.81 20.77
N LEU A 95 3.00 -1.53 21.52
CA LEU A 95 2.58 -2.86 21.13
C LEU A 95 1.09 -2.90 20.79
N LYS A 96 0.77 -3.35 19.59
CA LYS A 96 -0.62 -3.43 19.15
C LYS A 96 -0.97 -4.85 18.71
N LEU A 97 -2.02 -5.41 19.30
CA LEU A 97 -2.47 -6.75 18.98
C LEU A 97 -3.68 -6.72 18.05
N THR A 98 -3.59 -7.42 16.93
CA THR A 98 -4.68 -7.47 15.97
C THR A 98 -5.04 -8.91 15.62
N PHE A 99 -6.29 -9.28 15.90
CA PHE A 99 -6.76 -10.64 15.61
C PHE A 99 -7.74 -10.64 14.44
N ASP A 100 -7.41 -11.36 13.39
CA ASP A 100 -8.26 -11.45 12.21
C ASP A 100 -8.87 -12.83 12.09
N SER A 101 -10.13 -12.88 11.65
CA SER A 101 -10.83 -14.14 11.49
C SER A 101 -11.74 -14.11 10.26
N SER A 102 -11.60 -15.11 9.40
CA SER A 102 -12.40 -15.19 8.19
C SER A 102 -13.61 -16.08 8.40
N PHE A 103 -14.80 -15.54 8.10
CA PHE A 103 -16.04 -16.28 8.26
C PHE A 103 -16.88 -16.22 6.99
N SER A 104 -17.28 -17.38 6.49
CA SER A 104 -18.08 -17.46 5.27
C SER A 104 -19.32 -18.32 5.50
N PRO A 105 -20.48 -17.67 5.69
CA PRO A 105 -21.75 -18.36 5.90
C PRO A 105 -22.24 -19.09 4.65
N ASN A 106 -21.94 -18.51 3.49
CA ASN A 106 -22.35 -19.11 2.22
C ASN A 106 -21.58 -20.40 1.95
N THR A 107 -20.31 -20.25 1.60
CA THR A 107 -19.46 -21.39 1.32
C THR A 107 -19.28 -22.27 2.54
N GLY A 108 -19.11 -21.64 3.70
CA GLY A 108 -18.93 -22.37 4.93
C GLY A 108 -17.47 -22.53 5.31
N LYS A 109 -16.63 -21.61 4.82
CA LYS A 109 -15.21 -21.65 5.12
C LYS A 109 -14.87 -20.77 6.32
N LYS A 110 -13.86 -21.18 7.07
CA LYS A 110 -13.43 -20.43 8.25
C LYS A 110 -11.92 -20.44 8.38
N ASN A 111 -11.33 -19.26 8.60
CA ASN A 111 -9.89 -19.14 8.75
C ASN A 111 -9.54 -18.34 10.00
N ALA A 112 -8.37 -18.61 10.56
CA ALA A 112 -7.91 -17.92 11.76
C ALA A 112 -6.49 -17.39 11.58
N LYS A 113 -6.31 -16.09 11.80
CA LYS A 113 -5.01 -15.46 11.67
C LYS A 113 -4.77 -14.45 12.79
N ILE A 114 -3.56 -14.45 13.33
CA ILE A 114 -3.21 -13.54 14.40
C ILE A 114 -1.96 -12.74 14.06
N LYS A 115 -1.98 -11.45 14.38
CA LYS A 115 -0.85 -10.57 14.10
C LYS A 115 -0.46 -9.77 15.35
N THR A 116 0.82 -9.79 15.67
CA THR A 116 1.33 -9.06 16.84
C THR A 116 2.35 -8.01 16.44
N GLY A 117 2.04 -6.75 16.73
CA GLY A 117 2.95 -5.66 16.39
C GLY A 117 3.63 -5.09 17.61
N TYR A 118 4.96 -5.05 17.57
CA TYR A 118 5.74 -4.52 18.69
C TYR A 118 6.79 -3.54 18.19
N LYS A 119 6.64 -2.27 18.60
CA LYS A 119 7.58 -1.23 18.20
C LYS A 119 8.48 -0.82 19.36
N ARG A 120 9.78 -0.89 19.13
CA ARG A 120 10.75 -0.53 20.17
C ARG A 120 11.37 0.83 19.88
N GLU A 121 11.66 1.57 20.94
CA GLU A 121 12.26 2.90 20.81
C GLU A 121 13.48 2.86 19.90
N HIS A 122 14.12 1.69 19.83
CA HIS A 122 15.31 1.52 19.00
C HIS A 122 14.92 1.13 17.57
N ILE A 123 13.99 0.19 17.46
CA ILE A 123 13.53 -0.28 16.15
C ILE A 123 12.10 -0.77 16.23
N ASN A 124 11.41 -0.77 15.08
CA ASN A 124 10.02 -1.22 15.02
C ASN A 124 9.94 -2.60 14.38
N LEU A 125 9.23 -3.51 15.04
CA LEU A 125 9.06 -4.86 14.55
C LEU A 125 7.59 -5.26 14.50
N GLY A 126 7.22 -6.02 13.47
CA GLY A 126 5.84 -6.45 13.34
C GLY A 126 5.72 -7.83 12.71
N CYS A 127 5.18 -8.77 13.48
CA CYS A 127 5.01 -10.14 13.00
C CYS A 127 3.53 -10.49 12.85
N ASP A 128 3.17 -11.07 11.71
CA ASP A 128 1.78 -11.44 11.45
C ASP A 128 1.70 -12.90 11.00
N MET A 129 1.02 -13.72 11.79
CA MET A 129 0.86 -15.14 11.48
C MET A 129 -0.54 -15.42 10.94
N ASP A 130 -0.61 -16.21 9.88
CA ASP A 130 -1.90 -16.57 9.27
C ASP A 130 -2.02 -18.08 9.12
N PHE A 131 -3.04 -18.65 9.75
CA PHE A 131 -3.28 -20.09 9.68
C PHE A 131 -4.28 -20.43 8.59
N ASP A 132 -3.83 -21.23 7.62
CA ASP A 132 -4.68 -21.63 6.51
C ASP A 132 -4.68 -23.15 6.34
N ILE A 133 -5.87 -23.73 6.21
CA ILE A 133 -5.99 -25.17 6.04
C ILE A 133 -5.19 -25.66 4.84
N ALA A 134 -5.04 -24.78 3.84
CA ALA A 134 -4.30 -25.12 2.63
C ALA A 134 -2.80 -24.99 2.87
N GLY A 135 -2.43 -24.23 3.89
CA GLY A 135 -1.02 -24.03 4.20
C GLY A 135 -0.77 -22.77 5.00
N PRO A 136 -0.61 -22.92 6.32
CA PRO A 136 -0.36 -21.79 7.23
C PRO A 136 1.02 -21.18 7.02
N SER A 137 1.05 -19.86 6.87
CA SER A 137 2.32 -19.15 6.65
C SER A 137 2.45 -17.98 7.63
N ILE A 138 3.67 -17.49 7.80
CA ILE A 138 3.93 -16.37 8.70
C ILE A 138 4.54 -15.20 7.95
N ARG A 139 3.83 -14.07 7.93
CA ARG A 139 4.32 -12.88 7.25
C ARG A 139 4.41 -11.71 8.22
N GLY A 140 5.60 -11.10 8.30
CA GLY A 140 5.79 -9.97 9.18
C GLY A 140 6.79 -8.97 8.63
N ALA A 141 6.63 -7.71 9.02
CA ALA A 141 7.52 -6.65 8.57
C ALA A 141 8.22 -5.97 9.74
N LEU A 142 9.50 -5.67 9.56
CA LEU A 142 10.28 -5.01 10.61
C LEU A 142 11.23 -3.98 10.02
N VAL A 143 11.42 -2.88 10.73
CA VAL A 143 12.31 -1.82 10.27
C VAL A 143 13.22 -1.35 11.40
N LEU A 144 14.46 -1.01 11.05
CA LEU A 144 15.44 -0.54 12.03
C LEU A 144 16.03 0.80 11.62
N GLY A 145 16.19 1.70 12.58
CA GLY A 145 16.74 3.00 12.30
C GLY A 145 18.09 3.22 12.95
N TYR A 146 19.10 3.45 12.12
CA TYR A 146 20.46 3.67 12.63
C TYR A 146 21.20 4.69 11.77
N GLU A 147 22.10 5.45 12.40
CA GLU A 147 22.87 6.46 11.71
C GLU A 147 21.96 7.36 10.88
N GLY A 148 20.71 7.48 11.30
CA GLY A 148 19.76 8.31 10.59
C GLY A 148 19.03 7.56 9.49
N TRP A 149 19.70 6.59 8.89
CA TRP A 149 19.12 5.79 7.82
C TRP A 149 18.23 4.69 8.39
N LEU A 150 17.16 4.37 7.68
CA LEU A 150 16.23 3.33 8.10
C LEU A 150 16.25 2.14 7.15
N ALA A 151 16.07 0.95 7.69
CA ALA A 151 16.06 -0.27 6.89
C ALA A 151 15.01 -1.25 7.39
N GLY A 152 14.00 -1.50 6.58
CA GLY A 152 12.95 -2.42 6.95
C GLY A 152 12.07 -2.83 5.79
N TYR A 153 11.33 -3.92 5.95
CA TYR A 153 10.45 -4.41 4.89
C TYR A 153 9.62 -5.59 5.38
N GLN A 154 8.96 -6.26 4.45
CA GLN A 154 8.12 -7.41 4.78
C GLN A 154 8.86 -8.72 4.51
N MET A 155 8.60 -9.73 5.33
CA MET A 155 9.24 -11.03 5.18
C MET A 155 8.28 -12.15 5.56
N ASN A 156 8.12 -13.12 4.66
CA ASN A 156 7.23 -14.25 4.91
C ASN A 156 8.03 -15.54 5.08
N PHE A 157 7.89 -16.17 6.24
CA PHE A 157 8.60 -17.41 6.53
C PHE A 157 7.64 -18.59 6.55
N GLU A 158 8.07 -19.71 5.98
CA GLU A 158 7.25 -20.91 5.92
C GLU A 158 7.25 -21.64 7.27
N THR A 159 6.21 -21.40 8.06
CA THR A 159 6.10 -22.03 9.37
C THR A 159 5.92 -23.53 9.25
N ALA A 160 5.12 -23.95 8.27
CA ALA A 160 4.87 -25.38 8.05
C ALA A 160 6.18 -26.16 8.02
N LYS A 161 7.27 -25.49 7.67
CA LYS A 161 8.57 -26.11 7.60
C LYS A 161 9.66 -25.17 8.12
N SER A 162 10.91 -25.45 7.74
CA SER A 162 12.03 -24.63 8.17
C SER A 162 12.60 -23.82 7.00
N ARG A 163 11.70 -23.30 6.16
CA ARG A 163 12.11 -22.51 5.01
C ARG A 163 11.31 -21.20 4.95
N VAL A 164 11.71 -20.31 4.04
CA VAL A 164 11.04 -19.03 3.88
C VAL A 164 10.21 -19.00 2.60
N THR A 165 9.03 -18.38 2.67
CA THR A 165 8.15 -18.29 1.52
C THR A 165 8.43 -17.03 0.72
N GLN A 166 8.78 -15.95 1.40
CA GLN A 166 9.08 -14.69 0.75
C GLN A 166 10.01 -13.84 1.61
N SER A 167 10.99 -13.21 0.96
CA SER A 167 11.95 -12.37 1.66
C SER A 167 12.06 -11.00 1.01
N ASN A 168 11.42 -10.01 1.62
CA ASN A 168 11.43 -8.65 1.11
C ASN A 168 12.13 -7.70 2.08
N PHE A 169 13.17 -7.03 1.60
CA PHE A 169 13.92 -6.09 2.43
C PHE A 169 14.16 -4.78 1.68
N ALA A 170 14.03 -3.67 2.39
CA ALA A 170 14.24 -2.35 1.80
C ALA A 170 14.70 -1.35 2.85
N VAL A 171 15.45 -0.35 2.40
CA VAL A 171 15.96 0.69 3.30
C VAL A 171 15.91 2.06 2.65
N GLY A 172 15.71 3.09 3.46
CA GLY A 172 15.65 4.44 2.95
C GLY A 172 16.68 5.36 3.57
N TYR A 173 17.43 6.06 2.73
CA TYR A 173 18.47 6.97 3.21
C TYR A 173 18.12 8.42 2.88
N LYS A 174 18.23 9.28 3.88
CA LYS A 174 17.92 10.70 3.70
C LYS A 174 19.20 11.52 3.58
N THR A 175 19.28 12.33 2.53
CA THR A 175 20.46 13.17 2.30
C THR A 175 20.07 14.65 2.29
N ASP A 176 21.08 15.51 2.35
CA ASP A 176 20.86 16.95 2.35
C ASP A 176 19.66 17.32 1.48
N GLU A 177 19.87 17.31 0.16
CA GLU A 177 18.80 17.64 -0.77
C GLU A 177 18.49 16.45 -1.68
N PHE A 178 18.97 15.27 -1.30
CA PHE A 178 18.76 14.07 -2.07
C PHE A 178 18.20 12.95 -1.20
N GLN A 179 17.37 12.09 -1.79
CA GLN A 179 16.77 10.99 -1.06
C GLN A 179 16.80 9.71 -1.89
N LEU A 180 17.35 8.65 -1.31
CA LEU A 180 17.45 7.36 -1.99
C LEU A 180 16.78 6.26 -1.18
N HIS A 181 16.03 5.40 -1.86
CA HIS A 181 15.35 4.29 -1.19
C HIS A 181 15.60 2.98 -1.93
N THR A 182 16.32 2.07 -1.26
CA THR A 182 16.63 0.77 -1.85
C THR A 182 15.64 -0.29 -1.40
N ASN A 183 15.36 -1.25 -2.27
CA ASN A 183 14.43 -2.32 -1.97
C ASN A 183 14.65 -3.52 -2.88
N VAL A 184 14.55 -4.72 -2.32
CA VAL A 184 14.74 -5.94 -3.09
C VAL A 184 13.66 -6.97 -2.77
N ASN A 185 13.13 -7.60 -3.81
CA ASN A 185 12.08 -8.61 -3.64
C ASN A 185 12.66 -10.01 -3.73
N ASP A 186 13.10 -10.54 -2.59
CA ASP A 186 13.68 -11.88 -2.54
C ASP A 186 15.07 -11.90 -3.16
N GLY A 187 15.73 -13.05 -3.11
CA GLY A 187 17.06 -13.18 -3.66
C GLY A 187 17.06 -13.17 -5.17
N THR A 188 15.88 -13.03 -5.76
CA THR A 188 15.74 -13.01 -7.22
C THR A 188 15.50 -11.59 -7.73
N GLU A 189 14.96 -10.75 -6.87
CA GLU A 189 14.68 -9.36 -7.23
C GLU A 189 15.46 -8.39 -6.34
N PHE A 190 16.30 -7.57 -6.98
CA PHE A 190 17.11 -6.60 -6.25
C PHE A 190 17.19 -5.28 -7.01
N GLY A 191 16.80 -4.19 -6.34
CA GLY A 191 16.83 -2.89 -6.97
C GLY A 191 16.56 -1.77 -5.99
N GLY A 192 15.97 -0.68 -6.48
CA GLY A 192 15.67 0.45 -5.62
C GLY A 192 15.18 1.66 -6.40
N SER A 193 15.14 2.81 -5.75
CA SER A 193 14.68 4.04 -6.39
C SER A 193 15.39 5.25 -5.80
N ILE A 194 15.53 6.29 -6.61
CA ILE A 194 16.19 7.52 -6.17
C ILE A 194 15.42 8.75 -6.63
N TYR A 195 15.25 9.71 -5.73
CA TYR A 195 14.54 10.95 -6.04
C TYR A 195 15.33 12.16 -5.57
N GLN A 196 15.37 13.19 -6.42
CA GLN A 196 16.08 14.42 -6.11
C GLN A 196 15.17 15.63 -6.21
N LYS A 197 15.20 16.47 -5.18
CA LYS A 197 14.37 17.67 -5.15
C LYS A 197 15.01 18.80 -5.96
N VAL A 198 14.27 19.36 -6.90
CA VAL A 198 14.76 20.44 -7.73
C VAL A 198 14.44 21.80 -7.13
N ASN A 199 15.39 22.73 -7.21
CA ASN A 199 15.20 24.06 -6.66
C ASN A 199 14.42 24.94 -7.63
N LYS A 200 13.20 24.52 -7.95
CA LYS A 200 12.34 25.27 -8.86
C LYS A 200 10.91 24.78 -8.78
N LYS A 201 10.45 24.47 -7.57
CA LYS A 201 9.08 23.99 -7.37
C LYS A 201 8.83 22.73 -8.18
N LEU A 202 9.79 21.81 -8.17
CA LEU A 202 9.66 20.56 -8.91
C LEU A 202 10.48 19.45 -8.26
N GLU A 203 9.97 18.23 -8.33
CA GLU A 203 10.67 17.08 -7.75
C GLU A 203 10.84 15.97 -8.77
N THR A 204 11.92 15.21 -8.64
CA THR A 204 12.20 14.11 -9.55
C THR A 204 12.35 12.79 -8.81
N ALA A 205 11.77 11.73 -9.37
CA ALA A 205 11.84 10.40 -8.75
C ALA A 205 11.91 9.31 -9.81
N VAL A 206 12.79 8.34 -9.59
CA VAL A 206 12.96 7.24 -10.53
C VAL A 206 12.97 5.90 -9.80
N ASN A 207 12.40 4.88 -10.43
CA ASN A 207 12.34 3.55 -9.84
C ASN A 207 12.81 2.49 -10.84
N LEU A 208 13.75 1.67 -10.42
CA LEU A 208 14.30 0.61 -11.28
C LEU A 208 14.61 -0.64 -10.46
N ALA A 209 14.51 -1.79 -11.11
CA ALA A 209 14.77 -3.06 -10.45
C ALA A 209 15.56 -4.00 -11.36
N TRP A 210 16.39 -4.85 -10.77
CA TRP A 210 17.19 -5.79 -11.53
C TRP A 210 16.87 -7.24 -11.12
N THR A 211 16.72 -8.10 -12.12
CA THR A 211 16.42 -9.51 -11.86
C THR A 211 17.68 -10.36 -11.86
N ALA A 212 18.12 -10.75 -10.66
CA ALA A 212 19.32 -11.56 -10.52
C ALA A 212 19.24 -12.82 -11.39
N GLY A 213 20.40 -13.29 -11.84
CA GLY A 213 20.43 -14.48 -12.67
C GLY A 213 20.51 -14.14 -14.15
N ASN A 214 19.87 -13.04 -14.54
CA ASN A 214 19.86 -12.62 -15.94
C ASN A 214 20.42 -11.21 -16.08
N SER A 215 20.30 -10.65 -17.28
CA SER A 215 20.78 -9.30 -17.54
C SER A 215 19.65 -8.37 -17.96
N ASN A 216 18.49 -8.56 -17.33
CA ASN A 216 17.32 -7.74 -17.64
C ASN A 216 17.11 -6.66 -16.57
N THR A 217 17.31 -5.41 -16.97
CA THR A 217 17.14 -4.28 -16.05
C THR A 217 15.99 -3.38 -16.48
N ARG A 218 15.20 -2.94 -15.51
CA ARG A 218 14.05 -2.08 -15.79
C ARG A 218 14.09 -0.83 -14.91
N PHE A 219 13.99 0.33 -15.54
CA PHE A 219 14.02 1.59 -14.81
C PHE A 219 12.92 2.53 -15.31
N GLY A 220 12.53 3.49 -14.46
CA GLY A 220 11.49 4.43 -14.84
C GLY A 220 11.70 5.80 -14.22
N ILE A 221 11.30 6.83 -14.95
CA ILE A 221 11.45 8.20 -14.47
C ILE A 221 10.09 8.89 -14.31
N ALA A 222 9.89 9.55 -13.18
CA ALA A 222 8.65 10.24 -12.90
C ALA A 222 8.90 11.65 -12.40
N ALA A 223 8.04 12.59 -12.80
CA ALA A 223 8.18 13.98 -12.40
C ALA A 223 7.03 14.39 -11.46
N LYS A 224 7.37 15.08 -10.38
CA LYS A 224 6.37 15.53 -9.42
C LYS A 224 6.21 17.05 -9.48
N TYR A 225 5.03 17.49 -9.88
CA TYR A 225 4.75 18.92 -9.99
C TYR A 225 3.42 19.26 -9.31
N GLN A 226 3.49 20.09 -8.28
CA GLN A 226 2.30 20.49 -7.55
C GLN A 226 2.00 21.97 -7.76
N ILE A 227 0.94 22.25 -8.51
CA ILE A 227 0.55 23.62 -8.79
C ILE A 227 -0.23 24.23 -7.63
N ASP A 228 -0.99 23.39 -6.93
CA ASP A 228 -1.77 23.84 -5.79
C ASP A 228 -1.94 22.72 -4.77
N PRO A 229 -2.28 23.10 -3.52
CA PRO A 229 -2.46 22.14 -2.42
C PRO A 229 -3.72 21.29 -2.61
N ASP A 230 -4.52 21.63 -3.62
CA ASP A 230 -5.75 20.90 -3.90
C ASP A 230 -5.59 20.05 -5.16
N ALA A 231 -4.75 20.51 -6.08
CA ALA A 231 -4.51 19.78 -7.32
C ALA A 231 -3.03 19.49 -7.51
N CYS A 232 -2.71 18.26 -7.88
CA CYS A 232 -1.33 17.85 -8.10
C CYS A 232 -1.19 17.04 -9.38
N PHE A 233 -0.10 17.26 -10.10
CA PHE A 233 0.15 16.56 -11.35
C PHE A 233 1.52 15.90 -11.34
N SER A 234 1.57 14.64 -11.76
CA SER A 234 2.82 13.89 -11.79
C SER A 234 2.88 12.97 -13.02
N ALA A 235 4.06 12.90 -13.64
CA ALA A 235 4.24 12.06 -14.81
C ALA A 235 5.15 10.88 -14.51
N LYS A 236 5.08 9.86 -15.35
CA LYS A 236 5.90 8.66 -15.17
C LYS A 236 6.19 7.99 -16.51
N VAL A 237 7.40 7.48 -16.65
CA VAL A 237 7.81 6.80 -17.89
C VAL A 237 8.64 5.56 -17.59
N ASN A 238 8.45 4.52 -18.41
CA ASN A 238 9.19 3.28 -18.23
C ASN A 238 10.15 3.05 -19.39
N ASN A 239 11.27 2.40 -19.10
CA ASN A 239 12.28 2.12 -20.12
C ASN A 239 11.69 1.26 -21.25
N SER A 240 10.54 0.66 -20.97
CA SER A 240 9.87 -0.18 -21.96
C SER A 240 9.07 0.67 -22.95
N SER A 241 9.48 1.92 -23.11
CA SER A 241 8.79 2.84 -24.02
C SER A 241 7.38 3.13 -23.53
N LEU A 242 7.21 3.13 -22.20
CA LEU A 242 5.90 3.40 -21.61
C LEU A 242 5.82 4.85 -21.12
N ILE A 243 4.88 5.60 -21.69
CA ILE A 243 4.70 7.00 -21.30
C ILE A 243 3.30 7.22 -20.73
N GLY A 244 3.25 7.62 -19.45
CA GLY A 244 1.98 7.86 -18.81
C GLY A 244 2.06 8.96 -17.76
N LEU A 245 0.90 9.48 -17.37
CA LEU A 245 0.85 10.55 -16.38
C LEU A 245 -0.41 10.43 -15.52
N GLY A 246 -0.38 11.05 -14.35
CA GLY A 246 -1.52 11.01 -13.46
C GLY A 246 -1.77 12.33 -12.76
N TYR A 247 -3.04 12.73 -12.67
CA TYR A 247 -3.40 13.99 -12.03
C TYR A 247 -4.50 13.77 -11.00
N THR A 248 -4.30 14.31 -9.79
CA THR A 248 -5.27 14.18 -8.72
C THR A 248 -5.80 15.53 -8.27
N GLN A 249 -7.10 15.73 -8.41
CA GLN A 249 -7.73 17.00 -8.04
C GLN A 249 -8.70 16.78 -6.87
N THR A 250 -8.47 17.50 -5.78
CA THR A 250 -9.33 17.39 -4.61
C THR A 250 -10.39 18.49 -4.60
N LEU A 251 -11.66 18.08 -4.54
CA LEU A 251 -12.76 19.02 -4.53
C LEU A 251 -13.27 19.25 -3.11
N LYS A 252 -12.73 20.27 -2.45
CA LYS A 252 -13.14 20.60 -1.09
C LYS A 252 -12.77 19.46 -0.13
N PRO A 253 -12.72 19.78 1.18
CA PRO A 253 -12.40 18.80 2.21
C PRO A 253 -13.51 17.77 2.41
N GLY A 254 -13.57 16.81 1.48
CA GLY A 254 -14.58 15.77 1.57
C GLY A 254 -14.52 14.80 0.41
N ILE A 255 -14.45 15.33 -0.81
CA ILE A 255 -14.39 14.51 -2.01
C ILE A 255 -13.14 14.83 -2.83
N LYS A 256 -12.46 13.79 -3.30
CA LYS A 256 -11.26 13.96 -4.09
C LYS A 256 -11.28 13.06 -5.32
N LEU A 257 -10.96 13.63 -6.47
CA LEU A 257 -10.95 12.88 -7.72
C LEU A 257 -9.53 12.63 -8.21
N THR A 258 -9.24 11.40 -8.61
CA THR A 258 -7.91 11.04 -9.09
C THR A 258 -8.01 10.25 -10.39
N LEU A 259 -7.36 10.77 -11.43
CA LEU A 259 -7.36 10.11 -12.74
C LEU A 259 -5.94 9.78 -13.19
N SER A 260 -5.79 8.71 -13.95
CA SER A 260 -4.49 8.29 -14.45
C SER A 260 -4.59 7.75 -15.88
N ALA A 261 -3.61 8.08 -16.69
CA ALA A 261 -3.59 7.64 -18.08
C ALA A 261 -2.17 7.28 -18.52
N LEU A 262 -2.01 6.10 -19.11
CA LEU A 262 -0.71 5.64 -19.57
C LEU A 262 -0.79 5.10 -21.00
N LEU A 263 0.19 5.45 -21.81
CA LEU A 263 0.22 5.01 -23.20
C LEU A 263 1.49 4.21 -23.49
N ASP A 264 1.33 2.90 -23.67
CA ASP A 264 2.47 2.04 -23.95
C ASP A 264 2.79 2.02 -25.44
N GLY A 265 3.91 2.64 -25.80
CA GLY A 265 4.31 2.69 -27.20
C GLY A 265 4.37 1.32 -27.83
N LYS A 266 4.45 0.28 -27.00
CA LYS A 266 4.51 -1.09 -27.49
C LYS A 266 3.11 -1.69 -27.62
N ASN A 267 2.18 -1.17 -26.83
CA ASN A 267 0.80 -1.66 -26.85
C ASN A 267 -0.09 -0.72 -27.67
N VAL A 268 -0.10 0.55 -27.28
CA VAL A 268 -0.92 1.54 -27.97
C VAL A 268 -0.68 1.49 -29.48
N ASN A 269 0.52 1.05 -29.87
CA ASN A 269 0.86 0.95 -31.28
C ASN A 269 -0.17 0.13 -32.04
N ALA A 270 -0.56 -1.01 -31.48
CA ALA A 270 -1.55 -1.87 -32.10
C ALA A 270 -2.89 -1.77 -31.39
N GLY A 271 -2.88 -1.24 -30.18
CA GLY A 271 -4.11 -1.10 -29.42
C GLY A 271 -4.52 0.34 -29.24
N GLY A 272 -4.62 0.80 -28.00
CA GLY A 272 -5.01 2.17 -27.73
C GLY A 272 -4.41 2.70 -26.45
N HIS A 273 -4.95 3.81 -25.96
CA HIS A 273 -4.45 4.43 -24.73
C HIS A 273 -5.19 3.87 -23.51
N LYS A 274 -4.48 3.76 -22.40
CA LYS A 274 -5.05 3.23 -21.17
C LYS A 274 -5.49 4.38 -20.25
N LEU A 275 -6.68 4.24 -19.67
CA LEU A 275 -7.21 5.25 -18.77
C LEU A 275 -7.81 4.62 -17.52
N GLY A 276 -7.57 5.24 -16.37
CA GLY A 276 -8.09 4.72 -15.12
C GLY A 276 -8.73 5.79 -14.27
N LEU A 277 -9.86 5.45 -13.64
CA LEU A 277 -10.58 6.39 -12.79
C LEU A 277 -10.54 5.96 -11.34
N GLY A 278 -10.31 6.91 -10.44
CA GLY A 278 -10.26 6.60 -9.02
C GLY A 278 -10.88 7.69 -8.17
N LEU A 279 -11.81 7.29 -7.31
CA LEU A 279 -12.48 8.24 -6.42
C LEU A 279 -12.02 8.09 -4.98
N GLU A 280 -11.67 9.20 -4.34
CA GLU A 280 -11.21 9.18 -2.97
C GLU A 280 -12.08 10.08 -2.09
N PHE A 281 -12.84 9.47 -1.18
CA PHE A 281 -13.71 10.21 -0.28
C PHE A 281 -13.22 10.10 1.16
N GLN A 282 -13.17 11.24 1.84
CA GLN A 282 -12.73 11.28 3.24
C GLN A 282 -13.64 12.14 4.09
N ALA A 283 -14.08 11.61 5.21
CA ALA A 283 -14.97 12.33 6.12
C ALA A 283 -14.19 12.95 7.28
N LEU A 284 -14.50 14.20 7.59
CA LEU A 284 -13.82 14.90 8.67
C LEU A 284 -12.32 14.62 8.66
N GLU A 285 -11.76 14.52 7.47
CA GLU A 285 -10.33 14.25 7.32
C GLU A 285 -9.50 15.31 8.04
N MET A 1 6.97 6.87 24.60
CA MET A 1 8.16 7.37 23.93
C MET A 1 7.87 7.68 22.46
N ALA A 2 8.73 8.48 21.85
CA ALA A 2 8.56 8.86 20.45
C ALA A 2 8.88 7.68 19.53
N VAL A 3 7.86 6.86 19.25
CA VAL A 3 8.03 5.70 18.39
C VAL A 3 7.23 5.85 17.11
N PRO A 4 7.76 6.64 16.16
CA PRO A 4 7.11 6.88 14.87
C PRO A 4 7.11 5.64 13.98
N PRO A 5 6.30 5.67 12.91
CA PRO A 5 6.19 4.56 11.97
C PRO A 5 7.44 4.41 11.12
N THR A 6 8.27 3.43 11.48
CA THR A 6 9.50 3.17 10.75
C THR A 6 9.28 2.19 9.60
N TYR A 7 8.57 1.11 9.88
CA TYR A 7 8.27 0.11 8.87
C TYR A 7 7.61 0.73 7.65
N ALA A 8 6.81 1.76 7.87
CA ALA A 8 6.12 2.46 6.79
C ALA A 8 7.02 3.49 6.14
N ASP A 9 8.09 3.88 6.85
CA ASP A 9 9.03 4.86 6.33
C ASP A 9 10.14 4.18 5.55
N LEU A 10 9.97 2.89 5.28
CA LEU A 10 10.96 2.13 4.53
C LEU A 10 11.04 2.60 3.08
N GLY A 11 9.90 3.02 2.54
CA GLY A 11 9.87 3.49 1.17
C GLY A 11 8.97 4.71 1.00
N LYS A 12 9.40 5.83 1.57
CA LYS A 12 8.62 7.07 1.48
C LYS A 12 8.54 7.56 0.04
N SER A 13 9.70 7.71 -0.59
CA SER A 13 9.75 8.16 -1.98
C SER A 13 8.98 7.23 -2.90
N ALA A 14 9.23 5.93 -2.76
CA ALA A 14 8.55 4.94 -3.58
C ALA A 14 7.05 4.93 -3.30
N ARG A 15 6.68 5.12 -2.04
CA ARG A 15 5.29 5.13 -1.64
C ARG A 15 4.52 6.25 -2.36
N ASP A 16 5.21 7.36 -2.60
CA ASP A 16 4.60 8.51 -3.28
C ASP A 16 4.22 8.14 -4.71
N VAL A 17 5.07 7.36 -5.36
CA VAL A 17 4.83 6.95 -6.74
C VAL A 17 3.89 5.75 -6.79
N PHE A 18 3.99 4.88 -5.78
CA PHE A 18 3.15 3.69 -5.71
C PHE A 18 1.71 4.06 -5.36
N THR A 19 1.55 4.99 -4.42
CA THR A 19 0.23 5.43 -4.00
C THR A 19 -0.46 6.21 -5.11
N LYS A 20 0.31 6.92 -5.91
CA LYS A 20 -0.23 7.71 -7.00
C LYS A 20 -0.68 6.81 -8.16
N GLY A 21 -1.92 6.99 -8.59
CA GLY A 21 -2.45 6.18 -9.68
C GLY A 21 -1.53 6.17 -10.89
N TYR A 22 -1.35 4.99 -11.47
CA TYR A 22 -0.48 4.85 -12.64
C TYR A 22 -1.23 4.17 -13.78
N GLY A 23 -2.53 4.44 -13.87
CA GLY A 23 -3.33 3.86 -14.93
C GLY A 23 -3.62 2.39 -14.70
N PHE A 24 -4.70 2.11 -13.98
CA PHE A 24 -5.09 0.72 -13.68
C PHE A 24 -6.09 0.21 -14.72
N GLY A 25 -6.50 1.08 -15.63
CA GLY A 25 -7.45 0.69 -16.65
C GLY A 25 -8.86 0.52 -16.11
N LEU A 26 -9.08 1.00 -14.89
CA LEU A 26 -10.39 0.90 -14.25
C LEU A 26 -10.62 2.06 -13.30
N ILE A 27 -11.77 2.06 -12.64
CA ILE A 27 -12.12 3.12 -11.70
C ILE A 27 -12.15 2.59 -10.26
N LYS A 28 -11.73 3.42 -9.32
CA LYS A 28 -11.71 3.04 -7.92
C LYS A 28 -12.55 4.00 -7.08
N LEU A 29 -13.10 3.49 -5.98
CA LEU A 29 -13.92 4.31 -5.10
C LEU A 29 -13.65 3.97 -3.63
N ASP A 30 -13.37 5.00 -2.83
CA ASP A 30 -13.08 4.81 -1.41
C ASP A 30 -13.75 5.91 -0.59
N LEU A 31 -14.48 5.50 0.45
CA LEU A 31 -15.16 6.44 1.33
C LEU A 31 -15.02 6.04 2.79
N LYS A 32 -14.68 7.00 3.64
CA LYS A 32 -14.51 6.75 5.06
C LYS A 32 -15.18 7.83 5.89
N THR A 33 -16.06 7.41 6.80
CA THR A 33 -16.78 8.35 7.65
C THR A 33 -16.55 8.03 9.13
N LYS A 34 -16.50 9.07 9.96
CA LYS A 34 -16.30 8.91 11.38
C LYS A 34 -17.59 9.12 12.16
N SER A 35 -17.66 8.56 13.36
CA SER A 35 -18.84 8.69 14.21
C SER A 35 -18.47 9.11 15.62
N GLU A 36 -19.48 9.36 16.44
CA GLU A 36 -19.25 9.77 17.83
C GLU A 36 -17.98 9.14 18.38
N ASN A 37 -18.03 7.84 18.66
CA ASN A 37 -16.87 7.13 19.19
C ASN A 37 -17.07 5.62 19.07
N GLY A 38 -16.06 4.93 18.56
CA GLY A 38 -16.14 3.49 18.41
C GLY A 38 -16.79 3.09 17.10
N LEU A 39 -17.45 4.05 16.45
CA LEU A 39 -18.11 3.78 15.17
C LEU A 39 -17.32 4.35 14.01
N GLU A 40 -17.07 3.52 13.00
CA GLU A 40 -16.32 3.94 11.82
C GLU A 40 -16.89 3.32 10.56
N PHE A 41 -17.37 4.17 9.65
CA PHE A 41 -17.95 3.71 8.40
C PHE A 41 -16.89 3.64 7.30
N THR A 42 -16.72 2.45 6.72
CA THR A 42 -15.74 2.25 5.67
C THR A 42 -16.39 1.66 4.42
N SER A 43 -16.11 2.26 3.27
CA SER A 43 -16.67 1.78 2.00
C SER A 43 -15.59 1.66 0.94
N SER A 44 -15.66 0.59 0.15
CA SER A 44 -14.69 0.35 -0.91
C SER A 44 -15.33 -0.31 -2.11
N GLY A 45 -15.15 0.28 -3.29
CA GLY A 45 -15.73 -0.25 -4.50
C GLY A 45 -14.85 -0.03 -5.71
N SER A 46 -14.89 -0.96 -6.66
CA SER A 46 -14.08 -0.86 -7.87
C SER A 46 -14.90 -1.26 -9.10
N ALA A 47 -14.77 -0.47 -10.16
CA ALA A 47 -15.50 -0.75 -11.39
C ALA A 47 -14.71 -0.26 -12.61
N ASN A 48 -14.57 -1.14 -13.60
CA ASN A 48 -13.84 -0.80 -14.81
C ASN A 48 -14.79 -0.35 -15.92
N THR A 49 -14.54 0.83 -16.47
CA THR A 49 -15.37 1.38 -17.53
C THR A 49 -15.09 0.68 -18.86
N GLU A 50 -13.81 0.58 -19.22
CA GLU A 50 -13.42 -0.06 -20.47
C GLU A 50 -13.95 -1.50 -20.53
N THR A 51 -13.71 -2.25 -19.46
CA THR A 51 -14.15 -3.64 -19.39
C THR A 51 -15.32 -3.80 -18.41
N THR A 52 -16.42 -4.35 -18.89
CA THR A 52 -17.59 -4.55 -18.05
C THR A 52 -17.24 -5.34 -16.79
N LYS A 53 -17.17 -4.66 -15.67
CA LYS A 53 -16.85 -5.29 -14.39
C LYS A 53 -16.98 -4.30 -13.24
N VAL A 54 -18.10 -4.36 -12.54
CA VAL A 54 -18.35 -3.47 -11.41
C VAL A 54 -18.57 -4.26 -10.13
N THR A 55 -17.77 -3.95 -9.10
CA THR A 55 -17.88 -4.63 -7.82
C THR A 55 -17.83 -3.63 -6.66
N GLY A 56 -18.79 -3.74 -5.76
CA GLY A 56 -18.83 -2.85 -4.61
C GLY A 56 -18.97 -3.59 -3.29
N SER A 57 -18.22 -3.15 -2.29
CA SER A 57 -18.26 -3.79 -0.97
C SER A 57 -18.17 -2.75 0.13
N LEU A 58 -18.59 -3.12 1.33
CA LEU A 58 -18.57 -2.22 2.48
C LEU A 58 -17.86 -2.88 3.67
N GLU A 59 -17.23 -2.06 4.50
CA GLU A 59 -16.53 -2.56 5.67
C GLU A 59 -16.83 -1.69 6.90
N THR A 60 -17.17 -2.35 8.00
CA THR A 60 -17.49 -1.64 9.24
C THR A 60 -16.32 -1.68 10.21
N LYS A 61 -15.79 -0.51 10.55
CA LYS A 61 -14.67 -0.41 11.47
C LYS A 61 -15.09 0.24 12.78
N TYR A 62 -14.47 -0.17 13.87
CA TYR A 62 -14.77 0.38 15.19
C TYR A 62 -13.51 0.78 15.93
N ARG A 63 -13.51 1.97 16.52
CA ARG A 63 -12.37 2.47 17.25
C ARG A 63 -12.80 3.10 18.58
N TRP A 64 -12.53 2.40 19.67
CA TRP A 64 -12.90 2.89 21.00
C TRP A 64 -11.65 3.18 21.84
N THR A 65 -11.68 4.28 22.57
CA THR A 65 -10.56 4.67 23.41
C THR A 65 -9.34 5.03 22.57
N GLU A 66 -8.87 6.26 22.70
CA GLU A 66 -7.70 6.72 21.95
C GLU A 66 -6.54 5.75 22.10
N TYR A 67 -6.29 4.98 21.04
CA TYR A 67 -5.21 4.00 21.05
C TYR A 67 -5.47 2.90 22.08
N GLY A 68 -6.68 2.35 22.05
CA GLY A 68 -7.04 1.30 22.97
C GLY A 68 -7.48 0.02 22.27
N LEU A 69 -8.68 0.04 21.71
CA LEU A 69 -9.21 -1.13 21.01
C LEU A 69 -9.84 -0.72 19.68
N THR A 70 -9.45 -1.40 18.61
CA THR A 70 -9.96 -1.11 17.28
C THR A 70 -10.25 -2.39 16.51
N PHE A 71 -11.52 -2.66 16.26
CA PHE A 71 -11.93 -3.85 15.53
C PHE A 71 -12.75 -3.49 14.30
N THR A 72 -12.31 -3.95 13.13
CA THR A 72 -13.00 -3.67 11.89
C THR A 72 -13.25 -4.95 11.09
N GLU A 73 -14.44 -5.07 10.52
CA GLU A 73 -14.81 -6.25 9.73
C GLU A 73 -15.24 -5.85 8.33
N LYS A 74 -14.56 -6.40 7.33
CA LYS A 74 -14.89 -6.12 5.94
C LYS A 74 -15.94 -7.09 5.40
N TRP A 75 -16.85 -6.58 4.58
CA TRP A 75 -17.90 -7.41 4.00
C TRP A 75 -18.05 -7.13 2.51
N ASN A 76 -18.03 -8.19 1.70
CA ASN A 76 -18.17 -8.05 0.26
C ASN A 76 -19.42 -8.77 -0.23
N THR A 77 -19.94 -8.32 -1.38
CA THR A 77 -21.14 -8.91 -1.96
C THR A 77 -20.91 -10.38 -2.29
N ASP A 78 -19.65 -10.78 -2.36
CA ASP A 78 -19.30 -12.16 -2.68
C ASP A 78 -19.57 -13.08 -1.49
N ASN A 79 -20.07 -12.50 -0.40
CA ASN A 79 -20.37 -13.25 0.81
C ASN A 79 -19.10 -13.57 1.58
N THR A 80 -18.16 -12.63 1.56
CA THR A 80 -16.89 -12.81 2.27
C THR A 80 -16.75 -11.81 3.42
N LEU A 81 -16.45 -12.33 4.61
CA LEU A 81 -16.29 -11.48 5.78
C LEU A 81 -14.87 -11.61 6.36
N GLY A 82 -14.30 -10.48 6.78
CA GLY A 82 -12.98 -10.49 7.35
C GLY A 82 -12.85 -9.61 8.58
N THR A 83 -12.94 -10.22 9.75
CA THR A 83 -12.85 -9.47 11.00
C THR A 83 -11.40 -9.28 11.42
N GLU A 84 -11.10 -8.10 11.96
CA GLU A 84 -9.74 -7.78 12.40
C GLU A 84 -9.77 -6.89 13.63
N ILE A 85 -9.26 -7.40 14.75
CA ILE A 85 -9.22 -6.65 16.00
C ILE A 85 -7.79 -6.34 16.40
N THR A 86 -7.56 -5.10 16.84
CA THR A 86 -6.24 -4.68 17.26
C THR A 86 -6.28 -4.03 18.64
N VAL A 87 -5.48 -4.55 19.56
CA VAL A 87 -5.43 -4.02 20.92
C VAL A 87 -4.06 -3.42 21.22
N GLU A 88 -4.05 -2.27 21.87
CA GLU A 88 -2.80 -1.60 22.23
C GLU A 88 -2.49 -1.77 23.71
N ASP A 89 -1.35 -2.39 24.00
CA ASP A 89 -0.93 -2.62 25.38
C ASP A 89 -0.77 -1.30 26.12
N GLN A 90 -1.38 -1.22 27.31
CA GLN A 90 -1.31 -0.01 28.12
C GLN A 90 -0.01 0.02 28.94
N LEU A 91 0.18 -1.00 29.76
CA LEU A 91 1.38 -1.10 30.59
C LEU A 91 2.63 -1.20 29.74
N ALA A 92 2.66 -2.17 28.82
CA ALA A 92 3.80 -2.37 27.94
C ALA A 92 3.69 -1.49 26.71
N ARG A 93 3.96 -0.20 26.87
CA ARG A 93 3.89 0.76 25.77
C ARG A 93 4.70 0.25 24.57
N GLY A 94 4.12 0.35 23.39
CA GLY A 94 4.80 -0.10 22.18
C GLY A 94 4.33 -1.45 21.73
N LEU A 95 3.79 -2.24 22.65
CA LEU A 95 3.29 -3.58 22.33
C LEU A 95 1.92 -3.51 21.68
N LYS A 96 1.85 -3.93 20.42
CA LYS A 96 0.59 -3.93 19.69
C LYS A 96 0.23 -5.33 19.20
N LEU A 97 -1.00 -5.75 19.47
CA LEU A 97 -1.46 -7.07 19.06
C LEU A 97 -2.69 -6.96 18.16
N THR A 98 -2.62 -7.60 16.99
CA THR A 98 -3.73 -7.58 16.05
C THR A 98 -4.08 -8.98 15.58
N PHE A 99 -5.32 -9.38 15.81
CA PHE A 99 -5.79 -10.70 15.42
C PHE A 99 -6.79 -10.61 14.28
N ASP A 100 -6.55 -11.39 13.22
CA ASP A 100 -7.42 -11.40 12.06
C ASP A 100 -8.16 -12.73 11.93
N SER A 101 -9.42 -12.66 11.52
CA SER A 101 -10.23 -13.87 11.37
C SER A 101 -11.13 -13.76 10.14
N SER A 102 -11.02 -14.74 9.25
CA SER A 102 -11.83 -14.75 8.03
C SER A 102 -13.08 -15.61 8.21
N PHE A 103 -14.23 -15.03 7.98
CA PHE A 103 -15.50 -15.73 8.12
C PHE A 103 -16.25 -15.78 6.79
N SER A 104 -16.74 -16.96 6.42
CA SER A 104 -17.47 -17.14 5.17
C SER A 104 -18.80 -17.83 5.42
N PRO A 105 -19.89 -17.04 5.43
CA PRO A 105 -21.24 -17.56 5.65
C PRO A 105 -21.74 -18.39 4.48
N ASN A 106 -21.32 -18.03 3.28
CA ASN A 106 -21.73 -18.74 2.07
C ASN A 106 -20.91 -20.01 1.89
N THR A 107 -19.62 -19.84 1.57
CA THR A 107 -18.73 -20.97 1.37
C THR A 107 -18.64 -21.83 2.62
N GLY A 108 -18.49 -21.18 3.77
CA GLY A 108 -18.39 -21.90 5.02
C GLY A 108 -16.96 -22.12 5.46
N LYS A 109 -16.07 -21.26 5.00
CA LYS A 109 -14.65 -21.36 5.34
C LYS A 109 -14.32 -20.47 6.53
N LYS A 110 -13.36 -20.92 7.35
CA LYS A 110 -12.95 -20.16 8.52
C LYS A 110 -11.42 -20.10 8.61
N ASN A 111 -10.90 -18.88 8.75
CA ASN A 111 -9.46 -18.67 8.84
C ASN A 111 -9.10 -17.96 10.14
N ALA A 112 -8.05 -18.43 10.80
CA ALA A 112 -7.60 -17.84 12.06
C ALA A 112 -6.13 -17.45 11.99
N LYS A 113 -5.85 -16.17 12.17
CA LYS A 113 -4.48 -15.68 12.13
C LYS A 113 -4.24 -14.66 13.24
N ILE A 114 -3.07 -14.75 13.88
CA ILE A 114 -2.72 -13.84 14.95
C ILE A 114 -1.41 -13.09 14.64
N LYS A 115 -1.40 -11.80 14.93
CA LYS A 115 -0.22 -10.98 14.68
C LYS A 115 0.17 -10.19 15.93
N THR A 116 1.39 -10.40 16.40
CA THR A 116 1.88 -9.71 17.60
C THR A 116 3.22 -9.05 17.34
N GLY A 117 3.28 -7.74 17.52
CA GLY A 117 4.51 -7.01 17.30
C GLY A 117 4.64 -5.79 18.18
N TYR A 118 5.85 -5.26 18.30
CA TYR A 118 6.10 -4.09 19.13
C TYR A 118 6.94 -3.06 18.38
N LYS A 119 6.65 -1.78 18.61
CA LYS A 119 7.39 -0.70 17.97
C LYS A 119 8.22 0.07 18.98
N ARG A 120 9.54 0.10 18.76
CA ARG A 120 10.44 0.82 19.66
C ARG A 120 10.98 2.07 19.00
N GLU A 121 11.16 3.12 19.80
CA GLU A 121 11.67 4.40 19.30
C GLU A 121 12.94 4.19 18.48
N HIS A 122 13.69 3.14 18.82
CA HIS A 122 14.94 2.83 18.13
C HIS A 122 14.67 1.97 16.90
N ILE A 123 13.80 0.98 17.06
CA ILE A 123 13.45 0.07 15.97
C ILE A 123 12.03 -0.44 16.12
N ASN A 124 11.42 -0.79 14.99
CA ASN A 124 10.05 -1.30 14.98
C ASN A 124 9.98 -2.66 14.30
N LEU A 125 9.61 -3.69 15.07
CA LEU A 125 9.50 -5.05 14.54
C LEU A 125 8.19 -5.69 14.97
N GLY A 126 7.61 -6.52 14.10
CA GLY A 126 6.38 -7.19 14.42
C GLY A 126 6.30 -8.58 13.80
N CYS A 127 5.83 -9.54 14.59
CA CYS A 127 5.70 -10.92 14.11
C CYS A 127 4.25 -11.26 13.81
N ASP A 128 4.02 -11.88 12.67
CA ASP A 128 2.66 -12.27 12.26
C ASP A 128 2.60 -13.75 11.93
N MET A 129 1.49 -14.38 12.31
CA MET A 129 1.30 -15.81 12.05
C MET A 129 -0.12 -16.09 11.57
N ASP A 130 -0.24 -16.90 10.52
CA ASP A 130 -1.54 -17.25 9.97
C ASP A 130 -1.72 -18.76 9.92
N PHE A 131 -2.78 -19.24 10.57
CA PHE A 131 -3.06 -20.68 10.60
C PHE A 131 -4.04 -21.06 9.50
N ASP A 132 -3.63 -21.99 8.64
CA ASP A 132 -4.48 -22.45 7.55
C ASP A 132 -4.86 -23.92 7.72
N ILE A 133 -5.63 -24.44 6.78
CA ILE A 133 -6.06 -25.83 6.84
C ILE A 133 -5.11 -26.74 6.06
N ALA A 134 -4.70 -26.28 4.88
CA ALA A 134 -3.78 -27.04 4.05
C ALA A 134 -2.34 -26.88 4.51
N GLY A 135 -2.08 -25.82 5.28
CA GLY A 135 -0.74 -25.57 5.77
C GLY A 135 -0.57 -24.15 6.29
N PRO A 136 -0.34 -24.01 7.60
CA PRO A 136 -0.16 -22.71 8.24
C PRO A 136 1.17 -22.05 7.85
N SER A 137 1.16 -20.74 7.72
CA SER A 137 2.36 -19.99 7.35
C SER A 137 2.64 -18.89 8.36
N ILE A 138 3.92 -18.53 8.49
CA ILE A 138 4.33 -17.49 9.43
C ILE A 138 5.05 -16.36 8.70
N ARG A 139 4.58 -15.13 8.90
CA ARG A 139 5.18 -13.96 8.27
C ARG A 139 5.65 -12.96 9.32
N GLY A 140 6.94 -12.64 9.30
CA GLY A 140 7.48 -11.69 10.25
C GLY A 140 8.14 -10.51 9.57
N ALA A 141 7.96 -9.32 10.14
CA ALA A 141 8.54 -8.10 9.60
C ALA A 141 9.35 -7.36 10.65
N LEU A 142 10.65 -7.25 10.41
CA LEU A 142 11.55 -6.55 11.33
C LEU A 142 12.23 -5.37 10.66
N VAL A 143 12.04 -4.18 11.22
CA VAL A 143 12.63 -2.96 10.67
C VAL A 143 13.29 -2.13 11.77
N LEU A 144 14.45 -1.56 11.45
CA LEU A 144 15.17 -0.74 12.40
C LEU A 144 15.27 0.71 11.92
N GLY A 145 15.10 1.65 12.85
CA GLY A 145 15.17 3.06 12.50
C GLY A 145 16.56 3.62 12.65
N TYR A 146 17.02 4.36 11.65
CA TYR A 146 18.35 4.96 11.68
C TYR A 146 18.28 6.45 11.37
N GLU A 147 19.17 7.22 11.98
CA GLU A 147 19.21 8.66 11.76
C GLU A 147 19.21 8.99 10.27
N GLY A 148 18.02 9.22 9.72
CA GLY A 148 17.89 9.53 8.31
C GLY A 148 17.80 8.30 7.45
N TRP A 149 18.30 7.18 7.96
CA TRP A 149 18.27 5.91 7.21
C TRP A 149 17.21 4.97 7.79
N LEU A 150 16.58 4.19 6.92
CA LEU A 150 15.55 3.25 7.34
C LEU A 150 15.86 1.84 6.84
N ALA A 151 15.68 0.85 7.71
CA ALA A 151 15.93 -0.54 7.36
C ALA A 151 14.74 -1.42 7.70
N GLY A 152 14.36 -2.29 6.76
CA GLY A 152 13.23 -3.17 6.99
C GLY A 152 13.34 -4.46 6.18
N TYR A 153 13.11 -5.58 6.84
CA TYR A 153 13.17 -6.88 6.18
C TYR A 153 12.12 -7.84 6.73
N GLN A 154 11.23 -8.29 5.85
CA GLN A 154 10.16 -9.20 6.25
C GLN A 154 10.39 -10.59 5.65
N MET A 155 10.44 -11.59 6.52
CA MET A 155 10.65 -12.97 6.08
C MET A 155 9.48 -13.86 6.50
N ASN A 156 8.94 -14.60 5.54
CA ASN A 156 7.82 -15.49 5.82
C ASN A 156 8.23 -16.95 5.66
N PHE A 157 8.16 -17.70 6.75
CA PHE A 157 8.54 -19.11 6.73
C PHE A 157 7.33 -19.98 6.40
N GLU A 158 7.50 -20.91 5.47
CA GLU A 158 6.44 -21.81 5.07
C GLU A 158 6.46 -23.09 5.90
N THR A 159 5.52 -23.19 6.85
CA THR A 159 5.44 -24.36 7.71
C THR A 159 5.06 -25.60 6.92
N ALA A 160 4.03 -25.48 6.08
CA ALA A 160 3.57 -26.59 5.26
C ALA A 160 4.73 -27.24 4.52
N LYS A 161 5.78 -26.47 4.27
CA LYS A 161 6.96 -26.97 3.57
C LYS A 161 8.20 -26.85 4.44
N SER A 162 9.37 -27.01 3.82
CA SER A 162 10.63 -26.93 4.55
C SER A 162 11.43 -25.72 4.10
N ARG A 163 10.73 -24.61 3.86
CA ARG A 163 11.38 -23.38 3.42
C ARG A 163 10.44 -22.19 3.57
N VAL A 164 10.94 -21.00 3.27
CA VAL A 164 10.14 -19.77 3.36
C VAL A 164 9.14 -19.68 2.22
N THR A 165 7.96 -19.14 2.52
CA THR A 165 6.91 -18.98 1.52
C THR A 165 7.05 -17.65 0.79
N GLN A 166 7.52 -16.64 1.50
CA GLN A 166 7.69 -15.31 0.92
C GLN A 166 8.82 -14.56 1.61
N SER A 167 9.68 -13.92 0.81
CA SER A 167 10.81 -13.17 1.35
C SER A 167 10.77 -11.73 0.85
N ASN A 168 10.43 -10.81 1.75
CA ASN A 168 10.36 -9.39 1.41
C ASN A 168 11.47 -8.61 2.10
N PHE A 169 11.95 -7.55 1.44
CA PHE A 169 13.01 -6.72 1.99
C PHE A 169 12.94 -5.31 1.41
N ALA A 170 13.20 -4.32 2.27
CA ALA A 170 13.17 -2.93 1.85
C ALA A 170 14.07 -2.07 2.74
N VAL A 171 14.86 -1.20 2.12
CA VAL A 171 15.76 -0.32 2.86
C VAL A 171 15.86 1.05 2.19
N GLY A 172 15.76 2.10 2.99
CA GLY A 172 15.84 3.45 2.45
C GLY A 172 17.10 4.17 2.90
N TYR A 173 17.90 4.61 1.94
CA TYR A 173 19.14 5.32 2.23
C TYR A 173 19.06 6.77 1.77
N LYS A 174 19.44 7.68 2.66
CA LYS A 174 19.42 9.11 2.35
C LYS A 174 20.82 9.62 2.07
N THR A 175 20.99 10.28 0.92
CA THR A 175 22.29 10.82 0.54
C THR A 175 22.26 12.35 0.54
N ASP A 176 23.45 12.95 0.49
CA ASP A 176 23.57 14.40 0.49
C ASP A 176 22.45 15.04 -0.32
N GLU A 177 22.57 14.99 -1.64
CA GLU A 177 21.56 15.56 -2.53
C GLU A 177 20.91 14.49 -3.39
N PHE A 178 21.09 13.23 -2.99
CA PHE A 178 20.51 12.11 -3.72
C PHE A 178 19.77 11.17 -2.77
N GLN A 179 18.75 10.50 -3.31
CA GLN A 179 17.95 9.57 -2.51
C GLN A 179 18.10 8.14 -3.04
N LEU A 180 18.52 7.23 -2.17
CA LEU A 180 18.70 5.84 -2.55
C LEU A 180 17.61 4.97 -1.94
N HIS A 181 16.92 4.21 -2.79
CA HIS A 181 15.85 3.33 -2.33
C HIS A 181 16.01 1.93 -2.90
N THR A 182 15.94 0.92 -2.04
CA THR A 182 16.09 -0.47 -2.46
C THR A 182 14.94 -1.32 -1.94
N ASN A 183 14.10 -1.78 -2.86
CA ASN A 183 12.96 -2.62 -2.49
C ASN A 183 13.02 -3.98 -3.18
N VAL A 184 12.68 -5.03 -2.44
CA VAL A 184 12.70 -6.38 -2.99
C VAL A 184 11.41 -7.13 -2.65
N ASN A 185 10.59 -7.38 -3.67
CA ASN A 185 9.34 -8.08 -3.47
C ASN A 185 9.47 -9.55 -3.89
N ASP A 186 9.86 -10.39 -2.94
CA ASP A 186 10.02 -11.82 -3.21
C ASP A 186 11.19 -12.06 -4.16
N GLY A 187 11.43 -13.33 -4.48
CA GLY A 187 12.52 -13.68 -5.38
C GLY A 187 12.20 -13.36 -6.83
N THR A 188 10.99 -12.88 -7.08
CA THR A 188 10.56 -12.55 -8.42
C THR A 188 10.71 -11.05 -8.69
N GLU A 189 10.66 -10.26 -7.62
CA GLU A 189 10.80 -8.81 -7.74
C GLU A 189 12.00 -8.31 -6.93
N PHE A 190 13.00 -7.80 -7.63
CA PHE A 190 14.20 -7.29 -6.97
C PHE A 190 14.68 -6.00 -7.65
N GLY A 191 14.79 -4.93 -6.88
CA GLY A 191 15.24 -3.66 -7.42
C GLY A 191 15.09 -2.52 -6.42
N GLY A 192 14.70 -1.35 -6.93
CA GLY A 192 14.53 -0.20 -6.06
C GLY A 192 14.39 1.09 -6.84
N SER A 193 14.49 2.22 -6.14
CA SER A 193 14.37 3.52 -6.78
C SER A 193 15.56 4.41 -6.43
N ILE A 194 15.97 5.23 -7.40
CA ILE A 194 17.10 6.13 -7.20
C ILE A 194 16.86 7.48 -7.88
N TYR A 195 16.82 8.54 -7.09
CA TYR A 195 16.59 9.87 -7.61
C TYR A 195 16.58 10.90 -6.48
N GLN A 196 16.28 12.15 -6.84
CA GLN A 196 16.22 13.23 -5.85
C GLN A 196 14.86 13.92 -5.87
N LYS A 197 14.24 14.04 -4.70
CA LYS A 197 12.95 14.68 -4.59
C LYS A 197 13.04 15.97 -3.77
N VAL A 198 12.79 17.11 -4.43
CA VAL A 198 12.85 18.40 -3.77
C VAL A 198 11.51 18.74 -3.12
N ASN A 199 11.58 19.40 -1.96
CA ASN A 199 10.38 19.78 -1.23
C ASN A 199 9.94 21.19 -1.61
N LYS A 200 10.19 21.57 -2.86
CA LYS A 200 9.83 22.90 -3.34
C LYS A 200 9.01 22.80 -4.63
N LYS A 201 8.18 21.76 -4.72
CA LYS A 201 7.35 21.56 -5.89
C LYS A 201 8.18 21.08 -7.08
N LEU A 202 8.99 20.06 -6.86
CA LEU A 202 9.83 19.51 -7.92
C LEU A 202 10.60 18.29 -7.43
N GLU A 203 9.94 17.13 -7.44
CA GLU A 203 10.57 15.89 -7.00
C GLU A 203 10.43 14.80 -8.06
N THR A 204 11.53 14.12 -8.34
CA THR A 204 11.54 13.04 -9.32
C THR A 204 12.23 11.80 -8.78
N ALA A 205 11.63 10.64 -9.04
CA ALA A 205 12.19 9.38 -8.58
C ALA A 205 12.01 8.28 -9.64
N VAL A 206 13.06 7.50 -9.85
CA VAL A 206 13.02 6.41 -10.83
C VAL A 206 12.88 5.06 -10.14
N ASN A 207 12.05 4.19 -10.72
CA ASN A 207 11.82 2.86 -10.17
C ASN A 207 12.35 1.78 -11.11
N LEU A 208 13.09 0.83 -10.55
CA LEU A 208 13.66 -0.26 -11.33
C LEU A 208 13.27 -1.62 -10.75
N ALA A 209 12.93 -2.55 -11.62
CA ALA A 209 12.55 -3.90 -11.19
C ALA A 209 13.32 -4.96 -11.95
N TRP A 210 13.73 -6.00 -11.25
CA TRP A 210 14.48 -7.09 -11.87
C TRP A 210 13.87 -8.44 -11.50
N THR A 211 13.64 -9.28 -12.52
CA THR A 211 13.05 -10.60 -12.30
C THR A 211 14.14 -11.68 -12.29
N ALA A 212 14.39 -12.24 -11.11
CA ALA A 212 15.39 -13.29 -10.97
C ALA A 212 15.18 -14.40 -11.98
N GLY A 213 16.26 -14.85 -12.62
CA GLY A 213 16.17 -15.90 -13.61
C GLY A 213 16.64 -15.46 -14.98
N ASN A 214 17.65 -14.59 -15.00
CA ASN A 214 18.21 -14.09 -16.26
C ASN A 214 17.13 -13.38 -17.07
N SER A 215 16.33 -12.56 -16.40
CA SER A 215 15.27 -11.82 -17.07
C SER A 215 15.76 -10.46 -17.53
N ASN A 216 14.82 -9.62 -17.97
CA ASN A 216 15.17 -8.28 -18.43
C ASN A 216 14.85 -7.23 -17.38
N THR A 217 15.76 -6.28 -17.20
CA THR A 217 15.58 -5.21 -16.23
C THR A 217 14.65 -4.14 -16.75
N ARG A 218 13.77 -3.64 -15.88
CA ARG A 218 12.82 -2.60 -16.26
C ARG A 218 13.16 -1.27 -15.58
N PHE A 219 13.16 -0.19 -16.36
CA PHE A 219 13.46 1.13 -15.83
C PHE A 219 12.25 2.04 -15.90
N GLY A 220 12.04 2.82 -14.84
CA GLY A 220 10.90 3.72 -14.80
C GLY A 220 11.25 5.06 -14.17
N ILE A 221 10.64 6.13 -14.69
CA ILE A 221 10.90 7.46 -14.16
C ILE A 221 9.59 8.20 -13.90
N ALA A 222 9.48 8.78 -12.70
CA ALA A 222 8.28 9.52 -12.33
C ALA A 222 8.63 10.86 -11.69
N ALA A 223 8.00 11.93 -12.15
CA ALA A 223 8.25 13.26 -11.62
C ALA A 223 6.95 13.92 -11.14
N LYS A 224 7.06 14.72 -10.09
CA LYS A 224 5.90 15.41 -9.53
C LYS A 224 6.18 16.89 -9.36
N TYR A 225 5.34 17.72 -9.98
CA TYR A 225 5.49 19.16 -9.90
C TYR A 225 4.17 19.85 -9.56
N GLN A 226 4.21 20.76 -8.61
CA GLN A 226 3.00 21.49 -8.20
C GLN A 226 2.76 22.69 -9.08
N ILE A 227 1.54 22.80 -9.61
CA ILE A 227 1.19 23.92 -10.48
C ILE A 227 1.01 25.20 -9.68
N ASP A 228 0.14 25.16 -8.68
CA ASP A 228 -0.13 26.32 -7.84
C ASP A 228 -1.26 26.03 -6.84
N PRO A 229 -2.43 25.65 -7.37
CA PRO A 229 -3.60 25.33 -6.55
C PRO A 229 -3.44 24.04 -5.77
N ASP A 230 -4.55 23.42 -5.40
CA ASP A 230 -4.53 22.19 -4.65
C ASP A 230 -4.40 20.99 -5.58
N ALA A 231 -4.02 21.25 -6.82
CA ALA A 231 -3.87 20.19 -7.82
C ALA A 231 -2.44 20.14 -8.35
N CYS A 232 -1.80 18.99 -8.20
CA CYS A 232 -0.43 18.82 -8.67
C CYS A 232 -0.38 17.91 -9.89
N PHE A 233 0.52 18.21 -10.82
CA PHE A 233 0.66 17.42 -12.03
C PHE A 233 1.92 16.55 -11.97
N SER A 234 1.75 15.25 -12.22
CA SER A 234 2.86 14.31 -12.18
C SER A 234 2.92 13.50 -13.47
N ALA A 235 4.14 13.32 -13.99
CA ALA A 235 4.35 12.57 -15.21
C ALA A 235 5.27 11.39 -14.99
N LYS A 236 4.98 10.28 -15.65
CA LYS A 236 5.79 9.06 -15.52
C LYS A 236 5.91 8.34 -16.87
N VAL A 237 7.09 7.79 -17.13
CA VAL A 237 7.34 7.08 -18.37
C VAL A 237 8.19 5.83 -18.13
N ASN A 238 7.91 4.78 -18.89
CA ASN A 238 8.65 3.53 -18.76
C ASN A 238 9.57 3.30 -19.95
N ASN A 239 10.69 2.65 -19.70
CA ASN A 239 11.66 2.37 -20.77
C ASN A 239 11.01 1.61 -21.92
N SER A 240 9.86 1.00 -21.63
CA SER A 240 9.14 0.24 -22.66
C SER A 240 8.31 1.17 -23.53
N SER A 241 8.74 2.42 -23.63
CA SER A 241 8.02 3.40 -24.44
C SER A 241 6.61 3.61 -23.91
N LEU A 242 6.46 3.56 -22.59
CA LEU A 242 5.16 3.75 -21.96
C LEU A 242 5.01 5.17 -21.44
N ILE A 243 4.04 5.90 -21.97
CA ILE A 243 3.78 7.27 -21.55
C ILE A 243 2.55 7.36 -20.67
N GLY A 244 2.74 7.82 -19.43
CA GLY A 244 1.63 7.94 -18.51
C GLY A 244 1.69 9.23 -17.70
N LEU A 245 0.55 9.62 -17.14
CA LEU A 245 0.47 10.85 -16.35
C LEU A 245 -0.51 10.69 -15.19
N GLY A 246 -0.37 11.54 -14.19
CA GLY A 246 -1.26 11.47 -13.03
C GLY A 246 -1.48 12.83 -12.40
N TYR A 247 -2.74 13.24 -12.33
CA TYR A 247 -3.08 14.53 -11.74
C TYR A 247 -3.80 14.35 -10.40
N THR A 248 -3.16 14.83 -9.34
CA THR A 248 -3.71 14.72 -7.99
C THR A 248 -4.34 16.04 -7.55
N GLN A 249 -5.65 16.04 -7.37
CA GLN A 249 -6.37 17.24 -6.93
C GLN A 249 -7.07 17.01 -5.60
N THR A 250 -6.85 17.93 -4.67
CA THR A 250 -7.46 17.82 -3.34
C THR A 250 -8.33 19.05 -3.03
N LEU A 251 -9.62 18.82 -2.85
CA LEU A 251 -10.55 19.90 -2.55
C LEU A 251 -11.11 19.77 -1.14
N LYS A 252 -10.56 20.55 -0.21
CA LYS A 252 -11.01 20.53 1.18
C LYS A 252 -10.72 19.18 1.81
N PRO A 253 -10.59 19.16 3.15
CA PRO A 253 -10.31 17.94 3.91
C PRO A 253 -11.50 16.98 3.91
N GLY A 254 -11.74 16.33 2.78
CA GLY A 254 -12.84 15.38 2.68
C GLY A 254 -13.05 14.90 1.26
N ILE A 255 -12.72 15.74 0.29
CA ILE A 255 -12.88 15.40 -1.12
C ILE A 255 -11.53 15.34 -1.83
N LYS A 256 -11.22 14.17 -2.40
CA LYS A 256 -9.96 13.99 -3.11
C LYS A 256 -10.19 13.29 -4.44
N LEU A 257 -9.58 13.84 -5.50
CA LEU A 257 -9.73 13.28 -6.84
C LEU A 257 -8.37 12.83 -7.39
N THR A 258 -8.29 11.56 -7.79
CA THR A 258 -7.05 11.01 -8.33
C THR A 258 -7.23 10.61 -9.79
N LEU A 259 -6.56 11.33 -10.67
CA LEU A 259 -6.64 11.05 -12.10
C LEU A 259 -5.32 10.47 -12.62
N SER A 260 -5.42 9.38 -13.39
CA SER A 260 -4.23 8.74 -13.94
C SER A 260 -4.53 8.15 -15.31
N ALA A 261 -3.49 8.04 -16.14
CA ALA A 261 -3.64 7.49 -17.48
C ALA A 261 -2.31 6.96 -18.01
N LEU A 262 -2.32 5.74 -18.52
CA LEU A 262 -1.12 5.12 -19.07
C LEU A 262 -1.34 4.65 -20.50
N LEU A 263 -0.49 5.13 -21.40
CA LEU A 263 -0.59 4.75 -22.81
C LEU A 263 0.69 4.07 -23.29
N ASP A 264 0.61 2.78 -23.56
CA ASP A 264 1.77 2.01 -24.03
C ASP A 264 2.00 2.25 -25.51
N GLY A 265 3.13 2.89 -25.84
CA GLY A 265 3.44 3.16 -27.23
C GLY A 265 3.53 1.90 -28.06
N LYS A 266 3.66 0.76 -27.40
CA LYS A 266 3.75 -0.53 -28.08
C LYS A 266 2.37 -1.15 -28.28
N ASN A 267 1.35 -0.48 -27.74
CA ASN A 267 -0.02 -0.96 -27.86
C ASN A 267 -0.94 0.12 -28.41
N VAL A 268 -0.91 1.29 -27.79
CA VAL A 268 -1.74 2.41 -28.22
C VAL A 268 -1.57 2.67 -29.71
N ASN A 269 -0.39 2.36 -30.24
CA ASN A 269 -0.09 2.55 -31.66
C ASN A 269 -1.16 1.91 -32.53
N ALA A 270 -1.62 0.72 -32.12
CA ALA A 270 -2.64 0.00 -32.87
C ALA A 270 -3.99 0.07 -32.16
N GLY A 271 -3.96 0.43 -30.88
CA GLY A 271 -5.18 0.53 -30.11
C GLY A 271 -5.10 -0.23 -28.79
N GLY A 272 -4.75 0.49 -27.72
CA GLY A 272 -4.64 -0.14 -26.41
C GLY A 272 -4.23 0.84 -25.34
N HIS A 273 -5.17 1.68 -24.92
CA HIS A 273 -4.91 2.68 -23.89
C HIS A 273 -5.60 2.30 -22.58
N LYS A 274 -4.97 2.63 -21.46
CA LYS A 274 -5.53 2.33 -20.15
C LYS A 274 -5.57 3.58 -19.27
N LEU A 275 -6.67 3.74 -18.54
CA LEU A 275 -6.83 4.90 -17.67
C LEU A 275 -7.05 4.46 -16.22
N GLY A 276 -6.53 5.25 -15.28
CA GLY A 276 -6.68 4.93 -13.87
C GLY A 276 -7.34 6.04 -13.09
N LEU A 277 -8.59 5.83 -12.69
CA LEU A 277 -9.33 6.83 -11.92
C LEU A 277 -9.62 6.33 -10.52
N GLY A 278 -9.53 7.23 -9.54
CA GLY A 278 -9.80 6.86 -8.16
C GLY A 278 -10.38 8.01 -7.36
N LEU A 279 -11.44 7.73 -6.62
CA LEU A 279 -12.09 8.75 -5.80
C LEU A 279 -11.85 8.48 -4.32
N GLU A 280 -11.49 9.54 -3.59
CA GLU A 280 -11.23 9.42 -2.16
C GLU A 280 -12.10 10.40 -1.37
N PHE A 281 -13.02 9.85 -0.60
CA PHE A 281 -13.92 10.68 0.21
C PHE A 281 -13.74 10.38 1.70
N GLN A 282 -13.66 11.45 2.50
CA GLN A 282 -13.47 11.31 3.93
C GLN A 282 -14.39 12.26 4.69
N ALA A 283 -15.36 11.70 5.40
CA ALA A 283 -16.30 12.50 6.18
C ALA A 283 -15.86 12.61 7.63
N LEU A 284 -15.51 13.82 8.05
CA LEU A 284 -15.07 14.07 9.42
C LEU A 284 -15.62 15.38 9.94
N GLU A 285 -15.34 15.68 11.21
CA GLU A 285 -15.80 16.92 11.82
C GLU A 285 -14.88 18.08 11.48
N MET A 1 4.95 9.51 21.49
CA MET A 1 5.38 8.55 20.47
C MET A 1 6.87 8.27 20.57
N ALA A 2 7.22 7.20 21.27
CA ALA A 2 8.62 6.82 21.43
C ALA A 2 9.22 6.32 20.13
N VAL A 3 8.42 5.57 19.36
CA VAL A 3 8.86 5.03 18.09
C VAL A 3 7.73 5.00 17.07
N PRO A 4 7.81 5.89 16.07
CA PRO A 4 6.79 5.97 15.02
C PRO A 4 6.81 4.77 14.09
N PRO A 5 5.79 4.67 13.21
CA PRO A 5 5.67 3.58 12.25
C PRO A 5 6.74 3.63 11.17
N THR A 6 7.91 3.10 11.46
CA THR A 6 9.01 3.11 10.50
C THR A 6 8.74 2.13 9.37
N TYR A 7 8.35 0.92 9.70
CA TYR A 7 8.06 -0.11 8.70
C TYR A 7 7.09 0.43 7.65
N ALA A 8 6.18 1.30 8.07
CA ALA A 8 5.20 1.88 7.17
C ALA A 8 5.78 3.09 6.44
N ASP A 9 6.74 3.76 7.07
CA ASP A 9 7.38 4.93 6.48
C ASP A 9 8.61 4.52 5.67
N LEU A 10 8.76 3.22 5.43
CA LEU A 10 9.89 2.70 4.67
C LEU A 10 9.90 3.29 3.26
N GLY A 11 8.72 3.62 2.74
CA GLY A 11 8.63 4.18 1.41
C GLY A 11 7.25 4.02 0.81
N LYS A 12 6.25 4.57 1.48
CA LYS A 12 4.87 4.48 1.00
C LYS A 12 4.69 5.29 -0.28
N SER A 13 5.07 6.55 -0.25
CA SER A 13 4.95 7.43 -1.40
C SER A 13 5.69 6.84 -2.60
N ALA A 14 6.94 6.42 -2.37
CA ALA A 14 7.76 5.85 -3.43
C ALA A 14 7.09 4.61 -4.02
N ARG A 15 6.44 3.83 -3.17
CA ARG A 15 5.76 2.62 -3.61
C ARG A 15 4.71 2.93 -4.67
N ASP A 16 4.12 4.12 -4.58
CA ASP A 16 3.11 4.54 -5.54
C ASP A 16 3.63 4.48 -6.96
N VAL A 17 4.82 5.05 -7.18
CA VAL A 17 5.42 5.05 -8.50
C VAL A 17 5.71 3.63 -8.97
N PHE A 18 5.91 2.72 -8.03
CA PHE A 18 6.19 1.33 -8.35
C PHE A 18 5.06 0.72 -9.17
N THR A 19 3.82 1.04 -8.79
CA THR A 19 2.65 0.53 -9.49
C THR A 19 1.66 1.64 -9.80
N LYS A 20 1.07 2.21 -8.76
CA LYS A 20 0.11 3.30 -8.92
C LYS A 20 0.63 4.36 -9.89
N GLY A 21 0.09 4.35 -11.10
CA GLY A 21 0.52 5.31 -12.10
C GLY A 21 0.20 4.87 -13.51
N TYR A 22 -0.96 4.25 -13.69
CA TYR A 22 -1.38 3.77 -15.00
C TYR A 22 -2.87 3.42 -15.00
N GLY A 23 -3.55 3.77 -16.10
CA GLY A 23 -4.97 3.48 -16.21
C GLY A 23 -5.28 2.00 -16.17
N PHE A 24 -6.22 1.62 -15.31
CA PHE A 24 -6.60 0.22 -15.18
C PHE A 24 -7.93 -0.05 -15.89
N GLY A 25 -8.52 1.00 -16.44
CA GLY A 25 -9.79 0.86 -17.13
C GLY A 25 -10.95 0.61 -16.20
N LEU A 26 -10.72 0.83 -14.91
CA LEU A 26 -11.76 0.63 -13.89
C LEU A 26 -11.93 1.87 -13.03
N ILE A 27 -12.95 1.86 -12.18
CA ILE A 27 -13.23 2.99 -11.30
C ILE A 27 -13.14 2.56 -9.83
N LYS A 28 -12.25 3.22 -9.09
CA LYS A 28 -12.06 2.91 -7.67
C LYS A 28 -12.56 4.07 -6.80
N LEU A 29 -13.57 3.79 -5.98
CA LEU A 29 -14.13 4.81 -5.10
C LEU A 29 -13.90 4.44 -3.64
N ASP A 30 -13.60 5.45 -2.82
CA ASP A 30 -13.36 5.23 -1.40
C ASP A 30 -13.80 6.44 -0.58
N LEU A 31 -14.59 6.19 0.46
CA LEU A 31 -15.08 7.26 1.32
C LEU A 31 -14.76 6.97 2.78
N LYS A 32 -14.25 7.97 3.48
CA LYS A 32 -13.90 7.83 4.89
C LYS A 32 -14.55 8.93 5.72
N THR A 33 -15.27 8.52 6.77
CA THR A 33 -15.94 9.48 7.64
C THR A 33 -15.63 9.19 9.11
N LYS A 34 -15.44 10.25 9.89
CA LYS A 34 -15.15 10.12 11.31
C LYS A 34 -16.32 10.57 12.16
N SER A 35 -16.39 10.06 13.39
CA SER A 35 -17.47 10.41 14.31
C SER A 35 -16.92 10.74 15.69
N GLU A 36 -17.80 11.19 16.58
CA GLU A 36 -17.41 11.55 17.93
C GLU A 36 -16.18 10.75 18.37
N ASN A 37 -16.39 9.47 18.68
CA ASN A 37 -15.30 8.60 19.11
C ASN A 37 -15.74 7.14 19.08
N GLY A 38 -14.83 6.26 18.65
CA GLY A 38 -15.14 4.85 18.59
C GLY A 38 -15.87 4.47 17.32
N LEU A 39 -16.36 5.47 16.59
CA LEU A 39 -17.08 5.24 15.36
C LEU A 39 -16.22 5.58 14.15
N GLU A 40 -16.15 4.66 13.19
CA GLU A 40 -15.36 4.86 11.98
C GLU A 40 -16.09 4.31 10.75
N PHE A 41 -16.39 5.20 9.81
CA PHE A 41 -17.10 4.82 8.60
C PHE A 41 -16.12 4.63 7.44
N THR A 42 -16.11 3.42 6.88
CA THR A 42 -15.22 3.10 5.77
C THR A 42 -15.99 2.55 4.58
N SER A 43 -15.83 3.20 3.42
CA SER A 43 -16.52 2.78 2.21
C SER A 43 -15.53 2.54 1.07
N SER A 44 -15.68 1.40 0.40
CA SER A 44 -14.79 1.05 -0.71
C SER A 44 -15.52 0.20 -1.73
N GLY A 45 -15.47 0.63 -2.99
CA GLY A 45 -16.14 -0.11 -4.05
C GLY A 45 -15.52 0.15 -5.41
N SER A 46 -15.88 -0.67 -6.39
CA SER A 46 -15.35 -0.53 -7.74
C SER A 46 -16.48 -0.47 -8.77
N ALA A 47 -16.19 0.12 -9.92
CA ALA A 47 -17.18 0.25 -10.99
C ALA A 47 -16.54 0.08 -12.35
N ASN A 48 -17.14 -0.77 -13.18
CA ASN A 48 -16.62 -1.02 -14.52
C ASN A 48 -17.43 -0.25 -15.57
N THR A 49 -16.73 0.56 -16.36
CA THR A 49 -17.37 1.36 -17.39
C THR A 49 -17.46 0.59 -18.70
N GLU A 50 -16.31 0.12 -19.18
CA GLU A 50 -16.26 -0.64 -20.43
C GLU A 50 -17.27 -1.78 -20.42
N THR A 51 -17.45 -2.38 -19.25
CA THR A 51 -18.39 -3.49 -19.11
C THR A 51 -19.23 -3.34 -17.85
N THR A 52 -20.41 -3.95 -17.84
CA THR A 52 -21.30 -3.90 -16.69
C THR A 52 -20.75 -4.71 -15.52
N LYS A 53 -19.91 -4.08 -14.71
CA LYS A 53 -19.32 -4.76 -13.55
C LYS A 53 -18.98 -3.76 -12.46
N VAL A 54 -19.98 -3.36 -11.68
CA VAL A 54 -19.78 -2.41 -10.60
C VAL A 54 -20.33 -2.95 -9.29
N THR A 55 -19.48 -3.03 -8.27
CA THR A 55 -19.88 -3.52 -6.97
C THR A 55 -19.31 -2.67 -5.85
N GLY A 56 -20.17 -2.30 -4.89
CA GLY A 56 -19.73 -1.47 -3.78
C GLY A 56 -19.63 -2.25 -2.48
N SER A 57 -18.55 -2.02 -1.74
CA SER A 57 -18.33 -2.71 -0.47
C SER A 57 -18.38 -1.73 0.70
N LEU A 58 -18.91 -2.19 1.82
CA LEU A 58 -19.01 -1.36 3.01
C LEU A 58 -18.26 -1.99 4.19
N GLU A 59 -17.47 -1.17 4.87
CA GLU A 59 -16.69 -1.65 6.02
C GLU A 59 -16.83 -0.69 7.20
N THR A 60 -17.00 -1.25 8.39
CA THR A 60 -17.14 -0.43 9.60
C THR A 60 -15.97 -0.67 10.55
N LYS A 61 -15.50 0.40 11.17
CA LYS A 61 -14.38 0.31 12.10
C LYS A 61 -14.66 1.14 13.37
N TYR A 62 -13.99 0.79 14.45
CA TYR A 62 -14.17 1.50 15.72
C TYR A 62 -12.82 1.92 16.30
N ARG A 63 -12.78 3.12 16.87
CA ARG A 63 -11.56 3.64 17.47
C ARG A 63 -11.79 4.08 18.91
N TRP A 64 -11.33 3.28 19.85
CA TRP A 64 -11.50 3.59 21.27
C TRP A 64 -10.15 3.85 21.93
N THR A 65 -10.02 5.03 22.55
CA THR A 65 -8.78 5.40 23.22
C THR A 65 -7.64 5.58 22.21
N GLU A 66 -7.01 6.76 22.26
CA GLU A 66 -5.91 7.06 21.35
C GLU A 66 -4.86 5.97 21.37
N TYR A 67 -4.86 5.14 20.33
CA TYR A 67 -3.91 4.03 20.23
C TYR A 67 -4.12 3.02 21.35
N GLY A 68 -5.34 2.47 21.41
CA GLY A 68 -5.65 1.50 22.43
C GLY A 68 -6.36 0.28 21.88
N LEU A 69 -7.66 0.43 21.61
CA LEU A 69 -8.46 -0.67 21.07
C LEU A 69 -9.32 -0.20 19.91
N THR A 70 -9.26 -0.93 18.79
CA THR A 70 -10.04 -0.59 17.61
C THR A 70 -10.66 -1.83 16.99
N PHE A 71 -11.93 -1.70 16.58
CA PHE A 71 -12.64 -2.82 15.97
C PHE A 71 -12.57 -2.74 14.44
N THR A 72 -12.26 -3.86 13.81
CA THR A 72 -12.17 -3.91 12.35
C THR A 72 -13.28 -4.77 11.75
N GLU A 73 -14.13 -4.14 10.95
CA GLU A 73 -15.23 -4.84 10.32
C GLU A 73 -15.35 -4.47 8.84
N LYS A 74 -15.52 -5.49 7.99
CA LYS A 74 -15.63 -5.26 6.56
C LYS A 74 -16.60 -6.26 5.93
N TRP A 75 -17.51 -5.76 5.09
CA TRP A 75 -18.48 -6.62 4.44
C TRP A 75 -18.61 -6.26 2.96
N ASN A 76 -18.51 -7.26 2.09
CA ASN A 76 -18.62 -7.04 0.66
C ASN A 76 -19.82 -7.78 0.08
N THR A 77 -20.37 -7.24 -1.00
CA THR A 77 -21.53 -7.85 -1.64
C THR A 77 -21.16 -9.17 -2.30
N ASP A 78 -19.87 -9.43 -2.41
CA ASP A 78 -19.38 -10.66 -3.01
C ASP A 78 -19.57 -11.84 -2.08
N ASN A 79 -20.13 -11.57 -0.90
CA ASN A 79 -20.37 -12.62 0.09
C ASN A 79 -19.11 -12.87 0.92
N THR A 80 -18.35 -11.82 1.17
CA THR A 80 -17.12 -11.94 1.95
C THR A 80 -17.23 -11.17 3.26
N LEU A 81 -17.03 -11.87 4.37
CA LEU A 81 -17.10 -11.25 5.69
C LEU A 81 -15.72 -11.16 6.33
N GLY A 82 -15.42 -10.02 6.94
CA GLY A 82 -14.14 -9.81 7.58
C GLY A 82 -14.22 -8.89 8.78
N THR A 83 -14.47 -9.47 9.95
CA THR A 83 -14.59 -8.68 11.17
C THR A 83 -13.67 -9.24 12.26
N GLU A 84 -13.38 -8.41 13.26
CA GLU A 84 -12.52 -8.82 14.37
C GLU A 84 -12.13 -7.63 15.23
N ILE A 85 -11.11 -7.80 16.05
CA ILE A 85 -10.64 -6.74 16.93
C ILE A 85 -9.12 -6.63 16.89
N THR A 86 -8.61 -5.40 16.97
CA THR A 86 -7.17 -5.16 16.95
C THR A 86 -6.75 -4.26 18.10
N VAL A 87 -5.79 -4.73 18.89
CA VAL A 87 -5.28 -3.96 20.03
C VAL A 87 -3.87 -3.47 19.78
N GLU A 88 -3.61 -2.22 20.14
CA GLU A 88 -2.29 -1.62 19.97
C GLU A 88 -1.76 -1.06 21.28
N ASP A 89 -0.64 -1.61 21.73
CA ASP A 89 -0.02 -1.16 22.98
C ASP A 89 -1.03 -1.19 24.12
N GLN A 90 -1.11 -2.33 24.81
CA GLN A 90 -2.03 -2.48 25.92
C GLN A 90 -1.37 -3.22 27.09
N LEU A 91 -1.22 -4.53 26.93
CA LEU A 91 -0.61 -5.35 27.97
C LEU A 91 0.83 -4.93 28.21
N ALA A 92 1.52 -4.54 27.14
CA ALA A 92 2.91 -4.11 27.24
C ALA A 92 3.20 -2.96 26.27
N ARG A 93 3.73 -1.87 26.81
CA ARG A 93 4.04 -0.70 26.00
C ARG A 93 4.91 -1.08 24.80
N GLY A 94 4.45 -0.74 23.61
CA GLY A 94 5.19 -1.06 22.39
C GLY A 94 4.66 -2.31 21.72
N LEU A 95 4.02 -3.18 22.49
CA LEU A 95 3.49 -4.42 21.95
C LEU A 95 2.16 -4.18 21.25
N LYS A 96 2.08 -4.58 19.99
CA LYS A 96 0.87 -4.42 19.20
C LYS A 96 0.36 -5.76 18.69
N LEU A 97 -0.89 -6.09 19.02
CA LEU A 97 -1.49 -7.34 18.60
C LEU A 97 -2.81 -7.09 17.86
N THR A 98 -2.92 -7.61 16.64
CA THR A 98 -4.12 -7.44 15.84
C THR A 98 -4.68 -8.79 15.39
N PHE A 99 -5.90 -9.08 15.80
CA PHE A 99 -6.54 -10.34 15.44
C PHE A 99 -7.68 -10.11 14.45
N ASP A 100 -7.55 -10.68 13.26
CA ASP A 100 -8.57 -10.53 12.22
C ASP A 100 -9.20 -11.88 11.89
N SER A 101 -10.49 -11.85 11.58
CA SER A 101 -11.21 -13.08 11.26
C SER A 101 -12.19 -12.83 10.10
N SER A 102 -12.19 -13.74 9.13
CA SER A 102 -13.07 -13.61 7.97
C SER A 102 -13.98 -14.82 7.86
N PHE A 103 -15.17 -14.62 7.31
CA PHE A 103 -16.14 -15.70 7.15
C PHE A 103 -16.64 -15.76 5.72
N SER A 104 -16.76 -16.97 5.18
CA SER A 104 -17.24 -17.17 3.82
C SER A 104 -18.37 -18.18 3.77
N PRO A 105 -19.61 -17.67 3.66
CA PRO A 105 -20.81 -18.51 3.60
C PRO A 105 -20.91 -19.30 2.30
N ASN A 106 -20.38 -18.72 1.23
CA ASN A 106 -20.41 -19.37 -0.09
C ASN A 106 -19.89 -20.80 0.01
N THR A 107 -18.60 -20.94 0.27
CA THR A 107 -17.97 -22.25 0.39
C THR A 107 -18.10 -22.80 1.80
N GLY A 108 -18.08 -21.91 2.79
CA GLY A 108 -18.21 -22.33 4.17
C GLY A 108 -16.86 -22.48 4.86
N LYS A 109 -15.86 -21.78 4.33
CA LYS A 109 -14.52 -21.85 4.91
C LYS A 109 -14.30 -20.71 5.90
N LYS A 110 -13.48 -20.96 6.92
CA LYS A 110 -13.19 -19.96 7.94
C LYS A 110 -11.79 -19.38 7.73
N ASN A 111 -11.65 -18.09 8.02
CA ASN A 111 -10.37 -17.41 7.86
C ASN A 111 -9.90 -16.83 9.20
N ALA A 112 -8.67 -17.15 9.57
CA ALA A 112 -8.10 -16.64 10.82
C ALA A 112 -6.70 -16.10 10.60
N LYS A 113 -6.48 -14.85 11.00
CA LYS A 113 -5.18 -14.20 10.86
C LYS A 113 -4.79 -13.47 12.13
N ILE A 114 -3.53 -13.58 12.52
CA ILE A 114 -3.03 -12.92 13.71
C ILE A 114 -1.70 -12.23 13.45
N LYS A 115 -1.56 -11.01 13.96
CA LYS A 115 -0.33 -10.24 13.77
C LYS A 115 0.22 -9.77 15.11
N THR A 116 1.46 -10.16 15.42
CA THR A 116 2.10 -9.78 16.66
C THR A 116 3.44 -9.10 16.42
N GLY A 117 3.56 -7.87 16.89
CA GLY A 117 4.80 -7.13 16.71
C GLY A 117 5.04 -6.10 17.80
N TYR A 118 6.28 -5.63 17.92
CA TYR A 118 6.63 -4.65 18.93
C TYR A 118 7.44 -3.50 18.32
N LYS A 119 7.23 -2.30 18.84
CA LYS A 119 7.93 -1.13 18.35
C LYS A 119 8.96 -0.64 19.38
N ARG A 120 10.22 -0.55 18.97
CA ARG A 120 11.28 -0.10 19.85
C ARG A 120 11.69 1.33 19.52
N GLU A 121 12.09 2.08 20.55
CA GLU A 121 12.51 3.47 20.36
C GLU A 121 13.61 3.56 19.31
N HIS A 122 14.43 2.52 19.22
CA HIS A 122 15.53 2.48 18.26
C HIS A 122 15.45 1.24 17.38
N ILE A 123 14.32 0.53 17.47
CA ILE A 123 14.13 -0.69 16.69
C ILE A 123 12.66 -0.86 16.31
N ASN A 124 12.41 -1.50 15.18
CA ASN A 124 11.06 -1.74 14.71
C ASN A 124 10.86 -3.21 14.35
N LEU A 125 10.01 -3.88 15.12
CA LEU A 125 9.72 -5.29 14.89
C LEU A 125 8.23 -5.51 14.64
N GLY A 126 7.91 -6.24 13.57
CA GLY A 126 6.53 -6.52 13.25
C GLY A 126 6.33 -7.88 12.60
N CYS A 127 5.61 -8.76 13.29
CA CYS A 127 5.36 -10.10 12.78
C CYS A 127 3.89 -10.30 12.46
N ASP A 128 3.61 -10.89 11.31
CA ASP A 128 2.24 -11.14 10.89
C ASP A 128 2.07 -12.58 10.39
N MET A 129 1.23 -13.34 11.08
CA MET A 129 0.97 -14.72 10.71
C MET A 129 -0.43 -14.90 10.14
N ASP A 130 -0.54 -15.69 9.08
CA ASP A 130 -1.83 -15.94 8.45
C ASP A 130 -2.21 -17.41 8.53
N PHE A 131 -3.34 -17.69 9.18
CA PHE A 131 -3.81 -19.05 9.33
C PHE A 131 -4.84 -19.40 8.27
N ASP A 132 -4.50 -20.35 7.40
CA ASP A 132 -5.38 -20.76 6.33
C ASP A 132 -5.70 -22.26 6.45
N ILE A 133 -6.87 -22.64 5.93
CA ILE A 133 -7.29 -24.04 5.97
C ILE A 133 -6.60 -24.86 4.88
N ALA A 134 -6.27 -24.21 3.78
CA ALA A 134 -5.60 -24.87 2.66
C ALA A 134 -4.10 -24.92 2.88
N GLY A 135 -3.59 -24.04 3.74
CA GLY A 135 -2.17 -24.01 4.03
C GLY A 135 -1.75 -22.72 4.72
N PRO A 136 -1.63 -22.78 6.05
CA PRO A 136 -1.24 -21.61 6.87
C PRO A 136 0.23 -21.23 6.65
N SER A 137 0.49 -19.93 6.53
CA SER A 137 1.84 -19.44 6.33
C SER A 137 2.19 -18.36 7.35
N ILE A 138 3.47 -18.22 7.64
CA ILE A 138 3.94 -17.23 8.60
C ILE A 138 4.70 -16.11 7.90
N ARG A 139 4.37 -14.87 8.24
CA ARG A 139 5.02 -13.70 7.64
C ARG A 139 5.70 -12.86 8.71
N GLY A 140 6.90 -12.38 8.41
CA GLY A 140 7.64 -11.56 9.35
C GLY A 140 8.19 -10.29 8.72
N ALA A 141 8.23 -9.22 9.50
CA ALA A 141 8.74 -7.94 9.01
C ALA A 141 9.58 -7.25 10.07
N LEU A 142 10.86 -7.06 9.78
CA LEU A 142 11.78 -6.41 10.70
C LEU A 142 12.47 -5.23 10.04
N VAL A 143 12.34 -4.06 10.64
CA VAL A 143 12.97 -2.84 10.11
C VAL A 143 13.70 -2.08 11.21
N LEU A 144 14.82 -1.46 10.84
CA LEU A 144 15.60 -0.68 11.79
C LEU A 144 15.96 0.69 11.22
N GLY A 145 15.92 1.70 12.08
CA GLY A 145 16.25 3.05 11.63
C GLY A 145 17.37 3.67 12.44
N TYR A 146 18.47 3.98 11.78
CA TYR A 146 19.62 4.58 12.44
C TYR A 146 20.34 5.57 11.52
N GLU A 147 21.01 6.54 12.12
CA GLU A 147 21.74 7.55 11.35
C GLU A 147 20.83 8.21 10.31
N GLY A 148 19.52 8.16 10.57
CA GLY A 148 18.56 8.75 9.66
C GLY A 148 18.08 7.77 8.60
N TRP A 149 18.95 6.85 8.22
CA TRP A 149 18.62 5.85 7.21
C TRP A 149 17.75 4.75 7.81
N LEU A 150 16.83 4.23 7.01
CA LEU A 150 15.94 3.16 7.46
C LEU A 150 16.02 1.96 6.54
N ALA A 151 15.91 0.76 7.12
CA ALA A 151 15.97 -0.48 6.34
C ALA A 151 15.00 -1.51 6.90
N GLY A 152 14.14 -2.03 6.02
CA GLY A 152 13.17 -3.03 6.45
C GLY A 152 13.21 -4.28 5.59
N TYR A 153 13.27 -5.43 6.23
CA TYR A 153 13.32 -6.71 5.52
C TYR A 153 12.31 -7.70 6.10
N GLN A 154 11.38 -8.15 5.26
CA GLN A 154 10.37 -9.10 5.69
C GLN A 154 10.68 -10.50 5.19
N MET A 155 10.48 -11.50 6.04
CA MET A 155 10.74 -12.89 5.67
C MET A 155 9.49 -13.74 5.84
N ASN A 156 9.34 -14.74 4.98
CA ASN A 156 8.18 -15.63 5.04
C ASN A 156 8.59 -17.02 5.53
N PHE A 157 8.00 -17.45 6.64
CA PHE A 157 8.30 -18.75 7.21
C PHE A 157 7.34 -19.81 6.66
N GLU A 158 7.92 -20.86 6.07
CA GLU A 158 7.12 -21.95 5.51
C GLU A 158 6.62 -22.88 6.60
N THR A 159 5.36 -23.29 6.49
CA THR A 159 4.77 -24.18 7.48
C THR A 159 5.37 -25.59 7.39
N ALA A 160 5.49 -26.10 6.17
CA ALA A 160 6.06 -27.42 5.96
C ALA A 160 7.40 -27.57 6.66
N LYS A 161 8.08 -26.44 6.87
CA LYS A 161 9.38 -26.43 7.53
C LYS A 161 9.57 -25.16 8.35
N SER A 162 10.15 -25.30 9.53
CA SER A 162 10.39 -24.16 10.41
C SER A 162 11.50 -23.28 9.86
N ARG A 163 11.40 -22.93 8.58
CA ARG A 163 12.40 -22.09 7.93
C ARG A 163 11.74 -21.06 7.02
N VAL A 164 12.53 -20.11 6.53
CA VAL A 164 12.02 -19.06 5.65
C VAL A 164 12.12 -19.48 4.18
N THR A 165 11.09 -19.18 3.41
CA THR A 165 11.06 -19.52 1.99
C THR A 165 11.54 -18.36 1.13
N GLN A 166 11.10 -17.15 1.48
CA GLN A 166 11.49 -15.96 0.75
C GLN A 166 11.27 -14.71 1.58
N SER A 167 12.19 -13.75 1.46
CA SER A 167 12.11 -12.51 2.22
C SER A 167 12.20 -11.30 1.29
N ASN A 168 11.22 -10.42 1.38
CA ASN A 168 11.18 -9.21 0.54
C ASN A 168 10.71 -8.00 1.35
N PHE A 169 11.16 -6.82 0.93
CA PHE A 169 10.79 -5.58 1.62
C PHE A 169 11.40 -4.38 0.93
N ALA A 170 11.51 -3.27 1.66
CA ALA A 170 12.07 -2.05 1.11
C ALA A 170 13.09 -1.44 2.08
N VAL A 171 14.08 -0.74 1.52
CA VAL A 171 15.11 -0.10 2.34
C VAL A 171 15.57 1.21 1.71
N GLY A 172 15.54 2.28 2.51
CA GLY A 172 15.95 3.57 2.02
C GLY A 172 16.23 4.55 3.15
N TYR A 173 16.86 5.68 2.82
CA TYR A 173 17.19 6.69 3.80
C TYR A 173 16.64 8.05 3.39
N LYS A 174 16.40 8.91 4.37
CA LYS A 174 15.89 10.25 4.11
C LYS A 174 16.96 11.31 4.31
N THR A 175 17.10 12.19 3.33
CA THR A 175 18.10 13.25 3.39
C THR A 175 17.45 14.63 3.26
N ASP A 176 18.21 15.67 3.59
CA ASP A 176 17.70 17.03 3.51
C ASP A 176 16.92 17.25 2.22
N GLU A 177 17.62 17.29 1.10
CA GLU A 177 17.00 17.49 -0.20
C GLU A 177 17.18 16.26 -1.09
N PHE A 178 17.59 15.15 -0.48
CA PHE A 178 17.80 13.91 -1.21
C PHE A 178 17.03 12.76 -0.57
N GLN A 179 16.52 11.86 -1.39
CA GLN A 179 15.76 10.71 -0.89
C GLN A 179 16.17 9.44 -1.64
N LEU A 180 16.45 8.38 -0.90
CA LEU A 180 16.84 7.10 -1.49
C LEU A 180 15.92 5.98 -1.00
N HIS A 181 15.21 5.37 -1.95
CA HIS A 181 14.30 4.27 -1.62
C HIS A 181 14.46 3.12 -2.61
N THR A 182 14.85 1.96 -2.10
CA THR A 182 15.04 0.79 -2.95
C THR A 182 14.34 -0.43 -2.35
N ASN A 183 13.52 -1.09 -3.17
CA ASN A 183 12.78 -2.26 -2.74
C ASN A 183 13.16 -3.49 -3.57
N VAL A 184 13.27 -4.63 -2.91
CA VAL A 184 13.62 -5.88 -3.59
C VAL A 184 12.69 -7.01 -3.18
N ASN A 185 12.33 -7.86 -4.14
CA ASN A 185 11.44 -8.98 -3.88
C ASN A 185 12.23 -10.30 -3.85
N ASP A 186 12.73 -10.66 -2.68
CA ASP A 186 13.49 -11.89 -2.52
C ASP A 186 14.89 -11.74 -3.11
N GLY A 187 15.66 -12.83 -3.10
CA GLY A 187 17.01 -12.80 -3.63
C GLY A 187 17.03 -12.90 -5.15
N THR A 188 15.85 -12.91 -5.76
CA THR A 188 15.74 -13.00 -7.21
C THR A 188 15.25 -11.70 -7.81
N GLU A 189 14.59 -10.89 -7.00
CA GLU A 189 14.06 -9.60 -7.46
C GLU A 189 14.70 -8.45 -6.69
N PHE A 190 15.26 -7.50 -7.42
CA PHE A 190 15.92 -6.34 -6.81
C PHE A 190 15.56 -5.07 -7.56
N GLY A 191 15.03 -4.08 -6.83
CA GLY A 191 14.66 -2.82 -7.45
C GLY A 191 15.08 -1.62 -6.62
N GLY A 192 15.52 -0.57 -7.29
CA GLY A 192 15.95 0.63 -6.59
C GLY A 192 15.38 1.90 -7.19
N SER A 193 15.08 2.88 -6.34
CA SER A 193 14.52 4.13 -6.79
C SER A 193 15.13 5.31 -6.05
N ILE A 194 15.16 6.47 -6.69
CA ILE A 194 15.73 7.67 -6.09
C ILE A 194 14.75 8.84 -6.15
N TYR A 195 14.54 9.49 -5.01
CA TYR A 195 13.63 10.62 -4.93
C TYR A 195 14.39 11.93 -4.77
N GLN A 196 14.17 12.86 -5.69
CA GLN A 196 14.82 14.16 -5.65
C GLN A 196 13.81 15.30 -5.65
N LYS A 197 13.73 16.02 -4.54
CA LYS A 197 12.79 17.13 -4.42
C LYS A 197 13.54 18.46 -4.45
N VAL A 198 13.09 19.36 -5.33
CA VAL A 198 13.71 20.67 -5.45
C VAL A 198 15.13 20.57 -5.99
N ASN A 199 15.42 19.46 -6.66
CA ASN A 199 16.74 19.23 -7.22
C ASN A 199 16.81 19.72 -8.66
N LYS A 200 15.70 19.62 -9.37
CA LYS A 200 15.63 20.06 -10.77
C LYS A 200 14.20 20.43 -11.15
N LYS A 201 13.69 21.50 -10.53
CA LYS A 201 12.34 21.97 -10.81
C LYS A 201 11.30 20.98 -10.29
N LEU A 202 10.54 21.39 -9.28
CA LEU A 202 9.52 20.54 -8.69
C LEU A 202 10.13 19.30 -8.07
N GLU A 203 9.30 18.30 -7.81
CA GLU A 203 9.76 17.04 -7.21
C GLU A 203 9.60 15.88 -8.18
N THR A 204 10.67 15.11 -8.36
CA THR A 204 10.65 13.97 -9.26
C THR A 204 11.46 12.81 -8.69
N ALA A 205 11.14 11.60 -9.14
CA ALA A 205 11.84 10.40 -8.68
C ALA A 205 11.88 9.34 -9.77
N VAL A 206 12.94 8.54 -9.78
CA VAL A 206 13.10 7.48 -10.76
C VAL A 206 13.03 6.11 -10.11
N ASN A 207 12.52 5.13 -10.85
CA ASN A 207 12.40 3.76 -10.34
C ASN A 207 13.05 2.77 -11.29
N LEU A 208 13.78 1.82 -10.71
CA LEU A 208 14.47 0.80 -11.52
C LEU A 208 14.19 -0.60 -10.97
N ALA A 209 14.03 -1.56 -11.87
CA ALA A 209 13.77 -2.94 -11.48
C ALA A 209 14.70 -3.91 -12.21
N TRP A 210 15.30 -4.81 -11.46
CA TRP A 210 16.22 -5.80 -12.03
C TRP A 210 15.87 -7.20 -11.56
N THR A 211 15.68 -8.12 -12.51
CA THR A 211 15.34 -9.50 -12.18
C THR A 211 16.48 -10.44 -12.58
N ALA A 212 17.20 -10.93 -11.59
CA ALA A 212 18.31 -11.85 -11.83
C ALA A 212 17.87 -13.03 -12.70
N GLY A 213 18.78 -13.55 -13.50
CA GLY A 213 18.47 -14.67 -14.36
C GLY A 213 18.54 -14.31 -15.83
N ASN A 214 19.59 -13.58 -16.21
CA ASN A 214 19.77 -13.16 -17.59
C ASN A 214 18.55 -12.40 -18.10
N SER A 215 18.27 -11.26 -17.47
CA SER A 215 17.13 -10.43 -17.85
C SER A 215 17.58 -9.03 -18.24
N ASN A 216 16.62 -8.18 -18.58
CA ASN A 216 16.92 -6.81 -18.98
C ASN A 216 16.64 -5.84 -17.82
N THR A 217 17.39 -4.74 -17.79
CA THR A 217 17.24 -3.74 -16.75
C THR A 217 16.04 -2.84 -17.03
N ARG A 218 15.28 -2.53 -15.98
CA ARG A 218 14.10 -1.67 -16.11
C ARG A 218 14.37 -0.28 -15.54
N PHE A 219 14.11 0.74 -16.36
CA PHE A 219 14.33 2.12 -15.93
C PHE A 219 13.05 2.93 -16.04
N GLY A 220 12.80 3.79 -15.05
CA GLY A 220 11.61 4.61 -15.06
C GLY A 220 11.81 5.93 -14.36
N ILE A 221 11.09 6.96 -14.82
CA ILE A 221 11.20 8.29 -14.23
C ILE A 221 9.84 8.94 -14.10
N ALA A 222 9.55 9.47 -12.92
CA ALA A 222 8.27 10.14 -12.66
C ALA A 222 8.49 11.59 -12.24
N ALA A 223 7.72 12.49 -12.85
CA ALA A 223 7.83 13.91 -12.54
C ALA A 223 6.57 14.41 -11.83
N LYS A 224 6.75 15.03 -10.67
CA LYS A 224 5.63 15.55 -9.90
C LYS A 224 5.70 17.07 -9.78
N TYR A 225 4.73 17.75 -10.38
CA TYR A 225 4.70 19.21 -10.36
C TYR A 225 3.55 19.70 -9.47
N GLN A 226 3.90 20.44 -8.42
CA GLN A 226 2.90 20.96 -7.50
C GLN A 226 2.64 22.44 -7.78
N ILE A 227 1.42 22.74 -8.22
CA ILE A 227 1.04 24.11 -8.53
C ILE A 227 0.04 24.65 -7.50
N ASP A 228 -0.82 23.78 -7.00
CA ASP A 228 -1.81 24.16 -6.00
C ASP A 228 -2.14 23.00 -5.08
N PRO A 229 -2.65 23.31 -3.88
CA PRO A 229 -3.02 22.30 -2.89
C PRO A 229 -4.24 21.49 -3.29
N ASP A 230 -4.99 22.01 -4.27
CA ASP A 230 -6.19 21.35 -4.75
C ASP A 230 -5.92 20.68 -6.10
N ALA A 231 -4.98 21.23 -6.85
CA ALA A 231 -4.63 20.69 -8.16
C ALA A 231 -3.15 20.37 -8.24
N CYS A 232 -2.83 19.16 -8.69
CA CYS A 232 -1.44 18.73 -8.82
C CYS A 232 -1.23 17.93 -10.09
N PHE A 233 -0.09 18.14 -10.74
CA PHE A 233 0.22 17.44 -11.97
C PHE A 233 1.30 16.38 -11.74
N SER A 234 1.07 15.18 -12.27
CA SER A 234 2.01 14.08 -12.11
C SER A 234 2.16 13.30 -13.41
N ALA A 235 3.38 12.85 -13.69
CA ALA A 235 3.65 12.08 -14.89
C ALA A 235 4.74 11.04 -14.65
N LYS A 236 4.78 10.02 -15.51
CA LYS A 236 5.76 8.96 -15.38
C LYS A 236 5.95 8.23 -16.71
N VAL A 237 7.16 7.73 -16.96
CA VAL A 237 7.45 7.01 -18.18
C VAL A 237 8.37 5.83 -17.91
N ASN A 238 8.22 4.78 -18.71
CA ASN A 238 9.03 3.57 -18.56
C ASN A 238 9.88 3.33 -19.81
N ASN A 239 11.06 2.76 -19.61
CA ASN A 239 11.97 2.47 -20.71
C ASN A 239 11.31 1.57 -21.74
N SER A 240 10.23 0.91 -21.33
CA SER A 240 9.50 0.01 -22.23
C SER A 240 8.56 0.78 -23.12
N SER A 241 8.89 2.04 -23.38
CA SER A 241 8.06 2.90 -24.22
C SER A 241 6.68 3.11 -23.60
N LEU A 242 6.64 3.13 -22.27
CA LEU A 242 5.38 3.32 -21.55
C LEU A 242 5.24 4.77 -21.08
N ILE A 243 4.21 5.45 -21.58
CA ILE A 243 3.95 6.83 -21.22
C ILE A 243 2.72 6.95 -20.34
N GLY A 244 2.91 7.43 -19.11
CA GLY A 244 1.79 7.58 -18.19
C GLY A 244 1.64 9.01 -17.70
N LEU A 245 0.41 9.41 -17.44
CA LEU A 245 0.13 10.76 -16.96
C LEU A 245 -1.04 10.77 -15.99
N GLY A 246 -0.85 11.40 -14.83
CA GLY A 246 -1.89 11.47 -13.83
C GLY A 246 -2.14 12.88 -13.34
N TYR A 247 -3.40 13.24 -13.17
CA TYR A 247 -3.78 14.57 -12.70
C TYR A 247 -4.73 14.49 -11.52
N THR A 248 -4.42 15.24 -10.46
CA THR A 248 -5.25 15.26 -9.27
C THR A 248 -5.96 16.60 -9.11
N GLN A 249 -7.28 16.55 -8.90
CA GLN A 249 -8.07 17.76 -8.74
C GLN A 249 -9.17 17.56 -7.70
N THR A 250 -9.17 18.39 -6.67
CA THR A 250 -10.17 18.30 -5.61
C THR A 250 -11.19 19.43 -5.71
N LEU A 251 -12.39 19.18 -5.21
CA LEU A 251 -13.46 20.18 -5.24
C LEU A 251 -13.36 21.11 -4.04
N LYS A 252 -13.81 20.63 -2.88
CA LYS A 252 -13.78 21.41 -1.66
C LYS A 252 -14.38 20.63 -0.49
N PRO A 253 -15.67 20.27 -0.64
CA PRO A 253 -16.39 19.53 0.40
C PRO A 253 -15.90 18.08 0.52
N GLY A 254 -14.68 17.92 1.02
CA GLY A 254 -14.11 16.59 1.18
C GLY A 254 -14.22 15.77 -0.09
N ILE A 255 -14.14 16.43 -1.24
CA ILE A 255 -14.22 15.74 -2.53
C ILE A 255 -12.91 15.85 -3.28
N LYS A 256 -12.34 14.70 -3.63
CA LYS A 256 -11.08 14.66 -4.37
C LYS A 256 -11.18 13.72 -5.56
N LEU A 257 -10.96 14.27 -6.76
CA LEU A 257 -11.02 13.49 -7.99
C LEU A 257 -9.63 13.11 -8.47
N THR A 258 -9.42 11.82 -8.73
CA THR A 258 -8.13 11.33 -9.21
C THR A 258 -8.24 10.77 -10.62
N LEU A 259 -7.56 11.42 -11.56
CA LEU A 259 -7.58 10.98 -12.95
C LEU A 259 -6.21 10.47 -13.38
N SER A 260 -6.18 9.25 -13.90
CA SER A 260 -4.93 8.64 -14.34
C SER A 260 -5.10 8.00 -15.73
N ALA A 261 -4.04 8.07 -16.54
CA ALA A 261 -4.08 7.50 -17.87
C ALA A 261 -2.68 7.14 -18.35
N LEU A 262 -2.50 5.91 -18.80
CA LEU A 262 -1.20 5.45 -19.29
C LEU A 262 -1.35 4.73 -20.63
N LEU A 263 -0.41 4.97 -21.54
CA LEU A 263 -0.42 4.35 -22.85
C LEU A 263 0.87 3.59 -23.12
N ASP A 264 0.78 2.27 -23.14
CA ASP A 264 1.95 1.42 -23.39
C ASP A 264 2.27 1.36 -24.88
N GLY A 265 3.33 2.06 -25.29
CA GLY A 265 3.72 2.06 -26.68
C GLY A 265 3.89 0.67 -27.24
N LYS A 266 4.08 -0.31 -26.36
CA LYS A 266 4.25 -1.69 -26.76
C LYS A 266 2.92 -2.43 -26.81
N ASN A 267 1.97 -1.96 -26.02
CA ASN A 267 0.64 -2.57 -25.97
C ASN A 267 -0.35 -1.79 -26.83
N VAL A 268 -0.48 -0.50 -26.55
CA VAL A 268 -1.39 0.36 -27.30
C VAL A 268 -1.19 0.20 -28.81
N ASN A 269 0.02 -0.17 -29.20
CA ASN A 269 0.35 -0.36 -30.61
C ASN A 269 -0.64 -1.33 -31.26
N ALA A 270 -0.92 -2.42 -30.57
CA ALA A 270 -1.84 -3.44 -31.08
C ALA A 270 -3.17 -3.37 -30.35
N GLY A 271 -3.19 -2.72 -29.19
CA GLY A 271 -4.41 -2.59 -28.41
C GLY A 271 -4.93 -1.17 -28.37
N GLY A 272 -5.03 -0.62 -27.17
CA GLY A 272 -5.51 0.74 -27.01
C GLY A 272 -4.90 1.45 -25.83
N HIS A 273 -5.42 2.62 -25.50
CA HIS A 273 -4.91 3.40 -24.37
C HIS A 273 -5.60 2.99 -23.07
N LYS A 274 -4.86 3.04 -21.97
CA LYS A 274 -5.40 2.69 -20.67
C LYS A 274 -5.85 3.93 -19.90
N LEU A 275 -7.03 3.84 -19.28
CA LEU A 275 -7.56 4.97 -18.51
C LEU A 275 -8.06 4.50 -17.15
N GLY A 276 -7.52 5.10 -16.09
CA GLY A 276 -7.92 4.74 -14.74
C GLY A 276 -8.53 5.90 -13.99
N LEU A 277 -9.68 5.67 -13.38
CA LEU A 277 -10.38 6.70 -12.63
C LEU A 277 -10.54 6.30 -11.17
N GLY A 278 -10.38 7.26 -10.26
CA GLY A 278 -10.51 6.98 -8.85
C GLY A 278 -11.11 8.14 -8.08
N LEU A 279 -12.10 7.84 -7.24
CA LEU A 279 -12.75 8.87 -6.45
C LEU A 279 -12.37 8.75 -4.97
N GLU A 280 -12.00 9.87 -4.36
CA GLU A 280 -11.62 9.89 -2.95
C GLU A 280 -12.40 10.94 -2.18
N PHE A 281 -13.19 10.50 -1.22
CA PHE A 281 -13.99 11.41 -0.40
C PHE A 281 -13.67 11.25 1.08
N GLN A 282 -13.50 12.39 1.76
CA GLN A 282 -13.19 12.37 3.18
C GLN A 282 -14.03 13.39 3.93
N ALA A 283 -14.75 12.92 4.95
CA ALA A 283 -15.60 13.79 5.75
C ALA A 283 -14.92 14.17 7.06
N LEU A 284 -14.92 15.46 7.38
CA LEU A 284 -14.29 15.95 8.60
C LEU A 284 -12.97 15.24 8.87
N GLU A 285 -12.22 14.99 7.79
CA GLU A 285 -10.93 14.32 7.91
C GLU A 285 -10.05 15.02 8.94
N MET A 1 4.60 7.88 22.55
CA MET A 1 5.88 8.29 21.99
C MET A 1 5.81 8.35 20.46
N ALA A 2 6.56 9.27 19.88
CA ALA A 2 6.58 9.44 18.43
C ALA A 2 7.25 8.24 17.76
N VAL A 3 6.43 7.24 17.41
CA VAL A 3 6.94 6.03 16.75
C VAL A 3 6.04 5.61 15.60
N PRO A 4 6.14 6.35 14.48
CA PRO A 4 5.33 6.06 13.28
C PRO A 4 5.76 4.77 12.60
N PRO A 5 4.93 4.31 11.65
CA PRO A 5 5.20 3.08 10.89
C PRO A 5 6.37 3.24 9.92
N THR A 6 7.53 2.70 10.32
CA THR A 6 8.72 2.78 9.48
C THR A 6 8.77 1.63 8.48
N TYR A 7 8.33 0.45 8.91
CA TYR A 7 8.33 -0.72 8.05
C TYR A 7 7.63 -0.43 6.73
N ALA A 8 6.53 0.32 6.80
CA ALA A 8 5.77 0.68 5.62
C ALA A 8 6.46 1.78 4.83
N ASP A 9 7.30 2.56 5.51
CA ASP A 9 8.03 3.65 4.87
C ASP A 9 9.17 3.10 4.01
N LEU A 10 9.59 1.88 4.30
CA LEU A 10 10.67 1.25 3.55
C LEU A 10 10.34 1.19 2.07
N GLY A 11 9.07 1.02 1.75
CA GLY A 11 8.64 0.96 0.36
C GLY A 11 7.45 1.85 0.07
N LYS A 12 7.32 2.93 0.83
CA LYS A 12 6.22 3.86 0.66
C LYS A 12 6.35 4.61 -0.66
N SER A 13 7.55 5.11 -0.93
CA SER A 13 7.81 5.86 -2.16
C SER A 13 7.62 4.98 -3.39
N ALA A 14 8.07 3.72 -3.28
CA ALA A 14 7.95 2.78 -4.38
C ALA A 14 6.48 2.57 -4.76
N ARG A 15 5.65 2.28 -3.77
CA ARG A 15 4.23 2.05 -4.00
C ARG A 15 3.54 3.33 -4.45
N ASP A 16 4.00 4.46 -3.93
CA ASP A 16 3.43 5.76 -4.28
C ASP A 16 3.56 6.03 -5.77
N VAL A 17 4.75 5.80 -6.31
CA VAL A 17 5.00 6.02 -7.73
C VAL A 17 4.40 4.90 -8.58
N PHE A 18 4.40 3.68 -8.02
CA PHE A 18 3.87 2.52 -8.72
C PHE A 18 2.39 2.73 -9.05
N THR A 19 1.65 3.30 -8.11
CA THR A 19 0.22 3.55 -8.30
C THR A 19 -0.48 2.32 -8.88
N LYS A 20 -0.89 1.41 -8.00
CA LYS A 20 -1.58 0.20 -8.42
C LYS A 20 -2.74 0.53 -9.36
N GLY A 21 -3.39 1.66 -9.12
CA GLY A 21 -4.50 2.07 -9.96
C GLY A 21 -4.09 3.09 -11.00
N TYR A 22 -3.49 2.60 -12.08
CA TYR A 22 -3.05 3.48 -13.16
C TYR A 22 -3.54 2.96 -14.51
N GLY A 23 -4.50 3.67 -15.09
CA GLY A 23 -5.04 3.27 -16.38
C GLY A 23 -5.47 1.81 -16.40
N PHE A 24 -6.61 1.53 -15.81
CA PHE A 24 -7.13 0.17 -15.77
C PHE A 24 -8.26 -0.02 -16.79
N GLY A 25 -8.62 1.05 -17.46
CA GLY A 25 -9.68 0.99 -18.45
C GLY A 25 -11.06 0.87 -17.82
N LEU A 26 -11.14 1.12 -16.52
CA LEU A 26 -12.40 1.04 -15.80
C LEU A 26 -12.53 2.20 -14.81
N ILE A 27 -13.64 2.22 -14.07
CA ILE A 27 -13.89 3.27 -13.10
C ILE A 27 -13.68 2.74 -11.67
N LYS A 28 -13.10 3.58 -10.83
CA LYS A 28 -12.84 3.22 -9.44
C LYS A 28 -13.52 4.19 -8.48
N LEU A 29 -14.09 3.65 -7.41
CA LEU A 29 -14.77 4.48 -6.41
C LEU A 29 -14.32 4.12 -5.00
N ASP A 30 -13.92 5.11 -4.23
CA ASP A 30 -13.47 4.90 -2.86
C ASP A 30 -13.97 6.02 -1.94
N LEU A 31 -14.61 5.63 -0.85
CA LEU A 31 -15.14 6.59 0.10
C LEU A 31 -14.90 6.12 1.54
N LYS A 32 -14.51 7.06 2.40
CA LYS A 32 -14.25 6.75 3.80
C LYS A 32 -15.15 7.57 4.73
N THR A 33 -15.87 6.88 5.60
CA THR A 33 -16.77 7.55 6.54
C THR A 33 -16.40 7.23 7.98
N LYS A 34 -16.26 8.27 8.79
CA LYS A 34 -15.90 8.11 10.20
C LYS A 34 -16.62 9.13 11.07
N SER A 35 -17.31 8.64 12.09
CA SER A 35 -18.05 9.51 13.00
C SER A 35 -17.16 9.99 14.14
N GLU A 36 -17.70 10.87 14.97
CA GLU A 36 -16.95 11.41 16.11
C GLU A 36 -15.92 10.41 16.61
N ASN A 37 -16.40 9.21 16.97
CA ASN A 37 -15.52 8.17 17.47
C ASN A 37 -16.29 6.85 17.65
N GLY A 38 -15.60 5.74 17.49
CA GLY A 38 -16.23 4.44 17.64
C GLY A 38 -16.90 3.96 16.37
N LEU A 39 -17.01 4.85 15.39
CA LEU A 39 -17.63 4.52 14.12
C LEU A 39 -16.58 4.33 13.02
N GLU A 40 -16.70 3.24 12.27
CA GLU A 40 -15.76 2.94 11.20
C GLU A 40 -16.49 2.44 9.97
N PHE A 41 -16.43 3.22 8.89
CA PHE A 41 -17.09 2.84 7.64
C PHE A 41 -16.16 3.08 6.44
N THR A 42 -15.84 2.01 5.73
CA THR A 42 -14.96 2.09 4.58
C THR A 42 -15.57 1.41 3.36
N SER A 43 -15.59 2.10 2.23
CA SER A 43 -16.15 1.55 1.00
C SER A 43 -15.15 1.64 -0.15
N SER A 44 -14.98 0.54 -0.86
CA SER A 44 -14.04 0.49 -1.98
C SER A 44 -14.54 -0.48 -3.05
N GLY A 45 -14.62 0.01 -4.29
CA GLY A 45 -15.08 -0.83 -5.38
C GLY A 45 -14.83 -0.19 -6.73
N SER A 46 -15.21 -0.90 -7.80
CA SER A 46 -15.03 -0.40 -9.16
C SER A 46 -16.26 -0.68 -10.01
N ALA A 47 -16.37 0.04 -11.11
CA ALA A 47 -17.50 -0.12 -12.02
C ALA A 47 -17.08 0.09 -13.48
N ASN A 48 -17.77 -0.59 -14.39
CA ASN A 48 -17.46 -0.48 -15.81
C ASN A 48 -17.94 0.86 -16.37
N THR A 49 -17.15 1.43 -17.28
CA THR A 49 -17.49 2.72 -17.88
C THR A 49 -18.88 2.68 -18.51
N GLU A 50 -19.20 1.56 -19.15
CA GLU A 50 -20.50 1.39 -19.79
C GLU A 50 -21.48 0.69 -18.86
N THR A 51 -21.25 0.81 -17.56
CA THR A 51 -22.12 0.19 -16.56
C THR A 51 -22.39 -1.27 -16.91
N THR A 52 -21.43 -1.91 -17.56
CA THR A 52 -21.57 -3.30 -17.95
C THR A 52 -21.50 -4.22 -16.74
N LYS A 53 -20.75 -3.81 -15.72
CA LYS A 53 -20.60 -4.59 -14.51
C LYS A 53 -19.99 -3.75 -13.39
N VAL A 54 -20.61 -3.78 -12.22
CA VAL A 54 -20.12 -3.03 -11.07
C VAL A 54 -19.91 -3.94 -9.86
N THR A 55 -18.71 -3.90 -9.30
CA THR A 55 -18.37 -4.72 -8.15
C THR A 55 -17.59 -3.92 -7.12
N GLY A 56 -18.04 -3.97 -5.87
CA GLY A 56 -17.37 -3.24 -4.80
C GLY A 56 -17.54 -3.91 -3.45
N SER A 57 -16.54 -3.73 -2.59
CA SER A 57 -16.59 -4.33 -1.25
C SER A 57 -16.91 -3.27 -0.20
N LEU A 58 -17.62 -3.68 0.84
CA LEU A 58 -18.00 -2.77 1.92
C LEU A 58 -17.56 -3.32 3.27
N GLU A 59 -16.93 -2.47 4.07
CA GLU A 59 -16.47 -2.87 5.40
C GLU A 59 -17.01 -1.94 6.47
N THR A 60 -17.76 -2.51 7.42
CA THR A 60 -18.34 -1.72 8.50
C THR A 60 -17.95 -2.29 9.86
N LYS A 61 -17.61 -1.40 10.79
CA LYS A 61 -17.22 -1.81 12.13
C LYS A 61 -17.07 -0.60 13.05
N TYR A 62 -16.69 -0.85 14.29
CA TYR A 62 -16.50 0.22 15.27
C TYR A 62 -15.05 0.33 15.69
N ARG A 63 -14.59 1.57 15.88
CA ARG A 63 -13.21 1.81 16.28
C ARG A 63 -13.14 2.85 17.40
N TRP A 64 -12.76 2.40 18.60
CA TRP A 64 -12.66 3.29 19.75
C TRP A 64 -11.21 3.59 20.08
N THR A 65 -10.79 4.83 19.84
CA THR A 65 -9.42 5.24 20.12
C THR A 65 -9.23 5.56 21.61
N GLU A 66 -10.28 6.09 22.23
CA GLU A 66 -10.22 6.44 23.64
C GLU A 66 -9.68 5.28 24.47
N TYR A 67 -10.31 4.12 24.35
CA TYR A 67 -9.89 2.94 25.08
C TYR A 67 -8.59 2.36 24.50
N GLY A 68 -8.58 2.15 23.18
CA GLY A 68 -7.41 1.61 22.54
C GLY A 68 -7.71 0.35 21.76
N LEU A 69 -8.92 0.26 21.21
CA LEU A 69 -9.33 -0.91 20.45
C LEU A 69 -10.05 -0.49 19.17
N THR A 70 -9.66 -1.10 18.04
CA THR A 70 -10.27 -0.79 16.76
C THR A 70 -10.63 -2.07 16.01
N PHE A 71 -11.94 -2.30 15.87
CA PHE A 71 -12.42 -3.49 15.16
C PHE A 71 -12.96 -3.13 13.79
N THR A 72 -12.55 -3.88 12.78
CA THR A 72 -13.00 -3.63 11.41
C THR A 72 -13.51 -4.92 10.76
N GLU A 73 -14.64 -4.81 10.07
CA GLU A 73 -15.24 -5.97 9.40
C GLU A 73 -15.48 -5.67 7.92
N LYS A 74 -14.90 -6.48 7.05
CA LYS A 74 -15.05 -6.31 5.61
C LYS A 74 -15.91 -7.42 5.02
N TRP A 75 -16.78 -7.06 4.09
CA TRP A 75 -17.65 -8.03 3.44
C TRP A 75 -17.70 -7.81 1.94
N ASN A 76 -17.48 -8.88 1.17
CA ASN A 76 -17.49 -8.80 -0.28
C ASN A 76 -18.62 -9.65 -0.86
N THR A 77 -19.15 -9.22 -2.00
CA THR A 77 -20.23 -9.94 -2.66
C THR A 77 -19.76 -11.31 -3.14
N ASP A 78 -18.45 -11.51 -3.16
CA ASP A 78 -17.89 -12.78 -3.59
C ASP A 78 -18.06 -13.85 -2.52
N ASN A 79 -18.71 -13.48 -1.42
CA ASN A 79 -18.93 -14.41 -0.32
C ASN A 79 -17.69 -14.53 0.56
N THR A 80 -16.99 -13.42 0.74
CA THR A 80 -15.79 -13.40 1.56
C THR A 80 -15.95 -12.49 2.77
N LEU A 81 -15.79 -13.07 3.96
CA LEU A 81 -15.93 -12.32 5.20
C LEU A 81 -14.56 -11.96 5.78
N GLY A 82 -14.49 -10.84 6.47
CA GLY A 82 -13.23 -10.41 7.06
C GLY A 82 -13.44 -9.62 8.34
N THR A 83 -12.55 -9.82 9.31
CA THR A 83 -12.64 -9.13 10.59
C THR A 83 -11.25 -8.85 11.16
N GLU A 84 -10.76 -7.64 10.92
CA GLU A 84 -9.44 -7.24 11.42
C GLU A 84 -9.57 -6.28 12.60
N ILE A 85 -8.97 -6.66 13.72
CA ILE A 85 -9.02 -5.83 14.93
C ILE A 85 -7.61 -5.47 15.39
N THR A 86 -7.44 -4.22 15.81
CA THR A 86 -6.14 -3.75 16.28
C THR A 86 -6.20 -3.41 17.76
N VAL A 87 -5.12 -3.73 18.47
CA VAL A 87 -5.04 -3.46 19.91
C VAL A 87 -3.85 -2.57 20.23
N GLU A 88 -4.11 -1.40 20.81
CA GLU A 88 -3.06 -0.47 21.17
C GLU A 88 -2.63 -0.66 22.62
N ASP A 89 -1.37 -1.01 22.81
CA ASP A 89 -0.83 -1.23 24.15
C ASP A 89 -1.73 -2.16 24.95
N GLN A 90 -1.75 -3.44 24.58
CA GLN A 90 -2.57 -4.43 25.25
C GLN A 90 -1.95 -4.84 26.58
N LEU A 91 -2.24 -4.08 27.63
CA LEU A 91 -1.70 -4.35 28.96
C LEU A 91 -0.19 -4.16 28.99
N ALA A 92 0.30 -3.24 28.15
CA ALA A 92 1.73 -2.95 28.08
C ALA A 92 2.02 -1.86 27.07
N ARG A 93 2.22 -0.64 27.56
CA ARG A 93 2.51 0.50 26.69
C ARG A 93 3.65 0.18 25.73
N GLY A 94 3.46 0.52 24.46
CA GLY A 94 4.47 0.26 23.46
C GLY A 94 4.22 -1.02 22.70
N LEU A 95 3.42 -1.91 23.28
CA LEU A 95 3.09 -3.18 22.64
C LEU A 95 1.93 -3.02 21.68
N LYS A 96 2.07 -3.61 20.49
CA LYS A 96 1.02 -3.54 19.48
C LYS A 96 0.57 -4.94 19.07
N LEU A 97 -0.74 -5.17 19.11
CA LEU A 97 -1.30 -6.46 18.75
C LEU A 97 -2.33 -6.31 17.62
N THR A 98 -2.19 -7.13 16.59
CA THR A 98 -3.10 -7.10 15.45
C THR A 98 -3.61 -8.49 15.11
N PHE A 99 -4.93 -8.68 15.23
CA PHE A 99 -5.55 -9.97 14.94
C PHE A 99 -6.66 -9.81 13.92
N ASP A 100 -6.48 -10.40 12.75
CA ASP A 100 -7.47 -10.33 11.68
C ASP A 100 -7.77 -11.72 11.12
N SER A 101 -9.03 -11.95 10.79
CA SER A 101 -9.44 -13.24 10.24
C SER A 101 -10.50 -13.06 9.16
N SER A 102 -10.22 -13.57 7.97
CA SER A 102 -11.14 -13.46 6.84
C SER A 102 -11.15 -14.75 6.03
N PHE A 103 -12.33 -15.14 5.56
CA PHE A 103 -12.49 -16.34 4.76
C PHE A 103 -13.93 -16.50 4.28
N SER A 104 -14.11 -17.26 3.22
CA SER A 104 -15.43 -17.50 2.65
C SER A 104 -16.20 -18.54 3.46
N PRO A 105 -17.28 -18.09 4.14
CA PRO A 105 -18.11 -18.96 4.95
C PRO A 105 -18.92 -19.95 4.12
N ASN A 106 -18.82 -19.83 2.80
CA ASN A 106 -19.53 -20.72 1.89
C ASN A 106 -19.42 -22.17 2.34
N THR A 107 -18.26 -22.52 2.89
CA THR A 107 -18.03 -23.88 3.37
C THR A 107 -17.50 -23.88 4.80
N GLY A 108 -17.79 -22.80 5.53
CA GLY A 108 -17.35 -22.70 6.91
C GLY A 108 -15.87 -22.38 7.01
N LYS A 109 -15.34 -21.71 6.00
CA LYS A 109 -13.92 -21.35 5.98
C LYS A 109 -13.66 -20.15 6.89
N LYS A 110 -12.54 -20.18 7.59
CA LYS A 110 -12.17 -19.08 8.49
C LYS A 110 -10.66 -19.06 8.73
N ASN A 111 -10.01 -18.01 8.24
CA ASN A 111 -8.56 -17.87 8.40
C ASN A 111 -8.23 -16.65 9.27
N ALA A 112 -7.58 -16.91 10.39
CA ALA A 112 -7.20 -15.84 11.31
C ALA A 112 -5.68 -15.73 11.42
N LYS A 113 -5.21 -14.52 11.69
CA LYS A 113 -3.77 -14.27 11.82
C LYS A 113 -3.48 -13.39 13.04
N ILE A 114 -2.45 -13.76 13.79
CA ILE A 114 -2.06 -12.99 14.97
C ILE A 114 -0.72 -12.31 14.77
N LYS A 115 -0.69 -11.00 14.97
CA LYS A 115 0.53 -10.22 14.81
C LYS A 115 0.88 -9.48 16.10
N THR A 116 2.04 -9.77 16.65
CA THR A 116 2.49 -9.14 17.88
C THR A 116 3.87 -8.50 17.71
N GLY A 117 3.95 -7.21 18.03
CA GLY A 117 5.21 -6.50 17.90
C GLY A 117 5.32 -5.33 18.86
N TYR A 118 6.47 -4.67 18.85
CA TYR A 118 6.69 -3.52 19.72
C TYR A 118 7.19 -2.32 18.93
N LYS A 119 6.78 -1.13 19.35
CA LYS A 119 7.17 0.10 18.68
C LYS A 119 8.12 0.92 19.57
N ARG A 120 9.33 1.13 19.08
CA ARG A 120 10.33 1.89 19.82
C ARG A 120 10.61 3.23 19.14
N GLU A 121 10.89 4.25 19.94
CA GLU A 121 11.18 5.58 19.42
C GLU A 121 12.33 5.53 18.43
N HIS A 122 13.26 4.61 18.64
CA HIS A 122 14.42 4.46 17.77
C HIS A 122 14.51 3.04 17.23
N ILE A 123 13.46 2.25 17.46
CA ILE A 123 13.43 0.87 16.99
C ILE A 123 12.02 0.46 16.60
N ASN A 124 11.91 -0.41 15.60
CA ASN A 124 10.62 -0.88 15.13
C ASN A 124 10.57 -2.40 15.09
N LEU A 125 9.74 -2.98 15.95
CA LEU A 125 9.60 -4.44 16.02
C LEU A 125 8.18 -4.87 15.65
N GLY A 126 8.07 -5.80 14.71
CA GLY A 126 6.78 -6.28 14.29
C GLY A 126 6.81 -7.74 13.89
N CYS A 127 6.10 -8.57 14.65
CA CYS A 127 6.05 -10.00 14.37
C CYS A 127 4.65 -10.43 13.94
N ASP A 128 4.57 -11.22 12.89
CA ASP A 128 3.28 -11.70 12.38
C ASP A 128 3.26 -13.23 12.31
N MET A 129 2.11 -13.81 12.61
CA MET A 129 1.95 -15.26 12.57
C MET A 129 0.61 -15.65 11.95
N ASP A 130 0.66 -16.38 10.85
CA ASP A 130 -0.55 -16.83 10.16
C ASP A 130 -1.08 -18.13 10.77
N PHE A 131 -2.32 -18.11 11.21
CA PHE A 131 -2.94 -19.29 11.80
C PHE A 131 -3.67 -20.11 10.74
N ASP A 132 -3.02 -21.16 10.26
CA ASP A 132 -3.61 -22.03 9.24
C ASP A 132 -3.83 -23.44 9.79
N ILE A 133 -5.08 -23.86 9.85
CA ILE A 133 -5.42 -25.19 10.36
C ILE A 133 -4.64 -26.27 9.61
N ALA A 134 -4.36 -26.02 8.34
CA ALA A 134 -3.63 -26.98 7.52
C ALA A 134 -2.13 -26.81 7.70
N GLY A 135 -1.72 -25.63 8.18
CA GLY A 135 -0.32 -25.36 8.39
C GLY A 135 -0.02 -23.88 8.53
N PRO A 136 0.18 -23.42 9.78
CA PRO A 136 0.46 -22.02 10.06
C PRO A 136 1.85 -21.60 9.59
N SER A 137 2.06 -20.29 9.46
CA SER A 137 3.35 -19.77 9.01
C SER A 137 3.86 -18.70 9.97
N ILE A 138 5.18 -18.56 10.04
CA ILE A 138 5.79 -17.58 10.92
C ILE A 138 6.41 -16.43 10.12
N ARG A 139 6.01 -15.20 10.45
CA ARG A 139 6.52 -14.02 9.76
C ARG A 139 7.17 -13.06 10.75
N GLY A 140 8.39 -12.64 10.43
CA GLY A 140 9.10 -11.72 11.31
C GLY A 140 9.54 -10.46 10.59
N ALA A 141 9.30 -9.31 11.20
CA ALA A 141 9.68 -8.04 10.61
C ALA A 141 10.40 -7.15 11.62
N LEU A 142 11.58 -6.66 11.26
CA LEU A 142 12.36 -5.81 12.14
C LEU A 142 13.03 -4.69 11.36
N VAL A 143 12.72 -3.44 11.73
CA VAL A 143 13.28 -2.28 11.07
C VAL A 143 13.79 -1.25 12.08
N LEU A 144 14.94 -0.66 11.79
CA LEU A 144 15.53 0.34 12.67
C LEU A 144 15.46 1.73 12.05
N GLY A 145 15.13 2.73 12.87
CA GLY A 145 15.03 4.09 12.37
C GLY A 145 16.25 4.91 12.70
N TYR A 146 16.72 5.69 11.73
CA TYR A 146 17.90 6.52 11.92
C TYR A 146 17.73 7.88 11.23
N GLU A 147 18.31 8.92 11.82
CA GLU A 147 18.22 10.25 11.26
C GLU A 147 18.59 10.26 9.77
N GLY A 148 17.57 10.15 8.93
CA GLY A 148 17.80 10.14 7.49
C GLY A 148 18.03 8.74 6.95
N TRP A 149 18.48 7.84 7.81
CA TRP A 149 18.73 6.46 7.42
C TRP A 149 17.65 5.53 7.95
N LEU A 150 17.28 4.54 7.15
CA LEU A 150 16.24 3.59 7.54
C LEU A 150 16.60 2.18 7.09
N ALA A 151 16.34 1.20 7.95
CA ALA A 151 16.63 -0.20 7.63
C ALA A 151 15.47 -1.10 8.03
N GLY A 152 15.21 -2.11 7.20
CA GLY A 152 14.13 -3.03 7.47
C GLY A 152 14.40 -4.42 6.95
N TYR A 153 14.14 -5.43 7.77
CA TYR A 153 14.37 -6.82 7.39
C TYR A 153 13.17 -7.69 7.75
N GLN A 154 12.63 -8.38 6.74
CA GLN A 154 11.48 -9.25 6.95
C GLN A 154 11.80 -10.68 6.56
N MET A 155 11.66 -11.61 7.50
CA MET A 155 11.94 -13.01 7.25
C MET A 155 10.76 -13.88 7.69
N ASN A 156 10.30 -14.74 6.78
CA ASN A 156 9.19 -15.63 7.07
C ASN A 156 9.65 -17.09 7.10
N PHE A 157 9.42 -17.75 8.23
CA PHE A 157 9.81 -19.15 8.38
C PHE A 157 8.64 -20.07 8.07
N GLU A 158 8.86 -21.02 7.17
CA GLU A 158 7.83 -21.97 6.78
C GLU A 158 7.68 -23.07 7.83
N THR A 159 6.67 -22.95 8.67
CA THR A 159 6.41 -23.93 9.72
C THR A 159 6.05 -25.29 9.13
N ALA A 160 5.14 -25.29 8.17
CA ALA A 160 4.70 -26.51 7.52
C ALA A 160 5.91 -27.35 7.08
N LYS A 161 7.03 -26.69 6.85
CA LYS A 161 8.25 -27.37 6.43
C LYS A 161 9.42 -27.00 7.32
N SER A 162 10.63 -27.35 6.90
CA SER A 162 11.83 -27.06 7.66
C SER A 162 12.68 -26.00 6.97
N ARG A 163 12.01 -25.00 6.40
CA ARG A 163 12.71 -23.92 5.70
C ARG A 163 11.87 -22.64 5.72
N VAL A 164 12.43 -21.58 5.15
CA VAL A 164 11.74 -20.29 5.10
C VAL A 164 10.63 -20.31 4.06
N THR A 165 9.52 -19.65 4.38
CA THR A 165 8.37 -19.60 3.47
C THR A 165 8.48 -18.40 2.54
N GLN A 166 8.99 -17.29 3.06
CA GLN A 166 9.13 -16.07 2.27
C GLN A 166 10.23 -15.17 2.86
N SER A 167 10.98 -14.52 1.97
CA SER A 167 12.06 -13.64 2.40
C SER A 167 11.88 -12.24 1.81
N ASN A 168 11.96 -11.23 2.66
CA ASN A 168 11.81 -9.85 2.23
C ASN A 168 12.86 -8.95 2.88
N PHE A 169 13.28 -7.91 2.17
CA PHE A 169 14.28 -6.98 2.68
C PHE A 169 14.10 -5.60 2.06
N ALA A 170 14.28 -4.57 2.88
CA ALA A 170 14.14 -3.19 2.41
C ALA A 170 14.95 -2.23 3.27
N VAL A 171 15.53 -1.23 2.64
CA VAL A 171 16.34 -0.24 3.35
C VAL A 171 16.21 1.14 2.72
N GLY A 172 15.88 2.13 3.54
CA GLY A 172 15.73 3.49 3.04
C GLY A 172 16.96 4.34 3.28
N TYR A 173 17.58 4.80 2.20
CA TYR A 173 18.78 5.62 2.30
C TYR A 173 18.50 7.04 1.80
N LYS A 174 18.67 8.02 2.68
CA LYS A 174 18.45 9.42 2.33
C LYS A 174 19.74 10.22 2.44
N THR A 175 20.09 10.92 1.37
CA THR A 175 21.30 11.73 1.34
C THR A 175 20.97 13.22 1.34
N ASP A 176 21.98 14.04 1.58
CA ASP A 176 21.80 15.49 1.61
C ASP A 176 21.61 16.04 0.20
N GLU A 177 21.77 15.17 -0.79
CA GLU A 177 21.62 15.57 -2.19
C GLU A 177 20.50 14.78 -2.87
N PHE A 178 20.40 13.49 -2.52
CA PHE A 178 19.38 12.63 -3.10
C PHE A 178 18.96 11.56 -2.10
N GLN A 179 17.70 11.12 -2.21
CA GLN A 179 17.17 10.09 -1.32
C GLN A 179 16.60 8.92 -2.10
N LEU A 180 17.13 7.73 -1.85
CA LEU A 180 16.68 6.53 -2.54
C LEU A 180 16.27 5.45 -1.55
N HIS A 181 15.27 4.66 -1.91
CA HIS A 181 14.78 3.59 -1.04
C HIS A 181 14.92 2.23 -1.73
N THR A 182 15.75 1.36 -1.17
CA THR A 182 15.96 0.04 -1.73
C THR A 182 14.90 -0.95 -1.25
N ASN A 183 14.50 -1.86 -2.13
CA ASN A 183 13.49 -2.85 -1.80
C ASN A 183 13.78 -4.18 -2.50
N VAL A 184 13.62 -5.28 -1.77
CA VAL A 184 13.85 -6.60 -2.31
C VAL A 184 12.73 -7.56 -1.95
N ASN A 185 11.99 -8.02 -2.96
CA ASN A 185 10.89 -8.94 -2.75
C ASN A 185 11.29 -10.37 -3.10
N ASP A 186 11.76 -11.11 -2.12
CA ASP A 186 12.18 -12.49 -2.32
C ASP A 186 13.41 -12.55 -3.22
N GLY A 187 13.99 -13.75 -3.35
CA GLY A 187 15.17 -13.93 -4.18
C GLY A 187 14.86 -13.78 -5.66
N THR A 188 13.57 -13.63 -5.98
CA THR A 188 13.14 -13.50 -7.36
C THR A 188 13.00 -12.03 -7.75
N GLU A 189 12.75 -11.18 -6.76
CA GLU A 189 12.59 -9.75 -7.01
C GLU A 189 13.57 -8.94 -6.16
N PHE A 190 14.50 -8.26 -6.81
CA PHE A 190 15.49 -7.46 -6.12
C PHE A 190 15.76 -6.15 -6.87
N GLY A 191 15.60 -5.03 -6.17
CA GLY A 191 15.83 -3.74 -6.79
C GLY A 191 15.71 -2.60 -5.80
N GLY A 192 15.27 -1.44 -6.28
CA GLY A 192 15.12 -0.28 -5.42
C GLY A 192 14.47 0.89 -6.13
N SER A 193 14.54 2.07 -5.52
CA SER A 193 13.95 3.27 -6.10
C SER A 193 14.73 4.51 -5.70
N ILE A 194 14.76 5.49 -6.59
CA ILE A 194 15.49 6.74 -6.34
C ILE A 194 14.54 7.93 -6.37
N TYR A 195 14.77 8.88 -5.46
CA TYR A 195 13.94 10.07 -5.38
C TYR A 195 14.80 11.33 -5.29
N GLN A 196 14.64 12.23 -6.26
CA GLN A 196 15.40 13.47 -6.29
C GLN A 196 14.47 14.68 -6.38
N LYS A 197 14.70 15.67 -5.53
CA LYS A 197 13.88 16.88 -5.51
C LYS A 197 14.57 18.00 -6.29
N VAL A 198 13.86 18.55 -7.27
CA VAL A 198 14.39 19.63 -8.09
C VAL A 198 13.98 20.99 -7.54
N ASN A 199 12.78 21.05 -6.97
CA ASN A 199 12.26 22.29 -6.41
C ASN A 199 10.92 22.06 -5.71
N LYS A 200 10.45 23.07 -4.99
CA LYS A 200 9.20 22.98 -4.27
C LYS A 200 8.08 22.48 -5.20
N LYS A 201 8.15 22.86 -6.46
CA LYS A 201 7.16 22.47 -7.44
C LYS A 201 7.80 21.68 -8.59
N LEU A 202 8.53 20.63 -8.23
CA LEU A 202 9.20 19.79 -9.23
C LEU A 202 9.88 18.60 -8.56
N GLU A 203 9.17 17.48 -8.50
CA GLU A 203 9.70 16.26 -7.90
C GLU A 203 9.92 15.18 -8.94
N THR A 204 11.08 14.54 -8.88
CA THR A 204 11.42 13.47 -9.82
C THR A 204 11.91 12.23 -9.11
N ALA A 205 11.46 11.07 -9.57
CA ALA A 205 11.88 9.81 -8.97
C ALA A 205 11.88 8.68 -10.00
N VAL A 206 12.54 7.58 -9.67
CA VAL A 206 12.62 6.43 -10.57
C VAL A 206 12.42 5.12 -9.81
N ASN A 207 11.83 4.14 -10.48
CA ASN A 207 11.59 2.84 -9.87
C ASN A 207 12.27 1.73 -10.66
N LEU A 208 13.07 0.93 -9.96
CA LEU A 208 13.78 -0.17 -10.59
C LEU A 208 13.55 -1.48 -9.85
N ALA A 209 13.44 -2.57 -10.59
CA ALA A 209 13.22 -3.88 -10.00
C ALA A 209 13.68 -4.99 -10.93
N TRP A 210 14.46 -5.93 -10.41
CA TRP A 210 14.97 -7.04 -11.20
C TRP A 210 14.20 -8.32 -10.89
N THR A 211 13.62 -8.94 -11.92
CA THR A 211 12.86 -10.16 -11.76
C THR A 211 13.62 -11.36 -12.32
N ALA A 212 14.17 -12.18 -11.42
CA ALA A 212 14.91 -13.36 -11.83
C ALA A 212 14.11 -14.21 -12.81
N GLY A 213 14.79 -14.72 -13.84
CA GLY A 213 14.13 -15.54 -14.83
C GLY A 213 14.83 -15.52 -16.17
N ASN A 214 15.19 -14.32 -16.63
CA ASN A 214 15.88 -14.17 -17.91
C ASN A 214 16.77 -12.93 -17.90
N SER A 215 17.35 -12.64 -16.75
CA SER A 215 18.23 -11.47 -16.62
C SER A 215 17.54 -10.22 -17.14
N ASN A 216 16.28 -10.04 -16.77
CA ASN A 216 15.51 -8.88 -17.21
C ASN A 216 15.41 -7.84 -16.10
N THR A 217 15.69 -6.59 -16.43
CA THR A 217 15.63 -5.50 -15.46
C THR A 217 14.55 -4.51 -15.82
N ARG A 218 13.82 -4.03 -14.81
CA ARG A 218 12.75 -3.07 -15.02
C ARG A 218 13.18 -1.67 -14.54
N PHE A 219 12.94 -0.68 -15.40
CA PHE A 219 13.30 0.69 -15.06
C PHE A 219 12.13 1.64 -15.36
N GLY A 220 11.89 2.56 -14.42
CA GLY A 220 10.80 3.51 -14.60
C GLY A 220 11.13 4.86 -14.00
N ILE A 221 10.50 5.90 -14.55
CA ILE A 221 10.73 7.27 -14.08
C ILE A 221 9.42 8.04 -13.99
N ALA A 222 9.20 8.69 -12.85
CA ALA A 222 7.99 9.47 -12.64
C ALA A 222 8.31 10.81 -11.98
N ALA A 223 7.50 11.82 -12.30
CA ALA A 223 7.71 13.16 -11.74
C ALA A 223 6.37 13.86 -11.50
N LYS A 224 6.29 14.63 -10.42
CA LYS A 224 5.08 15.34 -10.08
C LYS A 224 5.31 16.85 -10.08
N TYR A 225 4.42 17.58 -10.72
CA TYR A 225 4.53 19.04 -10.81
C TYR A 225 3.20 19.71 -10.47
N GLN A 226 3.26 20.72 -9.61
CA GLN A 226 2.05 21.44 -9.21
C GLN A 226 1.85 22.68 -10.08
N ILE A 227 0.64 22.84 -10.60
CA ILE A 227 0.31 23.97 -11.45
C ILE A 227 0.07 25.22 -10.63
N ASP A 228 -0.86 25.14 -9.68
CA ASP A 228 -1.19 26.27 -8.81
C ASP A 228 -2.40 25.95 -7.94
N PRO A 229 -3.53 25.60 -8.59
CA PRO A 229 -4.77 25.26 -7.89
C PRO A 229 -4.67 23.94 -7.13
N ASP A 230 -5.82 23.32 -6.89
CA ASP A 230 -5.87 22.05 -6.18
C ASP A 230 -5.67 20.89 -7.13
N ALA A 231 -5.18 21.19 -8.33
CA ALA A 231 -4.95 20.16 -9.34
C ALA A 231 -3.48 20.12 -9.75
N CYS A 232 -2.86 18.96 -9.59
CA CYS A 232 -1.45 18.79 -9.95
C CYS A 232 -1.30 17.79 -11.08
N PHE A 233 -0.32 18.04 -11.95
CA PHE A 233 -0.07 17.16 -13.09
C PHE A 233 1.26 16.44 -12.93
N SER A 234 1.24 15.12 -13.13
CA SER A 234 2.45 14.31 -13.01
C SER A 234 2.66 13.46 -14.26
N ALA A 235 3.92 13.32 -14.65
CA ALA A 235 4.26 12.53 -15.83
C ALA A 235 5.19 11.38 -15.47
N LYS A 236 4.97 10.22 -16.10
CA LYS A 236 5.78 9.05 -15.84
C LYS A 236 5.96 8.23 -17.12
N VAL A 237 7.15 7.66 -17.29
CA VAL A 237 7.46 6.84 -18.47
C VAL A 237 8.21 5.58 -18.07
N ASN A 238 7.90 4.48 -18.76
CA ASN A 238 8.55 3.20 -18.48
C ASN A 238 9.57 2.87 -19.56
N ASN A 239 10.63 2.17 -19.17
CA ASN A 239 11.69 1.78 -20.10
C ASN A 239 11.11 0.98 -21.27
N SER A 240 9.92 0.44 -21.07
CA SER A 240 9.26 -0.36 -22.10
C SER A 240 8.56 0.54 -23.12
N SER A 241 9.05 1.76 -23.25
CA SER A 241 8.46 2.72 -24.18
C SER A 241 7.03 3.06 -23.80
N LEU A 242 6.77 3.09 -22.49
CA LEU A 242 5.43 3.39 -21.98
C LEU A 242 5.35 4.84 -21.53
N ILE A 243 4.49 5.61 -22.19
CA ILE A 243 4.30 7.01 -21.85
C ILE A 243 2.93 7.26 -21.24
N GLY A 244 2.91 7.68 -19.98
CA GLY A 244 1.66 7.95 -19.30
C GLY A 244 1.76 9.11 -18.32
N LEU A 245 0.61 9.61 -17.89
CA LEU A 245 0.58 10.73 -16.95
C LEU A 245 -0.62 10.60 -16.00
N GLY A 246 -0.54 11.31 -14.87
CA GLY A 246 -1.62 11.26 -13.89
C GLY A 246 -2.08 12.64 -13.48
N TYR A 247 -3.39 12.80 -13.33
CA TYR A 247 -3.95 14.08 -12.93
C TYR A 247 -4.65 13.97 -11.58
N THR A 248 -4.13 14.68 -10.58
CA THR A 248 -4.71 14.67 -9.24
C THR A 248 -5.34 16.01 -8.90
N GLN A 249 -6.65 16.02 -8.71
CA GLN A 249 -7.37 17.24 -8.37
C GLN A 249 -8.26 17.03 -7.15
N THR A 250 -8.27 18.02 -6.26
CA THR A 250 -9.08 17.94 -5.04
C THR A 250 -10.10 19.06 -4.99
N LEU A 251 -11.37 18.69 -5.00
CA LEU A 251 -12.45 19.68 -4.95
C LEU A 251 -13.11 19.69 -3.58
N LYS A 252 -12.79 20.70 -2.78
CA LYS A 252 -13.36 20.83 -1.45
C LYS A 252 -12.92 19.68 -0.55
N PRO A 253 -12.91 19.93 0.77
CA PRO A 253 -12.51 18.92 1.75
C PRO A 253 -13.53 17.80 1.87
N GLY A 254 -13.54 16.90 0.88
CA GLY A 254 -14.46 15.79 0.90
C GLY A 254 -14.53 15.08 -0.43
N ILE A 255 -14.35 15.83 -1.52
CA ILE A 255 -14.40 15.26 -2.86
C ILE A 255 -13.06 15.42 -3.57
N LYS A 256 -12.48 14.30 -3.99
CA LYS A 256 -11.21 14.30 -4.69
C LYS A 256 -11.28 13.48 -5.96
N LEU A 257 -10.88 14.09 -7.08
CA LEU A 257 -10.89 13.40 -8.37
C LEU A 257 -9.50 12.91 -8.74
N THR A 258 -9.40 11.65 -9.09
CA THR A 258 -8.12 11.05 -9.48
C THR A 258 -8.21 10.37 -10.83
N LEU A 259 -7.51 10.92 -11.81
CA LEU A 259 -7.52 10.37 -13.17
C LEU A 259 -6.10 10.01 -13.61
N SER A 260 -5.99 8.99 -14.47
CA SER A 260 -4.70 8.54 -14.97
C SER A 260 -4.84 7.94 -16.37
N ALA A 261 -3.85 8.22 -17.22
CA ALA A 261 -3.86 7.71 -18.58
C ALA A 261 -2.46 7.31 -19.03
N LEU A 262 -2.34 6.13 -19.63
CA LEU A 262 -1.06 5.63 -20.10
C LEU A 262 -1.17 5.11 -21.53
N LEU A 263 -0.17 5.43 -22.34
CA LEU A 263 -0.14 5.00 -23.73
C LEU A 263 1.11 4.17 -24.03
N ASP A 264 0.91 2.87 -24.23
CA ASP A 264 2.02 1.97 -24.52
C ASP A 264 2.34 1.97 -26.01
N GLY A 265 3.43 2.65 -26.37
CA GLY A 265 3.83 2.73 -27.77
C GLY A 265 4.10 1.36 -28.37
N LYS A 266 4.15 0.35 -27.51
CA LYS A 266 4.40 -1.01 -27.97
C LYS A 266 3.13 -1.63 -28.56
N ASN A 267 2.03 -0.89 -28.51
CA ASN A 267 0.77 -1.36 -29.04
C ASN A 267 -0.14 -0.19 -29.40
N VAL A 268 -0.35 0.71 -28.44
CA VAL A 268 -1.20 1.88 -28.65
C VAL A 268 -0.69 2.71 -29.81
N ASN A 269 0.56 2.51 -30.18
CA ASN A 269 1.17 3.26 -31.27
C ASN A 269 0.30 3.18 -32.53
N ALA A 270 -0.46 2.11 -32.65
CA ALA A 270 -1.34 1.92 -33.80
C ALA A 270 -2.80 2.21 -33.42
N GLY A 271 -3.08 2.22 -32.12
CA GLY A 271 -4.42 2.48 -31.65
C GLY A 271 -4.80 1.64 -30.45
N GLY A 272 -5.18 2.29 -29.36
CA GLY A 272 -5.56 1.58 -28.16
C GLY A 272 -4.93 2.17 -26.91
N HIS A 273 -5.28 3.42 -26.62
CA HIS A 273 -4.74 4.11 -25.45
C HIS A 273 -5.43 3.63 -24.18
N LYS A 274 -4.68 3.59 -23.08
CA LYS A 274 -5.21 3.14 -21.81
C LYS A 274 -5.67 4.33 -20.95
N LEU A 275 -6.84 4.21 -20.35
CA LEU A 275 -7.39 5.27 -19.52
C LEU A 275 -7.96 4.71 -18.23
N GLY A 276 -7.73 5.41 -17.12
CA GLY A 276 -8.22 4.96 -15.83
C GLY A 276 -8.87 6.09 -15.04
N LEU A 277 -10.09 5.85 -14.56
CA LEU A 277 -10.81 6.85 -13.78
C LEU A 277 -11.03 6.37 -12.35
N GLY A 278 -10.79 7.26 -11.39
CA GLY A 278 -10.98 6.91 -10.00
C GLY A 278 -11.43 8.08 -9.15
N LEU A 279 -12.33 7.83 -8.21
CA LEU A 279 -12.85 8.88 -7.34
C LEU A 279 -12.52 8.57 -5.88
N GLU A 280 -12.16 9.61 -5.13
CA GLU A 280 -11.83 9.45 -3.71
C GLU A 280 -12.61 10.44 -2.87
N PHE A 281 -13.45 9.92 -1.97
CA PHE A 281 -14.26 10.76 -1.09
C PHE A 281 -13.83 10.59 0.36
N GLN A 282 -13.58 11.71 1.04
CA GLN A 282 -13.16 11.69 2.44
C GLN A 282 -14.24 12.30 3.32
N ALA A 283 -14.85 11.47 4.17
CA ALA A 283 -15.89 11.93 5.08
C ALA A 283 -15.45 11.78 6.54
N LEU A 284 -15.27 12.91 7.21
CA LEU A 284 -14.85 12.90 8.61
C LEU A 284 -15.75 13.80 9.45
N GLU A 285 -15.55 15.11 9.32
CA GLU A 285 -16.33 16.09 10.05
C GLU A 285 -16.88 17.17 9.13
#